data_2JS5
#
_entry.id   2JS5
#
_entity_poly.entity_id   1
_entity_poly.type   'polypeptide(L)'
_entity_poly.pdbx_seq_one_letter_code
;MSEGAEELKAKLKKLNAQATALKMDLHDLAEDLPTGWNRIMEVAEKTYEAYRQLDEFRKSTASLEHHHHHH
;
_entity_poly.pdbx_strand_id   A,B
#
# COMPACT_ATOMS: atom_id res chain seq x y z
N MET A 1 21.91 21.62 17.15
CA MET A 1 20.54 21.32 16.67
C MET A 1 19.71 22.59 16.60
N SER A 2 19.76 23.25 15.45
CA SER A 2 19.01 24.47 15.21
C SER A 2 18.89 24.71 13.71
N GLU A 3 17.73 25.19 13.30
CA GLU A 3 17.50 25.47 11.89
C GLU A 3 16.84 26.83 11.75
N GLY A 4 17.24 27.57 10.73
CA GLY A 4 16.65 28.87 10.48
C GLY A 4 15.37 28.75 9.69
N ALA A 5 14.68 29.87 9.54
CA ALA A 5 13.39 29.89 8.83
C ALA A 5 13.58 29.51 7.37
N GLU A 6 14.69 29.90 6.78
CA GLU A 6 14.99 29.57 5.40
C GLU A 6 15.17 28.07 5.26
N GLU A 7 15.97 27.49 6.14
CA GLU A 7 16.19 26.06 6.18
C GLU A 7 14.88 25.33 6.42
N LEU A 8 14.05 25.89 7.30
CA LEU A 8 12.74 25.34 7.61
C LEU A 8 11.86 25.27 6.37
N LYS A 9 11.75 26.40 5.67
CA LYS A 9 10.91 26.49 4.47
C LYS A 9 11.39 25.55 3.39
N ALA A 10 12.69 25.59 3.12
CA ALA A 10 13.28 24.72 2.09
C ALA A 10 13.09 23.25 2.44
N LYS A 11 13.26 22.94 3.72
CA LYS A 11 13.12 21.56 4.21
C LYS A 11 11.67 21.11 4.11
N LEU A 12 10.75 21.95 4.58
CA LEU A 12 9.33 21.66 4.49
C LEU A 12 8.89 21.53 3.03
N LYS A 13 9.40 22.42 2.19
CA LYS A 13 9.10 22.40 0.77
C LYS A 13 9.56 21.10 0.14
N LYS A 14 10.78 20.70 0.47
CA LYS A 14 11.33 19.43 0.02
C LYS A 14 10.43 18.27 0.44
N LEU A 15 10.04 18.27 1.70
CA LEU A 15 9.20 17.22 2.25
C LEU A 15 7.82 17.22 1.62
N ASN A 16 7.28 18.42 1.39
CA ASN A 16 5.97 18.58 0.76
C ASN A 16 5.98 17.95 -0.63
N ALA A 17 6.97 18.31 -1.43
CA ALA A 17 7.11 17.78 -2.77
C ALA A 17 7.38 16.28 -2.74
N GLN A 18 8.13 15.84 -1.73
CA GLN A 18 8.43 14.44 -1.54
C GLN A 18 7.16 13.64 -1.30
N ALA A 19 6.35 14.11 -0.36
CA ALA A 19 5.10 13.43 -0.01
C ALA A 19 4.08 13.52 -1.13
N THR A 20 3.98 14.69 -1.75
CA THR A 20 3.01 14.92 -2.81
C THR A 20 3.29 14.04 -4.03
N ALA A 21 4.56 13.98 -4.45
CA ALA A 21 4.95 13.21 -5.63
C ALA A 21 4.60 11.73 -5.45
N LEU A 22 4.98 11.17 -4.31
CA LEU A 22 4.72 9.77 -4.01
C LEU A 22 3.23 9.50 -3.94
N LYS A 23 2.50 10.42 -3.31
CA LYS A 23 1.05 10.28 -3.15
C LYS A 23 0.35 10.27 -4.51
N MET A 24 0.82 11.10 -5.43
CA MET A 24 0.22 11.18 -6.76
C MET A 24 0.57 9.95 -7.58
N ASP A 25 1.81 9.48 -7.47
CA ASP A 25 2.27 8.32 -8.22
C ASP A 25 1.59 7.06 -7.69
N LEU A 26 1.32 7.01 -6.39
CA LEU A 26 0.60 5.91 -5.78
C LEU A 26 -0.82 5.83 -6.34
N HIS A 27 -1.44 6.99 -6.51
CA HIS A 27 -2.79 7.07 -7.07
C HIS A 27 -2.83 6.43 -8.46
N ASP A 28 -1.77 6.66 -9.23
CA ASP A 28 -1.67 6.10 -10.57
C ASP A 28 -1.33 4.61 -10.51
N LEU A 29 -0.46 4.25 -9.56
CA LEU A 29 -0.06 2.86 -9.37
C LEU A 29 -1.25 1.98 -8.99
N ALA A 30 -2.20 2.57 -8.26
CA ALA A 30 -3.41 1.86 -7.88
C ALA A 30 -4.23 1.48 -9.11
N GLU A 31 -4.12 2.29 -10.16
CA GLU A 31 -4.79 2.01 -11.41
C GLU A 31 -3.92 1.09 -12.27
N ASP A 32 -2.63 1.07 -11.98
CA ASP A 32 -1.68 0.22 -12.68
C ASP A 32 -1.57 -1.14 -11.99
N LEU A 33 -2.68 -1.55 -11.37
CA LEU A 33 -2.78 -2.84 -10.70
C LEU A 33 -2.44 -4.01 -11.65
N PRO A 34 -2.25 -5.25 -11.10
CA PRO A 34 -1.43 -6.33 -11.63
C PRO A 34 -0.48 -6.06 -12.82
N THR A 35 -0.14 -4.80 -13.04
CA THR A 35 0.94 -4.45 -13.94
C THR A 35 2.16 -4.06 -13.11
N GLY A 36 1.97 -3.09 -12.23
CA GLY A 36 3.01 -2.71 -11.30
C GLY A 36 2.72 -3.22 -9.89
N TRP A 37 2.01 -4.33 -9.83
CA TRP A 37 1.60 -4.94 -8.56
C TRP A 37 2.81 -5.32 -7.70
N ASN A 38 3.94 -5.56 -8.33
CA ASN A 38 5.15 -5.94 -7.61
C ASN A 38 5.75 -4.74 -6.89
N ARG A 39 5.28 -3.56 -7.29
CA ARG A 39 5.80 -2.31 -6.75
C ARG A 39 4.81 -1.67 -5.78
N ILE A 40 3.68 -2.34 -5.54
CA ILE A 40 2.62 -1.79 -4.69
C ILE A 40 3.14 -1.39 -3.31
N MET A 41 3.84 -2.30 -2.65
CA MET A 41 4.28 -2.07 -1.28
C MET A 41 5.36 -1.01 -1.19
N GLU A 42 6.10 -0.81 -2.29
CA GLU A 42 7.16 0.19 -2.33
C GLU A 42 6.57 1.57 -2.13
N VAL A 43 5.72 1.98 -3.06
CA VAL A 43 5.13 3.31 -3.02
C VAL A 43 4.21 3.45 -1.81
N ALA A 44 3.58 2.36 -1.41
CA ALA A 44 2.74 2.37 -0.22
C ALA A 44 3.57 2.74 1.01
N GLU A 45 4.73 2.10 1.15
CA GLU A 45 5.64 2.41 2.24
C GLU A 45 6.13 3.84 2.13
N LYS A 46 6.59 4.19 0.94
CA LYS A 46 7.19 5.50 0.69
C LYS A 46 6.20 6.64 0.98
N THR A 47 4.97 6.48 0.53
CA THR A 47 3.94 7.49 0.76
C THR A 47 3.64 7.62 2.25
N TYR A 48 3.52 6.47 2.93
CA TYR A 48 3.31 6.45 4.36
C TYR A 48 4.46 7.13 5.10
N GLU A 49 5.68 6.74 4.72
CA GLU A 49 6.88 7.24 5.37
C GLU A 49 7.07 8.73 5.10
N ALA A 50 6.80 9.15 3.86
CA ALA A 50 6.92 10.55 3.49
C ALA A 50 5.99 11.43 4.32
N TYR A 51 4.75 10.99 4.48
CA TYR A 51 3.77 11.75 5.25
C TYR A 51 4.04 11.62 6.76
N ARG A 52 4.62 10.50 7.17
CA ARG A 52 4.95 10.32 8.58
C ARG A 52 6.14 11.23 8.93
N GLN A 53 7.09 11.32 8.00
CA GLN A 53 8.25 12.21 8.16
C GLN A 53 7.81 13.65 8.07
N LEU A 54 6.82 13.93 7.23
CA LEU A 54 6.21 15.24 7.15
C LEU A 54 5.63 15.62 8.51
N ASP A 55 4.94 14.67 9.14
CA ASP A 55 4.37 14.90 10.46
C ASP A 55 5.47 15.06 11.49
N GLU A 56 6.52 14.25 11.37
CA GLU A 56 7.68 14.35 12.25
C GLU A 56 8.29 15.74 12.18
N PHE A 57 8.28 16.31 10.99
CA PHE A 57 8.73 17.69 10.83
C PHE A 57 7.76 18.65 11.51
N ARG A 58 6.47 18.42 11.31
CA ARG A 58 5.43 19.27 11.86
C ARG A 58 5.48 19.30 13.38
N LYS A 59 5.64 18.14 14.00
CA LYS A 59 5.66 18.06 15.46
C LYS A 59 6.94 18.69 16.03
N SER A 60 8.03 18.58 15.28
CA SER A 60 9.31 19.13 15.72
C SER A 60 9.33 20.65 15.58
N THR A 61 8.82 21.14 14.45
CA THR A 61 8.79 22.58 14.21
C THR A 61 7.76 23.25 15.14
N ALA A 62 6.75 22.50 15.54
CA ALA A 62 5.74 22.99 16.46
C ALA A 62 6.39 23.35 17.79
N SER A 63 7.16 22.42 18.34
CA SER A 63 7.85 22.64 19.60
C SER A 63 8.85 23.78 19.48
N LEU A 64 9.42 23.92 18.28
CA LEU A 64 10.42 24.95 18.02
C LEU A 64 9.76 26.33 18.00
N GLU A 65 8.67 26.44 17.25
CA GLU A 65 7.96 27.70 17.09
C GLU A 65 7.19 28.10 18.34
N HIS A 66 7.05 27.15 19.25
CA HIS A 66 6.09 27.26 20.35
C HIS A 66 4.69 27.23 19.75
N HIS A 67 4.62 26.58 18.60
CA HIS A 67 3.39 26.44 17.81
C HIS A 67 2.51 25.37 18.42
N HIS A 68 1.54 25.78 19.22
CA HIS A 68 0.70 24.83 19.93
C HIS A 68 -0.76 25.02 19.57
N HIS A 69 -1.06 26.02 18.75
CA HIS A 69 -2.45 26.29 18.37
C HIS A 69 -2.57 26.52 16.87
N HIS A 70 -3.80 26.55 16.39
CA HIS A 70 -4.07 26.74 14.97
C HIS A 70 -4.47 28.19 14.69
N HIS A 71 -4.80 28.46 13.43
CA HIS A 71 -5.28 29.76 13.01
C HIS A 71 -6.80 29.75 12.96
N MET B 1 0.19 -37.37 -0.56
CA MET B 1 0.12 -36.52 -1.76
C MET B 1 -0.95 -37.01 -2.71
N SER B 2 -2.08 -36.30 -2.74
CA SER B 2 -3.14 -36.56 -3.71
C SER B 2 -3.93 -35.27 -3.94
N GLU B 3 -4.17 -34.94 -5.19
CA GLU B 3 -4.79 -33.69 -5.54
C GLU B 3 -6.30 -33.86 -5.69
N GLY B 4 -7.01 -32.99 -4.99
CA GLY B 4 -8.46 -32.93 -5.11
C GLY B 4 -8.91 -31.56 -5.54
N ALA B 5 -9.47 -31.47 -6.73
CA ALA B 5 -9.76 -30.19 -7.35
C ALA B 5 -10.88 -29.44 -6.64
N GLU B 6 -11.73 -30.18 -5.93
CA GLU B 6 -12.91 -29.58 -5.30
C GLU B 6 -12.53 -28.75 -4.08
N GLU B 7 -11.70 -29.32 -3.22
CA GLU B 7 -11.25 -28.62 -2.02
C GLU B 7 -10.27 -27.52 -2.41
N LEU B 8 -9.53 -27.76 -3.47
CA LEU B 8 -8.65 -26.76 -4.03
C LEU B 8 -9.46 -25.59 -4.58
N LYS B 9 -10.59 -25.91 -5.19
CA LYS B 9 -11.50 -24.91 -5.73
C LYS B 9 -12.09 -24.07 -4.62
N ALA B 10 -12.43 -24.71 -3.51
CA ALA B 10 -12.93 -24.02 -2.33
C ALA B 10 -11.85 -23.11 -1.75
N LYS B 11 -10.62 -23.60 -1.73
CA LYS B 11 -9.46 -22.83 -1.30
C LYS B 11 -9.31 -21.59 -2.19
N LEU B 12 -9.30 -21.82 -3.50
CA LEU B 12 -9.21 -20.73 -4.47
C LEU B 12 -10.38 -19.77 -4.32
N LYS B 13 -11.56 -20.32 -4.12
CA LYS B 13 -12.77 -19.54 -3.95
C LYS B 13 -12.63 -18.56 -2.78
N LYS B 14 -12.19 -19.08 -1.65
CA LYS B 14 -12.02 -18.29 -0.44
C LYS B 14 -10.98 -17.19 -0.66
N LEU B 15 -9.95 -17.50 -1.44
CA LEU B 15 -8.91 -16.52 -1.76
C LEU B 15 -9.44 -15.46 -2.72
N ASN B 16 -10.20 -15.89 -3.71
CA ASN B 16 -10.77 -14.98 -4.71
C ASN B 16 -11.65 -13.93 -4.03
N ALA B 17 -12.58 -14.40 -3.20
CA ALA B 17 -13.48 -13.51 -2.48
C ALA B 17 -12.70 -12.58 -1.55
N GLN B 18 -11.64 -13.09 -0.96
CA GLN B 18 -10.81 -12.31 -0.06
C GLN B 18 -10.08 -11.21 -0.83
N ALA B 19 -9.41 -11.60 -1.91
CA ALA B 19 -8.66 -10.67 -2.75
C ALA B 19 -9.58 -9.59 -3.31
N THR B 20 -10.77 -9.99 -3.72
CA THR B 20 -11.75 -9.06 -4.25
C THR B 20 -12.12 -8.00 -3.19
N ALA B 21 -12.31 -8.45 -1.96
CA ALA B 21 -12.64 -7.54 -0.86
C ALA B 21 -11.49 -6.58 -0.58
N LEU B 22 -10.28 -7.11 -0.60
CA LEU B 22 -9.08 -6.32 -0.33
C LEU B 22 -8.82 -5.33 -1.46
N LYS B 23 -9.19 -5.72 -2.68
CA LYS B 23 -8.98 -4.87 -3.84
C LYS B 23 -9.84 -3.60 -3.76
N MET B 24 -11.11 -3.77 -3.44
CA MET B 24 -12.01 -2.63 -3.34
C MET B 24 -11.66 -1.78 -2.12
N ASP B 25 -11.20 -2.44 -1.05
CA ASP B 25 -10.79 -1.75 0.16
C ASP B 25 -9.60 -0.84 -0.14
N LEU B 26 -8.63 -1.39 -0.85
CA LEU B 26 -7.44 -0.63 -1.26
C LEU B 26 -7.83 0.52 -2.18
N HIS B 27 -8.72 0.24 -3.13
CA HIS B 27 -9.20 1.26 -4.06
C HIS B 27 -9.86 2.40 -3.30
N ASP B 28 -10.69 2.06 -2.32
CA ASP B 28 -11.35 3.06 -1.49
C ASP B 28 -10.32 3.89 -0.74
N LEU B 29 -9.32 3.24 -0.19
CA LEU B 29 -8.28 3.92 0.57
C LEU B 29 -7.45 4.84 -0.34
N ALA B 30 -7.25 4.42 -1.59
CA ALA B 30 -6.48 5.19 -2.55
C ALA B 30 -7.13 6.54 -2.85
N GLU B 31 -8.46 6.55 -2.96
CA GLU B 31 -9.18 7.79 -3.18
C GLU B 31 -9.50 8.49 -1.87
N ASP B 32 -9.49 7.73 -0.79
CA ASP B 32 -9.67 8.29 0.56
C ASP B 32 -8.34 8.83 1.10
N LEU B 33 -7.38 9.05 0.20
CA LEU B 33 -6.08 9.63 0.53
C LEU B 33 -6.18 10.89 1.41
N PRO B 34 -5.02 11.45 1.89
CA PRO B 34 -4.86 12.09 3.18
C PRO B 34 -5.88 11.79 4.28
N THR B 35 -6.59 10.68 4.13
CA THR B 35 -7.26 10.02 5.22
C THR B 35 -6.89 8.54 5.17
N GLY B 36 -6.94 7.86 6.30
CA GLY B 36 -6.57 6.45 6.34
C GLY B 36 -5.12 6.19 5.94
N TRP B 37 -4.32 7.25 5.81
CA TRP B 37 -2.91 7.12 5.45
C TRP B 37 -2.16 6.22 6.43
N ASN B 38 -2.66 6.13 7.65
CA ASN B 38 -2.04 5.32 8.69
C ASN B 38 -2.24 3.83 8.40
N ARG B 39 -3.18 3.53 7.52
CA ARG B 39 -3.53 2.14 7.20
C ARG B 39 -3.03 1.74 5.80
N ILE B 40 -2.33 2.65 5.13
CA ILE B 40 -1.88 2.43 3.75
C ILE B 40 -1.04 1.16 3.61
N MET B 41 -0.02 1.03 4.44
CA MET B 41 0.90 -0.09 4.34
C MET B 41 0.20 -1.40 4.68
N GLU B 42 -0.73 -1.32 5.63
CA GLU B 42 -1.50 -2.49 6.05
C GLU B 42 -2.32 -3.04 4.89
N VAL B 43 -3.19 -2.21 4.34
CA VAL B 43 -4.07 -2.62 3.26
C VAL B 43 -3.27 -3.04 2.02
N ALA B 44 -2.25 -2.26 1.69
CA ALA B 44 -1.42 -2.55 0.53
C ALA B 44 -0.75 -3.92 0.65
N GLU B 45 -0.34 -4.26 1.88
CA GLU B 45 0.26 -5.56 2.13
C GLU B 45 -0.75 -6.67 1.88
N LYS B 46 -1.97 -6.46 2.35
CA LYS B 46 -3.05 -7.43 2.18
C LYS B 46 -3.27 -7.75 0.71
N THR B 47 -3.39 -6.71 -0.09
CA THR B 47 -3.66 -6.86 -1.52
C THR B 47 -2.51 -7.59 -2.22
N TYR B 48 -1.28 -7.22 -1.86
CA TYR B 48 -0.10 -7.84 -2.46
C TYR B 48 -0.02 -9.32 -2.08
N GLU B 49 -0.22 -9.60 -0.80
CA GLU B 49 -0.18 -10.97 -0.29
C GLU B 49 -1.27 -11.81 -0.94
N ALA B 50 -2.47 -11.25 -1.05
CA ALA B 50 -3.58 -11.95 -1.68
C ALA B 50 -3.26 -12.28 -3.13
N TYR B 51 -2.76 -11.30 -3.87
CA TYR B 51 -2.36 -11.52 -5.26
C TYR B 51 -1.26 -12.56 -5.35
N ARG B 52 -0.29 -12.47 -4.46
CA ARG B 52 0.83 -13.38 -4.47
C ARG B 52 0.36 -14.80 -4.14
N GLN B 53 -0.66 -14.89 -3.28
CA GLN B 53 -1.25 -16.18 -2.94
C GLN B 53 -2.13 -16.73 -4.05
N LEU B 54 -2.82 -15.84 -4.77
CA LEU B 54 -3.59 -16.24 -5.93
C LEU B 54 -2.68 -16.83 -6.99
N ASP B 55 -1.60 -16.11 -7.28
CA ASP B 55 -0.60 -16.58 -8.24
C ASP B 55 0.00 -17.89 -7.77
N GLU B 56 0.30 -17.97 -6.47
CA GLU B 56 0.83 -19.16 -5.86
C GLU B 56 -0.06 -20.37 -6.11
N PHE B 57 -1.34 -20.25 -5.75
CA PHE B 57 -2.27 -21.34 -5.96
C PHE B 57 -2.35 -21.69 -7.44
N ARG B 58 -2.35 -20.67 -8.30
CA ARG B 58 -2.45 -20.87 -9.73
C ARG B 58 -1.27 -21.69 -10.26
N LYS B 59 -0.09 -21.44 -9.70
CA LYS B 59 1.10 -22.19 -10.11
C LYS B 59 1.05 -23.60 -9.53
N SER B 60 0.66 -23.69 -8.26
CA SER B 60 0.57 -24.97 -7.57
C SER B 60 -0.47 -25.90 -8.19
N THR B 61 -1.66 -25.36 -8.42
CA THR B 61 -2.76 -26.16 -8.96
C THR B 61 -2.45 -26.63 -10.38
N ALA B 62 -1.67 -25.85 -11.11
CA ALA B 62 -1.31 -26.21 -12.48
C ALA B 62 -0.34 -27.38 -12.50
N SER B 63 0.62 -27.35 -11.59
CA SER B 63 1.62 -28.42 -11.51
C SER B 63 0.95 -29.73 -11.08
N LEU B 64 0.00 -29.64 -10.15
CA LEU B 64 -0.68 -30.81 -9.64
C LEU B 64 -1.72 -31.34 -10.62
N GLU B 65 -2.54 -30.46 -11.18
CA GLU B 65 -3.64 -30.87 -12.04
C GLU B 65 -3.10 -31.37 -13.38
N HIS B 66 -1.83 -31.13 -13.61
CA HIS B 66 -1.18 -31.61 -14.82
C HIS B 66 -0.77 -33.07 -14.65
N HIS B 67 -1.04 -33.61 -13.47
CA HIS B 67 -0.87 -35.04 -13.21
C HIS B 67 -2.26 -35.68 -13.08
N HIS B 68 -2.33 -36.93 -12.67
CA HIS B 68 -3.62 -37.60 -12.56
C HIS B 68 -3.57 -38.77 -11.57
N HIS B 69 -4.31 -38.63 -10.48
CA HIS B 69 -4.47 -39.75 -9.54
C HIS B 69 -5.51 -40.73 -10.08
N HIS B 70 -5.17 -42.01 -10.07
CA HIS B 70 -6.12 -43.04 -10.47
C HIS B 70 -6.89 -43.53 -9.26
N HIS B 71 -8.19 -43.73 -9.43
CA HIS B 71 -9.03 -44.25 -8.36
C HIS B 71 -10.07 -45.19 -8.94
N MET A 1 22.36 22.91 14.54
CA MET A 1 20.91 22.92 14.21
C MET A 1 20.30 24.28 14.54
N SER A 2 19.85 24.98 13.50
CA SER A 2 19.23 26.28 13.67
C SER A 2 17.75 26.18 13.36
N GLU A 3 16.94 27.03 13.98
CA GLU A 3 15.51 27.01 13.74
C GLU A 3 15.05 28.32 13.11
N GLY A 4 14.55 28.22 11.90
CA GLY A 4 14.06 29.38 11.18
C GLY A 4 13.11 28.99 10.07
N ALA A 5 12.23 29.91 9.69
CA ALA A 5 11.21 29.64 8.68
C ALA A 5 11.83 29.42 7.30
N GLU A 6 13.06 29.88 7.12
CA GLU A 6 13.75 29.76 5.84
C GLU A 6 14.09 28.32 5.52
N GLU A 7 14.79 27.66 6.44
CA GLU A 7 15.10 26.25 6.29
C GLU A 7 13.85 25.41 6.44
N LEU A 8 12.91 25.89 7.23
CA LEU A 8 11.61 25.25 7.37
C LEU A 8 10.95 25.15 6.00
N LYS A 9 10.94 26.27 5.28
CA LYS A 9 10.36 26.33 3.95
C LYS A 9 11.07 25.38 3.00
N ALA A 10 12.40 25.39 3.07
CA ALA A 10 13.21 24.54 2.19
C ALA A 10 12.94 23.07 2.44
N LYS A 11 12.79 22.70 3.70
CA LYS A 11 12.55 21.31 4.06
C LYS A 11 11.11 20.93 3.71
N LEU A 12 10.18 21.81 4.06
CA LEU A 12 8.77 21.59 3.77
C LEU A 12 8.56 21.43 2.27
N LYS A 13 9.24 22.27 1.49
CA LYS A 13 9.18 22.18 0.03
C LYS A 13 9.54 20.78 -0.44
N LYS A 14 10.66 20.28 0.06
CA LYS A 14 11.14 18.95 -0.29
C LYS A 14 10.13 17.88 0.11
N LEU A 15 9.67 17.94 1.35
CA LEU A 15 8.75 16.96 1.90
C LEU A 15 7.40 17.01 1.19
N ASN A 16 6.92 18.23 0.94
CA ASN A 16 5.64 18.43 0.27
C ASN A 16 5.67 17.86 -1.14
N ALA A 17 6.76 18.15 -1.85
CA ALA A 17 6.92 17.64 -3.20
C ALA A 17 6.96 16.11 -3.22
N GLN A 18 7.69 15.54 -2.26
CA GLN A 18 7.80 14.09 -2.14
C GLN A 18 6.45 13.47 -1.80
N ALA A 19 5.73 14.09 -0.87
CA ALA A 19 4.40 13.62 -0.49
C ALA A 19 3.43 13.68 -1.66
N THR A 20 3.46 14.81 -2.38
CA THR A 20 2.60 14.99 -3.55
C THR A 20 2.97 13.99 -4.64
N ALA A 21 4.27 13.72 -4.78
CA ALA A 21 4.76 12.78 -5.76
C ALA A 21 4.18 11.39 -5.54
N LEU A 22 4.34 10.87 -4.33
CA LEU A 22 3.85 9.54 -3.99
C LEU A 22 2.32 9.51 -3.99
N LYS A 23 1.70 10.63 -3.64
CA LYS A 23 0.25 10.75 -3.68
C LYS A 23 -0.26 10.45 -5.08
N MET A 24 0.42 11.00 -6.07
CA MET A 24 0.07 10.79 -7.47
C MET A 24 0.50 9.41 -7.95
N ASP A 25 1.70 9.00 -7.56
CA ASP A 25 2.28 7.74 -8.03
C ASP A 25 1.50 6.54 -7.51
N LEU A 26 1.09 6.60 -6.24
CA LEU A 26 0.32 5.52 -5.63
C LEU A 26 -1.01 5.34 -6.34
N HIS A 27 -1.62 6.45 -6.74
CA HIS A 27 -2.91 6.42 -7.41
C HIS A 27 -2.84 5.61 -8.70
N ASP A 28 -1.78 5.80 -9.47
CA ASP A 28 -1.63 5.12 -10.75
C ASP A 28 -1.53 3.61 -10.58
N LEU A 29 -0.78 3.18 -9.58
CA LEU A 29 -0.60 1.75 -9.32
C LEU A 29 -1.86 1.15 -8.71
N ALA A 30 -2.62 1.96 -7.97
CA ALA A 30 -3.86 1.51 -7.37
C ALA A 30 -4.93 1.30 -8.43
N GLU A 31 -4.82 2.02 -9.54
CA GLU A 31 -5.72 1.86 -10.66
C GLU A 31 -5.30 0.65 -11.50
N ASP A 32 -4.01 0.55 -11.77
CA ASP A 32 -3.48 -0.54 -12.59
C ASP A 32 -3.08 -1.73 -11.72
N LEU A 33 -4.00 -2.12 -10.85
CA LEU A 33 -3.81 -3.27 -9.97
C LEU A 33 -3.78 -4.57 -10.76
N PRO A 34 -3.42 -5.69 -10.08
CA PRO A 34 -2.51 -6.69 -10.57
C PRO A 34 -1.98 -6.47 -11.98
N THR A 35 -0.66 -6.39 -11.99
CA THR A 35 0.20 -6.17 -13.15
C THR A 35 1.54 -5.69 -12.59
N GLY A 36 1.47 -4.68 -11.73
CA GLY A 36 2.63 -4.19 -11.02
C GLY A 36 2.47 -4.38 -9.52
N TRP A 37 1.65 -5.36 -9.15
CA TRP A 37 1.33 -5.66 -7.76
C TRP A 37 2.58 -5.99 -6.94
N ASN A 38 3.62 -6.46 -7.61
CA ASN A 38 4.86 -6.82 -6.94
C ASN A 38 5.51 -5.60 -6.30
N ARG A 39 5.18 -4.42 -6.83
CA ARG A 39 5.83 -3.19 -6.38
C ARG A 39 4.91 -2.37 -5.47
N ILE A 40 3.74 -2.94 -5.13
CA ILE A 40 2.77 -2.26 -4.27
C ILE A 40 3.40 -1.84 -2.95
N MET A 41 4.05 -2.79 -2.29
CA MET A 41 4.64 -2.56 -0.98
C MET A 41 5.62 -1.38 -1.02
N GLU A 42 6.47 -1.37 -2.05
CA GLU A 42 7.46 -0.29 -2.22
C GLU A 42 6.78 1.07 -2.28
N VAL A 43 5.84 1.19 -3.19
CA VAL A 43 5.12 2.45 -3.38
C VAL A 43 4.41 2.86 -2.10
N ALA A 44 3.75 1.89 -1.45
CA ALA A 44 3.05 2.15 -0.19
C ALA A 44 4.02 2.62 0.88
N GLU A 45 5.17 1.96 0.97
CA GLU A 45 6.21 2.33 1.91
C GLU A 45 6.70 3.75 1.66
N LYS A 46 6.98 4.07 0.41
CA LYS A 46 7.48 5.39 0.03
C LYS A 46 6.42 6.46 0.26
N THR A 47 5.16 6.07 0.12
CA THR A 47 4.07 6.98 0.40
C THR A 47 4.01 7.28 1.89
N TYR A 48 4.02 6.24 2.71
CA TYR A 48 3.92 6.39 4.15
C TYR A 48 5.15 7.08 4.71
N GLU A 49 6.33 6.75 4.17
CA GLU A 49 7.58 7.29 4.67
C GLU A 49 7.58 8.82 4.59
N ALA A 50 7.12 9.34 3.46
CA ALA A 50 7.07 10.78 3.25
C ALA A 50 6.07 11.46 4.18
N TYR A 51 4.87 10.88 4.28
CA TYR A 51 3.83 11.44 5.15
C TYR A 51 4.24 11.36 6.61
N ARG A 52 4.88 10.26 6.99
CA ARG A 52 5.42 10.11 8.33
C ARG A 52 6.46 11.20 8.60
N GLN A 53 7.46 11.28 7.74
CA GLN A 53 8.52 12.26 7.86
C GLN A 53 7.97 13.69 7.84
N LEU A 54 6.96 13.92 7.01
CA LEU A 54 6.31 15.22 6.92
C LEU A 54 5.71 15.61 8.27
N ASP A 55 4.92 14.72 8.85
CA ASP A 55 4.27 15.00 10.12
C ASP A 55 5.30 15.06 11.24
N GLU A 56 6.29 14.18 11.19
CA GLU A 56 7.38 14.18 12.16
C GLU A 56 8.06 15.55 12.20
N PHE A 57 8.40 16.06 11.03
CA PHE A 57 9.01 17.38 10.92
C PHE A 57 8.08 18.44 11.47
N ARG A 58 6.80 18.32 11.14
CA ARG A 58 5.78 19.27 11.57
C ARG A 58 5.64 19.28 13.09
N LYS A 59 5.74 18.12 13.73
CA LYS A 59 5.63 18.03 15.17
C LYS A 59 6.88 18.55 15.85
N SER A 60 8.01 18.24 15.26
CA SER A 60 9.30 18.73 15.75
C SER A 60 9.34 20.24 15.69
N THR A 61 8.99 20.79 14.53
CA THR A 61 9.07 22.22 14.31
C THR A 61 7.97 22.96 15.06
N ALA A 62 6.83 22.31 15.26
CA ALA A 62 5.70 22.94 15.96
C ALA A 62 6.13 23.47 17.32
N SER A 63 6.99 22.70 17.99
CA SER A 63 7.53 23.11 19.27
C SER A 63 8.42 24.35 19.10
N LEU A 64 9.30 24.32 18.10
CA LEU A 64 10.24 25.43 17.86
C LEU A 64 9.51 26.66 17.32
N GLU A 65 8.37 26.43 16.68
CA GLU A 65 7.54 27.49 16.15
C GLU A 65 6.88 28.28 17.26
N HIS A 66 7.01 27.80 18.49
CA HIS A 66 6.33 28.38 19.65
C HIS A 66 4.83 28.16 19.48
N HIS A 67 4.51 27.06 18.79
CA HIS A 67 3.15 26.77 18.34
C HIS A 67 2.72 27.79 17.29
N HIS A 68 2.73 27.35 16.04
CA HIS A 68 2.48 28.25 14.89
C HIS A 68 1.15 28.98 15.02
N HIS A 69 1.24 30.22 15.46
CA HIS A 69 0.09 31.09 15.65
C HIS A 69 -0.28 31.75 14.33
N HIS A 70 -1.53 31.56 13.91
CA HIS A 70 -2.01 32.10 12.63
C HIS A 70 -2.32 33.60 12.74
N HIS A 71 -2.65 34.19 11.60
CA HIS A 71 -3.00 35.60 11.55
C HIS A 71 -4.23 35.77 10.68
N MET B 1 -6.37 -35.28 4.93
CA MET B 1 -6.67 -34.22 3.94
C MET B 1 -6.89 -34.83 2.57
N SER B 2 -7.56 -34.10 1.70
CA SER B 2 -7.89 -34.58 0.38
C SER B 2 -7.45 -33.59 -0.68
N GLU B 3 -7.31 -34.08 -1.91
CA GLU B 3 -7.02 -33.21 -3.03
C GLU B 3 -8.03 -33.41 -4.14
N GLY B 4 -8.83 -32.40 -4.37
CA GLY B 4 -9.85 -32.45 -5.41
C GLY B 4 -10.06 -31.09 -6.01
N ALA B 5 -10.32 -31.05 -7.30
CA ALA B 5 -10.43 -29.78 -8.02
C ALA B 5 -11.54 -28.91 -7.44
N GLU B 6 -12.55 -29.52 -6.84
CA GLU B 6 -13.65 -28.78 -6.22
C GLU B 6 -13.14 -27.96 -5.05
N GLU B 7 -12.49 -28.63 -4.12
CA GLU B 7 -11.94 -27.99 -2.93
C GLU B 7 -10.82 -27.04 -3.32
N LEU B 8 -10.07 -27.42 -4.35
CA LEU B 8 -8.99 -26.60 -4.87
C LEU B 8 -9.55 -25.30 -5.44
N LYS B 9 -10.65 -25.42 -6.15
CA LYS B 9 -11.30 -24.27 -6.77
C LYS B 9 -11.95 -23.39 -5.72
N ALA B 10 -12.51 -24.03 -4.69
CA ALA B 10 -13.12 -23.31 -3.58
C ALA B 10 -12.07 -22.52 -2.80
N LYS B 11 -10.91 -23.13 -2.60
CA LYS B 11 -9.80 -22.47 -1.92
C LYS B 11 -9.33 -21.26 -2.74
N LEU B 12 -9.10 -21.49 -4.02
CA LEU B 12 -8.70 -20.42 -4.93
C LEU B 12 -9.75 -19.33 -4.98
N LYS B 13 -11.02 -19.76 -4.98
CA LYS B 13 -12.16 -18.84 -4.96
C LYS B 13 -12.06 -17.91 -3.75
N LYS B 14 -11.80 -18.50 -2.59
CA LYS B 14 -11.66 -17.76 -1.34
C LYS B 14 -10.58 -16.70 -1.44
N LEU B 15 -9.41 -17.10 -1.93
CA LEU B 15 -8.27 -16.19 -2.07
C LEU B 15 -8.57 -15.10 -3.09
N ASN B 16 -9.14 -15.50 -4.22
CA ASN B 16 -9.46 -14.57 -5.30
C ASN B 16 -10.48 -13.53 -4.81
N ALA B 17 -11.49 -14.00 -4.08
CA ALA B 17 -12.51 -13.11 -3.54
C ALA B 17 -11.90 -12.12 -2.56
N GLN B 18 -11.08 -12.62 -1.65
CA GLN B 18 -10.43 -11.78 -0.66
C GLN B 18 -9.53 -10.75 -1.33
N ALA B 19 -8.78 -11.19 -2.33
CA ALA B 19 -7.88 -10.32 -3.07
C ALA B 19 -8.66 -9.24 -3.83
N THR B 20 -9.83 -9.60 -4.33
CA THR B 20 -10.69 -8.66 -5.03
C THR B 20 -11.30 -7.66 -4.05
N ALA B 21 -11.59 -8.13 -2.83
CA ALA B 21 -12.09 -7.27 -1.78
C ALA B 21 -11.02 -6.28 -1.34
N LEU B 22 -9.79 -6.76 -1.24
CA LEU B 22 -8.66 -5.91 -0.86
C LEU B 22 -8.31 -4.94 -1.98
N LYS B 23 -8.62 -5.31 -3.22
CA LYS B 23 -8.39 -4.45 -4.37
C LYS B 23 -9.15 -3.12 -4.16
N MET B 24 -10.42 -3.22 -3.83
CA MET B 24 -11.23 -2.03 -3.60
C MET B 24 -10.93 -1.41 -2.23
N ASP B 25 -10.48 -2.25 -1.30
CA ASP B 25 -10.12 -1.80 0.04
C ASP B 25 -8.92 -0.86 -0.01
N LEU B 26 -7.89 -1.28 -0.74
CA LEU B 26 -6.70 -0.45 -0.94
C LEU B 26 -7.02 0.75 -1.82
N HIS B 27 -7.86 0.52 -2.83
CA HIS B 27 -8.24 1.59 -3.75
C HIS B 27 -8.90 2.73 -3.01
N ASP B 28 -9.84 2.40 -2.12
CA ASP B 28 -10.54 3.40 -1.32
C ASP B 28 -9.56 4.15 -0.43
N LEU B 29 -8.58 3.43 0.10
CA LEU B 29 -7.58 4.03 0.98
C LEU B 29 -6.71 5.03 0.22
N ALA B 30 -6.40 4.71 -1.04
CA ALA B 30 -5.62 5.61 -1.88
C ALA B 30 -6.40 6.90 -2.14
N GLU B 31 -7.72 6.80 -2.15
CA GLU B 31 -8.59 7.93 -2.35
C GLU B 31 -8.83 8.64 -1.01
N ASP B 32 -8.64 7.91 0.07
CA ASP B 32 -8.92 8.40 1.42
C ASP B 32 -7.68 9.11 1.98
N LEU B 33 -6.66 9.27 1.13
CA LEU B 33 -5.39 9.91 1.48
C LEU B 33 -5.53 11.17 2.35
N PRO B 34 -4.39 11.72 2.86
CA PRO B 34 -4.27 12.36 4.16
C PRO B 34 -5.32 12.03 5.24
N THR B 35 -6.02 10.91 5.06
CA THR B 35 -6.78 10.28 6.12
C THR B 35 -6.55 8.77 6.03
N GLY B 36 -6.67 8.08 7.14
CA GLY B 36 -6.47 6.64 7.17
C GLY B 36 -5.10 6.19 6.66
N TRP B 37 -4.21 7.16 6.41
CA TRP B 37 -2.87 6.87 5.87
C TRP B 37 -2.06 5.97 6.80
N ASN B 38 -2.45 5.89 8.07
CA ASN B 38 -1.77 5.01 9.01
C ASN B 38 -2.13 3.56 8.71
N ARG B 39 -3.26 3.35 8.04
CA ARG B 39 -3.74 2.02 7.70
C ARG B 39 -3.00 1.47 6.48
N ILE B 40 -2.28 2.35 5.79
CA ILE B 40 -1.62 2.00 4.53
C ILE B 40 -0.75 0.75 4.68
N MET B 41 0.04 0.69 5.74
CA MET B 41 0.92 -0.45 5.97
C MET B 41 0.12 -1.74 6.09
N GLU B 42 -0.95 -1.71 6.85
CA GLU B 42 -1.80 -2.88 7.06
C GLU B 42 -2.44 -3.31 5.75
N VAL B 43 -3.14 -2.38 5.12
CA VAL B 43 -3.86 -2.65 3.89
C VAL B 43 -2.92 -3.12 2.78
N ALA B 44 -1.79 -2.44 2.64
CA ALA B 44 -0.81 -2.80 1.61
C ALA B 44 -0.27 -4.20 1.85
N GLU B 45 0.03 -4.52 3.10
CA GLU B 45 0.53 -5.84 3.45
C GLU B 45 -0.50 -6.91 3.09
N LYS B 46 -1.75 -6.67 3.50
CA LYS B 46 -2.84 -7.59 3.18
C LYS B 46 -2.99 -7.77 1.68
N THR B 47 -3.00 -6.66 0.95
CA THR B 47 -3.16 -6.68 -0.49
C THR B 47 -2.05 -7.50 -1.17
N TYR B 48 -0.81 -7.25 -0.77
CA TYR B 48 0.32 -7.96 -1.35
C TYR B 48 0.25 -9.44 -0.99
N GLU B 49 0.05 -9.72 0.30
CA GLU B 49 -0.02 -11.08 0.80
C GLU B 49 -1.14 -11.88 0.13
N ALA B 50 -2.25 -11.21 -0.15
CA ALA B 50 -3.37 -11.86 -0.82
C ALA B 50 -3.00 -12.29 -2.22
N TYR B 51 -2.44 -11.37 -3.01
CA TYR B 51 -2.04 -11.69 -4.37
C TYR B 51 -0.90 -12.70 -4.38
N ARG B 52 -0.06 -12.63 -3.34
CA ARG B 52 1.03 -13.57 -3.17
C ARG B 52 0.50 -14.98 -2.96
N GLN B 53 -0.36 -15.14 -1.96
CA GLN B 53 -1.00 -16.41 -1.68
C GLN B 53 -1.82 -16.87 -2.88
N LEU B 54 -2.48 -15.91 -3.54
CA LEU B 54 -3.29 -16.20 -4.70
C LEU B 54 -2.43 -16.79 -5.81
N ASP B 55 -1.31 -16.14 -6.12
CA ASP B 55 -0.43 -16.60 -7.19
C ASP B 55 0.26 -17.91 -6.82
N GLU B 56 0.46 -18.12 -5.52
CA GLU B 56 1.01 -19.39 -5.04
C GLU B 56 0.05 -20.53 -5.29
N PHE B 57 -1.20 -20.35 -4.90
CA PHE B 57 -2.21 -21.36 -5.13
C PHE B 57 -2.55 -21.41 -6.62
N ARG B 58 -2.39 -20.27 -7.28
CA ARG B 58 -2.53 -20.18 -8.73
C ARG B 58 -1.54 -21.11 -9.40
N LYS B 59 -0.27 -21.00 -9.01
CA LYS B 59 0.77 -21.88 -9.54
C LYS B 59 0.41 -23.33 -9.32
N SER B 60 -0.03 -23.65 -8.12
CA SER B 60 -0.45 -25.00 -7.78
C SER B 60 -1.61 -25.47 -8.66
N THR B 61 -2.73 -24.76 -8.59
CA THR B 61 -3.94 -25.17 -9.28
C THR B 61 -3.82 -25.08 -10.80
N ALA B 62 -3.32 -23.96 -11.31
CA ALA B 62 -3.31 -23.72 -12.75
C ALA B 62 -2.39 -24.69 -13.48
N SER B 63 -1.39 -25.19 -12.77
CA SER B 63 -0.49 -26.18 -13.34
C SER B 63 -1.21 -27.52 -13.46
N LEU B 64 -2.01 -27.85 -12.44
CA LEU B 64 -2.78 -29.08 -12.44
C LEU B 64 -4.00 -28.98 -13.35
N GLU B 65 -4.44 -27.74 -13.58
CA GLU B 65 -5.55 -27.49 -14.49
C GLU B 65 -5.10 -27.55 -15.94
N HIS B 66 -3.80 -27.80 -16.14
CA HIS B 66 -3.22 -27.91 -17.47
C HIS B 66 -3.30 -26.56 -18.19
N HIS B 67 -3.03 -25.49 -17.44
CA HIS B 67 -3.14 -24.12 -17.94
C HIS B 67 -4.58 -23.79 -18.30
N HIS B 68 -5.31 -23.31 -17.30
CA HIS B 68 -6.73 -23.03 -17.45
C HIS B 68 -6.96 -21.55 -17.80
N HIS B 69 -5.88 -20.76 -17.69
CA HIS B 69 -5.92 -19.32 -17.98
C HIS B 69 -6.82 -18.58 -16.99
N HIS B 70 -8.13 -18.66 -17.20
CA HIS B 70 -9.11 -18.03 -16.32
C HIS B 70 -10.52 -18.31 -16.82
N HIS B 71 -11.23 -19.18 -16.13
CA HIS B 71 -12.61 -19.49 -16.46
C HIS B 71 -13.28 -20.15 -15.26
N MET A 1 27.55 25.05 10.37
CA MET A 1 26.48 24.19 10.92
C MET A 1 25.59 25.00 11.86
N SER A 2 24.53 25.57 11.30
CA SER A 2 23.61 26.39 12.09
C SER A 2 22.17 26.05 11.73
N GLU A 3 21.30 26.05 12.73
CA GLU A 3 19.90 25.71 12.56
C GLU A 3 19.13 26.93 12.08
N GLY A 4 18.61 26.85 10.88
CA GLY A 4 17.88 27.94 10.29
C GLY A 4 16.56 27.53 9.69
N ALA A 5 15.60 28.45 9.68
CA ALA A 5 14.26 28.17 9.19
C ALA A 5 14.24 27.96 7.67
N GLU A 6 15.22 28.50 6.97
CA GLU A 6 15.30 28.29 5.53
C GLU A 6 15.55 26.82 5.23
N GLU A 7 16.55 26.27 5.91
CA GLU A 7 16.89 24.87 5.78
C GLU A 7 15.74 23.99 6.25
N LEU A 8 15.07 24.46 7.30
CA LEU A 8 13.88 23.80 7.80
C LEU A 8 12.77 23.79 6.76
N LYS A 9 12.54 24.95 6.15
CA LYS A 9 11.53 25.08 5.11
C LYS A 9 11.91 24.23 3.91
N ALA A 10 13.17 24.25 3.54
CA ALA A 10 13.69 23.44 2.44
C ALA A 10 13.43 21.95 2.70
N LYS A 11 13.65 21.54 3.95
CA LYS A 11 13.39 20.16 4.34
C LYS A 11 11.91 19.83 4.23
N LEU A 12 11.07 20.70 4.78
CA LEU A 12 9.61 20.53 4.71
C LEU A 12 9.14 20.55 3.26
N LYS A 13 9.74 21.43 2.48
CA LYS A 13 9.44 21.55 1.06
C LYS A 13 9.70 20.22 0.35
N LYS A 14 10.83 19.60 0.69
CA LYS A 14 11.19 18.31 0.14
C LYS A 14 10.13 17.25 0.47
N LEU A 15 9.76 17.17 1.74
CA LEU A 15 8.75 16.19 2.17
C LEU A 15 7.39 16.49 1.56
N ASN A 16 7.07 17.77 1.43
CA ASN A 16 5.81 18.21 0.84
C ASN A 16 5.65 17.65 -0.57
N ALA A 17 6.67 17.88 -1.41
CA ALA A 17 6.66 17.39 -2.78
C ALA A 17 6.77 15.87 -2.82
N GLN A 18 7.61 15.33 -1.96
CA GLN A 18 7.85 13.89 -1.89
C GLN A 18 6.56 13.13 -1.59
N ALA A 19 5.85 13.56 -0.55
CA ALA A 19 4.61 12.90 -0.14
C ALA A 19 3.54 13.02 -1.22
N THR A 20 3.48 14.17 -1.86
CA THR A 20 2.49 14.41 -2.90
C THR A 20 2.81 13.56 -4.14
N ALA A 21 4.09 13.43 -4.47
CA ALA A 21 4.53 12.65 -5.62
C ALA A 21 4.19 11.17 -5.43
N LEU A 22 4.35 10.68 -4.22
CA LEU A 22 3.99 9.31 -3.89
C LEU A 22 2.47 9.13 -3.85
N LYS A 23 1.79 10.13 -3.30
CA LYS A 23 0.33 10.13 -3.25
C LYS A 23 -0.29 9.88 -4.62
N MET A 24 0.09 10.71 -5.59
CA MET A 24 -0.48 10.63 -6.93
C MET A 24 -0.04 9.34 -7.62
N ASP A 25 1.14 8.86 -7.28
CA ASP A 25 1.69 7.67 -7.90
C ASP A 25 0.87 6.45 -7.48
N LEU A 26 0.69 6.29 -6.18
CA LEU A 26 -0.09 5.19 -5.62
C LEU A 26 -1.55 5.33 -6.05
N HIS A 27 -2.01 6.57 -6.12
CA HIS A 27 -3.38 6.87 -6.52
C HIS A 27 -3.72 6.23 -7.87
N ASP A 28 -2.94 6.56 -8.89
CA ASP A 28 -3.21 6.08 -10.24
C ASP A 28 -2.92 4.60 -10.39
N LEU A 29 -2.02 4.09 -9.56
CA LEU A 29 -1.72 2.67 -9.53
C LEU A 29 -2.93 1.89 -9.02
N ALA A 30 -3.54 2.38 -7.96
CA ALA A 30 -4.73 1.75 -7.39
C ALA A 30 -5.96 2.05 -8.24
N GLU A 31 -5.95 3.18 -8.95
CA GLU A 31 -7.02 3.55 -9.84
C GLU A 31 -7.26 2.48 -10.90
N ASP A 32 -6.18 2.00 -11.48
CA ASP A 32 -6.27 0.88 -12.40
C ASP A 32 -5.50 -0.30 -11.83
N LEU A 33 -6.12 -0.95 -10.85
CA LEU A 33 -5.55 -2.09 -10.18
C LEU A 33 -5.37 -3.28 -11.12
N PRO A 34 -4.83 -4.41 -10.59
CA PRO A 34 -3.73 -5.14 -11.17
C PRO A 34 -3.05 -4.50 -12.36
N THR A 35 -1.76 -4.32 -12.12
CA THR A 35 -0.73 -3.84 -13.01
C THR A 35 0.32 -3.22 -12.11
N GLY A 36 1.57 -3.61 -12.26
CA GLY A 36 2.61 -3.15 -11.34
C GLY A 36 2.26 -3.40 -9.86
N TRP A 37 1.27 -4.26 -9.60
CA TRP A 37 0.81 -4.54 -8.24
C TRP A 37 1.93 -5.14 -7.37
N ASN A 38 2.95 -5.66 -8.02
CA ASN A 38 4.09 -6.24 -7.30
C ASN A 38 4.87 -5.12 -6.60
N ARG A 39 4.73 -3.91 -7.12
CA ARG A 39 5.47 -2.76 -6.62
C ARG A 39 4.63 -1.97 -5.61
N ILE A 40 3.44 -2.49 -5.30
CA ILE A 40 2.53 -1.85 -4.35
C ILE A 40 3.22 -1.61 -3.00
N MET A 41 3.96 -2.60 -2.52
CA MET A 41 4.65 -2.51 -1.24
C MET A 41 5.57 -1.30 -1.20
N GLU A 42 6.35 -1.13 -2.26
CA GLU A 42 7.30 -0.03 -2.37
C GLU A 42 6.60 1.32 -2.27
N VAL A 43 5.69 1.54 -3.20
CA VAL A 43 4.97 2.80 -3.28
C VAL A 43 4.23 3.11 -1.99
N ALA A 44 3.54 2.11 -1.44
CA ALA A 44 2.78 2.28 -0.21
C ALA A 44 3.69 2.63 0.96
N GLU A 45 4.82 1.92 1.05
CA GLU A 45 5.77 2.17 2.13
C GLU A 45 6.35 3.57 2.02
N LYS A 46 6.78 3.93 0.81
CA LYS A 46 7.35 5.24 0.55
C LYS A 46 6.35 6.35 0.85
N THR A 47 5.10 6.14 0.46
CA THR A 47 4.05 7.14 0.69
C THR A 47 3.84 7.40 2.18
N TYR A 48 3.69 6.32 2.95
CA TYR A 48 3.44 6.46 4.38
C TYR A 48 4.65 7.07 5.09
N GLU A 49 5.84 6.63 4.73
CA GLU A 49 7.06 7.16 5.33
C GLU A 49 7.16 8.67 5.12
N ALA A 50 7.07 9.09 3.86
CA ALA A 50 7.18 10.50 3.50
C ALA A 50 6.12 11.32 4.20
N TYR A 51 4.88 10.83 4.19
CA TYR A 51 3.77 11.57 4.79
C TYR A 51 3.94 11.67 6.30
N ARG A 52 4.38 10.58 6.92
CA ARG A 52 4.61 10.57 8.36
C ARG A 52 5.74 11.53 8.71
N GLN A 53 6.86 11.39 8.00
CA GLN A 53 8.02 12.26 8.20
C GLN A 53 7.64 13.73 8.07
N LEU A 54 6.76 14.03 7.11
CA LEU A 54 6.25 15.39 6.93
C LEU A 54 5.53 15.85 8.19
N ASP A 55 4.61 15.01 8.65
CA ASP A 55 3.81 15.32 9.84
C ASP A 55 4.70 15.38 11.09
N GLU A 56 5.75 14.56 11.10
CA GLU A 56 6.72 14.54 12.19
C GLU A 56 7.58 15.80 12.16
N PHE A 57 7.91 16.27 10.97
CA PHE A 57 8.60 17.54 10.84
C PHE A 57 7.66 18.65 11.26
N ARG A 58 6.38 18.48 10.96
CA ARG A 58 5.35 19.39 11.39
C ARG A 58 5.29 19.47 12.92
N LYS A 59 5.40 18.31 13.59
CA LYS A 59 5.46 18.29 15.05
C LYS A 59 6.59 19.20 15.52
N SER A 60 7.75 19.01 14.91
CA SER A 60 8.95 19.77 15.26
C SER A 60 8.76 21.27 15.01
N THR A 61 8.35 21.63 13.80
CA THR A 61 8.25 23.03 13.42
C THR A 61 7.10 23.72 14.16
N ALA A 62 6.05 22.97 14.49
CA ALA A 62 4.93 23.52 15.23
C ALA A 62 5.38 24.02 16.60
N SER A 63 6.18 23.20 17.27
CA SER A 63 6.72 23.56 18.57
C SER A 63 7.65 24.77 18.43
N LEU A 64 8.40 24.81 17.34
CA LEU A 64 9.34 25.91 17.07
C LEU A 64 8.57 27.19 16.79
N GLU A 65 7.57 27.10 15.94
CA GLU A 65 6.78 28.24 15.52
C GLU A 65 5.88 28.76 16.64
N HIS A 66 5.70 27.94 17.68
CA HIS A 66 4.68 28.17 18.70
C HIS A 66 3.31 28.01 18.05
N HIS A 67 3.30 27.20 16.99
CA HIS A 67 2.14 26.98 16.14
C HIS A 67 1.32 25.80 16.68
N HIS A 68 0.15 26.09 17.21
CA HIS A 68 -0.68 25.05 17.80
C HIS A 68 -1.99 24.88 17.05
N HIS A 69 -2.73 23.83 17.41
CA HIS A 69 -4.01 23.48 16.80
C HIS A 69 -3.84 22.95 15.38
N HIS A 70 -3.95 21.64 15.23
CA HIS A 70 -3.90 21.00 13.92
C HIS A 70 -5.31 20.78 13.40
N HIS A 71 -5.45 20.64 12.09
CA HIS A 71 -6.75 20.35 11.48
C HIS A 71 -6.53 19.70 10.13
N MET B 1 -5.81 -37.35 -3.85
CA MET B 1 -4.67 -36.90 -4.67
C MET B 1 -3.80 -35.94 -3.86
N SER B 2 -2.61 -35.60 -4.37
CA SER B 2 -1.69 -34.71 -3.67
C SER B 2 -2.22 -33.28 -3.66
N GLU B 3 -3.27 -33.10 -4.43
CA GLU B 3 -4.06 -31.88 -4.46
C GLU B 3 -5.47 -32.21 -4.92
N GLY B 4 -6.45 -31.53 -4.35
CA GLY B 4 -7.82 -31.82 -4.67
C GLY B 4 -8.50 -30.66 -5.37
N ALA B 5 -9.37 -30.98 -6.31
CA ALA B 5 -10.10 -29.96 -7.06
C ALA B 5 -11.06 -29.19 -6.16
N GLU B 6 -11.59 -29.88 -5.16
CA GLU B 6 -12.51 -29.26 -4.22
C GLU B 6 -11.74 -28.30 -3.32
N GLU B 7 -10.61 -28.77 -2.81
CA GLU B 7 -9.69 -27.94 -2.07
C GLU B 7 -9.31 -26.72 -2.91
N LEU B 8 -8.93 -27.00 -4.15
CA LEU B 8 -8.52 -25.97 -5.11
C LEU B 8 -9.62 -24.93 -5.29
N LYS B 9 -10.83 -25.39 -5.57
CA LYS B 9 -11.95 -24.51 -5.86
C LYS B 9 -12.32 -23.67 -4.65
N ALA B 10 -12.41 -24.30 -3.49
CA ALA B 10 -12.76 -23.60 -2.26
C ALA B 10 -11.67 -22.62 -1.87
N LYS B 11 -10.42 -23.03 -2.09
CA LYS B 11 -9.28 -22.19 -1.76
C LYS B 11 -9.20 -21.00 -2.71
N LEU B 12 -9.39 -21.27 -3.99
CA LEU B 12 -9.40 -20.23 -5.01
C LEU B 12 -10.55 -19.26 -4.74
N LYS B 13 -11.71 -19.80 -4.39
CA LYS B 13 -12.87 -18.98 -4.02
C LYS B 13 -12.53 -18.05 -2.87
N LYS B 14 -11.98 -18.62 -1.81
CA LYS B 14 -11.61 -17.88 -0.61
C LYS B 14 -10.57 -16.81 -0.93
N LEU B 15 -9.55 -17.20 -1.69
CA LEU B 15 -8.46 -16.29 -2.04
C LEU B 15 -8.93 -15.17 -2.96
N ASN B 16 -9.72 -15.52 -3.97
CA ASN B 16 -10.22 -14.54 -4.94
C ASN B 16 -11.08 -13.50 -4.22
N ALA B 17 -11.95 -13.97 -3.34
CA ALA B 17 -12.81 -13.08 -2.55
C ALA B 17 -11.96 -12.12 -1.71
N GLN B 18 -10.90 -12.65 -1.12
CA GLN B 18 -10.01 -11.85 -0.30
C GLN B 18 -9.29 -10.80 -1.16
N ALA B 19 -8.80 -11.24 -2.32
CA ALA B 19 -8.12 -10.35 -3.25
C ALA B 19 -9.08 -9.29 -3.80
N THR B 20 -10.36 -9.63 -3.85
CA THR B 20 -11.38 -8.70 -4.31
C THR B 20 -11.67 -7.65 -3.23
N ALA B 21 -11.83 -8.11 -1.99
CA ALA B 21 -12.14 -7.23 -0.87
C ALA B 21 -11.04 -6.19 -0.66
N LEU B 22 -9.81 -6.64 -0.53
CA LEU B 22 -8.69 -5.74 -0.28
C LEU B 22 -8.45 -4.80 -1.46
N LYS B 23 -8.75 -5.28 -2.67
CA LYS B 23 -8.55 -4.49 -3.87
C LYS B 23 -9.45 -3.25 -3.87
N MET B 24 -10.71 -3.43 -3.50
CA MET B 24 -11.65 -2.32 -3.49
C MET B 24 -11.34 -1.35 -2.35
N ASP B 25 -10.89 -1.89 -1.22
CA ASP B 25 -10.51 -1.07 -0.08
C ASP B 25 -9.30 -0.21 -0.40
N LEU B 26 -8.26 -0.83 -0.94
CA LEU B 26 -7.02 -0.11 -1.30
C LEU B 26 -7.32 0.96 -2.34
N HIS B 27 -8.16 0.62 -3.31
CA HIS B 27 -8.53 1.54 -4.37
C HIS B 27 -9.20 2.78 -3.78
N ASP B 28 -10.19 2.57 -2.93
CA ASP B 28 -10.96 3.68 -2.38
C ASP B 28 -10.11 4.51 -1.43
N LEU B 29 -9.19 3.84 -0.74
CA LEU B 29 -8.26 4.51 0.17
C LEU B 29 -7.33 5.44 -0.61
N ALA B 30 -6.87 4.99 -1.77
CA ALA B 30 -6.00 5.80 -2.61
C ALA B 30 -6.76 6.96 -3.23
N GLU B 31 -8.06 6.75 -3.42
CA GLU B 31 -8.93 7.78 -3.96
C GLU B 31 -9.23 8.84 -2.91
N ASP B 32 -9.07 8.49 -1.64
CA ASP B 32 -9.34 9.40 -0.54
C ASP B 32 -8.07 9.62 0.28
N LEU B 33 -6.92 9.45 -0.38
CA LEU B 33 -5.59 9.68 0.18
C LEU B 33 -5.47 11.00 0.97
N PRO B 34 -4.31 11.26 1.63
CA PRO B 34 -4.19 11.99 2.88
C PRO B 34 -5.42 12.02 3.82
N THR B 35 -6.31 11.06 3.63
CA THR B 35 -7.27 10.68 4.64
C THR B 35 -7.16 9.17 4.88
N GLY B 36 -7.16 8.76 6.13
CA GLY B 36 -6.99 7.35 6.46
C GLY B 36 -5.64 6.78 6.05
N TRP B 37 -4.66 7.66 5.86
CA TRP B 37 -3.33 7.28 5.39
C TRP B 37 -2.64 6.27 6.30
N ASN B 38 -3.04 6.20 7.57
CA ASN B 38 -2.42 5.27 8.50
C ASN B 38 -2.69 3.83 8.08
N ARG B 39 -3.74 3.62 7.30
CA ARG B 39 -4.13 2.28 6.88
C ARG B 39 -3.50 1.91 5.54
N ILE B 40 -2.76 2.84 4.93
CA ILE B 40 -2.18 2.62 3.60
C ILE B 40 -1.35 1.34 3.55
N MET B 41 -0.43 1.19 4.48
CA MET B 41 0.49 0.06 4.45
C MET B 41 -0.20 -1.23 4.81
N GLU B 42 -1.02 -1.21 5.85
CA GLU B 42 -1.68 -2.42 6.33
C GLU B 42 -2.59 -3.01 5.25
N VAL B 43 -3.39 -2.16 4.64
CA VAL B 43 -4.25 -2.60 3.54
C VAL B 43 -3.41 -3.12 2.38
N ALA B 44 -2.31 -2.41 2.07
CA ALA B 44 -1.41 -2.81 1.01
C ALA B 44 -0.79 -4.18 1.30
N GLU B 45 -0.44 -4.41 2.57
CA GLU B 45 0.08 -5.70 3.01
C GLU B 45 -0.84 -6.83 2.61
N LYS B 46 -2.09 -6.73 3.06
CA LYS B 46 -3.08 -7.78 2.85
C LYS B 46 -3.42 -7.92 1.37
N THR B 47 -3.44 -6.81 0.66
CA THR B 47 -3.71 -6.82 -0.78
C THR B 47 -2.60 -7.55 -1.52
N TYR B 48 -1.35 -7.16 -1.26
CA TYR B 48 -0.21 -7.78 -1.91
C TYR B 48 -0.08 -9.24 -1.49
N GLU B 49 -0.28 -9.50 -0.21
CA GLU B 49 -0.23 -10.86 0.32
C GLU B 49 -1.16 -11.77 -0.46
N ALA B 50 -2.42 -11.35 -0.60
CA ALA B 50 -3.42 -12.12 -1.31
C ALA B 50 -3.00 -12.39 -2.75
N TYR B 51 -2.58 -11.35 -3.46
CA TYR B 51 -2.19 -11.50 -4.86
C TYR B 51 -0.92 -12.33 -5.00
N ARG B 52 -0.06 -12.28 -3.99
CA ARG B 52 1.11 -13.15 -3.95
C ARG B 52 0.69 -14.60 -3.74
N GLN B 53 -0.21 -14.80 -2.78
CA GLN B 53 -0.75 -16.12 -2.50
C GLN B 53 -1.48 -16.67 -3.73
N LEU B 54 -2.19 -15.79 -4.45
CA LEU B 54 -2.84 -16.16 -5.68
C LEU B 54 -1.84 -16.68 -6.71
N ASP B 55 -0.75 -15.93 -6.89
CA ASP B 55 0.30 -16.31 -7.84
C ASP B 55 0.93 -17.64 -7.46
N GLU B 56 1.33 -17.78 -6.21
CA GLU B 56 1.95 -18.98 -5.72
C GLU B 56 0.99 -20.16 -5.84
N PHE B 57 -0.27 -19.93 -5.50
CA PHE B 57 -1.30 -20.93 -5.67
C PHE B 57 -1.42 -21.32 -7.13
N ARG B 58 -1.46 -20.32 -8.01
CA ARG B 58 -1.58 -20.54 -9.44
C ARG B 58 -0.38 -21.31 -9.99
N LYS B 59 0.79 -21.04 -9.43
CA LYS B 59 2.01 -21.73 -9.83
C LYS B 59 1.97 -23.19 -9.39
N SER B 60 1.49 -23.42 -8.18
CA SER B 60 1.31 -24.76 -7.67
C SER B 60 0.21 -25.48 -8.45
N THR B 61 -0.88 -24.76 -8.69
CA THR B 61 -1.99 -25.29 -9.47
C THR B 61 -1.58 -25.58 -10.90
N ALA B 62 -0.68 -24.76 -11.46
CA ALA B 62 -0.19 -24.98 -12.82
C ALA B 62 0.47 -26.35 -12.95
N SER B 63 1.22 -26.74 -11.93
CA SER B 63 1.84 -28.06 -11.88
C SER B 63 0.76 -29.14 -11.75
N LEU B 64 -0.23 -28.87 -10.90
CA LEU B 64 -1.31 -29.84 -10.65
C LEU B 64 -2.18 -29.98 -11.90
N GLU B 65 -2.39 -28.88 -12.59
CA GLU B 65 -3.16 -28.85 -13.83
C GLU B 65 -2.47 -29.61 -14.94
N HIS B 66 -1.21 -29.92 -14.72
CA HIS B 66 -0.37 -30.55 -15.74
C HIS B 66 -0.26 -29.59 -16.93
N HIS B 67 -0.20 -28.29 -16.62
CA HIS B 67 -0.18 -27.22 -17.63
C HIS B 67 -1.50 -27.13 -18.38
N HIS B 68 -2.59 -27.27 -17.64
CA HIS B 68 -3.93 -27.10 -18.19
C HIS B 68 -4.18 -25.64 -18.55
N HIS B 69 -4.27 -24.77 -17.54
CA HIS B 69 -4.47 -23.33 -17.74
C HIS B 69 -5.73 -23.01 -18.54
N HIS B 70 -6.81 -22.70 -17.83
CA HIS B 70 -8.06 -22.32 -18.48
C HIS B 70 -8.81 -21.28 -17.64
N HIS B 71 -9.68 -21.77 -16.76
CA HIS B 71 -10.57 -20.93 -15.96
C HIS B 71 -11.46 -21.86 -15.15
N MET A 1 16.47 21.68 21.04
CA MET A 1 16.71 21.77 19.59
C MET A 1 15.88 22.89 18.95
N SER A 2 16.49 24.05 18.81
CA SER A 2 15.90 25.14 18.05
C SER A 2 16.51 25.15 16.65
N GLU A 3 15.77 25.65 15.67
CA GLU A 3 16.22 25.57 14.30
C GLU A 3 15.73 26.78 13.51
N GLY A 4 16.40 27.05 12.40
CA GLY A 4 16.04 28.15 11.55
C GLY A 4 14.82 27.83 10.70
N ALA A 5 13.89 28.78 10.66
CA ALA A 5 12.65 28.61 9.91
C ALA A 5 12.93 28.42 8.42
N GLU A 6 14.06 28.94 7.96
CA GLU A 6 14.47 28.80 6.58
C GLU A 6 14.66 27.34 6.21
N GLU A 7 15.48 26.65 6.99
CA GLU A 7 15.75 25.23 6.76
C GLU A 7 14.49 24.41 7.04
N LEU A 8 13.72 24.87 8.01
CA LEU A 8 12.45 24.28 8.35
C LEU A 8 11.54 24.21 7.12
N LYS A 9 11.41 25.34 6.45
CA LYS A 9 10.55 25.46 5.28
C LYS A 9 11.13 24.70 4.11
N ALA A 10 12.46 24.67 4.00
CA ALA A 10 13.14 23.96 2.93
C ALA A 10 12.94 22.46 3.07
N LYS A 11 13.01 21.97 4.31
CA LYS A 11 12.81 20.55 4.57
C LYS A 11 11.36 20.17 4.30
N LEU A 12 10.45 21.04 4.72
CA LEU A 12 9.03 20.85 4.46
C LEU A 12 8.78 20.86 2.95
N LYS A 13 9.43 21.79 2.25
CA LYS A 13 9.35 21.87 0.80
C LYS A 13 9.70 20.52 0.18
N LYS A 14 10.80 19.94 0.64
CA LYS A 14 11.24 18.63 0.20
C LYS A 14 10.16 17.57 0.46
N LEU A 15 9.74 17.48 1.72
CA LEU A 15 8.79 16.46 2.15
C LEU A 15 7.43 16.61 1.47
N ASN A 16 6.96 17.86 1.37
CA ASN A 16 5.68 18.14 0.74
C ASN A 16 5.67 17.68 -0.72
N ALA A 17 6.73 18.03 -1.42
CA ALA A 17 6.87 17.64 -2.83
C ALA A 17 6.95 16.13 -2.98
N GLN A 18 7.74 15.50 -2.10
CA GLN A 18 7.92 14.05 -2.13
C GLN A 18 6.60 13.33 -1.88
N ALA A 19 5.88 13.76 -0.85
CA ALA A 19 4.59 13.17 -0.51
C ALA A 19 3.61 13.32 -1.66
N THR A 20 3.64 14.48 -2.32
CA THR A 20 2.76 14.73 -3.45
C THR A 20 3.12 13.83 -4.64
N ALA A 21 4.42 13.65 -4.85
CA ALA A 21 4.91 12.80 -5.93
C ALA A 21 4.46 11.36 -5.74
N LEU A 22 4.63 10.85 -4.52
CA LEU A 22 4.23 9.48 -4.21
C LEU A 22 2.71 9.35 -4.18
N LYS A 23 2.03 10.43 -3.79
CA LYS A 23 0.56 10.45 -3.80
C LYS A 23 0.03 10.11 -5.18
N MET A 24 0.57 10.77 -6.19
CA MET A 24 0.14 10.57 -7.57
C MET A 24 0.54 9.17 -8.05
N ASP A 25 1.71 8.73 -7.63
CA ASP A 25 2.24 7.42 -8.03
C ASP A 25 1.36 6.30 -7.50
N LEU A 26 1.07 6.34 -6.21
CA LEU A 26 0.25 5.32 -5.57
C LEU A 26 -1.19 5.40 -6.06
N HIS A 27 -1.70 6.61 -6.20
CA HIS A 27 -3.08 6.81 -6.66
C HIS A 27 -3.28 6.20 -8.05
N ASP A 28 -2.32 6.42 -8.93
CA ASP A 28 -2.42 5.93 -10.29
C ASP A 28 -2.39 4.42 -10.34
N LEU A 29 -1.51 3.82 -9.54
CA LEU A 29 -1.35 2.37 -9.51
C LEU A 29 -2.57 1.71 -8.87
N ALA A 30 -3.15 2.36 -7.86
CA ALA A 30 -4.35 1.85 -7.21
C ALA A 30 -5.56 1.97 -8.13
N GLU A 31 -5.54 2.99 -8.98
CA GLU A 31 -6.59 3.18 -9.97
C GLU A 31 -6.48 2.08 -11.03
N ASP A 32 -5.26 1.75 -11.41
CA ASP A 32 -5.01 0.71 -12.39
C ASP A 32 -4.54 -0.56 -11.68
N LEU A 33 -5.44 -1.13 -10.89
CA LEU A 33 -5.18 -2.35 -10.15
C LEU A 33 -4.97 -3.55 -11.07
N PRO A 34 -4.58 -4.72 -10.53
CA PRO A 34 -3.63 -5.65 -11.10
C PRO A 34 -2.79 -5.14 -12.27
N THR A 35 -2.15 -6.06 -12.96
CA THR A 35 -1.09 -5.74 -13.93
C THR A 35 0.17 -5.29 -13.19
N GLY A 36 0.04 -4.26 -12.36
CA GLY A 36 1.17 -3.76 -11.59
C GLY A 36 1.03 -4.00 -10.09
N TRP A 37 0.27 -5.03 -9.72
CA TRP A 37 0.09 -5.39 -8.31
C TRP A 37 1.43 -5.67 -7.63
N ASN A 38 2.40 -6.06 -8.44
CA ASN A 38 3.73 -6.38 -7.95
C ASN A 38 4.39 -5.19 -7.27
N ARG A 39 4.00 -3.98 -7.65
CA ARG A 39 4.66 -2.80 -7.12
C ARG A 39 3.82 -2.07 -6.08
N ILE A 40 2.66 -2.63 -5.73
CA ILE A 40 1.73 -1.99 -4.79
C ILE A 40 2.43 -1.62 -3.48
N MET A 41 3.13 -2.57 -2.89
CA MET A 41 3.80 -2.34 -1.61
C MET A 41 4.97 -1.38 -1.79
N GLU A 42 5.75 -1.58 -2.83
CA GLU A 42 6.95 -0.79 -3.09
C GLU A 42 6.62 0.70 -3.17
N VAL A 43 5.58 1.04 -3.93
CA VAL A 43 5.12 2.42 -4.01
C VAL A 43 4.65 2.91 -2.65
N ALA A 44 3.81 2.10 -2.00
CA ALA A 44 3.23 2.46 -0.70
C ALA A 44 4.32 2.67 0.36
N GLU A 45 5.39 1.88 0.27
CA GLU A 45 6.52 2.01 1.17
C GLU A 45 7.02 3.45 1.25
N LYS A 46 7.43 3.99 0.12
CA LYS A 46 7.96 5.34 0.08
C LYS A 46 6.85 6.37 0.26
N THR A 47 5.65 6.01 -0.14
CA THR A 47 4.49 6.88 0.06
C THR A 47 4.24 7.11 1.55
N TYR A 48 4.10 6.02 2.30
CA TYR A 48 3.85 6.10 3.73
C TYR A 48 5.04 6.72 4.45
N GLU A 49 6.24 6.29 4.11
CA GLU A 49 7.44 6.83 4.73
C GLU A 49 7.57 8.33 4.51
N ALA A 50 7.08 8.81 3.38
CA ALA A 50 7.07 10.24 3.09
C ALA A 50 6.13 10.97 4.03
N TYR A 51 4.88 10.50 4.09
CA TYR A 51 3.89 11.08 5.00
C TYR A 51 4.35 10.97 6.44
N ARG A 52 4.96 9.84 6.76
CA ARG A 52 5.48 9.58 8.11
C ARG A 52 6.49 10.66 8.50
N GLN A 53 7.53 10.82 7.69
CA GLN A 53 8.57 11.81 7.95
C GLN A 53 7.98 13.22 7.92
N LEU A 54 7.04 13.44 7.01
CA LEU A 54 6.39 14.74 6.89
C LEU A 54 5.63 15.04 8.17
N ASP A 55 4.84 14.08 8.65
CA ASP A 55 4.03 14.28 9.85
C ASP A 55 4.91 14.29 11.10
N GLU A 56 6.02 13.57 11.07
CA GLU A 56 6.99 13.61 12.15
C GLU A 56 7.64 14.98 12.23
N PHE A 57 7.95 15.55 11.06
CA PHE A 57 8.48 16.90 10.96
C PHE A 57 7.39 17.90 11.33
N ARG A 58 6.18 17.59 10.89
CA ARG A 58 4.98 18.36 11.21
C ARG A 58 4.81 18.46 12.73
N LYS A 59 4.95 17.32 13.39
CA LYS A 59 4.93 17.26 14.84
C LYS A 59 6.02 18.13 15.44
N SER A 60 7.23 17.97 14.92
CA SER A 60 8.40 18.68 15.43
C SER A 60 8.22 20.18 15.29
N THR A 61 7.76 20.63 14.14
CA THR A 61 7.59 22.05 13.92
C THR A 61 6.39 22.59 14.70
N ALA A 62 5.39 21.75 14.93
CA ALA A 62 4.20 22.15 15.68
C ALA A 62 4.57 22.57 17.09
N SER A 63 5.46 21.80 17.73
CA SER A 63 5.92 22.11 19.07
C SER A 63 6.81 23.35 19.09
N LEU A 64 7.37 23.69 17.95
CA LEU A 64 8.23 24.87 17.83
C LEU A 64 7.41 26.12 17.48
N GLU A 65 6.34 25.92 16.73
CA GLU A 65 5.49 27.01 16.28
C GLU A 65 4.70 27.63 17.41
N HIS A 66 4.63 26.93 18.53
CA HIS A 66 3.67 27.25 19.58
C HIS A 66 2.27 27.13 18.97
N HIS A 67 2.11 26.04 18.20
CA HIS A 67 0.95 25.84 17.34
C HIS A 67 -0.35 25.77 18.13
N HIS A 68 -0.28 25.44 19.42
CA HIS A 68 -1.46 25.32 20.27
C HIS A 68 -2.33 24.16 19.79
N HIS A 69 -2.04 22.96 20.29
CA HIS A 69 -2.65 21.71 19.80
C HIS A 69 -2.21 21.42 18.37
N HIS A 70 -1.86 20.17 18.09
CA HIS A 70 -1.35 19.84 16.76
C HIS A 70 -2.50 19.55 15.79
N HIS A 71 -2.80 20.53 14.97
CA HIS A 71 -3.77 20.38 13.89
C HIS A 71 -3.62 21.53 12.89
N MET B 1 -3.22 -35.24 4.04
CA MET B 1 -2.89 -35.00 2.62
C MET B 1 -4.03 -35.47 1.72
N SER B 2 -4.52 -34.57 0.88
CA SER B 2 -5.56 -34.90 -0.08
C SER B 2 -5.36 -34.09 -1.35
N GLU B 3 -5.52 -34.74 -2.50
CA GLU B 3 -5.48 -34.04 -3.77
C GLU B 3 -6.87 -34.06 -4.39
N GLY B 4 -7.48 -32.89 -4.42
CA GLY B 4 -8.82 -32.76 -4.93
C GLY B 4 -9.22 -31.31 -5.09
N ALA B 5 -10.12 -31.06 -6.02
CA ALA B 5 -10.54 -29.70 -6.33
C ALA B 5 -11.36 -29.09 -5.20
N GLU B 6 -11.87 -29.93 -4.31
CA GLU B 6 -12.74 -29.48 -3.22
C GLU B 6 -12.05 -28.43 -2.35
N GLU B 7 -10.89 -28.79 -1.82
CA GLU B 7 -10.13 -27.89 -0.96
C GLU B 7 -9.54 -26.75 -1.77
N LEU B 8 -9.20 -27.04 -3.01
CA LEU B 8 -8.63 -26.05 -3.90
C LEU B 8 -9.67 -24.99 -4.24
N LYS B 9 -10.91 -25.43 -4.38
CA LYS B 9 -12.04 -24.55 -4.66
C LYS B 9 -12.26 -23.59 -3.51
N ALA B 10 -12.27 -24.13 -2.30
CA ALA B 10 -12.44 -23.32 -1.10
C ALA B 10 -11.24 -22.38 -0.92
N LYS B 11 -10.06 -22.89 -1.22
CA LYS B 11 -8.83 -22.09 -1.12
C LYS B 11 -8.88 -20.92 -2.10
N LEU B 12 -9.13 -21.23 -3.37
CA LEU B 12 -9.24 -20.21 -4.41
C LEU B 12 -10.39 -19.26 -4.12
N LYS B 13 -11.48 -19.83 -3.62
CA LYS B 13 -12.66 -19.05 -3.25
C LYS B 13 -12.29 -17.97 -2.24
N LYS B 14 -11.54 -18.37 -1.22
CA LYS B 14 -11.09 -17.45 -0.19
C LYS B 14 -10.23 -16.34 -0.78
N LEU B 15 -9.23 -16.74 -1.56
CA LEU B 15 -8.28 -15.80 -2.15
C LEU B 15 -8.95 -14.88 -3.15
N ASN B 16 -9.78 -15.45 -4.01
CA ASN B 16 -10.44 -14.70 -5.09
C ASN B 16 -11.37 -13.62 -4.52
N ALA B 17 -12.10 -13.99 -3.48
CA ALA B 17 -13.01 -13.04 -2.85
C ALA B 17 -12.25 -11.96 -2.09
N GLN B 18 -11.18 -12.37 -1.42
CA GLN B 18 -10.38 -11.44 -0.64
C GLN B 18 -9.67 -10.43 -1.56
N ALA B 19 -9.11 -10.93 -2.65
CA ALA B 19 -8.43 -10.06 -3.62
C ALA B 19 -9.38 -9.01 -4.17
N THR B 20 -10.62 -9.42 -4.42
CA THR B 20 -11.64 -8.51 -4.93
C THR B 20 -12.00 -7.45 -3.88
N ALA B 21 -12.05 -7.86 -2.62
CA ALA B 21 -12.36 -6.94 -1.53
C ALA B 21 -11.24 -5.93 -1.33
N LEU B 22 -9.99 -6.41 -1.37
CA LEU B 22 -8.83 -5.54 -1.20
C LEU B 22 -8.74 -4.51 -2.30
N LYS B 23 -9.29 -4.84 -3.47
CA LYS B 23 -9.32 -3.90 -4.59
C LYS B 23 -9.97 -2.57 -4.18
N MET B 24 -11.19 -2.66 -3.67
CA MET B 24 -11.95 -1.47 -3.30
C MET B 24 -11.42 -0.86 -2.00
N ASP B 25 -10.77 -1.69 -1.19
CA ASP B 25 -10.22 -1.23 0.09
C ASP B 25 -8.98 -0.36 -0.16
N LEU B 26 -8.21 -0.73 -1.17
CA LEU B 26 -7.00 0.01 -1.54
C LEU B 26 -7.35 1.22 -2.40
N HIS B 27 -8.22 1.01 -3.39
CA HIS B 27 -8.59 2.04 -4.36
C HIS B 27 -9.00 3.33 -3.68
N ASP B 28 -9.97 3.24 -2.79
CA ASP B 28 -10.55 4.42 -2.18
C ASP B 28 -9.63 5.04 -1.14
N LEU B 29 -8.75 4.24 -0.55
CA LEU B 29 -7.79 4.77 0.42
C LEU B 29 -6.78 5.68 -0.29
N ALA B 30 -6.34 5.27 -1.48
CA ALA B 30 -5.44 6.06 -2.28
C ALA B 30 -6.18 7.23 -2.93
N GLU B 31 -7.48 7.06 -3.11
CA GLU B 31 -8.31 8.11 -3.70
C GLU B 31 -8.62 9.20 -2.67
N ASP B 32 -8.95 8.78 -1.46
CA ASP B 32 -9.32 9.69 -0.38
C ASP B 32 -8.11 10.00 0.50
N LEU B 33 -6.93 9.93 -0.11
CA LEU B 33 -5.65 10.17 0.58
C LEU B 33 -5.68 11.36 1.56
N PRO B 34 -4.61 11.50 2.38
CA PRO B 34 -4.67 11.72 3.80
C PRO B 34 -6.07 11.73 4.40
N THR B 35 -6.20 10.81 5.36
CA THR B 35 -7.39 10.54 6.15
C THR B 35 -7.07 9.32 7.01
N GLY B 36 -6.61 8.29 6.34
CA GLY B 36 -6.14 7.09 7.00
C GLY B 36 -4.82 6.62 6.43
N TRP B 37 -3.91 7.58 6.21
CA TRP B 37 -2.59 7.30 5.66
C TRP B 37 -1.83 6.24 6.48
N ASN B 38 -2.16 6.16 7.77
CA ASN B 38 -1.51 5.19 8.65
C ASN B 38 -1.88 3.76 8.23
N ARG B 39 -3.03 3.61 7.59
CA ARG B 39 -3.53 2.30 7.21
C ARG B 39 -3.01 1.88 5.83
N ILE B 40 -2.27 2.76 5.18
CA ILE B 40 -1.73 2.48 3.84
C ILE B 40 -0.87 1.21 3.85
N MET B 41 -0.01 1.09 4.87
CA MET B 41 0.87 -0.07 4.98
C MET B 41 0.07 -1.34 5.19
N GLU B 42 -0.99 -1.25 5.98
CA GLU B 42 -1.87 -2.39 6.23
C GLU B 42 -2.43 -2.93 4.93
N VAL B 43 -3.02 -2.03 4.15
CA VAL B 43 -3.62 -2.41 2.87
C VAL B 43 -2.55 -2.92 1.90
N ALA B 44 -1.41 -2.22 1.86
CA ALA B 44 -0.29 -2.64 1.00
C ALA B 44 0.14 -4.06 1.36
N GLU B 45 0.17 -4.35 2.65
CA GLU B 45 0.45 -5.67 3.16
C GLU B 45 -0.58 -6.67 2.66
N LYS B 46 -1.84 -6.40 2.98
CA LYS B 46 -2.94 -7.31 2.67
C LYS B 46 -3.06 -7.61 1.17
N THR B 47 -3.08 -6.56 0.37
CA THR B 47 -3.31 -6.69 -1.07
C THR B 47 -2.17 -7.44 -1.75
N TYR B 48 -0.94 -7.06 -1.44
CA TYR B 48 0.22 -7.68 -2.07
C TYR B 48 0.34 -9.14 -1.65
N GLU B 49 0.17 -9.39 -0.36
CA GLU B 49 0.29 -10.74 0.19
C GLU B 49 -0.73 -11.66 -0.46
N ALA B 50 -1.97 -11.19 -0.53
CA ALA B 50 -3.07 -11.96 -1.12
C ALA B 50 -2.81 -12.26 -2.58
N TYR B 51 -2.44 -11.23 -3.36
CA TYR B 51 -2.19 -11.40 -4.79
C TYR B 51 -0.98 -12.28 -5.06
N ARG B 52 0.08 -12.10 -4.27
CA ARG B 52 1.26 -12.94 -4.41
C ARG B 52 0.92 -14.39 -4.13
N GLN B 53 0.23 -14.64 -3.04
CA GLN B 53 -0.16 -15.99 -2.66
C GLN B 53 -1.16 -16.56 -3.66
N LEU B 54 -2.07 -15.71 -4.15
CA LEU B 54 -3.03 -16.11 -5.16
C LEU B 54 -2.32 -16.62 -6.42
N ASP B 55 -1.37 -15.82 -6.89
CA ASP B 55 -0.62 -16.16 -8.09
C ASP B 55 0.29 -17.36 -7.83
N GLU B 56 0.93 -17.40 -6.66
CA GLU B 56 1.77 -18.53 -6.28
C GLU B 56 0.97 -19.81 -6.16
N PHE B 57 -0.19 -19.73 -5.52
CA PHE B 57 -1.09 -20.88 -5.42
C PHE B 57 -1.53 -21.30 -6.81
N ARG B 58 -1.74 -20.31 -7.68
CA ARG B 58 -2.13 -20.56 -9.06
C ARG B 58 -1.01 -21.28 -9.80
N LYS B 59 0.24 -20.96 -9.50
CA LYS B 59 1.38 -21.68 -10.08
C LYS B 59 1.34 -23.14 -9.63
N SER B 60 1.20 -23.32 -8.32
CA SER B 60 1.20 -24.64 -7.70
C SER B 60 0.04 -25.50 -8.22
N THR B 61 -1.12 -24.90 -8.40
CA THR B 61 -2.28 -25.65 -8.86
C THR B 61 -2.29 -25.82 -10.37
N ALA B 62 -1.61 -24.93 -11.09
CA ALA B 62 -1.60 -24.97 -12.54
C ALA B 62 -0.92 -26.23 -13.05
N SER B 63 0.18 -26.61 -12.39
CA SER B 63 0.90 -27.81 -12.76
C SER B 63 0.06 -29.08 -12.52
N LEU B 64 -0.65 -29.11 -11.39
CA LEU B 64 -1.50 -30.25 -11.05
C LEU B 64 -2.74 -30.29 -11.93
N GLU B 65 -3.29 -29.11 -12.20
CA GLU B 65 -4.45 -28.97 -13.07
C GLU B 65 -4.07 -29.29 -14.52
N HIS B 66 -2.77 -29.29 -14.74
CA HIS B 66 -2.20 -29.46 -16.05
C HIS B 66 -2.71 -28.36 -16.97
N HIS B 67 -2.58 -27.13 -16.48
CA HIS B 67 -2.99 -25.93 -17.21
C HIS B 67 -1.91 -25.58 -18.23
N HIS B 68 -1.56 -26.58 -19.04
CA HIS B 68 -0.44 -26.49 -19.98
C HIS B 68 -0.66 -25.36 -20.99
N HIS B 69 -1.92 -25.19 -21.39
CA HIS B 69 -2.29 -24.03 -22.20
C HIS B 69 -2.52 -22.87 -21.26
N HIS B 70 -1.47 -22.10 -21.03
CA HIS B 70 -1.44 -21.15 -19.92
C HIS B 70 -2.26 -19.90 -20.20
N HIS B 71 -3.15 -19.58 -19.28
CA HIS B 71 -3.92 -18.36 -19.29
C HIS B 71 -4.58 -18.20 -17.94
N MET A 1 23.43 19.17 16.11
CA MET A 1 24.59 20.07 16.10
C MET A 1 24.14 21.51 15.93
N SER A 2 23.66 21.84 14.73
CA SER A 2 23.17 23.18 14.44
C SER A 2 21.90 23.10 13.61
N GLU A 3 20.97 24.00 13.86
CA GLU A 3 19.71 24.02 13.14
C GLU A 3 19.46 25.40 12.54
N GLY A 4 19.10 25.40 11.27
CA GLY A 4 18.74 26.63 10.60
C GLY A 4 17.33 26.57 10.06
N ALA A 5 16.51 27.55 10.43
CA ALA A 5 15.10 27.57 10.04
C ALA A 5 14.95 27.53 8.53
N GLU A 6 15.96 28.03 7.83
CA GLU A 6 15.96 28.01 6.37
C GLU A 6 16.00 26.59 5.84
N GLU A 7 16.89 25.79 6.44
CA GLU A 7 17.02 24.39 6.08
C GLU A 7 15.79 23.62 6.54
N LEU A 8 15.28 23.99 7.69
CA LEU A 8 14.08 23.40 8.24
C LEU A 8 12.91 23.54 7.27
N LYS A 9 12.72 24.74 6.77
CA LYS A 9 11.64 25.00 5.81
C LYS A 9 11.89 24.27 4.50
N ALA A 10 13.14 24.25 4.07
CA ALA A 10 13.51 23.56 2.83
C ALA A 10 13.28 22.06 2.96
N LYS A 11 13.62 21.51 4.12
CA LYS A 11 13.45 20.10 4.38
C LYS A 11 11.97 19.76 4.41
N LEU A 12 11.19 20.56 5.13
CA LEU A 12 9.75 20.39 5.18
C LEU A 12 9.16 20.47 3.79
N LYS A 13 9.62 21.47 3.03
CA LYS A 13 9.20 21.64 1.65
C LYS A 13 9.46 20.39 0.84
N LYS A 14 10.69 19.90 0.92
CA LYS A 14 11.11 18.70 0.21
C LYS A 14 10.25 17.49 0.56
N LEU A 15 10.06 17.25 1.85
CA LEU A 15 9.23 16.14 2.31
C LEU A 15 7.77 16.35 1.87
N ASN A 16 7.30 17.58 2.00
CA ASN A 16 5.93 17.94 1.65
C ASN A 16 5.66 17.67 0.17
N ALA A 17 6.53 18.18 -0.69
CA ALA A 17 6.38 18.00 -2.12
C ALA A 17 6.53 16.53 -2.52
N GLN A 18 7.51 15.86 -1.92
CA GLN A 18 7.76 14.46 -2.20
C GLN A 18 6.55 13.60 -1.84
N ALA A 19 6.01 13.81 -0.65
CA ALA A 19 4.85 13.06 -0.20
C ALA A 19 3.66 13.33 -1.09
N THR A 20 3.54 14.57 -1.57
CA THR A 20 2.48 14.94 -2.50
C THR A 20 2.60 14.11 -3.78
N ALA A 21 3.82 14.00 -4.30
CA ALA A 21 4.09 13.22 -5.49
C ALA A 21 3.77 11.75 -5.26
N LEU A 22 4.22 11.21 -4.13
CA LEU A 22 3.97 9.81 -3.78
C LEU A 22 2.47 9.53 -3.65
N LYS A 23 1.73 10.51 -3.13
CA LYS A 23 0.28 10.35 -3.00
C LYS A 23 -0.37 10.30 -4.38
N MET A 24 0.05 11.20 -5.26
CA MET A 24 -0.48 11.27 -6.61
C MET A 24 -0.16 10.00 -7.39
N ASP A 25 1.04 9.47 -7.17
CA ASP A 25 1.47 8.23 -7.82
C ASP A 25 0.62 7.07 -7.31
N LEU A 26 0.49 6.97 -5.99
CA LEU A 26 -0.30 5.92 -5.36
C LEU A 26 -1.75 5.96 -5.85
N HIS A 27 -2.30 7.17 -5.93
CA HIS A 27 -3.67 7.35 -6.40
C HIS A 27 -3.82 6.89 -7.86
N ASP A 28 -2.77 7.13 -8.64
CA ASP A 28 -2.76 6.73 -10.06
C ASP A 28 -2.62 5.22 -10.19
N LEU A 29 -1.80 4.63 -9.34
CA LEU A 29 -1.60 3.18 -9.33
C LEU A 29 -2.85 2.47 -8.84
N ALA A 30 -3.56 3.09 -7.91
CA ALA A 30 -4.81 2.54 -7.41
C ALA A 30 -5.89 2.63 -8.47
N GLU A 31 -5.75 3.59 -9.38
CA GLU A 31 -6.67 3.74 -10.49
C GLU A 31 -6.33 2.73 -11.58
N ASP A 32 -5.05 2.60 -11.89
CA ASP A 32 -4.58 1.63 -12.87
C ASP A 32 -4.19 0.33 -12.16
N LEU A 33 -5.20 -0.42 -11.78
CA LEU A 33 -5.03 -1.65 -11.02
C LEU A 33 -4.82 -2.86 -11.93
N PRO A 34 -4.46 -4.02 -11.33
CA PRO A 34 -3.45 -4.92 -11.81
C PRO A 34 -2.82 -4.53 -13.15
N THR A 35 -1.52 -4.38 -13.03
CA THR A 35 -0.60 -3.97 -14.09
C THR A 35 0.75 -3.82 -13.43
N GLY A 36 0.79 -2.89 -12.48
CA GLY A 36 1.94 -2.70 -11.64
C GLY A 36 1.60 -2.96 -10.18
N TRP A 37 0.67 -3.89 -9.97
CA TRP A 37 0.24 -4.28 -8.63
C TRP A 37 1.40 -4.74 -7.75
N ASN A 38 2.50 -5.17 -8.37
CA ASN A 38 3.69 -5.54 -7.60
C ASN A 38 4.31 -4.32 -6.94
N ARG A 39 4.16 -3.18 -7.61
CA ARG A 39 4.74 -1.91 -7.15
C ARG A 39 3.88 -1.29 -6.04
N ILE A 40 2.71 -1.89 -5.81
CA ILE A 40 1.78 -1.44 -4.77
C ILE A 40 2.50 -1.34 -3.41
N MET A 41 3.34 -2.33 -3.12
CA MET A 41 4.10 -2.32 -1.88
C MET A 41 5.10 -1.19 -1.87
N GLU A 42 5.89 -1.10 -2.94
CA GLU A 42 6.93 -0.08 -3.06
C GLU A 42 6.38 1.33 -2.89
N VAL A 43 5.25 1.60 -3.52
CA VAL A 43 4.63 2.91 -3.41
C VAL A 43 4.14 3.15 -2.00
N ALA A 44 3.34 2.22 -1.48
CA ALA A 44 2.77 2.34 -0.13
C ALA A 44 3.86 2.54 0.91
N GLU A 45 4.96 1.83 0.74
CA GLU A 45 6.11 1.94 1.62
C GLU A 45 6.64 3.37 1.66
N LYS A 46 7.01 3.89 0.50
CA LYS A 46 7.62 5.21 0.43
C LYS A 46 6.61 6.32 0.67
N THR A 47 5.35 6.10 0.31
CA THR A 47 4.30 7.07 0.55
C THR A 47 4.06 7.27 2.05
N TYR A 48 3.85 6.18 2.77
CA TYR A 48 3.59 6.26 4.20
C TYR A 48 4.80 6.83 4.93
N GLU A 49 5.98 6.27 4.65
CA GLU A 49 7.21 6.72 5.27
C GLU A 49 7.48 8.20 4.98
N ALA A 50 7.06 8.67 3.82
CA ALA A 50 7.20 10.08 3.47
C ALA A 50 6.26 10.93 4.32
N TYR A 51 4.99 10.51 4.39
CA TYR A 51 3.99 11.25 5.14
C TYR A 51 4.23 11.19 6.64
N ARG A 52 4.75 10.07 7.12
CA ARG A 52 5.03 9.92 8.54
C ARG A 52 6.14 10.88 8.97
N GLN A 53 7.18 11.00 8.13
CA GLN A 53 8.28 11.92 8.38
C GLN A 53 7.79 13.34 8.17
N LEU A 54 6.93 13.52 7.17
CA LEU A 54 6.32 14.82 6.89
C LEU A 54 5.58 15.32 8.13
N ASP A 55 4.71 14.48 8.67
CA ASP A 55 3.88 14.86 9.82
C ASP A 55 4.76 15.06 11.06
N GLU A 56 5.81 14.26 11.18
CA GLU A 56 6.76 14.43 12.26
C GLU A 56 7.48 15.76 12.15
N PHE A 57 7.97 16.07 10.95
CA PHE A 57 8.63 17.34 10.70
C PHE A 57 7.62 18.47 10.85
N ARG A 58 6.40 18.19 10.44
CA ARG A 58 5.26 19.11 10.55
C ARG A 58 5.05 19.54 11.99
N LYS A 59 4.96 18.57 12.89
CA LYS A 59 4.71 18.86 14.30
C LYS A 59 5.92 19.53 14.93
N SER A 60 7.11 19.18 14.45
CA SER A 60 8.33 19.79 14.93
C SER A 60 8.42 21.25 14.51
N THR A 61 8.17 21.52 13.23
CA THR A 61 8.26 22.87 12.70
C THR A 61 7.07 23.73 13.16
N ALA A 62 5.93 23.09 13.40
CA ALA A 62 4.73 23.79 13.87
C ALA A 62 4.96 24.36 15.26
N SER A 63 5.87 23.76 15.99
CA SER A 63 6.22 24.24 17.32
C SER A 63 7.06 25.50 17.22
N LEU A 64 7.87 25.57 16.17
CA LEU A 64 8.73 26.73 15.93
C LEU A 64 7.91 27.85 15.31
N GLU A 65 7.03 27.49 14.39
CA GLU A 65 6.16 28.43 13.72
C GLU A 65 5.06 28.91 14.65
N HIS A 66 4.91 28.22 15.78
CA HIS A 66 3.90 28.52 16.78
C HIS A 66 2.52 28.30 16.18
N HIS A 67 2.14 27.02 16.10
CA HIS A 67 0.93 26.58 15.40
C HIS A 67 -0.31 27.38 15.81
N HIS A 68 -1.18 27.60 14.85
CA HIS A 68 -2.41 28.36 15.07
C HIS A 68 -3.49 27.43 15.62
N HIS A 69 -4.34 27.95 16.50
CA HIS A 69 -5.37 27.14 17.12
C HIS A 69 -6.66 27.95 17.30
N HIS A 70 -7.15 28.49 16.19
CA HIS A 70 -8.41 29.26 16.18
C HIS A 70 -8.25 30.63 16.82
N HIS A 71 -9.00 31.59 16.31
CA HIS A 71 -9.01 32.95 16.84
C HIS A 71 -10.23 33.69 16.31
N MET B 1 -4.15 -35.82 5.09
CA MET B 1 -5.61 -35.62 4.97
C MET B 1 -6.01 -35.60 3.51
N SER B 2 -7.28 -35.30 3.25
CA SER B 2 -7.78 -35.25 1.88
C SER B 2 -7.10 -34.14 1.10
N GLU B 3 -6.60 -34.48 -0.06
CA GLU B 3 -5.92 -33.52 -0.92
C GLU B 3 -6.42 -33.67 -2.35
N GLY B 4 -6.87 -32.58 -2.93
CA GLY B 4 -7.42 -32.62 -4.26
C GLY B 4 -8.13 -31.33 -4.62
N ALA B 5 -8.87 -31.36 -5.72
CA ALA B 5 -9.52 -30.18 -6.28
C ALA B 5 -10.46 -29.50 -5.28
N GLU B 6 -11.03 -30.27 -4.37
CA GLU B 6 -11.96 -29.72 -3.38
C GLU B 6 -11.26 -28.70 -2.49
N GLU B 7 -10.12 -29.11 -1.95
CA GLU B 7 -9.30 -28.24 -1.10
C GLU B 7 -8.80 -27.05 -1.91
N LEU B 8 -8.44 -27.33 -3.15
CA LEU B 8 -7.95 -26.30 -4.05
C LEU B 8 -9.04 -25.26 -4.32
N LYS B 9 -10.21 -25.73 -4.71
CA LYS B 9 -11.33 -24.87 -5.02
C LYS B 9 -11.78 -24.06 -3.82
N ALA B 10 -11.83 -24.70 -2.66
CA ALA B 10 -12.23 -24.03 -1.43
C ALA B 10 -11.26 -22.89 -1.11
N LYS B 11 -9.98 -23.16 -1.24
CA LYS B 11 -8.95 -22.15 -0.99
C LYS B 11 -9.00 -21.05 -2.05
N LEU B 12 -9.11 -21.48 -3.31
CA LEU B 12 -9.21 -20.55 -4.44
C LEU B 12 -10.36 -19.57 -4.24
N LYS B 13 -11.51 -20.11 -3.84
CA LYS B 13 -12.69 -19.30 -3.59
C LYS B 13 -12.39 -18.20 -2.59
N LYS B 14 -11.79 -18.58 -1.48
CA LYS B 14 -11.48 -17.65 -0.40
C LYS B 14 -10.50 -16.57 -0.87
N LEU B 15 -9.42 -17.01 -1.50
CA LEU B 15 -8.38 -16.09 -1.95
C LEU B 15 -8.87 -15.19 -3.07
N ASN B 16 -9.68 -15.76 -3.97
CA ASN B 16 -10.24 -15.00 -5.09
C ASN B 16 -11.10 -13.85 -4.55
N ALA B 17 -11.94 -14.17 -3.58
CA ALA B 17 -12.82 -13.19 -2.97
C ALA B 17 -12.01 -12.15 -2.19
N GLN B 18 -10.98 -12.62 -1.50
CA GLN B 18 -10.10 -11.74 -0.72
C GLN B 18 -9.41 -10.73 -1.63
N ALA B 19 -8.78 -11.22 -2.69
CA ALA B 19 -8.08 -10.37 -3.64
C ALA B 19 -9.03 -9.34 -4.26
N THR B 20 -10.25 -9.79 -4.52
CA THR B 20 -11.28 -8.93 -5.11
C THR B 20 -11.62 -7.76 -4.18
N ALA B 21 -11.81 -8.06 -2.90
CA ALA B 21 -12.19 -7.06 -1.91
C ALA B 21 -11.07 -6.07 -1.67
N LEU B 22 -9.87 -6.58 -1.45
CA LEU B 22 -8.70 -5.74 -1.15
C LEU B 22 -8.37 -4.80 -2.30
N LYS B 23 -8.53 -5.29 -3.53
CA LYS B 23 -8.21 -4.51 -4.72
C LYS B 23 -8.96 -3.18 -4.73
N MET B 24 -10.28 -3.26 -4.62
CA MET B 24 -11.11 -2.07 -4.70
C MET B 24 -11.05 -1.24 -3.43
N ASP B 25 -10.80 -1.89 -2.30
CA ASP B 25 -10.71 -1.19 -1.03
C ASP B 25 -9.51 -0.24 -1.04
N LEU B 26 -8.41 -0.71 -1.63
CA LEU B 26 -7.20 0.10 -1.78
C LEU B 26 -7.47 1.30 -2.68
N HIS B 27 -8.26 1.08 -3.72
CA HIS B 27 -8.66 2.16 -4.63
C HIS B 27 -9.37 3.28 -3.86
N ASP B 28 -10.37 2.90 -3.08
CA ASP B 28 -11.16 3.86 -2.32
C ASP B 28 -10.36 4.44 -1.17
N LEU B 29 -9.37 3.69 -0.70
CA LEU B 29 -8.44 4.18 0.31
C LEU B 29 -7.61 5.32 -0.25
N ALA B 30 -7.22 5.21 -1.53
CA ALA B 30 -6.48 6.26 -2.19
C ALA B 30 -7.35 7.49 -2.39
N GLU B 31 -8.65 7.29 -2.46
CA GLU B 31 -9.61 8.37 -2.53
C GLU B 31 -9.77 9.06 -1.18
N ASP B 32 -9.41 8.35 -0.12
CA ASP B 32 -9.53 8.87 1.24
C ASP B 32 -8.15 9.06 1.86
N LEU B 33 -7.17 9.24 1.00
CA LEU B 33 -5.78 9.43 1.40
C LEU B 33 -5.61 10.58 2.40
N PRO B 34 -4.41 10.71 3.02
CA PRO B 34 -4.16 11.25 4.34
C PRO B 34 -5.33 11.49 5.30
N THR B 35 -6.46 10.84 5.06
CA THR B 35 -7.51 10.75 6.06
C THR B 35 -7.43 9.38 6.72
N GLY B 36 -7.44 8.34 5.89
CA GLY B 36 -7.24 6.98 6.36
C GLY B 36 -5.87 6.46 5.96
N TRP B 37 -4.87 7.34 6.00
CA TRP B 37 -3.51 7.01 5.59
C TRP B 37 -2.86 6.01 6.54
N ASN B 38 -3.52 5.73 7.66
CA ASN B 38 -3.04 4.76 8.60
C ASN B 38 -3.31 3.34 8.11
N ARG B 39 -4.07 3.24 7.02
CA ARG B 39 -4.39 1.95 6.42
C ARG B 39 -3.53 1.69 5.19
N ILE B 40 -2.77 2.68 4.75
CA ILE B 40 -2.06 2.62 3.48
C ILE B 40 -1.22 1.36 3.35
N MET B 41 -0.36 1.12 4.33
CA MET B 41 0.54 -0.02 4.28
C MET B 41 -0.18 -1.31 4.64
N GLU B 42 -1.16 -1.21 5.51
CA GLU B 42 -1.91 -2.38 5.95
C GLU B 42 -2.70 -2.98 4.79
N VAL B 43 -3.56 -2.17 4.19
CA VAL B 43 -4.39 -2.62 3.10
C VAL B 43 -3.53 -3.08 1.93
N ALA B 44 -2.53 -2.28 1.56
CA ALA B 44 -1.65 -2.60 0.44
C ALA B 44 -0.93 -3.92 0.67
N GLU B 45 -0.45 -4.13 1.88
CA GLU B 45 0.27 -5.35 2.23
C GLU B 45 -0.61 -6.57 1.98
N LYS B 46 -1.80 -6.57 2.58
CA LYS B 46 -2.73 -7.70 2.44
C LYS B 46 -3.17 -7.87 0.99
N THR B 47 -3.34 -6.74 0.29
CA THR B 47 -3.71 -6.76 -1.11
C THR B 47 -2.66 -7.48 -1.95
N TYR B 48 -1.39 -7.10 -1.73
CA TYR B 48 -0.29 -7.73 -2.46
C TYR B 48 -0.16 -9.19 -2.07
N GLU B 49 -0.25 -9.47 -0.76
CA GLU B 49 -0.17 -10.84 -0.25
C GLU B 49 -1.19 -11.73 -0.93
N ALA B 50 -2.42 -11.24 -1.04
CA ALA B 50 -3.50 -12.00 -1.63
C ALA B 50 -3.18 -12.39 -3.07
N TYR B 51 -2.84 -11.42 -3.90
CA TYR B 51 -2.54 -11.67 -5.30
C TYR B 51 -1.25 -12.48 -5.45
N ARG B 52 -0.28 -12.20 -4.60
CA ARG B 52 0.99 -12.92 -4.63
C ARG B 52 0.78 -14.38 -4.31
N GLN B 53 0.10 -14.65 -3.19
CA GLN B 53 -0.21 -16.01 -2.77
C GLN B 53 -1.17 -16.66 -3.76
N LEU B 54 -2.05 -15.86 -4.36
CA LEU B 54 -3.00 -16.36 -5.34
C LEU B 54 -2.26 -16.94 -6.55
N ASP B 55 -1.23 -16.24 -7.01
CA ASP B 55 -0.42 -16.72 -8.12
C ASP B 55 0.39 -17.94 -7.70
N GLU B 56 0.88 -17.91 -6.47
CA GLU B 56 1.58 -19.06 -5.89
C GLU B 56 0.65 -20.26 -5.82
N PHE B 57 -0.59 -20.02 -5.41
CA PHE B 57 -1.63 -21.02 -5.40
C PHE B 57 -1.85 -21.59 -6.81
N ARG B 58 -1.97 -20.69 -7.77
CA ARG B 58 -2.23 -21.06 -9.15
C ARG B 58 -1.01 -21.78 -9.75
N LYS B 59 0.15 -21.48 -9.20
CA LYS B 59 1.39 -22.15 -9.57
C LYS B 59 1.43 -23.55 -8.97
N SER B 60 0.98 -23.66 -7.73
CA SER B 60 0.97 -24.92 -7.03
C SER B 60 -0.11 -25.85 -7.60
N THR B 61 -1.24 -25.28 -7.98
CA THR B 61 -2.30 -26.07 -8.58
C THR B 61 -1.92 -26.46 -10.02
N ALA B 62 -1.02 -25.69 -10.63
CA ALA B 62 -0.56 -25.98 -11.99
C ALA B 62 0.29 -27.23 -12.01
N SER B 63 1.10 -27.41 -10.97
CA SER B 63 1.94 -28.60 -10.85
C SER B 63 1.11 -29.85 -10.56
N LEU B 64 -0.13 -29.66 -10.15
CA LEU B 64 -1.03 -30.78 -9.88
C LEU B 64 -2.00 -31.01 -11.03
N GLU B 65 -2.52 -29.94 -11.59
CA GLU B 65 -3.52 -30.01 -12.66
C GLU B 65 -2.90 -30.45 -13.96
N HIS B 66 -1.58 -30.39 -14.02
CA HIS B 66 -0.84 -30.81 -15.19
C HIS B 66 0.41 -31.59 -14.76
N HIS B 67 1.40 -30.86 -14.27
CA HIS B 67 2.66 -31.46 -13.80
C HIS B 67 3.63 -30.34 -13.49
N HIS B 68 3.83 -29.48 -14.48
CA HIS B 68 4.63 -28.27 -14.33
C HIS B 68 4.19 -27.29 -15.41
N HIS B 69 3.83 -26.07 -14.99
CA HIS B 69 3.23 -25.07 -15.88
C HIS B 69 1.82 -25.51 -16.28
N HIS B 70 0.84 -24.65 -16.05
CA HIS B 70 -0.58 -25.00 -16.25
C HIS B 70 -0.79 -25.61 -17.64
N HIS B 71 -0.38 -24.90 -18.66
CA HIS B 71 -0.35 -25.44 -20.02
C HIS B 71 0.87 -24.91 -20.75
N MET A 1 21.65 18.54 14.86
CA MET A 1 20.43 19.28 15.24
C MET A 1 20.34 20.58 14.45
N SER A 2 19.55 20.57 13.38
CA SER A 2 19.44 21.73 12.51
C SER A 2 18.28 22.62 12.95
N GLU A 3 18.35 23.90 12.59
CA GLU A 3 17.34 24.87 12.96
C GLU A 3 17.28 25.98 11.92
N GLY A 4 16.41 26.95 12.15
CA GLY A 4 16.28 28.06 11.23
C GLY A 4 15.18 27.83 10.20
N ALA A 5 14.59 28.92 9.73
CA ALA A 5 13.52 28.83 8.74
C ALA A 5 14.07 28.39 7.40
N GLU A 6 15.36 28.63 7.19
CA GLU A 6 16.04 28.21 5.98
C GLU A 6 16.01 26.70 5.87
N GLU A 7 16.47 26.06 6.93
CA GLU A 7 16.50 24.61 7.03
C GLU A 7 15.08 24.05 6.88
N LEU A 8 14.14 24.72 7.53
CA LEU A 8 12.75 24.31 7.52
C LEU A 8 12.21 24.29 6.09
N LYS A 9 12.40 25.40 5.39
CA LYS A 9 11.87 25.57 4.05
C LYS A 9 12.62 24.70 3.05
N ALA A 10 13.90 24.48 3.29
CA ALA A 10 14.72 23.65 2.42
C ALA A 10 14.31 22.18 2.54
N LYS A 11 14.03 21.76 3.77
CA LYS A 11 13.61 20.39 4.00
C LYS A 11 12.17 20.20 3.55
N LEU A 12 11.33 21.20 3.82
CA LEU A 12 9.94 21.17 3.37
C LEU A 12 9.87 21.04 1.86
N LYS A 13 10.76 21.76 1.17
CA LYS A 13 10.87 21.67 -0.29
C LYS A 13 11.02 20.20 -0.72
N LYS A 14 11.94 19.51 -0.06
CA LYS A 14 12.20 18.11 -0.34
C LYS A 14 11.00 17.24 0.05
N LEU A 15 10.54 17.39 1.28
CA LEU A 15 9.46 16.57 1.81
C LEU A 15 8.17 16.74 1.02
N ASN A 16 7.88 17.99 0.63
CA ASN A 16 6.64 18.29 -0.09
C ASN A 16 6.60 17.56 -1.42
N ALA A 17 7.66 17.72 -2.21
CA ALA A 17 7.75 17.10 -3.52
C ALA A 17 7.68 15.59 -3.42
N GLN A 18 8.38 15.05 -2.42
CA GLN A 18 8.40 13.62 -2.19
C GLN A 18 7.02 13.10 -1.83
N ALA A 19 6.37 13.74 -0.87
CA ALA A 19 5.06 13.33 -0.41
C ALA A 19 4.04 13.41 -1.54
N THR A 20 4.05 14.51 -2.29
CA THR A 20 3.13 14.71 -3.39
C THR A 20 3.31 13.64 -4.47
N ALA A 21 4.56 13.33 -4.80
CA ALA A 21 4.86 12.35 -5.84
C ALA A 21 4.25 10.99 -5.50
N LEU A 22 4.58 10.48 -4.31
CA LEU A 22 4.06 9.18 -3.88
C LEU A 22 2.55 9.24 -3.70
N LYS A 23 2.06 10.37 -3.20
CA LYS A 23 0.63 10.57 -2.97
C LYS A 23 -0.19 10.34 -4.24
N MET A 24 0.23 10.99 -5.33
CA MET A 24 -0.50 10.91 -6.58
C MET A 24 -0.26 9.57 -7.28
N ASP A 25 0.97 9.07 -7.21
CA ASP A 25 1.33 7.85 -7.93
C ASP A 25 0.65 6.64 -7.33
N LEU A 26 0.67 6.54 -6.00
CA LEU A 26 0.06 5.41 -5.30
C LEU A 26 -1.44 5.34 -5.56
N HIS A 27 -2.06 6.51 -5.68
CA HIS A 27 -3.49 6.61 -5.97
C HIS A 27 -3.82 5.86 -7.26
N ASP A 28 -3.07 6.17 -8.32
CA ASP A 28 -3.28 5.54 -9.61
C ASP A 28 -2.74 4.11 -9.61
N LEU A 29 -1.69 3.88 -8.85
CA LEU A 29 -1.07 2.56 -8.76
C LEU A 29 -2.02 1.54 -8.15
N ALA A 30 -2.76 1.96 -7.14
CA ALA A 30 -3.74 1.10 -6.49
C ALA A 30 -4.86 0.73 -7.43
N GLU A 31 -5.12 1.59 -8.41
CA GLU A 31 -6.15 1.32 -9.40
C GLU A 31 -5.57 0.46 -10.53
N ASP A 32 -4.25 0.51 -10.68
CA ASP A 32 -3.54 -0.31 -11.67
C ASP A 32 -3.13 -1.63 -11.04
N LEU A 33 -4.12 -2.34 -10.53
CA LEU A 33 -3.92 -3.62 -9.85
C LEU A 33 -3.36 -4.69 -10.79
N PRO A 34 -2.90 -5.85 -10.23
CA PRO A 34 -1.90 -6.77 -10.77
C PRO A 34 -1.07 -6.35 -11.99
N THR A 35 -0.97 -5.06 -12.28
CA THR A 35 -0.01 -4.57 -13.26
C THR A 35 1.14 -3.88 -12.54
N GLY A 36 0.86 -2.74 -11.93
CA GLY A 36 1.85 -2.06 -11.11
C GLY A 36 1.90 -2.62 -9.70
N TRP A 37 1.06 -3.63 -9.47
CA TRP A 37 0.96 -4.33 -8.19
C TRP A 37 2.32 -4.81 -7.72
N ASN A 38 3.17 -5.18 -8.67
CA ASN A 38 4.50 -5.70 -8.38
C ASN A 38 5.30 -4.74 -7.50
N ARG A 39 4.97 -3.45 -7.60
CA ARG A 39 5.76 -2.42 -6.93
C ARG A 39 4.95 -1.71 -5.84
N ILE A 40 3.71 -2.16 -5.63
CA ILE A 40 2.81 -1.50 -4.69
C ILE A 40 3.39 -1.42 -3.27
N MET A 41 3.90 -2.53 -2.76
CA MET A 41 4.39 -2.59 -1.39
C MET A 41 5.52 -1.60 -1.16
N GLU A 42 6.42 -1.48 -2.12
CA GLU A 42 7.53 -0.53 -2.02
C GLU A 42 7.02 0.89 -1.99
N VAL A 43 6.16 1.20 -2.95
CA VAL A 43 5.58 2.54 -3.05
C VAL A 43 4.79 2.89 -1.79
N ALA A 44 3.94 1.98 -1.33
CA ALA A 44 3.14 2.19 -0.13
C ALA A 44 4.04 2.44 1.07
N GLU A 45 5.13 1.68 1.16
CA GLU A 45 6.12 1.85 2.22
C GLU A 45 6.65 3.28 2.23
N LYS A 46 7.18 3.70 1.08
CA LYS A 46 7.78 5.03 0.97
C LYS A 46 6.74 6.13 1.11
N THR A 47 5.54 5.89 0.62
CA THR A 47 4.45 6.85 0.76
C THR A 47 4.13 7.06 2.24
N TYR A 48 4.00 5.96 2.97
CA TYR A 48 3.68 6.02 4.38
C TYR A 48 4.81 6.68 5.16
N GLU A 49 6.04 6.24 4.88
CA GLU A 49 7.23 6.79 5.54
C GLU A 49 7.40 8.28 5.25
N ALA A 50 7.24 8.67 4.00
CA ALA A 50 7.38 10.08 3.62
C ALA A 50 6.32 10.92 4.32
N TYR A 51 5.10 10.43 4.35
CA TYR A 51 4.00 11.16 4.94
C TYR A 51 4.10 11.17 6.46
N ARG A 52 4.53 10.05 7.05
CA ARG A 52 4.67 9.96 8.49
C ARG A 52 5.79 10.88 8.98
N GLN A 53 6.86 10.96 8.19
CA GLN A 53 7.97 11.85 8.48
C GLN A 53 7.54 13.30 8.28
N LEU A 54 6.77 13.55 7.24
CA LEU A 54 6.24 14.88 6.97
C LEU A 54 5.32 15.33 8.09
N ASP A 55 4.44 14.45 8.53
CA ASP A 55 3.50 14.74 9.60
C ASP A 55 4.25 15.00 10.90
N GLU A 56 5.23 14.15 11.20
CA GLU A 56 6.09 14.32 12.35
C GLU A 56 6.86 15.65 12.27
N PHE A 57 7.36 15.96 11.09
CA PHE A 57 8.08 17.20 10.86
C PHE A 57 7.16 18.41 11.08
N ARG A 58 5.93 18.28 10.59
CA ARG A 58 4.92 19.31 10.73
C ARG A 58 4.53 19.49 12.19
N LYS A 59 4.39 18.36 12.88
CA LYS A 59 4.10 18.36 14.31
C LYS A 59 5.22 19.06 15.08
N SER A 60 6.45 18.70 14.74
CA SER A 60 7.63 19.23 15.42
C SER A 60 7.71 20.76 15.28
N THR A 61 7.60 21.24 14.05
CA THR A 61 7.71 22.67 13.79
C THR A 61 6.55 23.43 14.41
N ALA A 62 5.37 22.81 14.46
CA ALA A 62 4.20 23.42 15.08
C ALA A 62 4.42 23.57 16.58
N SER A 63 5.09 22.59 17.17
CA SER A 63 5.42 22.63 18.58
C SER A 63 6.47 23.70 18.85
N LEU A 64 7.39 23.85 17.90
CA LEU A 64 8.46 24.83 17.99
C LEU A 64 7.88 26.25 17.91
N GLU A 65 6.84 26.41 17.10
CA GLU A 65 6.17 27.69 16.95
C GLU A 65 5.43 28.10 18.21
N HIS A 66 5.24 27.14 19.11
CA HIS A 66 4.65 27.41 20.40
C HIS A 66 5.74 27.66 21.43
N HIS A 67 6.68 26.72 21.50
CA HIS A 67 7.91 26.85 22.30
C HIS A 67 7.65 26.77 23.80
N HIS A 68 6.60 27.44 24.27
CA HIS A 68 6.32 27.52 25.70
C HIS A 68 5.83 26.18 26.24
N HIS A 69 6.78 25.37 26.69
CA HIS A 69 6.45 24.13 27.37
C HIS A 69 6.39 24.43 28.86
N HIS A 70 7.11 25.48 29.25
CA HIS A 70 7.14 26.01 30.62
C HIS A 70 7.77 25.02 31.59
N HIS A 71 7.07 23.95 31.91
CA HIS A 71 7.56 22.96 32.85
C HIS A 71 8.34 21.89 32.10
N MET B 1 -0.27 -28.14 -0.16
CA MET B 1 -1.20 -28.12 1.00
C MET B 1 -2.05 -29.38 1.00
N SER B 2 -2.95 -29.49 0.03
CA SER B 2 -3.73 -30.69 -0.17
C SER B 2 -3.98 -30.89 -1.65
N GLU B 3 -3.75 -32.11 -2.12
CA GLU B 3 -3.91 -32.42 -3.53
C GLU B 3 -5.32 -32.92 -3.78
N GLY B 4 -6.11 -32.06 -4.38
CA GLY B 4 -7.49 -32.36 -4.66
C GLY B 4 -8.25 -31.14 -5.13
N ALA B 5 -9.18 -31.35 -6.05
CA ALA B 5 -9.96 -30.26 -6.65
C ALA B 5 -10.75 -29.49 -5.59
N GLU B 6 -11.13 -30.17 -4.51
CA GLU B 6 -11.97 -29.56 -3.49
C GLU B 6 -11.23 -28.44 -2.76
N GLU B 7 -10.07 -28.76 -2.20
CA GLU B 7 -9.26 -27.75 -1.53
C GLU B 7 -8.88 -26.66 -2.51
N LEU B 8 -8.54 -27.09 -3.72
CA LEU B 8 -8.10 -26.20 -4.78
C LEU B 8 -9.20 -25.19 -5.13
N LYS B 9 -10.42 -25.68 -5.30
CA LYS B 9 -11.52 -24.85 -5.74
C LYS B 9 -12.04 -23.98 -4.60
N ALA B 10 -12.16 -24.56 -3.42
CA ALA B 10 -12.58 -23.80 -2.25
C ALA B 10 -11.56 -22.73 -1.92
N LYS B 11 -10.28 -23.04 -2.12
CA LYS B 11 -9.21 -22.11 -1.85
C LYS B 11 -9.18 -21.01 -2.89
N LEU B 12 -9.33 -21.39 -4.16
CA LEU B 12 -9.38 -20.41 -5.24
C LEU B 12 -10.50 -19.41 -4.98
N LYS B 13 -11.67 -19.94 -4.64
CA LYS B 13 -12.82 -19.10 -4.33
C LYS B 13 -12.49 -18.18 -3.15
N LYS B 14 -11.95 -18.75 -2.08
CA LYS B 14 -11.60 -18.01 -0.89
C LYS B 14 -10.56 -16.92 -1.19
N LEU B 15 -9.47 -17.30 -1.85
CA LEU B 15 -8.38 -16.38 -2.15
C LEU B 15 -8.83 -15.28 -3.10
N ASN B 16 -9.60 -15.66 -4.12
CA ASN B 16 -10.11 -14.70 -5.10
C ASN B 16 -11.06 -13.71 -4.43
N ALA B 17 -11.96 -14.23 -3.59
CA ALA B 17 -12.90 -13.41 -2.85
C ALA B 17 -12.17 -12.46 -1.91
N GLN B 18 -11.10 -12.97 -1.30
CA GLN B 18 -10.28 -12.18 -0.41
C GLN B 18 -9.62 -11.03 -1.17
N ALA B 19 -9.06 -11.35 -2.32
CA ALA B 19 -8.40 -10.36 -3.16
C ALA B 19 -9.37 -9.27 -3.59
N THR B 20 -10.59 -9.67 -3.95
CA THR B 20 -11.61 -8.73 -4.34
C THR B 20 -12.01 -7.82 -3.17
N ALA B 21 -11.98 -8.37 -1.97
CA ALA B 21 -12.26 -7.60 -0.77
C ALA B 21 -11.20 -6.53 -0.57
N LEU B 22 -9.93 -6.92 -0.71
CA LEU B 22 -8.82 -5.98 -0.59
C LEU B 22 -8.84 -4.97 -1.73
N LYS B 23 -9.30 -5.40 -2.89
CA LYS B 23 -9.42 -4.53 -4.06
C LYS B 23 -10.26 -3.30 -3.72
N MET B 24 -11.43 -3.53 -3.14
CA MET B 24 -12.36 -2.45 -2.85
C MET B 24 -11.89 -1.64 -1.64
N ASP B 25 -11.24 -2.30 -0.69
CA ASP B 25 -10.69 -1.59 0.47
C ASP B 25 -9.57 -0.66 0.06
N LEU B 26 -8.67 -1.16 -0.77
CA LEU B 26 -7.51 -0.38 -1.22
C LEU B 26 -7.94 0.76 -2.14
N HIS B 27 -8.83 0.47 -3.08
CA HIS B 27 -9.30 1.49 -4.01
C HIS B 27 -10.07 2.57 -3.26
N ASP B 28 -10.87 2.15 -2.29
CA ASP B 28 -11.58 3.09 -1.41
C ASP B 28 -10.58 3.96 -0.68
N LEU B 29 -9.54 3.34 -0.16
CA LEU B 29 -8.51 4.02 0.59
C LEU B 29 -7.77 5.04 -0.28
N ALA B 30 -7.57 4.67 -1.55
CA ALA B 30 -6.91 5.54 -2.51
C ALA B 30 -7.75 6.78 -2.78
N GLU B 31 -9.07 6.59 -2.85
CA GLU B 31 -10.00 7.69 -3.05
C GLU B 31 -10.12 8.51 -1.77
N ASP B 32 -9.85 7.86 -0.64
CA ASP B 32 -10.04 8.45 0.68
C ASP B 32 -8.72 8.99 1.24
N LEU B 33 -7.80 9.34 0.33
CA LEU B 33 -6.54 10.01 0.68
C LEU B 33 -6.75 11.11 1.74
N PRO B 34 -5.63 11.63 2.33
CA PRO B 34 -5.52 12.10 3.69
C PRO B 34 -6.71 11.83 4.62
N THR B 35 -6.34 11.36 5.83
CA THR B 35 -7.25 10.74 6.79
C THR B 35 -7.17 9.22 6.67
N GLY B 36 -7.20 8.73 5.44
CA GLY B 36 -7.05 7.30 5.21
C GLY B 36 -5.59 6.90 5.06
N TRP B 37 -4.70 7.90 5.03
CA TRP B 37 -3.28 7.63 4.76
C TRP B 37 -2.64 6.80 5.87
N ASN B 38 -3.22 6.86 7.06
CA ASN B 38 -2.70 6.11 8.20
C ASN B 38 -2.96 4.61 8.03
N ARG B 39 -3.90 4.30 7.15
CA ARG B 39 -4.37 2.94 6.95
C ARG B 39 -3.68 2.31 5.74
N ILE B 40 -2.91 3.12 5.02
CA ILE B 40 -2.32 2.72 3.73
C ILE B 40 -1.43 1.49 3.86
N MET B 41 -0.48 1.51 4.78
CA MET B 41 0.53 0.46 4.87
C MET B 41 -0.10 -0.91 5.13
N GLU B 42 -1.05 -0.97 6.07
CA GLU B 42 -1.67 -2.23 6.43
C GLU B 42 -2.50 -2.80 5.29
N VAL B 43 -3.35 -1.95 4.71
CA VAL B 43 -4.23 -2.36 3.62
C VAL B 43 -3.41 -2.77 2.39
N ALA B 44 -2.44 -1.95 2.02
CA ALA B 44 -1.61 -2.23 0.85
C ALA B 44 -0.82 -3.53 1.04
N GLU B 45 -0.35 -3.75 2.26
CA GLU B 45 0.34 -4.98 2.60
C GLU B 45 -0.54 -6.19 2.34
N LYS B 46 -1.72 -6.20 2.95
CA LYS B 46 -2.66 -7.30 2.82
C LYS B 46 -3.11 -7.47 1.38
N THR B 47 -3.30 -6.36 0.67
CA THR B 47 -3.70 -6.40 -0.73
C THR B 47 -2.60 -7.06 -1.57
N TYR B 48 -1.37 -6.62 -1.37
CA TYR B 48 -0.23 -7.19 -2.08
C TYR B 48 -0.12 -8.68 -1.76
N GLU B 49 -0.20 -9.00 -0.48
CA GLU B 49 -0.12 -10.39 -0.02
C GLU B 49 -1.19 -11.27 -0.65
N ALA B 50 -2.44 -10.81 -0.63
CA ALA B 50 -3.55 -11.58 -1.17
C ALA B 50 -3.36 -11.84 -2.66
N TYR B 51 -2.99 -10.81 -3.41
CA TYR B 51 -2.80 -10.96 -4.84
C TYR B 51 -1.55 -11.76 -5.15
N ARG B 52 -0.52 -11.65 -4.31
CA ARG B 52 0.67 -12.47 -4.47
C ARG B 52 0.33 -13.92 -4.20
N GLN B 53 -0.40 -14.17 -3.12
CA GLN B 53 -0.82 -15.52 -2.77
C GLN B 53 -1.75 -16.09 -3.84
N LEU B 54 -2.55 -15.23 -4.46
CA LEU B 54 -3.41 -15.64 -5.56
C LEU B 54 -2.54 -16.05 -6.74
N ASP B 55 -1.54 -15.23 -7.04
CA ASP B 55 -0.60 -15.52 -8.12
C ASP B 55 0.20 -16.78 -7.80
N GLU B 56 0.62 -16.92 -6.55
CA GLU B 56 1.37 -18.08 -6.09
C GLU B 56 0.53 -19.35 -6.18
N PHE B 57 -0.73 -19.25 -5.77
CA PHE B 57 -1.64 -20.39 -5.85
C PHE B 57 -1.87 -20.76 -7.31
N ARG B 58 -2.03 -19.74 -8.15
CA ARG B 58 -2.20 -19.94 -9.59
C ARG B 58 -0.93 -20.56 -10.16
N LYS B 59 0.20 -19.99 -9.80
CA LYS B 59 1.50 -20.46 -10.26
C LYS B 59 1.68 -21.93 -9.96
N SER B 60 1.32 -22.32 -8.74
CA SER B 60 1.46 -23.69 -8.31
C SER B 60 0.52 -24.61 -9.08
N THR B 61 -0.75 -24.24 -9.15
CA THR B 61 -1.74 -25.10 -9.77
C THR B 61 -1.57 -25.16 -11.29
N ALA B 62 -1.18 -24.05 -11.91
CA ALA B 62 -1.02 -24.00 -13.35
C ALA B 62 0.17 -24.83 -13.81
N SER B 63 1.16 -24.95 -12.94
CA SER B 63 2.37 -25.71 -13.25
C SER B 63 2.15 -27.21 -13.02
N LEU B 64 1.02 -27.56 -12.43
CA LEU B 64 0.68 -28.95 -12.19
C LEU B 64 -0.56 -29.36 -13.01
N GLU B 65 -1.37 -28.39 -13.38
CA GLU B 65 -2.58 -28.66 -14.15
C GLU B 65 -2.28 -28.67 -15.64
N HIS B 66 -0.99 -28.55 -15.97
CA HIS B 66 -0.50 -28.67 -17.35
C HIS B 66 -0.84 -27.41 -18.15
N HIS B 67 -1.04 -26.30 -17.42
CA HIS B 67 -1.48 -25.02 -18.03
C HIS B 67 -2.90 -25.14 -18.58
N HIS B 68 -3.55 -24.00 -18.78
CA HIS B 68 -4.95 -23.95 -19.18
C HIS B 68 -5.82 -24.51 -18.05
N HIS B 69 -6.43 -23.62 -17.29
CA HIS B 69 -7.27 -24.03 -16.18
C HIS B 69 -8.56 -24.63 -16.73
N HIS B 70 -8.86 -25.85 -16.30
CA HIS B 70 -10.05 -26.58 -16.78
C HIS B 70 -11.29 -25.69 -16.68
N HIS B 71 -11.52 -25.19 -15.47
CA HIS B 71 -12.57 -24.22 -15.24
C HIS B 71 -12.31 -23.53 -13.92
N MET A 1 22.31 28.52 17.32
CA MET A 1 22.50 27.09 17.68
C MET A 1 23.12 26.33 16.51
N SER A 2 23.49 25.09 16.74
CA SER A 2 24.15 24.29 15.72
C SER A 2 23.16 23.76 14.69
N GLU A 3 21.90 24.00 14.94
CA GLU A 3 20.83 23.66 14.02
C GLU A 3 19.74 24.71 14.11
N GLY A 4 19.28 25.18 12.96
CA GLY A 4 18.29 26.25 12.95
C GLY A 4 17.30 26.13 11.82
N ALA A 5 16.53 27.20 11.61
CA ALA A 5 15.44 27.22 10.64
C ALA A 5 15.95 27.16 9.20
N GLU A 6 17.20 27.52 8.96
CA GLU A 6 17.74 27.49 7.59
C GLU A 6 17.74 26.08 7.02
N GLU A 7 18.30 25.15 7.77
CA GLU A 7 18.31 23.74 7.38
C GLU A 7 16.91 23.18 7.46
N LEU A 8 16.17 23.65 8.45
CA LEU A 8 14.82 23.23 8.68
C LEU A 8 13.93 23.56 7.47
N LYS A 9 14.14 24.74 6.91
CA LYS A 9 13.38 25.20 5.76
C LYS A 9 13.72 24.40 4.52
N ALA A 10 15.00 24.05 4.37
CA ALA A 10 15.44 23.21 3.27
C ALA A 10 14.94 21.78 3.45
N LYS A 11 14.87 21.36 4.70
CA LYS A 11 14.33 20.06 5.06
C LYS A 11 12.84 20.02 4.72
N LEU A 12 12.12 21.07 5.12
CA LEU A 12 10.70 21.19 4.80
C LEU A 12 10.51 21.27 3.29
N LYS A 13 11.39 22.01 2.63
CA LYS A 13 11.39 22.10 1.17
C LYS A 13 11.41 20.72 0.55
N LYS A 14 12.32 19.90 1.04
CA LYS A 14 12.47 18.53 0.56
C LYS A 14 11.20 17.72 0.80
N LEU A 15 10.70 17.76 2.03
CA LEU A 15 9.51 17.00 2.41
C LEU A 15 8.28 17.46 1.65
N ASN A 16 8.11 18.78 1.58
CA ASN A 16 6.95 19.38 0.92
C ASN A 16 6.83 18.89 -0.52
N ALA A 17 7.93 18.98 -1.26
CA ALA A 17 7.94 18.56 -2.65
C ALA A 17 7.75 17.06 -2.79
N GLN A 18 8.38 16.29 -1.90
CA GLN A 18 8.31 14.84 -1.96
C GLN A 18 6.90 14.35 -1.68
N ALA A 19 6.30 14.85 -0.60
CA ALA A 19 4.97 14.43 -0.20
C ALA A 19 3.93 14.77 -1.28
N THR A 20 4.07 15.94 -1.87
CA THR A 20 3.14 16.40 -2.89
C THR A 20 3.28 15.56 -4.17
N ALA A 21 4.51 15.18 -4.50
CA ALA A 21 4.78 14.37 -5.68
C ALA A 21 4.17 12.97 -5.53
N LEU A 22 4.51 12.30 -4.43
CA LEU A 22 4.01 10.95 -4.18
C LEU A 22 2.50 10.94 -3.99
N LYS A 23 1.97 12.05 -3.50
CA LYS A 23 0.53 12.21 -3.31
C LYS A 23 -0.20 12.01 -4.63
N MET A 24 0.34 12.59 -5.69
CA MET A 24 -0.24 12.45 -7.03
C MET A 24 0.10 11.08 -7.61
N ASP A 25 1.31 10.61 -7.34
CA ASP A 25 1.79 9.33 -7.87
C ASP A 25 0.90 8.18 -7.39
N LEU A 26 0.57 8.23 -6.09
CA LEU A 26 -0.28 7.20 -5.48
C LEU A 26 -1.65 7.16 -6.15
N HIS A 27 -2.24 8.34 -6.37
CA HIS A 27 -3.56 8.41 -7.00
C HIS A 27 -3.49 7.88 -8.43
N ASP A 28 -2.41 8.18 -9.13
CA ASP A 28 -2.22 7.69 -10.48
C ASP A 28 -2.12 6.16 -10.48
N LEU A 29 -1.39 5.63 -9.51
CA LEU A 29 -1.23 4.19 -9.39
C LEU A 29 -2.57 3.52 -9.08
N ALA A 30 -3.41 4.21 -8.31
CA ALA A 30 -4.74 3.70 -7.96
C ALA A 30 -5.59 3.51 -9.22
N GLU A 31 -5.46 4.42 -10.16
CA GLU A 31 -6.17 4.33 -11.43
C GLU A 31 -5.43 3.40 -12.40
N ASP A 32 -4.13 3.23 -12.16
CA ASP A 32 -3.30 2.41 -13.04
C ASP A 32 -3.28 0.95 -12.56
N LEU A 33 -4.22 0.63 -11.67
CA LEU A 33 -4.50 -0.74 -11.28
C LEU A 33 -4.87 -1.58 -12.49
N PRO A 34 -5.02 -2.91 -12.29
CA PRO A 34 -4.43 -3.94 -13.09
C PRO A 34 -3.37 -3.46 -14.08
N THR A 35 -2.22 -4.13 -13.97
CA THR A 35 -1.00 -3.83 -14.73
C THR A 35 -0.06 -2.97 -13.88
N GLY A 36 -0.60 -2.39 -12.80
CA GLY A 36 0.21 -1.59 -11.90
C GLY A 36 0.26 -2.17 -10.50
N TRP A 37 0.10 -3.48 -10.37
CA TRP A 37 0.07 -4.13 -9.07
C TRP A 37 1.45 -4.15 -8.41
N ASN A 38 2.49 -4.36 -9.22
CA ASN A 38 3.83 -4.61 -8.69
C ASN A 38 4.45 -3.36 -8.07
N ARG A 39 3.83 -2.21 -8.33
CA ARG A 39 4.36 -0.95 -7.83
C ARG A 39 3.68 -0.55 -6.53
N ILE A 40 2.62 -1.27 -6.18
CA ILE A 40 1.79 -0.93 -5.02
C ILE A 40 2.60 -0.78 -3.74
N MET A 41 3.44 -1.77 -3.42
CA MET A 41 4.19 -1.76 -2.17
C MET A 41 5.09 -0.54 -2.07
N GLU A 42 5.77 -0.20 -3.16
CA GLU A 42 6.70 0.92 -3.17
C GLU A 42 5.97 2.23 -2.94
N VAL A 43 5.02 2.51 -3.82
CA VAL A 43 4.28 3.77 -3.79
C VAL A 43 3.49 3.91 -2.49
N ALA A 44 2.89 2.80 -2.03
CA ALA A 44 2.13 2.83 -0.79
C ALA A 44 3.02 3.18 0.39
N GLU A 45 4.21 2.58 0.44
CA GLU A 45 5.14 2.86 1.52
C GLU A 45 5.61 4.30 1.46
N LYS A 46 6.17 4.68 0.31
CA LYS A 46 6.76 5.99 0.13
C LYS A 46 5.77 7.12 0.39
N THR A 47 4.58 7.00 -0.18
CA THR A 47 3.58 8.05 -0.04
C THR A 47 3.08 8.14 1.42
N TYR A 48 2.82 6.98 2.02
CA TYR A 48 2.38 6.95 3.42
C TYR A 48 3.46 7.54 4.32
N GLU A 49 4.68 7.09 4.13
CA GLU A 49 5.81 7.54 4.94
C GLU A 49 6.12 9.01 4.72
N ALA A 50 6.10 9.46 3.47
CA ALA A 50 6.41 10.86 3.14
C ALA A 50 5.42 11.81 3.79
N TYR A 51 4.14 11.50 3.70
CA TYR A 51 3.11 12.33 4.31
C TYR A 51 3.25 12.29 5.82
N ARG A 52 3.68 11.14 6.34
CA ARG A 52 3.94 10.98 7.76
C ARG A 52 5.18 11.78 8.17
N GLN A 53 6.22 11.71 7.35
CA GLN A 53 7.45 12.46 7.61
C GLN A 53 7.17 13.96 7.66
N LEU A 54 6.19 14.39 6.88
CA LEU A 54 5.74 15.78 6.94
C LEU A 54 5.13 16.07 8.32
N ASP A 55 4.44 15.08 8.87
CA ASP A 55 3.90 15.17 10.24
C ASP A 55 5.03 15.08 11.26
N GLU A 56 6.02 14.23 10.97
CA GLU A 56 7.23 14.15 11.77
C GLU A 56 7.88 15.53 11.88
N PHE A 57 7.86 16.25 10.77
CA PHE A 57 8.36 17.62 10.74
C PHE A 57 7.53 18.50 11.68
N ARG A 58 6.21 18.31 11.64
CA ARG A 58 5.31 19.06 12.50
C ARG A 58 5.62 18.78 13.97
N LYS A 59 5.83 17.50 14.29
CA LYS A 59 6.21 17.09 15.63
C LYS A 59 7.52 17.75 16.05
N SER A 60 8.53 17.62 15.19
CA SER A 60 9.86 18.12 15.48
C SER A 60 9.87 19.63 15.66
N THR A 61 9.28 20.33 14.72
CA THR A 61 9.28 21.79 14.71
C THR A 61 8.54 22.37 15.90
N ALA A 62 7.36 21.83 16.17
CA ALA A 62 6.52 22.35 17.24
C ALA A 62 7.18 22.14 18.60
N SER A 63 7.82 20.99 18.79
CA SER A 63 8.45 20.68 20.05
C SER A 63 9.77 21.43 20.21
N LEU A 64 10.40 21.74 19.08
CA LEU A 64 11.67 22.45 19.09
C LEU A 64 11.43 23.93 19.32
N GLU A 65 10.40 24.47 18.69
CA GLU A 65 10.09 25.89 18.82
C GLU A 65 9.29 26.13 20.08
N HIS A 66 8.83 25.02 20.67
CA HIS A 66 8.06 25.03 21.92
C HIS A 66 6.66 25.59 21.67
N HIS A 67 6.25 25.59 20.42
CA HIS A 67 4.90 26.01 20.05
C HIS A 67 4.13 24.82 19.50
N HIS A 68 3.39 24.15 20.37
CA HIS A 68 2.63 22.99 19.99
C HIS A 68 1.56 23.38 18.97
N HIS A 69 1.57 22.69 17.83
CA HIS A 69 0.69 22.99 16.71
C HIS A 69 1.06 24.34 16.09
N HIS A 70 2.20 24.35 15.41
CA HIS A 70 2.68 25.54 14.71
C HIS A 70 2.73 25.28 13.21
N HIS A 71 2.28 26.25 12.43
CA HIS A 71 2.41 26.18 10.99
C HIS A 71 3.03 27.49 10.48
N MET B 1 -3.45 -42.64 1.22
CA MET B 1 -4.01 -41.59 0.32
C MET B 1 -3.97 -40.25 1.04
N SER B 2 -3.23 -39.31 0.48
CA SER B 2 -3.10 -38.00 1.06
C SER B 2 -3.39 -36.93 0.01
N GLU B 3 -3.86 -35.77 0.47
CA GLU B 3 -4.10 -34.61 -0.38
C GLU B 3 -5.33 -34.81 -1.26
N GLY B 4 -6.31 -33.97 -1.03
CA GLY B 4 -7.56 -34.05 -1.77
C GLY B 4 -7.93 -32.71 -2.37
N ALA B 5 -8.80 -32.76 -3.37
CA ALA B 5 -9.23 -31.56 -4.05
C ALA B 5 -10.12 -30.70 -3.17
N GLU B 6 -10.66 -31.29 -2.11
CA GLU B 6 -11.57 -30.61 -1.21
C GLU B 6 -10.88 -29.41 -0.56
N GLU B 7 -9.70 -29.64 -0.01
CA GLU B 7 -8.94 -28.59 0.64
C GLU B 7 -8.47 -27.56 -0.38
N LEU B 8 -8.14 -28.05 -1.56
CA LEU B 8 -7.67 -27.22 -2.64
C LEU B 8 -8.78 -26.28 -3.10
N LYS B 9 -9.96 -26.85 -3.31
CA LYS B 9 -11.11 -26.11 -3.78
C LYS B 9 -11.57 -25.09 -2.75
N ALA B 10 -11.52 -25.48 -1.49
CA ALA B 10 -11.91 -24.59 -0.39
C ALA B 10 -10.93 -23.43 -0.28
N LYS B 11 -9.65 -23.74 -0.42
CA LYS B 11 -8.60 -22.71 -0.32
C LYS B 11 -8.66 -21.77 -1.53
N LEU B 12 -8.74 -22.36 -2.72
CA LEU B 12 -8.80 -21.59 -3.96
C LEU B 12 -10.01 -20.66 -3.94
N LYS B 13 -11.15 -21.18 -3.46
CA LYS B 13 -12.36 -20.40 -3.34
C LYS B 13 -12.11 -19.16 -2.46
N LYS B 14 -11.53 -19.40 -1.30
CA LYS B 14 -11.24 -18.34 -0.36
C LYS B 14 -10.30 -17.30 -0.97
N LEU B 15 -9.21 -17.75 -1.57
CA LEU B 15 -8.24 -16.85 -2.19
C LEU B 15 -8.88 -16.03 -3.31
N ASN B 16 -9.70 -16.70 -4.12
CA ASN B 16 -10.41 -16.03 -5.21
C ASN B 16 -11.33 -14.95 -4.65
N ALA B 17 -12.14 -15.33 -3.67
CA ALA B 17 -13.08 -14.40 -3.05
C ALA B 17 -12.36 -13.24 -2.36
N GLN B 18 -11.29 -13.57 -1.65
CA GLN B 18 -10.49 -12.59 -0.92
C GLN B 18 -9.90 -11.57 -1.87
N ALA B 19 -9.29 -12.04 -2.95
CA ALA B 19 -8.69 -11.16 -3.94
C ALA B 19 -9.74 -10.27 -4.59
N THR B 20 -10.90 -10.85 -4.89
CA THR B 20 -12.01 -10.12 -5.47
C THR B 20 -12.46 -8.98 -4.56
N ALA B 21 -12.54 -9.26 -3.27
CA ALA B 21 -12.97 -8.27 -2.29
C ALA B 21 -11.93 -7.16 -2.13
N LEU B 22 -10.66 -7.56 -1.95
CA LEU B 22 -9.59 -6.59 -1.76
C LEU B 22 -9.40 -5.70 -2.98
N LYS B 23 -9.65 -6.26 -4.15
CA LYS B 23 -9.59 -5.50 -5.40
C LYS B 23 -10.45 -4.24 -5.31
N MET B 24 -11.70 -4.42 -4.91
CA MET B 24 -12.63 -3.32 -4.78
C MET B 24 -12.34 -2.51 -3.52
N ASP B 25 -11.92 -3.20 -2.47
CA ASP B 25 -11.64 -2.58 -1.18
C ASP B 25 -10.51 -1.56 -1.29
N LEU B 26 -9.44 -1.93 -2.00
CA LEU B 26 -8.28 -1.07 -2.17
C LEU B 26 -8.65 0.21 -2.92
N HIS B 27 -9.33 0.08 -4.06
CA HIS B 27 -9.64 1.25 -4.88
C HIS B 27 -10.60 2.17 -4.16
N ASP B 28 -11.53 1.59 -3.41
CA ASP B 28 -12.49 2.37 -2.63
C ASP B 28 -11.75 3.23 -1.61
N LEU B 29 -10.74 2.65 -0.96
CA LEU B 29 -9.93 3.37 0.01
C LEU B 29 -9.13 4.48 -0.67
N ALA B 30 -8.52 4.15 -1.81
CA ALA B 30 -7.72 5.11 -2.55
C ALA B 30 -8.57 6.25 -3.10
N GLU B 31 -9.84 5.96 -3.31
CA GLU B 31 -10.77 6.97 -3.81
C GLU B 31 -11.23 7.87 -2.66
N ASP B 32 -11.18 7.32 -1.45
CA ASP B 32 -11.62 8.04 -0.26
C ASP B 32 -10.42 8.65 0.48
N LEU B 33 -9.36 8.88 -0.29
CA LEU B 33 -8.13 9.54 0.20
C LEU B 33 -8.39 10.76 1.09
N PRO B 34 -7.33 11.38 1.70
CA PRO B 34 -7.33 11.99 3.01
C PRO B 34 -8.40 11.57 4.01
N THR B 35 -9.00 10.40 3.79
CA THR B 35 -9.69 9.67 4.83
C THR B 35 -9.18 8.24 4.84
N GLY B 36 -8.89 7.72 6.02
CA GLY B 36 -8.33 6.39 6.13
C GLY B 36 -6.96 6.25 5.47
N TRP B 37 -6.21 7.34 5.44
CA TRP B 37 -4.85 7.33 4.86
C TRP B 37 -3.96 6.32 5.60
N ASN B 38 -4.16 6.20 6.91
CA ASN B 38 -3.38 5.25 7.71
C ASN B 38 -3.69 3.81 7.30
N ARG B 39 -4.85 3.62 6.69
CA ARG B 39 -5.31 2.29 6.29
C ARG B 39 -4.61 1.83 5.01
N ILE B 40 -4.00 2.79 4.31
CA ILE B 40 -3.36 2.53 3.00
C ILE B 40 -2.35 1.38 3.06
N MET B 41 -1.42 1.45 4.01
CA MET B 41 -0.36 0.45 4.12
C MET B 41 -0.92 -0.96 4.28
N GLU B 42 -1.79 -1.12 5.26
CA GLU B 42 -2.38 -2.40 5.60
C GLU B 42 -3.10 -3.02 4.40
N VAL B 43 -4.01 -2.26 3.82
CA VAL B 43 -4.80 -2.73 2.68
C VAL B 43 -3.90 -3.03 1.48
N ALA B 44 -2.99 -2.11 1.18
CA ALA B 44 -2.11 -2.26 0.03
C ALA B 44 -1.22 -3.49 0.16
N GLU B 45 -0.70 -3.73 1.36
CA GLU B 45 0.18 -4.87 1.59
C GLU B 45 -0.58 -6.18 1.39
N LYS B 46 -1.71 -6.31 2.08
CA LYS B 46 -2.46 -7.55 2.07
C LYS B 46 -3.09 -7.82 0.69
N THR B 47 -3.47 -6.77 -0.01
CA THR B 47 -4.01 -6.94 -1.36
C THR B 47 -2.93 -7.45 -2.30
N TYR B 48 -1.74 -6.88 -2.21
CA TYR B 48 -0.61 -7.33 -3.01
C TYR B 48 -0.28 -8.78 -2.69
N GLU B 49 -0.11 -9.06 -1.40
CA GLU B 49 0.21 -10.41 -0.95
C GLU B 49 -0.86 -11.42 -1.36
N ALA B 50 -2.12 -11.01 -1.32
CA ALA B 50 -3.24 -11.89 -1.69
C ALA B 50 -3.18 -12.28 -3.16
N TYR B 51 -3.01 -11.29 -4.04
CA TYR B 51 -2.89 -11.55 -5.46
C TYR B 51 -1.61 -12.33 -5.76
N ARG B 52 -0.57 -12.02 -5.01
CA ARG B 52 0.68 -12.76 -5.08
C ARG B 52 0.44 -14.23 -4.71
N GLN B 53 -0.18 -14.44 -3.56
CA GLN B 53 -0.47 -15.79 -3.09
C GLN B 53 -1.43 -16.51 -4.02
N LEU B 54 -2.29 -15.76 -4.68
CA LEU B 54 -3.21 -16.34 -5.65
C LEU B 54 -2.43 -16.96 -6.82
N ASP B 55 -1.47 -16.20 -7.33
CA ASP B 55 -0.61 -16.69 -8.42
C ASP B 55 0.29 -17.82 -7.92
N GLU B 56 0.86 -17.64 -6.73
CA GLU B 56 1.73 -18.66 -6.13
C GLU B 56 0.96 -19.93 -5.79
N PHE B 57 -0.33 -19.78 -5.50
CA PHE B 57 -1.19 -20.92 -5.26
C PHE B 57 -1.48 -21.63 -6.57
N ARG B 58 -1.72 -20.84 -7.61
CA ARG B 58 -1.95 -21.37 -8.95
C ARG B 58 -0.70 -22.08 -9.46
N LYS B 59 0.46 -21.51 -9.17
CA LYS B 59 1.74 -22.16 -9.44
C LYS B 59 1.77 -23.54 -8.78
N SER B 60 1.47 -23.55 -7.49
CA SER B 60 1.53 -24.77 -6.68
C SER B 60 0.59 -25.84 -7.24
N THR B 61 -0.68 -25.50 -7.39
CA THR B 61 -1.68 -26.47 -7.81
C THR B 61 -1.43 -26.96 -9.23
N ALA B 62 -0.69 -26.19 -10.01
CA ALA B 62 -0.34 -26.61 -11.36
C ALA B 62 0.79 -27.63 -11.32
N SER B 63 1.82 -27.33 -10.53
CA SER B 63 2.97 -28.22 -10.41
C SER B 63 2.58 -29.52 -9.72
N LEU B 64 1.76 -29.40 -8.68
CA LEU B 64 1.37 -30.55 -7.89
C LEU B 64 0.27 -31.37 -8.57
N GLU B 65 -0.37 -30.79 -9.57
CA GLU B 65 -1.36 -31.53 -10.36
C GLU B 65 -0.65 -32.44 -11.35
N HIS B 66 0.65 -32.22 -11.47
CA HIS B 66 1.51 -32.96 -12.41
C HIS B 66 1.23 -32.51 -13.83
N HIS B 67 0.34 -31.53 -13.95
CA HIS B 67 -0.17 -31.06 -15.22
C HIS B 67 0.78 -30.03 -15.83
N HIS B 68 2.05 -30.40 -15.97
CA HIS B 68 3.03 -29.52 -16.60
C HIS B 68 2.88 -29.56 -18.12
N HIS B 69 1.64 -29.37 -18.57
CA HIS B 69 1.30 -29.35 -19.99
C HIS B 69 0.22 -28.30 -20.21
N HIS B 70 0.35 -27.53 -21.28
CA HIS B 70 -0.66 -26.54 -21.61
C HIS B 70 -1.50 -27.07 -22.77
N HIS B 71 -1.17 -28.29 -23.19
CA HIS B 71 -1.85 -28.94 -24.28
C HIS B 71 -2.12 -30.41 -23.93
N MET A 1 22.54 21.41 15.31
CA MET A 1 23.33 22.62 15.62
C MET A 1 22.62 23.83 15.06
N SER A 2 21.87 24.52 15.93
CA SER A 2 21.00 25.62 15.54
C SER A 2 19.86 25.10 14.66
N GLU A 3 18.80 25.89 14.53
CA GLU A 3 17.66 25.48 13.73
C GLU A 3 16.82 26.69 13.35
N GLY A 4 16.71 26.91 12.06
CA GLY A 4 16.07 28.11 11.57
C GLY A 4 14.91 27.81 10.65
N ALA A 5 13.99 28.76 10.54
CA ALA A 5 12.78 28.60 9.75
C ALA A 5 13.07 28.44 8.27
N GLU A 6 14.21 28.94 7.80
CA GLU A 6 14.55 28.85 6.39
C GLU A 6 14.80 27.41 5.96
N GLU A 7 15.74 26.76 6.64
CA GLU A 7 16.05 25.36 6.38
C GLU A 7 14.84 24.50 6.64
N LEU A 8 14.11 24.86 7.69
CA LEU A 8 12.91 24.16 8.09
C LEU A 8 11.86 24.23 6.98
N LYS A 9 11.60 25.43 6.49
CA LYS A 9 10.58 25.65 5.47
C LYS A 9 11.00 25.07 4.14
N ALA A 10 12.29 25.17 3.83
CA ALA A 10 12.83 24.62 2.58
C ALA A 10 12.74 23.11 2.58
N LYS A 11 13.02 22.50 3.72
CA LYS A 11 12.93 21.05 3.85
C LYS A 11 11.48 20.62 3.84
N LEU A 12 10.64 21.39 4.52
CA LEU A 12 9.20 21.16 4.52
C LEU A 12 8.66 21.22 3.08
N LYS A 13 9.13 22.21 2.33
CA LYS A 13 8.81 22.34 0.92
C LYS A 13 9.12 21.04 0.18
N LYS A 14 10.36 20.58 0.34
CA LYS A 14 10.83 19.36 -0.28
C LYS A 14 9.93 18.17 0.09
N LEU A 15 9.72 17.95 1.38
CA LEU A 15 8.91 16.84 1.85
C LEU A 15 7.47 16.96 1.35
N ASN A 16 6.97 18.19 1.33
CA ASN A 16 5.60 18.46 0.91
C ASN A 16 5.40 18.09 -0.56
N ALA A 17 6.32 18.52 -1.40
CA ALA A 17 6.27 18.20 -2.82
C ALA A 17 6.51 16.72 -3.06
N GLN A 18 7.42 16.15 -2.28
CA GLN A 18 7.74 14.73 -2.37
C GLN A 18 6.52 13.88 -2.04
N ALA A 19 5.84 14.23 -0.95
CA ALA A 19 4.65 13.51 -0.53
C ALA A 19 3.59 13.49 -1.63
N THR A 20 3.41 14.62 -2.30
CA THR A 20 2.48 14.72 -3.40
C THR A 20 2.91 13.81 -4.57
N ALA A 21 4.21 13.75 -4.82
CA ALA A 21 4.75 12.91 -5.89
C ALA A 21 4.46 11.44 -5.63
N LEU A 22 4.50 11.04 -4.36
CA LEU A 22 4.18 9.67 -3.99
C LEU A 22 2.68 9.46 -3.89
N LYS A 23 1.95 10.52 -3.54
CA LYS A 23 0.50 10.43 -3.42
C LYS A 23 -0.12 10.09 -4.76
N MET A 24 0.36 10.74 -5.82
CA MET A 24 -0.12 10.46 -7.17
C MET A 24 0.45 9.14 -7.68
N ASP A 25 1.61 8.75 -7.16
CA ASP A 25 2.25 7.49 -7.55
C ASP A 25 1.43 6.32 -7.01
N LEU A 26 1.10 6.38 -5.73
CA LEU A 26 0.24 5.37 -5.10
C LEU A 26 -1.14 5.39 -5.73
N HIS A 27 -1.67 6.59 -5.95
CA HIS A 27 -3.00 6.74 -6.53
C HIS A 27 -3.08 6.08 -7.91
N ASP A 28 -2.02 6.22 -8.68
CA ASP A 28 -1.99 5.68 -10.03
C ASP A 28 -1.92 4.16 -10.01
N LEU A 29 -1.07 3.63 -9.14
CA LEU A 29 -0.89 2.18 -9.01
C LEU A 29 -2.12 1.53 -8.37
N ALA A 30 -2.76 2.26 -7.46
CA ALA A 30 -3.96 1.77 -6.79
C ALA A 30 -5.12 1.65 -7.77
N GLU A 31 -5.11 2.49 -8.80
CA GLU A 31 -6.11 2.43 -9.84
C GLU A 31 -5.69 1.41 -10.89
N ASP A 32 -4.42 1.45 -11.27
CA ASP A 32 -3.87 0.52 -12.25
C ASP A 32 -3.36 -0.73 -11.53
N LEU A 33 -4.29 -1.47 -10.96
CA LEU A 33 -3.98 -2.69 -10.22
C LEU A 33 -3.94 -3.88 -11.16
N PRO A 34 -3.48 -5.05 -10.64
CA PRO A 34 -2.57 -5.94 -11.30
C PRO A 34 -2.16 -5.52 -12.70
N THR A 35 -0.84 -5.37 -12.79
CA THR A 35 -0.10 -4.90 -13.96
C THR A 35 1.31 -4.60 -13.48
N GLY A 36 1.37 -3.83 -12.39
CA GLY A 36 2.61 -3.55 -11.71
C GLY A 36 2.47 -3.74 -10.21
N TRP A 37 1.61 -4.68 -9.82
CA TRP A 37 1.29 -4.94 -8.41
C TRP A 37 2.50 -5.43 -7.62
N ASN A 38 3.55 -5.82 -8.33
CA ASN A 38 4.77 -6.27 -7.68
C ASN A 38 5.44 -5.09 -6.98
N ARG A 39 5.10 -3.88 -7.43
CA ARG A 39 5.73 -2.67 -6.89
C ARG A 39 4.85 -2.04 -5.80
N ILE A 40 3.76 -2.71 -5.45
CA ILE A 40 2.84 -2.22 -4.42
C ILE A 40 3.56 -1.99 -3.09
N MET A 41 4.40 -2.95 -2.71
CA MET A 41 5.12 -2.88 -1.43
C MET A 41 6.05 -1.67 -1.41
N GLU A 42 6.69 -1.40 -2.55
CA GLU A 42 7.58 -0.25 -2.67
C GLU A 42 6.81 1.04 -2.45
N VAL A 43 5.76 1.21 -3.23
CA VAL A 43 4.96 2.43 -3.17
C VAL A 43 4.34 2.60 -1.78
N ALA A 44 3.90 1.51 -1.18
CA ALA A 44 3.37 1.55 0.18
C ALA A 44 4.42 2.06 1.15
N GLU A 45 5.63 1.51 1.03
CA GLU A 45 6.75 1.94 1.85
C GLU A 45 7.06 3.42 1.62
N LYS A 46 7.19 3.79 0.35
CA LYS A 46 7.53 5.16 -0.03
C LYS A 46 6.55 6.16 0.55
N THR A 47 5.26 5.89 0.33
CA THR A 47 4.21 6.81 0.73
C THR A 47 4.15 6.96 2.25
N TYR A 48 4.25 5.85 2.96
CA TYR A 48 4.18 5.88 4.41
C TYR A 48 5.41 6.56 5.00
N GLU A 49 6.58 6.25 4.45
CA GLU A 49 7.83 6.81 4.93
C GLU A 49 7.85 8.33 4.78
N ALA A 50 7.50 8.79 3.58
CA ALA A 50 7.50 10.21 3.28
C ALA A 50 6.45 10.96 4.10
N TYR A 51 5.22 10.45 4.10
CA TYR A 51 4.14 11.11 4.81
C TYR A 51 4.35 11.09 6.32
N ARG A 52 4.97 10.04 6.82
CA ARG A 52 5.29 9.99 8.24
C ARG A 52 6.27 11.10 8.60
N GLN A 53 7.35 11.20 7.84
CA GLN A 53 8.37 12.21 8.11
C GLN A 53 7.78 13.60 7.93
N LEU A 54 6.88 13.76 6.96
CA LEU A 54 6.21 15.03 6.74
C LEU A 54 5.36 15.39 7.95
N ASP A 55 4.53 14.45 8.40
CA ASP A 55 3.64 14.69 9.55
C ASP A 55 4.46 14.90 10.81
N GLU A 56 5.53 14.12 10.96
CA GLU A 56 6.45 14.27 12.08
C GLU A 56 7.17 15.62 12.03
N PHE A 57 7.51 16.05 10.83
CA PHE A 57 8.17 17.34 10.63
C PHE A 57 7.21 18.48 10.92
N ARG A 58 5.94 18.27 10.57
CA ARG A 58 4.89 19.21 10.88
C ARG A 58 4.63 19.20 12.38
N LYS A 59 4.71 18.02 12.97
CA LYS A 59 4.54 17.82 14.41
C LYS A 59 5.54 18.67 15.21
N SER A 60 6.80 18.62 14.82
CA SER A 60 7.82 19.40 15.50
C SER A 60 7.63 20.89 15.24
N THR A 61 7.35 21.23 14.00
CA THR A 61 7.11 22.61 13.60
C THR A 61 5.90 23.19 14.32
N ALA A 62 4.82 22.42 14.41
CA ALA A 62 3.59 22.86 15.04
C ALA A 62 3.81 23.22 16.51
N SER A 63 4.71 22.51 17.17
CA SER A 63 5.06 22.79 18.55
C SER A 63 5.72 24.17 18.65
N LEU A 64 6.56 24.48 17.67
CA LEU A 64 7.29 25.76 17.65
C LEU A 64 6.42 26.90 17.12
N GLU A 65 5.58 26.58 16.16
CA GLU A 65 4.70 27.56 15.52
C GLU A 65 3.51 27.87 16.43
N HIS A 66 3.30 27.00 17.39
CA HIS A 66 2.17 27.09 18.29
C HIS A 66 0.87 26.97 17.50
N HIS A 67 0.59 25.76 17.03
CA HIS A 67 -0.61 25.52 16.24
C HIS A 67 -1.78 25.19 17.16
N HIS A 68 -2.69 26.14 17.29
CA HIS A 68 -3.83 26.00 18.17
C HIS A 68 -5.03 25.42 17.41
N HIS A 69 -5.23 24.12 17.54
CA HIS A 69 -6.41 23.47 16.98
C HIS A 69 -7.65 23.98 17.70
N HIS A 70 -8.70 24.27 16.96
CA HIS A 70 -9.83 25.00 17.50
C HIS A 70 -11.13 24.18 17.49
N HIS A 71 -11.74 24.08 18.65
CA HIS A 71 -13.10 23.59 18.76
C HIS A 71 -13.78 24.27 19.95
N MET B 1 -6.25 -37.01 5.30
CA MET B 1 -6.65 -35.69 4.79
C MET B 1 -7.36 -35.84 3.46
N SER B 2 -8.10 -34.81 3.06
CA SER B 2 -8.86 -34.86 1.82
C SER B 2 -8.19 -34.03 0.72
N GLU B 3 -8.46 -34.39 -0.53
CA GLU B 3 -7.98 -33.66 -1.67
C GLU B 3 -9.09 -33.55 -2.69
N GLY B 4 -8.83 -32.87 -3.79
CA GLY B 4 -9.80 -32.77 -4.84
C GLY B 4 -10.25 -31.34 -5.07
N ALA B 5 -11.21 -31.18 -5.96
CA ALA B 5 -11.74 -29.87 -6.32
C ALA B 5 -12.55 -29.24 -5.19
N GLU B 6 -12.97 -30.06 -4.23
CA GLU B 6 -13.84 -29.59 -3.15
C GLU B 6 -13.17 -28.49 -2.31
N GLU B 7 -12.00 -28.78 -1.78
CA GLU B 7 -11.27 -27.80 -0.99
C GLU B 7 -10.71 -26.72 -1.90
N LEU B 8 -10.35 -27.14 -3.11
CA LEU B 8 -9.83 -26.24 -4.12
C LEU B 8 -10.84 -25.14 -4.40
N LYS B 9 -12.10 -25.53 -4.53
CA LYS B 9 -13.20 -24.60 -4.76
C LYS B 9 -13.32 -23.59 -3.63
N ALA B 10 -13.41 -24.09 -2.41
CA ALA B 10 -13.53 -23.24 -1.24
C ALA B 10 -12.33 -22.31 -1.11
N LYS B 11 -11.15 -22.85 -1.39
CA LYS B 11 -9.91 -22.10 -1.26
C LYS B 11 -9.80 -21.04 -2.36
N LEU B 12 -10.12 -21.43 -3.59
CA LEU B 12 -10.09 -20.50 -4.72
C LEU B 12 -11.10 -19.38 -4.49
N LYS B 13 -12.27 -19.75 -4.01
CA LYS B 13 -13.30 -18.77 -3.68
C LYS B 13 -12.76 -17.75 -2.67
N LYS B 14 -12.14 -18.28 -1.63
CA LYS B 14 -11.54 -17.46 -0.57
C LYS B 14 -10.52 -16.48 -1.14
N LEU B 15 -9.56 -17.00 -1.89
CA LEU B 15 -8.49 -16.16 -2.45
C LEU B 15 -9.03 -15.14 -3.44
N ASN B 16 -9.98 -15.56 -4.27
CA ASN B 16 -10.60 -14.65 -5.25
C ASN B 16 -11.29 -13.49 -4.54
N ALA B 17 -12.05 -13.82 -3.50
CA ALA B 17 -12.77 -12.81 -2.74
C ALA B 17 -11.80 -11.87 -2.03
N GLN B 18 -10.77 -12.44 -1.41
CA GLN B 18 -9.78 -11.67 -0.67
C GLN B 18 -9.03 -10.70 -1.59
N ALA B 19 -8.51 -11.24 -2.69
CA ALA B 19 -7.75 -10.43 -3.65
C ALA B 19 -8.59 -9.28 -4.19
N THR B 20 -9.85 -9.55 -4.49
CA THR B 20 -10.75 -8.55 -5.02
C THR B 20 -11.11 -7.51 -3.95
N ALA B 21 -11.33 -7.97 -2.73
CA ALA B 21 -11.71 -7.10 -1.63
C ALA B 21 -10.58 -6.13 -1.29
N LEU B 22 -9.36 -6.65 -1.24
CA LEU B 22 -8.19 -5.84 -0.91
C LEU B 22 -7.95 -4.75 -1.96
N LYS B 23 -8.28 -5.05 -3.21
CA LYS B 23 -8.18 -4.07 -4.28
C LYS B 23 -9.09 -2.87 -4.00
N MET B 24 -10.33 -3.18 -3.64
CA MET B 24 -11.34 -2.15 -3.40
C MET B 24 -10.98 -1.33 -2.17
N ASP B 25 -10.45 -2.01 -1.15
CA ASP B 25 -10.09 -1.36 0.11
C ASP B 25 -8.89 -0.45 -0.09
N LEU B 26 -7.93 -0.91 -0.89
CA LEU B 26 -6.70 -0.15 -1.15
C LEU B 26 -7.01 1.17 -1.86
N HIS B 27 -7.76 1.10 -2.96
CA HIS B 27 -8.07 2.32 -3.73
C HIS B 27 -8.88 3.30 -2.90
N ASP B 28 -9.76 2.79 -2.05
CA ASP B 28 -10.59 3.64 -1.21
C ASP B 28 -9.72 4.44 -0.25
N LEU B 29 -8.75 3.75 0.38
CA LEU B 29 -7.84 4.40 1.31
C LEU B 29 -6.90 5.36 0.58
N ALA B 30 -6.52 5.00 -0.64
CA ALA B 30 -5.61 5.81 -1.44
C ALA B 30 -6.30 7.05 -2.00
N GLU B 31 -7.60 6.98 -2.19
CA GLU B 31 -8.35 8.11 -2.72
C GLU B 31 -8.62 9.13 -1.60
N ASP B 32 -8.67 8.62 -0.38
CA ASP B 32 -8.94 9.44 0.80
C ASP B 32 -7.67 9.63 1.62
N LEU B 33 -6.53 9.56 0.93
CA LEU B 33 -5.20 9.69 1.55
C LEU B 33 -5.10 10.87 2.53
N PRO B 34 -3.99 10.90 3.30
CA PRO B 34 -3.97 11.17 4.71
C PRO B 34 -5.32 11.41 5.36
N THR B 35 -5.54 10.55 6.35
CA THR B 35 -6.71 10.48 7.22
C THR B 35 -6.62 9.15 7.95
N GLY B 36 -6.26 8.12 7.18
CA GLY B 36 -5.96 6.81 7.73
C GLY B 36 -4.70 6.26 7.10
N TRP B 37 -3.77 7.18 6.77
CA TRP B 37 -2.54 6.85 6.06
C TRP B 37 -1.61 5.95 6.88
N ASN B 38 -1.89 5.84 8.17
CA ASN B 38 -1.10 4.97 9.03
C ASN B 38 -1.26 3.51 8.60
N ARG B 39 -2.37 3.22 7.93
CA ARG B 39 -2.70 1.86 7.56
C ARG B 39 -2.38 1.58 6.09
N ILE B 40 -1.78 2.55 5.41
CA ILE B 40 -1.45 2.41 3.99
C ILE B 40 -0.64 1.14 3.72
N MET B 41 0.44 0.98 4.47
CA MET B 41 1.34 -0.15 4.27
C MET B 41 0.63 -1.47 4.55
N GLU B 42 -0.10 -1.51 5.67
CA GLU B 42 -0.78 -2.72 6.09
C GLU B 42 -1.74 -3.22 5.03
N VAL B 43 -2.58 -2.32 4.53
CA VAL B 43 -3.53 -2.66 3.49
C VAL B 43 -2.79 -3.14 2.23
N ALA B 44 -1.82 -2.36 1.78
CA ALA B 44 -1.05 -2.70 0.59
C ALA B 44 -0.34 -4.04 0.75
N GLU B 45 0.13 -4.32 1.96
CA GLU B 45 0.74 -5.60 2.27
C GLU B 45 -0.21 -6.75 1.93
N LYS B 46 -1.40 -6.70 2.50
CA LYS B 46 -2.37 -7.78 2.33
C LYS B 46 -2.87 -7.85 0.88
N THR B 47 -2.94 -6.71 0.23
CA THR B 47 -3.29 -6.67 -1.18
C THR B 47 -2.22 -7.41 -2.00
N TYR B 48 -0.95 -7.13 -1.70
CA TYR B 48 0.16 -7.77 -2.37
C TYR B 48 0.21 -9.26 -2.04
N GLU B 49 0.03 -9.59 -0.77
CA GLU B 49 0.01 -10.98 -0.33
C GLU B 49 -1.06 -11.78 -1.07
N ALA B 50 -2.26 -11.21 -1.13
CA ALA B 50 -3.38 -11.89 -1.77
C ALA B 50 -3.09 -12.20 -3.24
N TYR B 51 -2.66 -11.19 -3.99
CA TYR B 51 -2.38 -11.37 -5.40
C TYR B 51 -1.20 -12.30 -5.63
N ARG B 52 -0.17 -12.16 -4.80
CA ARG B 52 1.00 -13.04 -4.90
C ARG B 52 0.59 -14.48 -4.65
N GLN B 53 -0.11 -14.72 -3.55
CA GLN B 53 -0.52 -16.06 -3.19
C GLN B 53 -1.52 -16.63 -4.18
N LEU B 54 -2.39 -15.78 -4.71
CA LEU B 54 -3.38 -16.20 -5.71
C LEU B 54 -2.69 -16.72 -6.96
N ASP B 55 -1.72 -15.97 -7.46
CA ASP B 55 -1.01 -16.37 -8.67
C ASP B 55 -0.03 -17.50 -8.38
N GLU B 56 0.53 -17.50 -7.18
CA GLU B 56 1.37 -18.59 -6.72
C GLU B 56 0.57 -19.88 -6.67
N PHE B 57 -0.66 -19.77 -6.17
CA PHE B 57 -1.60 -20.89 -6.15
C PHE B 57 -1.79 -21.42 -7.56
N ARG B 58 -1.94 -20.51 -8.51
CA ARG B 58 -2.08 -20.88 -9.91
C ARG B 58 -0.87 -21.66 -10.40
N LYS B 59 0.33 -21.20 -10.03
CA LYS B 59 1.56 -21.90 -10.39
C LYS B 59 1.57 -23.30 -9.77
N SER B 60 1.33 -23.34 -8.47
CA SER B 60 1.38 -24.58 -7.70
C SER B 60 0.35 -25.58 -8.22
N THR B 61 -0.86 -25.09 -8.46
CA THR B 61 -1.93 -25.95 -8.97
C THR B 61 -1.54 -26.57 -10.29
N ALA B 62 -1.20 -25.74 -11.27
CA ALA B 62 -0.88 -26.21 -12.63
C ALA B 62 0.23 -27.26 -12.60
N SER B 63 1.18 -27.08 -11.69
CA SER B 63 2.31 -28.00 -11.56
C SER B 63 1.84 -29.40 -11.14
N LEU B 64 1.04 -29.47 -10.09
CA LEU B 64 0.57 -30.74 -9.56
C LEU B 64 -0.60 -31.27 -10.40
N GLU B 65 -1.30 -30.34 -11.04
CA GLU B 65 -2.48 -30.64 -11.85
C GLU B 65 -2.12 -31.43 -13.09
N HIS B 66 -0.83 -31.45 -13.40
CA HIS B 66 -0.31 -32.05 -14.64
C HIS B 66 -0.65 -31.13 -15.81
N HIS B 67 -1.21 -29.96 -15.47
CA HIS B 67 -1.70 -28.99 -16.43
C HIS B 67 -2.81 -29.59 -17.30
N HIS B 68 -4.05 -29.35 -16.91
CA HIS B 68 -5.19 -29.81 -17.68
C HIS B 68 -5.43 -28.90 -18.86
N HIS B 69 -6.21 -29.37 -19.81
CA HIS B 69 -6.64 -28.55 -20.92
C HIS B 69 -8.10 -28.22 -20.73
N HIS B 70 -8.57 -27.15 -21.35
CA HIS B 70 -9.97 -26.78 -21.26
C HIS B 70 -10.83 -27.89 -21.83
N HIS B 71 -11.76 -28.39 -21.04
CA HIS B 71 -12.63 -29.46 -21.48
C HIS B 71 -13.55 -28.95 -22.58
N MET A 1 21.20 23.80 19.89
CA MET A 1 19.91 24.49 20.07
C MET A 1 19.63 25.42 18.89
N SER A 2 20.43 25.31 17.84
CA SER A 2 20.29 26.16 16.68
C SER A 2 19.34 25.54 15.65
N GLU A 3 18.55 26.38 15.02
CA GLU A 3 17.62 25.94 13.98
C GLU A 3 17.38 27.07 13.00
N GLY A 4 17.10 26.73 11.75
CA GLY A 4 16.87 27.72 10.73
C GLY A 4 15.53 27.54 10.05
N ALA A 5 14.71 28.58 10.08
CA ALA A 5 13.38 28.53 9.51
C ALA A 5 13.44 28.35 7.99
N GLU A 6 14.53 28.80 7.39
CA GLU A 6 14.74 28.65 5.95
C GLU A 6 14.79 27.19 5.56
N GLU A 7 15.62 26.44 6.27
CA GLU A 7 15.76 25.02 6.04
C GLU A 7 14.47 24.30 6.40
N LEU A 8 13.84 24.76 7.46
CA LEU A 8 12.57 24.23 7.93
C LEU A 8 11.53 24.30 6.81
N LYS A 9 11.39 25.49 6.24
CA LYS A 9 10.43 25.74 5.17
C LYS A 9 10.78 24.94 3.92
N ALA A 10 12.07 24.92 3.59
CA ALA A 10 12.54 24.19 2.41
C ALA A 10 12.35 22.69 2.61
N LYS A 11 12.54 22.22 3.83
CA LYS A 11 12.42 20.80 4.14
C LYS A 11 10.97 20.37 4.12
N LEU A 12 10.10 21.18 4.72
CA LEU A 12 8.67 20.93 4.67
C LEU A 12 8.19 20.92 3.23
N LYS A 13 8.68 21.90 2.46
CA LYS A 13 8.40 21.96 1.02
C LYS A 13 8.89 20.70 0.32
N LYS A 14 10.13 20.34 0.59
CA LYS A 14 10.76 19.15 0.01
C LYS A 14 9.93 17.89 0.27
N LEU A 15 9.57 17.69 1.54
CA LEU A 15 8.78 16.53 1.94
C LEU A 15 7.37 16.59 1.36
N ASN A 16 6.82 17.80 1.30
CA ASN A 16 5.49 18.03 0.75
C ASN A 16 5.43 17.62 -0.72
N ALA A 17 6.42 18.07 -1.48
CA ALA A 17 6.50 17.74 -2.89
C ALA A 17 6.71 16.24 -3.09
N GLN A 18 7.52 15.64 -2.22
CA GLN A 18 7.78 14.21 -2.28
C GLN A 18 6.49 13.41 -2.04
N ALA A 19 5.75 13.78 -1.00
CA ALA A 19 4.50 13.13 -0.69
C ALA A 19 3.50 13.29 -1.84
N THR A 20 3.52 14.46 -2.47
CA THR A 20 2.66 14.73 -3.61
C THR A 20 2.97 13.77 -4.76
N ALA A 21 4.26 13.53 -4.99
CA ALA A 21 4.71 12.65 -6.06
C ALA A 21 4.25 11.22 -5.83
N LEU A 22 4.48 10.71 -4.62
CA LEU A 22 4.08 9.35 -4.27
C LEU A 22 2.57 9.18 -4.29
N LYS A 23 1.85 10.27 -4.04
CA LYS A 23 0.39 10.24 -4.05
C LYS A 23 -0.15 9.81 -5.41
N MET A 24 0.37 10.41 -6.47
CA MET A 24 -0.08 10.10 -7.82
C MET A 24 0.47 8.75 -8.27
N ASP A 25 1.59 8.33 -7.70
CA ASP A 25 2.23 7.07 -8.08
C ASP A 25 1.39 5.90 -7.59
N LEU A 26 1.07 5.91 -6.30
CA LEU A 26 0.25 4.86 -5.70
C LEU A 26 -1.15 4.85 -6.33
N HIS A 27 -1.65 6.04 -6.62
CA HIS A 27 -2.95 6.21 -7.27
C HIS A 27 -3.05 5.37 -8.54
N ASP A 28 -2.08 5.53 -9.42
CA ASP A 28 -2.11 4.90 -10.73
C ASP A 28 -1.99 3.38 -10.63
N LEU A 29 -1.22 2.92 -9.66
CA LEU A 29 -1.01 1.49 -9.48
C LEU A 29 -2.22 0.85 -8.80
N ALA A 30 -2.89 1.62 -7.95
CA ALA A 30 -4.05 1.12 -7.21
C ALA A 30 -5.26 0.95 -8.13
N GLU A 31 -5.45 1.90 -9.05
CA GLU A 31 -6.57 1.83 -9.96
C GLU A 31 -6.37 0.73 -11.00
N ASP A 32 -5.13 0.57 -11.47
CA ASP A 32 -4.84 -0.45 -12.46
C ASP A 32 -4.08 -1.61 -11.83
N LEU A 33 -4.84 -2.44 -11.15
CA LEU A 33 -4.33 -3.62 -10.46
C LEU A 33 -4.09 -4.79 -11.42
N PRO A 34 -3.58 -5.92 -10.89
CA PRO A 34 -2.48 -6.69 -11.42
C PRO A 34 -1.77 -6.08 -12.61
N THR A 35 -0.47 -5.93 -12.36
CA THR A 35 0.51 -5.37 -13.27
C THR A 35 1.84 -5.39 -12.55
N GLY A 36 1.90 -4.60 -11.49
CA GLY A 36 3.05 -4.59 -10.60
C GLY A 36 2.62 -4.64 -9.15
N TRP A 37 1.93 -5.71 -8.77
CA TRP A 37 1.45 -5.88 -7.40
C TRP A 37 2.62 -5.97 -6.41
N ASN A 38 3.80 -6.32 -6.91
CA ASN A 38 4.98 -6.37 -6.08
C ASN A 38 5.41 -4.96 -5.69
N ARG A 39 5.14 -4.00 -6.58
CA ARG A 39 5.49 -2.62 -6.36
C ARG A 39 4.64 -2.01 -5.24
N ILE A 40 3.48 -2.60 -5.00
CA ILE A 40 2.54 -2.09 -4.00
C ILE A 40 3.21 -1.87 -2.65
N MET A 41 3.91 -2.90 -2.18
CA MET A 41 4.59 -2.83 -0.88
C MET A 41 5.69 -1.77 -0.89
N GLU A 42 6.44 -1.70 -1.98
CA GLU A 42 7.51 -0.71 -2.12
C GLU A 42 6.94 0.70 -2.07
N VAL A 43 6.01 0.97 -2.99
CA VAL A 43 5.40 2.27 -3.09
C VAL A 43 4.72 2.66 -1.78
N ALA A 44 4.00 1.72 -1.18
CA ALA A 44 3.30 1.97 0.07
C ALA A 44 4.27 2.38 1.17
N GLU A 45 5.37 1.65 1.30
CA GLU A 45 6.38 1.96 2.29
C GLU A 45 6.93 3.36 2.07
N LYS A 46 7.42 3.61 0.87
CA LYS A 46 8.03 4.89 0.52
C LYS A 46 7.04 6.04 0.63
N THR A 47 5.79 5.80 0.28
CA THR A 47 4.74 6.79 0.44
C THR A 47 4.49 7.06 1.93
N TYR A 48 4.31 5.99 2.69
CA TYR A 48 4.07 6.10 4.13
C TYR A 48 5.21 6.80 4.83
N GLU A 49 6.44 6.40 4.52
CA GLU A 49 7.63 6.98 5.12
C GLU A 49 7.75 8.47 4.78
N ALA A 50 7.31 8.84 3.58
CA ALA A 50 7.32 10.25 3.17
C ALA A 50 6.31 11.05 3.99
N TYR A 51 5.09 10.52 4.10
CA TYR A 51 4.06 11.16 4.91
C TYR A 51 4.44 11.13 6.38
N ARG A 52 5.13 10.06 6.78
CA ARG A 52 5.63 9.94 8.15
C ARG A 52 6.54 11.11 8.49
N GLN A 53 7.58 11.30 7.69
CA GLN A 53 8.55 12.35 7.92
C GLN A 53 7.89 13.72 7.82
N LEU A 54 6.96 13.84 6.88
CA LEU A 54 6.21 15.07 6.69
C LEU A 54 5.39 15.38 7.95
N ASP A 55 4.61 14.40 8.42
CA ASP A 55 3.73 14.60 9.57
C ASP A 55 4.54 14.72 10.86
N GLU A 56 5.68 14.06 10.92
CA GLU A 56 6.59 14.15 12.07
C GLU A 56 7.20 15.54 12.16
N PHE A 57 7.78 16.00 11.06
CA PHE A 57 8.40 17.30 11.01
C PHE A 57 7.36 18.39 11.22
N ARG A 58 6.17 18.15 10.67
CA ARG A 58 5.06 19.07 10.81
C ARG A 58 4.53 19.07 12.23
N LYS A 59 4.46 17.89 12.84
CA LYS A 59 4.04 17.74 14.22
C LYS A 59 4.85 18.65 15.12
N SER A 60 6.16 18.52 15.01
CA SER A 60 7.09 19.30 15.80
C SER A 60 6.85 20.80 15.62
N THR A 61 6.88 21.26 14.38
CA THR A 61 6.76 22.68 14.09
C THR A 61 5.37 23.22 14.43
N ALA A 62 4.34 22.39 14.30
CA ALA A 62 2.97 22.80 14.57
C ALA A 62 2.77 23.01 16.07
N SER A 63 3.55 22.29 16.86
CA SER A 63 3.50 22.44 18.31
C SER A 63 4.13 23.77 18.72
N LEU A 64 5.27 24.10 18.11
CA LEU A 64 5.96 25.36 18.38
C LEU A 64 5.21 26.53 17.76
N GLU A 65 4.51 26.26 16.66
CA GLU A 65 3.70 27.26 16.00
C GLU A 65 2.48 27.58 16.85
N HIS A 66 2.23 26.71 17.82
CA HIS A 66 1.09 26.83 18.72
C HIS A 66 -0.21 26.62 17.93
N HIS A 67 -0.09 25.92 16.81
CA HIS A 67 -1.22 25.67 15.93
C HIS A 67 -2.01 24.45 16.40
N HIS A 68 -1.33 23.54 17.08
CA HIS A 68 -1.97 22.36 17.63
C HIS A 68 -1.91 22.39 19.15
N HIS A 69 -3.02 22.78 19.77
CA HIS A 69 -3.10 22.86 21.22
C HIS A 69 -4.56 23.05 21.65
N HIS A 70 -5.29 23.86 20.90
CA HIS A 70 -6.71 24.08 21.15
C HIS A 70 -7.43 24.48 19.87
N HIS A 71 -8.56 23.84 19.61
CA HIS A 71 -9.42 24.20 18.48
C HIS A 71 -10.87 24.06 18.89
N MET B 1 -5.97 -40.88 -2.00
CA MET B 1 -5.50 -39.48 -1.93
C MET B 1 -6.62 -38.57 -1.43
N SER B 2 -6.25 -37.44 -0.84
CA SER B 2 -7.22 -36.44 -0.42
C SER B 2 -6.91 -35.11 -1.10
N GLU B 3 -7.83 -34.16 -0.98
CA GLU B 3 -7.70 -32.82 -1.59
C GLU B 3 -7.93 -32.91 -3.10
N GLY B 4 -8.49 -31.85 -3.66
CA GLY B 4 -8.80 -31.84 -5.07
C GLY B 4 -9.30 -30.49 -5.54
N ALA B 5 -9.86 -30.45 -6.74
CA ALA B 5 -10.33 -29.19 -7.34
C ALA B 5 -11.37 -28.51 -6.48
N GLU B 6 -12.09 -29.29 -5.67
CA GLU B 6 -13.06 -28.72 -4.74
C GLU B 6 -12.35 -27.87 -3.69
N GLU B 7 -11.30 -28.43 -3.11
CA GLU B 7 -10.51 -27.73 -2.10
C GLU B 7 -9.77 -26.57 -2.75
N LEU B 8 -9.33 -26.80 -3.98
CA LEU B 8 -8.65 -25.79 -4.75
C LEU B 8 -9.58 -24.63 -5.05
N LYS B 9 -10.79 -24.94 -5.47
CA LYS B 9 -11.78 -23.93 -5.77
C LYS B 9 -12.21 -23.17 -4.52
N ALA B 10 -12.33 -23.89 -3.42
CA ALA B 10 -12.67 -23.27 -2.15
C ALA B 10 -11.56 -22.34 -1.68
N LYS B 11 -10.32 -22.78 -1.90
CA LYS B 11 -9.14 -21.99 -1.54
C LYS B 11 -9.05 -20.76 -2.42
N LEU B 12 -9.25 -20.97 -3.73
CA LEU B 12 -9.23 -19.89 -4.69
C LEU B 12 -10.34 -18.88 -4.39
N LYS B 13 -11.52 -19.39 -4.06
CA LYS B 13 -12.66 -18.54 -3.72
C LYS B 13 -12.33 -17.64 -2.55
N LYS B 14 -11.75 -18.24 -1.52
CA LYS B 14 -11.37 -17.52 -0.31
C LYS B 14 -10.40 -16.39 -0.64
N LEU B 15 -9.38 -16.71 -1.43
CA LEU B 15 -8.38 -15.73 -1.84
C LEU B 15 -8.98 -14.67 -2.76
N ASN B 16 -9.84 -15.11 -3.66
CA ASN B 16 -10.48 -14.23 -4.63
C ASN B 16 -11.29 -13.14 -3.92
N ALA B 17 -12.09 -13.56 -2.95
CA ALA B 17 -12.94 -12.64 -2.20
C ALA B 17 -12.10 -11.73 -1.30
N GLN B 18 -11.02 -12.26 -0.77
CA GLN B 18 -10.14 -11.48 0.10
C GLN B 18 -9.35 -10.47 -0.71
N ALA B 19 -8.79 -10.91 -1.83
CA ALA B 19 -7.99 -10.05 -2.69
C ALA B 19 -8.82 -8.90 -3.25
N THR B 20 -10.07 -9.19 -3.60
CA THR B 20 -10.97 -8.17 -4.14
C THR B 20 -11.27 -7.10 -3.08
N ALA B 21 -11.43 -7.54 -1.82
CA ALA B 21 -11.69 -6.62 -0.72
C ALA B 21 -10.51 -5.67 -0.54
N LEU B 22 -9.31 -6.22 -0.47
CA LEU B 22 -8.10 -5.43 -0.35
C LEU B 22 -7.91 -4.52 -1.56
N LYS B 23 -8.27 -5.04 -2.72
CA LYS B 23 -8.17 -4.29 -3.98
C LYS B 23 -8.94 -2.97 -3.90
N MET B 24 -10.21 -3.05 -3.55
CA MET B 24 -11.06 -1.87 -3.50
C MET B 24 -10.70 -1.00 -2.29
N ASP B 25 -10.26 -1.65 -1.20
CA ASP B 25 -9.92 -0.92 0.01
C ASP B 25 -8.67 -0.07 -0.19
N LEU B 26 -7.66 -0.63 -0.85
CA LEU B 26 -6.44 0.11 -1.16
C LEU B 26 -6.74 1.22 -2.17
N HIS B 27 -7.54 0.89 -3.18
CA HIS B 27 -7.96 1.85 -4.19
C HIS B 27 -8.60 3.08 -3.53
N ASP B 28 -9.57 2.82 -2.67
CA ASP B 28 -10.31 3.90 -2.03
C ASP B 28 -9.48 4.61 -0.97
N LEU B 29 -8.49 3.92 -0.42
CA LEU B 29 -7.58 4.55 0.53
C LEU B 29 -6.73 5.60 -0.20
N ALA B 30 -6.39 5.33 -1.45
CA ALA B 30 -5.65 6.28 -2.28
C ALA B 30 -6.53 7.47 -2.66
N GLU B 31 -7.77 7.18 -3.06
CA GLU B 31 -8.72 8.22 -3.45
C GLU B 31 -9.07 9.12 -2.27
N ASP B 32 -8.89 8.60 -1.06
CA ASP B 32 -9.19 9.33 0.16
C ASP B 32 -7.92 9.49 0.99
N LEU B 33 -6.79 9.54 0.29
CA LEU B 33 -5.45 9.71 0.87
C LEU B 33 -5.36 10.70 2.02
N PRO B 34 -4.16 10.83 2.62
CA PRO B 34 -3.96 10.69 4.02
C PRO B 34 -5.07 9.94 4.73
N THR B 35 -6.08 10.62 5.22
CA THR B 35 -7.08 10.03 6.14
C THR B 35 -6.48 8.95 7.05
N GLY B 36 -6.40 7.71 6.55
CA GLY B 36 -5.82 6.62 7.31
C GLY B 36 -4.50 6.15 6.70
N TRP B 37 -3.61 7.10 6.40
CA TRP B 37 -2.33 6.82 5.76
C TRP B 37 -1.44 5.92 6.61
N ASN B 38 -1.71 5.86 7.91
CA ASN B 38 -0.92 5.01 8.79
C ASN B 38 -1.15 3.54 8.44
N ARG B 39 -2.29 3.25 7.81
CA ARG B 39 -2.63 1.88 7.46
C ARG B 39 -2.21 1.53 6.04
N ILE B 40 -1.57 2.47 5.34
CA ILE B 40 -1.15 2.23 3.97
C ILE B 40 -0.26 0.99 3.87
N MET B 41 0.68 0.88 4.81
CA MET B 41 1.60 -0.25 4.83
C MET B 41 0.87 -1.55 5.19
N GLU B 42 -0.09 -1.44 6.12
CA GLU B 42 -0.87 -2.60 6.56
C GLU B 42 -1.65 -3.18 5.38
N VAL B 43 -2.42 -2.33 4.74
CA VAL B 43 -3.24 -2.72 3.59
C VAL B 43 -2.36 -3.33 2.51
N ALA B 44 -1.28 -2.63 2.17
CA ALA B 44 -0.36 -3.09 1.14
C ALA B 44 0.24 -4.45 1.50
N GLU B 45 0.58 -4.64 2.76
CA GLU B 45 1.15 -5.89 3.26
C GLU B 45 0.19 -7.05 3.02
N LYS B 46 -1.05 -6.85 3.45
CA LYS B 46 -2.06 -7.89 3.35
C LYS B 46 -2.55 -8.05 1.91
N THR B 47 -2.53 -6.97 1.16
CA THR B 47 -2.86 -7.03 -0.27
C THR B 47 -1.78 -7.79 -1.04
N TYR B 48 -0.52 -7.46 -0.77
CA TYR B 48 0.59 -8.11 -1.44
C TYR B 48 0.60 -9.60 -1.16
N GLU B 49 0.46 -9.98 0.11
CA GLU B 49 0.42 -11.39 0.47
C GLU B 49 -0.71 -12.10 -0.26
N ALA B 50 -1.88 -11.48 -0.24
CA ALA B 50 -3.06 -12.04 -0.89
C ALA B 50 -2.81 -12.28 -2.38
N TYR B 51 -2.28 -11.28 -3.07
CA TYR B 51 -2.02 -11.39 -4.50
C TYR B 51 -0.82 -12.28 -4.80
N ARG B 52 0.17 -12.27 -3.91
CA ARG B 52 1.31 -13.18 -4.06
C ARG B 52 0.84 -14.62 -3.96
N GLN B 53 0.08 -14.93 -2.93
CA GLN B 53 -0.46 -16.26 -2.73
C GLN B 53 -1.45 -16.59 -3.84
N LEU B 54 -2.17 -15.57 -4.31
CA LEU B 54 -3.11 -15.73 -5.40
C LEU B 54 -2.39 -16.17 -6.67
N ASP B 55 -1.33 -15.44 -7.03
CA ASP B 55 -0.55 -15.77 -8.22
C ASP B 55 0.12 -17.13 -8.08
N GLU B 56 0.58 -17.41 -6.87
CA GLU B 56 1.24 -18.67 -6.55
C GLU B 56 0.24 -19.83 -6.59
N PHE B 57 -0.93 -19.62 -6.02
CA PHE B 57 -1.97 -20.64 -6.05
C PHE B 57 -2.48 -20.79 -7.48
N ARG B 58 -2.50 -19.68 -8.20
CA ARG B 58 -2.91 -19.67 -9.60
C ARG B 58 -2.08 -20.65 -10.42
N LYS B 59 -0.76 -20.55 -10.29
CA LYS B 59 0.13 -21.46 -11.01
C LYS B 59 0.05 -22.88 -10.43
N SER B 60 -0.10 -22.98 -9.13
CA SER B 60 -0.23 -24.28 -8.46
C SER B 60 -1.46 -25.03 -8.96
N THR B 61 -2.60 -24.36 -8.93
CA THR B 61 -3.86 -24.99 -9.32
C THR B 61 -3.89 -25.23 -10.84
N ALA B 62 -3.12 -24.44 -11.58
CA ALA B 62 -3.02 -24.62 -13.02
C ALA B 62 -2.29 -25.90 -13.35
N SER B 63 -1.37 -26.28 -12.48
CA SER B 63 -0.60 -27.50 -12.66
C SER B 63 -1.45 -28.73 -12.35
N LEU B 64 -2.48 -28.54 -11.52
CA LEU B 64 -3.33 -29.64 -11.10
C LEU B 64 -4.54 -29.75 -12.02
N GLU B 65 -5.18 -28.62 -12.28
CA GLU B 65 -6.41 -28.55 -13.03
C GLU B 65 -6.16 -28.43 -14.53
N HIS B 66 -4.91 -28.51 -14.92
CA HIS B 66 -4.52 -28.34 -16.33
C HIS B 66 -5.36 -29.23 -17.24
N HIS B 67 -5.31 -30.53 -17.01
CA HIS B 67 -6.10 -31.45 -17.81
C HIS B 67 -6.87 -32.39 -16.90
N HIS B 68 -8.15 -32.10 -16.73
CA HIS B 68 -9.01 -32.88 -15.83
C HIS B 68 -9.11 -34.34 -16.26
N HIS B 69 -8.85 -35.23 -15.32
CA HIS B 69 -9.05 -36.66 -15.55
C HIS B 69 -10.28 -37.11 -14.77
N HIS B 70 -10.30 -36.77 -13.48
CA HIS B 70 -11.46 -36.98 -12.61
C HIS B 70 -11.71 -38.47 -12.35
N HIS B 71 -11.74 -38.84 -11.08
CA HIS B 71 -12.05 -40.20 -10.68
C HIS B 71 -13.43 -40.26 -10.05
N MET A 1 18.71 25.55 17.88
CA MET A 1 19.60 26.70 17.62
C MET A 1 20.52 26.43 16.44
N SER A 2 20.96 27.50 15.78
CA SER A 2 21.93 27.43 14.68
C SER A 2 21.33 26.85 13.41
N GLU A 3 20.10 26.40 13.51
CA GLU A 3 19.40 25.81 12.39
C GLU A 3 18.67 26.88 11.59
N GLY A 4 19.18 27.12 10.40
CA GLY A 4 18.66 28.18 9.55
C GLY A 4 17.28 27.87 9.02
N ALA A 5 16.42 28.88 9.05
CA ALA A 5 15.05 28.75 8.57
C ALA A 5 15.01 28.42 7.07
N GLU A 6 16.10 28.75 6.38
CA GLU A 6 16.22 28.41 4.96
C GLU A 6 16.31 26.90 4.79
N GLU A 7 17.14 26.28 5.62
CA GLU A 7 17.32 24.82 5.60
C GLU A 7 16.05 24.13 6.09
N LEU A 8 15.35 24.80 6.99
CA LEU A 8 14.08 24.33 7.50
C LEU A 8 13.07 24.24 6.36
N LYS A 9 13.05 25.27 5.52
CA LYS A 9 12.18 25.31 4.35
C LYS A 9 12.61 24.26 3.35
N ALA A 10 13.91 24.10 3.19
CA ALA A 10 14.45 23.07 2.31
C ALA A 10 14.02 21.68 2.77
N LYS A 11 14.02 21.47 4.08
CA LYS A 11 13.52 20.22 4.67
C LYS A 11 12.04 20.03 4.33
N LEU A 12 11.26 21.06 4.57
CA LEU A 12 9.83 21.03 4.25
C LEU A 12 9.62 20.76 2.77
N LYS A 13 10.42 21.42 1.93
CA LYS A 13 10.36 21.21 0.49
C LYS A 13 10.58 19.74 0.14
N LYS A 14 11.62 19.18 0.73
CA LYS A 14 11.98 17.78 0.54
C LYS A 14 10.81 16.86 0.86
N LEU A 15 10.20 17.07 2.01
CA LEU A 15 9.07 16.25 2.45
C LEU A 15 7.83 16.51 1.59
N ASN A 16 7.58 17.77 1.28
CA ASN A 16 6.42 18.16 0.48
C ASN A 16 6.45 17.47 -0.89
N ALA A 17 7.58 17.60 -1.57
CA ALA A 17 7.73 17.02 -2.90
C ALA A 17 7.62 15.50 -2.86
N GLN A 18 8.24 14.90 -1.85
CA GLN A 18 8.26 13.44 -1.73
C GLN A 18 6.84 12.90 -1.51
N ALA A 19 6.12 13.49 -0.56
CA ALA A 19 4.78 13.03 -0.21
C ALA A 19 3.81 13.21 -1.39
N THR A 20 3.95 14.32 -2.09
CA THR A 20 3.07 14.62 -3.20
C THR A 20 3.35 13.73 -4.42
N ALA A 21 4.63 13.49 -4.69
CA ALA A 21 5.02 12.68 -5.84
C ALA A 21 4.50 11.25 -5.71
N LEU A 22 4.67 10.67 -4.53
CA LEU A 22 4.25 9.30 -4.28
C LEU A 22 2.73 9.16 -4.31
N LYS A 23 2.01 10.24 -4.00
CA LYS A 23 0.55 10.21 -3.97
C LYS A 23 -0.01 9.87 -5.35
N MET A 24 0.37 10.64 -6.36
CA MET A 24 -0.12 10.43 -7.72
C MET A 24 0.43 9.12 -8.28
N ASP A 25 1.62 8.75 -7.84
CA ASP A 25 2.26 7.51 -8.27
C ASP A 25 1.49 6.31 -7.72
N LEU A 26 1.04 6.43 -6.48
CA LEU A 26 0.25 5.39 -5.84
C LEU A 26 -1.17 5.36 -6.42
N HIS A 27 -1.76 6.53 -6.61
CA HIS A 27 -3.14 6.63 -7.08
C HIS A 27 -3.29 5.94 -8.43
N ASP A 28 -2.35 6.19 -9.33
CA ASP A 28 -2.36 5.60 -10.67
C ASP A 28 -2.27 4.08 -10.60
N LEU A 29 -1.52 3.60 -9.61
CA LEU A 29 -1.33 2.16 -9.42
C LEU A 29 -2.55 1.54 -8.75
N ALA A 30 -3.14 2.26 -7.81
CA ALA A 30 -4.27 1.76 -7.05
C ALA A 30 -5.54 1.69 -7.90
N GLU A 31 -5.62 2.54 -8.93
CA GLU A 31 -6.73 2.51 -9.84
C GLU A 31 -6.62 1.33 -10.78
N ASP A 32 -5.44 1.11 -11.34
CA ASP A 32 -5.24 0.01 -12.26
C ASP A 32 -4.61 -1.16 -11.53
N LEU A 33 -5.46 -1.88 -10.83
CA LEU A 33 -5.10 -3.04 -10.02
C LEU A 33 -4.63 -4.23 -10.85
N PRO A 34 -4.29 -5.35 -10.16
CA PRO A 34 -3.07 -6.07 -10.37
C PRO A 34 -2.02 -5.28 -11.12
N THR A 35 -2.07 -5.27 -12.44
CA THR A 35 -0.98 -4.76 -13.30
C THR A 35 0.41 -4.79 -12.62
N GLY A 36 0.75 -3.74 -11.87
CA GLY A 36 2.03 -3.69 -11.16
C GLY A 36 1.87 -3.78 -9.64
N TRP A 37 1.01 -4.68 -9.20
CA TRP A 37 0.74 -4.92 -7.78
C TRP A 37 2.00 -5.22 -6.99
N ASN A 38 3.02 -5.73 -7.67
CA ASN A 38 4.27 -6.07 -7.01
C ASN A 38 4.93 -4.83 -6.40
N ARG A 39 4.62 -3.67 -6.96
CA ARG A 39 5.27 -2.44 -6.54
C ARG A 39 4.45 -1.72 -5.47
N ILE A 40 3.28 -2.27 -5.14
CA ILE A 40 2.38 -1.64 -4.16
C ILE A 40 3.09 -1.40 -2.83
N MET A 41 3.85 -2.38 -2.37
CA MET A 41 4.54 -2.29 -1.08
C MET A 41 5.45 -1.06 -1.01
N GLU A 42 6.21 -0.83 -2.07
CA GLU A 42 7.15 0.27 -2.10
C GLU A 42 6.42 1.60 -2.03
N VAL A 43 5.54 1.82 -2.98
CA VAL A 43 4.84 3.07 -3.10
C VAL A 43 4.07 3.40 -1.82
N ALA A 44 3.39 2.39 -1.26
CA ALA A 44 2.61 2.58 -0.04
C ALA A 44 3.52 2.94 1.14
N GLU A 45 4.60 2.19 1.28
CA GLU A 45 5.56 2.41 2.36
C GLU A 45 6.14 3.82 2.30
N LYS A 46 6.58 4.21 1.11
CA LYS A 46 7.19 5.53 0.92
C LYS A 46 6.17 6.65 1.11
N THR A 47 4.94 6.43 0.65
CA THR A 47 3.88 7.41 0.83
C THR A 47 3.57 7.63 2.30
N TYR A 48 3.44 6.54 3.05
CA TYR A 48 3.16 6.59 4.47
C TYR A 48 4.27 7.35 5.20
N GLU A 49 5.51 6.92 4.98
CA GLU A 49 6.68 7.54 5.61
C GLU A 49 6.80 9.01 5.24
N ALA A 50 6.45 9.35 4.01
CA ALA A 50 6.52 10.73 3.56
C ALA A 50 5.54 11.61 4.32
N TYR A 51 4.29 11.17 4.38
CA TYR A 51 3.25 11.95 5.06
C TYR A 51 3.42 11.89 6.58
N ARG A 52 3.90 10.78 7.11
CA ARG A 52 4.09 10.67 8.55
C ARG A 52 5.20 11.62 9.00
N GLN A 53 6.28 11.68 8.22
CA GLN A 53 7.39 12.57 8.52
C GLN A 53 6.94 14.02 8.32
N LEU A 54 6.17 14.25 7.27
CA LEU A 54 5.65 15.59 6.99
C LEU A 54 4.80 16.09 8.16
N ASP A 55 3.93 15.23 8.68
CA ASP A 55 3.08 15.58 9.82
C ASP A 55 3.92 15.77 11.07
N GLU A 56 4.88 14.87 11.27
CA GLU A 56 5.79 14.95 12.41
C GLU A 56 6.63 16.22 12.35
N PHE A 57 7.13 16.54 11.17
CA PHE A 57 7.88 17.76 10.94
C PHE A 57 7.00 18.97 11.23
N ARG A 58 5.76 18.92 10.77
CA ARG A 58 4.80 20.00 10.98
C ARG A 58 4.57 20.21 12.46
N LYS A 59 4.33 19.13 13.19
CA LYS A 59 4.07 19.21 14.62
C LYS A 59 5.24 19.83 15.36
N SER A 60 6.44 19.31 15.07
CA SER A 60 7.64 19.76 15.76
C SER A 60 7.94 21.23 15.46
N THR A 61 7.80 21.61 14.20
CA THR A 61 8.06 22.98 13.77
C THR A 61 7.02 23.94 14.36
N ALA A 62 5.76 23.56 14.29
CA ALA A 62 4.67 24.40 14.78
C ALA A 62 4.81 24.63 16.28
N SER A 63 5.16 23.59 17.01
CA SER A 63 5.31 23.70 18.46
C SER A 63 6.54 24.53 18.83
N LEU A 64 7.51 24.57 17.94
CA LEU A 64 8.75 25.30 18.19
C LEU A 64 8.55 26.79 17.89
N GLU A 65 7.91 27.08 16.77
CA GLU A 65 7.70 28.47 16.36
C GLU A 65 6.55 29.09 17.13
N HIS A 66 5.84 28.23 17.87
CA HIS A 66 4.65 28.62 18.62
C HIS A 66 3.53 28.96 17.64
N HIS A 67 3.59 28.29 16.49
CA HIS A 67 2.66 28.50 15.40
C HIS A 67 1.64 27.37 15.38
N HIS A 68 0.70 27.39 16.31
CA HIS A 68 -0.23 26.29 16.48
C HIS A 68 -1.66 26.77 16.27
N HIS A 69 -2.50 25.91 15.70
CA HIS A 69 -3.89 26.24 15.45
C HIS A 69 -4.77 25.64 16.53
N HIS A 70 -5.75 26.40 17.00
CA HIS A 70 -6.68 25.89 17.98
C HIS A 70 -8.11 26.30 17.62
N HIS A 71 -8.70 25.57 16.69
CA HIS A 71 -10.06 25.86 16.25
C HIS A 71 -10.67 24.60 15.65
N MET B 1 -8.71 -34.94 -0.35
CA MET B 1 -8.22 -33.72 0.31
C MET B 1 -6.79 -33.42 -0.15
N SER B 2 -6.40 -32.14 -0.07
CA SER B 2 -5.06 -31.67 -0.49
C SER B 2 -4.89 -31.70 -2.01
N GLU B 3 -5.89 -32.24 -2.67
CA GLU B 3 -5.94 -32.27 -4.12
C GLU B 3 -7.39 -32.22 -4.57
N GLY B 4 -7.62 -32.40 -5.86
CA GLY B 4 -8.96 -32.34 -6.38
C GLY B 4 -9.41 -30.93 -6.62
N ALA B 5 -10.12 -30.72 -7.72
CA ALA B 5 -10.54 -29.38 -8.12
C ALA B 5 -11.46 -28.74 -7.07
N GLU B 6 -12.15 -29.56 -6.28
CA GLU B 6 -13.11 -29.06 -5.30
C GLU B 6 -12.42 -28.29 -4.19
N GLU B 7 -11.49 -28.94 -3.53
CA GLU B 7 -10.80 -28.32 -2.39
C GLU B 7 -9.86 -27.23 -2.88
N LEU B 8 -9.36 -27.41 -4.09
CA LEU B 8 -8.52 -26.43 -4.73
C LEU B 8 -9.30 -25.16 -5.04
N LYS B 9 -10.55 -25.33 -5.45
CA LYS B 9 -11.41 -24.21 -5.78
C LYS B 9 -11.90 -23.54 -4.52
N ALA B 10 -12.11 -24.33 -3.48
CA ALA B 10 -12.46 -23.79 -2.17
C ALA B 10 -11.35 -22.88 -1.65
N LYS B 11 -10.12 -23.35 -1.79
CA LYS B 11 -8.95 -22.54 -1.45
C LYS B 11 -8.88 -21.30 -2.35
N LEU B 12 -9.09 -21.52 -3.64
CA LEU B 12 -9.10 -20.45 -4.63
C LEU B 12 -10.16 -19.41 -4.29
N LYS B 13 -11.34 -19.85 -3.86
CA LYS B 13 -12.42 -18.95 -3.47
C LYS B 13 -11.98 -18.05 -2.33
N LYS B 14 -11.39 -18.65 -1.31
CA LYS B 14 -10.85 -17.93 -0.18
C LYS B 14 -9.90 -16.82 -0.65
N LEU B 15 -8.99 -17.19 -1.55
CA LEU B 15 -8.01 -16.25 -2.07
C LEU B 15 -8.67 -15.18 -2.95
N ASN B 16 -9.60 -15.62 -3.79
CA ASN B 16 -10.33 -14.72 -4.69
C ASN B 16 -11.11 -13.69 -3.88
N ALA B 17 -11.83 -14.17 -2.87
CA ALA B 17 -12.63 -13.29 -2.02
C ALA B 17 -11.74 -12.29 -1.29
N GLN B 18 -10.62 -12.79 -0.75
CA GLN B 18 -9.68 -11.95 -0.03
C GLN B 18 -9.11 -10.87 -0.94
N ALA B 19 -8.67 -11.29 -2.13
CA ALA B 19 -8.10 -10.36 -3.11
C ALA B 19 -9.12 -9.30 -3.52
N THR B 20 -10.36 -9.73 -3.73
CA THR B 20 -11.41 -8.82 -4.12
C THR B 20 -11.75 -7.83 -3.00
N ALA B 21 -11.72 -8.32 -1.77
CA ALA B 21 -11.99 -7.49 -0.60
C ALA B 21 -10.96 -6.38 -0.47
N LEU B 22 -9.69 -6.76 -0.55
CA LEU B 22 -8.59 -5.80 -0.46
C LEU B 22 -8.56 -4.89 -1.68
N LYS B 23 -8.99 -5.42 -2.83
CA LYS B 23 -9.08 -4.64 -4.05
C LYS B 23 -9.90 -3.37 -3.83
N MET B 24 -11.09 -3.54 -3.29
CA MET B 24 -11.97 -2.42 -3.03
C MET B 24 -11.49 -1.61 -1.82
N ASP B 25 -10.99 -2.32 -0.82
CA ASP B 25 -10.57 -1.70 0.43
C ASP B 25 -9.40 -0.74 0.21
N LEU B 26 -8.43 -1.19 -0.57
CA LEU B 26 -7.25 -0.39 -0.88
C LEU B 26 -7.62 0.83 -1.72
N HIS B 27 -8.44 0.60 -2.76
CA HIS B 27 -8.83 1.67 -3.65
C HIS B 27 -9.65 2.72 -2.91
N ASP B 28 -10.56 2.26 -2.04
CA ASP B 28 -11.38 3.16 -1.24
C ASP B 28 -10.50 4.06 -0.37
N LEU B 29 -9.45 3.47 0.20
CA LEU B 29 -8.51 4.20 1.04
C LEU B 29 -7.69 5.19 0.19
N ALA B 30 -7.31 4.76 -1.01
CA ALA B 30 -6.50 5.58 -1.90
C ALA B 30 -7.27 6.80 -2.40
N GLU B 31 -8.55 6.63 -2.67
CA GLU B 31 -9.39 7.72 -3.14
C GLU B 31 -9.70 8.69 -2.02
N ASP B 32 -9.59 8.21 -0.79
CA ASP B 32 -9.97 8.99 0.38
C ASP B 32 -8.74 9.31 1.23
N LEU B 33 -7.58 9.34 0.57
CA LEU B 33 -6.30 9.67 1.20
C LEU B 33 -6.37 10.85 2.18
N PRO B 34 -5.29 11.05 2.97
CA PRO B 34 -5.33 11.32 4.37
C PRO B 34 -6.72 11.40 4.99
N THR B 35 -6.86 10.54 5.98
CA THR B 35 -8.04 10.37 6.84
C THR B 35 -7.83 9.09 7.65
N GLY B 36 -7.69 7.97 6.94
CA GLY B 36 -7.40 6.69 7.57
C GLY B 36 -6.16 6.05 6.99
N TRP B 37 -5.25 6.89 6.48
CA TRP B 37 -4.01 6.44 5.84
C TRP B 37 -3.10 5.73 6.83
N ASN B 38 -3.41 5.82 8.12
CA ASN B 38 -2.63 5.15 9.15
C ASN B 38 -2.77 3.64 9.01
N ARG B 39 -3.75 3.21 8.21
CA ARG B 39 -4.00 1.79 7.98
C ARG B 39 -3.48 1.36 6.61
N ILE B 40 -2.86 2.30 5.89
CA ILE B 40 -2.49 2.06 4.49
C ILE B 40 -1.49 0.90 4.37
N MET B 41 -0.60 0.77 5.34
CA MET B 41 0.42 -0.26 5.32
C MET B 41 -0.22 -1.64 5.40
N GLU B 42 -1.08 -1.83 6.40
CA GLU B 42 -1.74 -3.11 6.62
C GLU B 42 -2.52 -3.55 5.38
N VAL B 43 -3.26 -2.60 4.82
CA VAL B 43 -4.03 -2.86 3.62
C VAL B 43 -3.11 -3.25 2.47
N ALA B 44 -2.01 -2.52 2.32
CA ALA B 44 -1.03 -2.81 1.27
C ALA B 44 -0.41 -4.19 1.47
N GLU B 45 -0.11 -4.53 2.72
CA GLU B 45 0.41 -5.84 3.07
C GLU B 45 -0.51 -6.94 2.56
N LYS B 46 -1.77 -6.88 3.00
CA LYS B 46 -2.74 -7.90 2.69
C LYS B 46 -3.06 -7.94 1.20
N THR B 47 -3.18 -6.77 0.59
CA THR B 47 -3.46 -6.67 -0.84
C THR B 47 -2.35 -7.34 -1.65
N TYR B 48 -1.10 -6.99 -1.35
CA TYR B 48 0.04 -7.54 -2.06
C TYR B 48 0.11 -9.05 -1.86
N GLU B 49 0.00 -9.48 -0.60
CA GLU B 49 0.07 -10.89 -0.26
C GLU B 49 -0.99 -11.72 -0.95
N ALA B 50 -2.23 -11.23 -0.97
CA ALA B 50 -3.34 -11.97 -1.57
C ALA B 50 -3.10 -12.23 -3.06
N TYR B 51 -2.67 -11.20 -3.79
CA TYR B 51 -2.36 -11.34 -5.20
C TYR B 51 -1.15 -12.26 -5.38
N ARG B 52 -0.18 -12.11 -4.49
CA ARG B 52 1.00 -12.96 -4.46
C ARG B 52 0.60 -14.43 -4.28
N GLN B 53 -0.20 -14.68 -3.26
CA GLN B 53 -0.69 -16.03 -2.95
C GLN B 53 -1.54 -16.57 -4.08
N LEU B 54 -2.34 -15.70 -4.69
CA LEU B 54 -3.19 -16.09 -5.80
C LEU B 54 -2.34 -16.56 -6.99
N ASP B 55 -1.36 -15.75 -7.35
CA ASP B 55 -0.47 -16.07 -8.47
C ASP B 55 0.34 -17.33 -8.16
N GLU B 56 0.85 -17.40 -6.94
CA GLU B 56 1.62 -18.56 -6.50
C GLU B 56 0.79 -19.84 -6.52
N PHE B 57 -0.45 -19.75 -6.05
CA PHE B 57 -1.35 -20.89 -6.08
C PHE B 57 -1.63 -21.30 -7.51
N ARG B 58 -1.86 -20.31 -8.37
CA ARG B 58 -2.13 -20.56 -9.78
C ARG B 58 -0.94 -21.24 -10.45
N LYS B 59 0.25 -20.71 -10.21
CA LYS B 59 1.47 -21.19 -10.85
C LYS B 59 1.72 -22.64 -10.46
N SER B 60 1.55 -22.94 -9.18
CA SER B 60 1.77 -24.28 -8.66
C SER B 60 0.71 -25.25 -9.18
N THR B 61 -0.55 -24.83 -9.14
CA THR B 61 -1.65 -25.67 -9.56
C THR B 61 -1.58 -25.99 -11.05
N ALA B 62 -1.31 -24.97 -11.87
CA ALA B 62 -1.24 -25.14 -13.32
C ALA B 62 -0.17 -26.17 -13.69
N SER B 63 0.93 -26.16 -12.94
CA SER B 63 2.02 -27.11 -13.17
C SER B 63 1.55 -28.54 -12.89
N LEU B 64 0.84 -28.74 -11.79
CA LEU B 64 0.36 -30.06 -11.40
C LEU B 64 -0.86 -30.47 -12.24
N GLU B 65 -1.63 -29.49 -12.67
CA GLU B 65 -2.82 -29.76 -13.46
C GLU B 65 -2.44 -30.17 -14.88
N HIS B 66 -1.21 -29.88 -15.22
CA HIS B 66 -0.68 -30.19 -16.54
C HIS B 66 -0.26 -31.66 -16.63
N HIS B 67 -0.16 -32.30 -15.48
CA HIS B 67 0.25 -33.71 -15.40
C HIS B 67 -0.68 -34.57 -16.25
N HIS B 68 -1.94 -34.69 -15.83
CA HIS B 68 -2.96 -35.46 -16.54
C HIS B 68 -2.53 -36.92 -16.73
N HIS B 69 -3.33 -37.64 -17.50
CA HIS B 69 -2.92 -38.93 -18.03
C HIS B 69 -2.43 -38.73 -19.47
N HIS B 70 -1.37 -39.43 -19.85
CA HIS B 70 -0.75 -39.22 -21.15
C HIS B 70 0.17 -40.38 -21.47
N HIS B 71 0.08 -40.89 -22.69
CA HIS B 71 0.94 -41.99 -23.11
C HIS B 71 1.91 -41.51 -24.18
N MET A 1 18.31 17.59 9.55
CA MET A 1 18.70 16.88 10.79
C MET A 1 18.61 17.84 11.97
N SER A 2 19.33 18.95 11.88
CA SER A 2 19.20 20.03 12.82
C SER A 2 18.09 20.96 12.35
N GLU A 3 17.48 21.69 13.25
CA GLU A 3 16.35 22.52 12.89
C GLU A 3 16.76 23.97 12.75
N GLY A 4 16.84 24.39 11.50
CA GLY A 4 17.22 25.74 11.17
C GLY A 4 16.44 26.25 9.97
N ALA A 5 16.56 27.54 9.68
CA ALA A 5 15.76 28.17 8.63
C ALA A 5 15.94 27.53 7.26
N GLU A 6 17.20 27.37 6.85
CA GLU A 6 17.48 26.85 5.51
C GLU A 6 17.05 25.39 5.41
N GLU A 7 17.41 24.62 6.42
CA GLU A 7 17.08 23.21 6.49
C GLU A 7 15.56 23.03 6.48
N LEU A 8 14.88 23.91 7.21
CA LEU A 8 13.43 23.90 7.31
C LEU A 8 12.80 24.06 5.92
N LYS A 9 13.23 25.08 5.21
CA LYS A 9 12.65 25.40 3.91
C LYS A 9 12.93 24.29 2.90
N ALA A 10 14.16 23.81 2.87
CA ALA A 10 14.52 22.74 1.96
C ALA A 10 13.77 21.46 2.29
N LYS A 11 13.64 21.17 3.57
CA LYS A 11 12.97 19.96 4.01
C LYS A 11 11.48 20.04 3.72
N LEU A 12 10.88 21.16 4.07
CA LEU A 12 9.46 21.39 3.82
C LEU A 12 9.18 21.27 2.33
N LYS A 13 10.02 21.91 1.53
CA LYS A 13 9.87 21.88 0.08
C LYS A 13 9.92 20.44 -0.43
N LYS A 14 10.96 19.73 -0.01
CA LYS A 14 11.20 18.37 -0.47
C LYS A 14 10.06 17.44 -0.04
N LEU A 15 9.68 17.52 1.23
CA LEU A 15 8.61 16.66 1.76
C LEU A 15 7.27 16.99 1.13
N ASN A 16 6.99 18.28 0.96
CA ASN A 16 5.74 18.72 0.35
C ASN A 16 5.60 18.16 -1.05
N ALA A 17 6.68 18.25 -1.83
CA ALA A 17 6.69 17.74 -3.19
C ALA A 17 6.66 16.21 -3.19
N GLN A 18 7.39 15.62 -2.24
CA GLN A 18 7.47 14.17 -2.10
C GLN A 18 6.09 13.57 -1.88
N ALA A 19 5.38 14.11 -0.89
CA ALA A 19 4.04 13.62 -0.56
C ALA A 19 3.08 13.79 -1.74
N THR A 20 3.17 14.94 -2.40
CA THR A 20 2.31 15.23 -3.55
C THR A 20 2.59 14.26 -4.69
N ALA A 21 3.87 13.96 -4.93
CA ALA A 21 4.27 13.03 -5.98
C ALA A 21 3.72 11.64 -5.72
N LEU A 22 3.85 11.17 -4.48
CA LEU A 22 3.35 9.86 -4.10
C LEU A 22 1.82 9.81 -4.16
N LYS A 23 1.18 10.91 -3.77
CA LYS A 23 -0.28 11.00 -3.82
C LYS A 23 -0.80 10.76 -5.24
N MET A 24 -0.07 11.27 -6.22
CA MET A 24 -0.45 11.07 -7.62
C MET A 24 -0.12 9.65 -8.07
N ASP A 25 1.09 9.20 -7.73
CA ASP A 25 1.58 7.90 -8.16
C ASP A 25 0.74 6.77 -7.58
N LEU A 26 0.47 6.85 -6.28
CA LEU A 26 -0.33 5.83 -5.59
C LEU A 26 -1.73 5.74 -6.19
N HIS A 27 -2.32 6.88 -6.48
CA HIS A 27 -3.68 6.92 -7.02
C HIS A 27 -3.74 6.22 -8.37
N ASP A 28 -2.68 6.39 -9.15
CA ASP A 28 -2.59 5.79 -10.48
C ASP A 28 -2.30 4.29 -10.37
N LEU A 29 -1.47 3.91 -9.41
CA LEU A 29 -1.15 2.49 -9.21
C LEU A 29 -2.37 1.75 -8.67
N ALA A 30 -3.10 2.39 -7.78
CA ALA A 30 -4.32 1.82 -7.23
C ALA A 30 -5.37 1.62 -8.32
N GLU A 31 -5.26 2.42 -9.37
CA GLU A 31 -6.15 2.31 -10.51
C GLU A 31 -5.76 1.09 -11.35
N ASP A 32 -4.46 0.88 -11.50
CA ASP A 32 -3.95 -0.19 -12.35
C ASP A 32 -3.74 -1.47 -11.54
N LEU A 33 -4.62 -1.66 -10.57
CA LEU A 33 -4.64 -2.85 -9.72
C LEU A 33 -4.69 -4.17 -10.53
N PRO A 34 -4.61 -5.34 -9.85
CA PRO A 34 -3.98 -6.57 -10.33
C PRO A 34 -2.95 -6.45 -11.46
N THR A 35 -2.38 -5.26 -11.62
CA THR A 35 -1.16 -5.08 -12.37
C THR A 35 -0.19 -4.27 -11.51
N GLY A 36 1.10 -4.55 -11.63
CA GLY A 36 2.10 -3.85 -10.84
C GLY A 36 1.92 -4.01 -9.33
N TRP A 37 1.08 -4.97 -8.93
CA TRP A 37 0.79 -5.24 -7.52
C TRP A 37 2.06 -5.48 -6.69
N ASN A 38 3.13 -5.91 -7.35
CA ASN A 38 4.38 -6.18 -6.68
C ASN A 38 4.96 -4.90 -6.09
N ARG A 39 4.53 -3.76 -6.60
CA ARG A 39 5.12 -2.49 -6.20
C ARG A 39 4.19 -1.73 -5.25
N ILE A 40 3.07 -2.35 -4.88
CA ILE A 40 2.13 -1.73 -3.95
C ILE A 40 2.80 -1.42 -2.62
N MET A 41 3.56 -2.39 -2.12
CA MET A 41 4.26 -2.23 -0.85
C MET A 41 5.20 -1.03 -0.88
N GLU A 42 5.99 -0.95 -1.95
CA GLU A 42 6.96 0.12 -2.11
C GLU A 42 6.28 1.49 -2.10
N VAL A 43 5.30 1.66 -2.99
CA VAL A 43 4.61 2.93 -3.11
C VAL A 43 3.88 3.29 -1.82
N ALA A 44 3.24 2.29 -1.20
CA ALA A 44 2.54 2.50 0.07
C ALA A 44 3.52 2.96 1.15
N GLU A 45 4.68 2.31 1.20
CA GLU A 45 5.74 2.67 2.13
C GLU A 45 6.18 4.11 1.92
N LYS A 46 6.46 4.45 0.67
CA LYS A 46 6.95 5.78 0.34
C LYS A 46 5.93 6.86 0.66
N THR A 47 4.66 6.55 0.42
CA THR A 47 3.57 7.47 0.73
C THR A 47 3.44 7.64 2.24
N TYR A 48 3.47 6.51 2.96
CA TYR A 48 3.40 6.52 4.41
C TYR A 48 4.57 7.29 5.00
N GLU A 49 5.76 7.02 4.50
CA GLU A 49 6.99 7.67 4.97
C GLU A 49 6.92 9.17 4.75
N ALA A 50 6.36 9.57 3.63
CA ALA A 50 6.17 10.99 3.35
C ALA A 50 5.22 11.62 4.38
N TYR A 51 4.04 11.03 4.54
CA TYR A 51 3.05 11.55 5.47
C TYR A 51 3.53 11.51 6.91
N ARG A 52 4.20 10.42 7.29
CA ARG A 52 4.70 10.28 8.65
C ARG A 52 5.76 11.35 8.94
N GLN A 53 6.64 11.59 7.97
CA GLN A 53 7.71 12.56 8.14
C GLN A 53 7.16 13.97 8.12
N LEU A 54 6.12 14.19 7.32
CA LEU A 54 5.44 15.49 7.28
C LEU A 54 5.01 15.91 8.68
N ASP A 55 4.30 15.03 9.36
CA ASP A 55 3.79 15.30 10.70
C ASP A 55 4.94 15.37 11.70
N GLU A 56 5.86 14.42 11.60
CA GLU A 56 7.00 14.34 12.51
C GLU A 56 7.89 15.59 12.40
N PHE A 57 8.06 16.08 11.19
CA PHE A 57 8.84 17.29 11.00
C PHE A 57 8.09 18.49 11.56
N ARG A 58 6.79 18.53 11.31
CA ARG A 58 5.95 19.62 11.78
C ARG A 58 5.90 19.67 13.30
N LYS A 59 5.68 18.53 13.94
CA LYS A 59 5.49 18.51 15.39
C LYS A 59 6.77 18.89 16.12
N SER A 60 7.90 18.59 15.51
CA SER A 60 9.18 18.95 16.10
C SER A 60 9.50 20.41 15.86
N THR A 61 9.52 20.80 14.59
CA THR A 61 9.98 22.13 14.21
C THR A 61 8.97 23.22 14.59
N ALA A 62 7.68 22.90 14.61
CA ALA A 62 6.69 23.87 15.05
C ALA A 62 6.90 24.20 16.53
N SER A 63 7.44 23.24 17.26
CA SER A 63 7.81 23.47 18.65
C SER A 63 9.02 24.39 18.73
N LEU A 64 9.96 24.19 17.82
CA LEU A 64 11.15 25.01 17.72
C LEU A 64 10.76 26.45 17.36
N GLU A 65 9.76 26.57 16.49
CA GLU A 65 9.22 27.86 16.11
C GLU A 65 8.38 28.48 17.23
N HIS A 66 8.19 27.71 18.29
CA HIS A 66 7.38 28.14 19.44
C HIS A 66 5.93 28.31 19.01
N HIS A 67 5.53 27.55 17.99
CA HIS A 67 4.15 27.54 17.50
C HIS A 67 3.34 26.44 18.18
N HIS A 68 3.92 25.25 18.22
CA HIS A 68 3.27 24.07 18.81
C HIS A 68 3.13 24.25 20.32
N HIS A 69 1.90 24.19 20.81
CA HIS A 69 1.63 24.44 22.22
C HIS A 69 2.08 23.25 23.08
N HIS A 70 2.42 23.53 24.33
CA HIS A 70 2.84 22.49 25.25
C HIS A 70 1.86 22.40 26.41
N HIS A 71 0.89 21.50 26.28
CA HIS A 71 -0.13 21.33 27.30
C HIS A 71 -0.94 20.07 27.01
N MET B 1 -3.25 -34.95 2.54
CA MET B 1 -3.31 -34.41 1.17
C MET B 1 -4.30 -35.21 0.32
N SER B 2 -5.09 -34.51 -0.47
CA SER B 2 -5.99 -35.14 -1.42
C SER B 2 -6.11 -34.27 -2.65
N GLU B 3 -6.01 -34.89 -3.82
CA GLU B 3 -6.09 -34.15 -5.07
C GLU B 3 -7.53 -34.05 -5.54
N GLY B 4 -8.09 -32.88 -5.35
CA GLY B 4 -9.47 -32.65 -5.71
C GLY B 4 -9.70 -31.25 -6.21
N ALA B 5 -10.48 -31.12 -7.27
CA ALA B 5 -10.76 -29.82 -7.86
C ALA B 5 -11.63 -28.98 -6.93
N GLU B 6 -12.41 -29.65 -6.09
CA GLU B 6 -13.34 -28.98 -5.20
C GLU B 6 -12.59 -28.29 -4.06
N GLU B 7 -11.63 -28.99 -3.49
CA GLU B 7 -10.76 -28.43 -2.48
C GLU B 7 -10.04 -27.20 -3.02
N LEU B 8 -9.55 -27.31 -4.25
CA LEU B 8 -8.88 -26.21 -4.91
C LEU B 8 -9.87 -25.06 -5.13
N LYS B 9 -11.06 -25.40 -5.64
CA LYS B 9 -12.09 -24.41 -5.93
C LYS B 9 -12.52 -23.69 -4.66
N ALA B 10 -12.83 -24.45 -3.63
CA ALA B 10 -13.27 -23.88 -2.36
C ALA B 10 -12.21 -22.95 -1.79
N LYS B 11 -10.96 -23.38 -1.85
CA LYS B 11 -9.86 -22.58 -1.33
C LYS B 11 -9.64 -21.33 -2.20
N LEU B 12 -9.68 -21.54 -3.51
CA LEU B 12 -9.51 -20.44 -4.47
C LEU B 12 -10.64 -19.44 -4.37
N LYS B 13 -11.86 -19.94 -4.16
CA LYS B 13 -13.02 -19.08 -4.00
C LYS B 13 -12.82 -18.11 -2.84
N LYS B 14 -12.31 -18.65 -1.74
CA LYS B 14 -11.98 -17.86 -0.56
C LYS B 14 -10.92 -16.81 -0.90
N LEU B 15 -9.82 -17.27 -1.48
CA LEU B 15 -8.70 -16.40 -1.86
C LEU B 15 -9.14 -15.33 -2.85
N ASN B 16 -9.88 -15.75 -3.87
CA ASN B 16 -10.30 -14.87 -4.95
C ASN B 16 -11.24 -13.79 -4.42
N ALA B 17 -12.19 -14.18 -3.58
CA ALA B 17 -13.12 -13.24 -2.99
C ALA B 17 -12.39 -12.23 -2.14
N GLN B 18 -11.47 -12.72 -1.31
CA GLN B 18 -10.67 -11.86 -0.44
C GLN B 18 -9.86 -10.88 -1.28
N ALA B 19 -9.24 -11.39 -2.34
CA ALA B 19 -8.42 -10.56 -3.22
C ALA B 19 -9.24 -9.47 -3.89
N THR B 20 -10.39 -9.84 -4.43
CA THR B 20 -11.26 -8.88 -5.08
C THR B 20 -11.77 -7.83 -4.09
N ALA B 21 -12.07 -8.28 -2.87
CA ALA B 21 -12.51 -7.38 -1.81
C ALA B 21 -11.40 -6.39 -1.46
N LEU B 22 -10.16 -6.88 -1.44
CA LEU B 22 -9.00 -6.03 -1.18
C LEU B 22 -8.81 -5.02 -2.30
N LYS B 23 -8.98 -5.47 -3.54
CA LYS B 23 -8.89 -4.59 -4.70
C LYS B 23 -9.88 -3.44 -4.55
N MET B 24 -11.08 -3.76 -4.10
CA MET B 24 -12.12 -2.76 -3.91
C MET B 24 -11.76 -1.82 -2.77
N ASP B 25 -11.34 -2.39 -1.64
CA ASP B 25 -11.11 -1.61 -0.44
C ASP B 25 -9.86 -0.75 -0.55
N LEU B 26 -8.82 -1.29 -1.16
CA LEU B 26 -7.57 -0.54 -1.36
C LEU B 26 -7.82 0.66 -2.27
N HIS B 27 -8.55 0.42 -3.35
CA HIS B 27 -8.87 1.49 -4.29
C HIS B 27 -9.85 2.47 -3.65
N ASP B 28 -10.71 1.94 -2.79
CA ASP B 28 -11.67 2.75 -2.05
C ASP B 28 -10.95 3.65 -1.05
N LEU B 29 -9.94 3.09 -0.37
CA LEU B 29 -9.14 3.84 0.58
C LEU B 29 -8.28 4.88 -0.14
N ALA B 30 -7.82 4.55 -1.34
CA ALA B 30 -7.04 5.48 -2.15
C ALA B 30 -7.88 6.68 -2.56
N GLU B 31 -9.20 6.47 -2.64
CA GLU B 31 -10.12 7.54 -2.95
C GLU B 31 -10.49 8.28 -1.65
N ASP B 32 -10.33 7.57 -0.53
CA ASP B 32 -10.65 8.12 0.78
C ASP B 32 -9.39 8.67 1.45
N LEU B 33 -8.42 9.03 0.62
CA LEU B 33 -7.15 9.60 1.08
C LEU B 33 -7.31 10.79 2.04
N PRO B 34 -6.20 11.31 2.63
CA PRO B 34 -6.09 11.93 3.94
C PRO B 34 -7.21 11.70 4.96
N THR B 35 -7.98 10.65 4.77
CA THR B 35 -8.79 10.09 5.86
C THR B 35 -8.53 8.59 5.94
N GLY B 36 -8.28 8.09 7.15
CA GLY B 36 -8.03 6.66 7.30
C GLY B 36 -6.71 6.21 6.68
N TRP B 37 -5.81 7.16 6.41
CA TRP B 37 -4.48 6.85 5.90
C TRP B 37 -3.72 5.89 6.82
N ASN B 38 -4.11 5.84 8.08
CA ASN B 38 -3.49 4.93 9.04
C ASN B 38 -3.74 3.47 8.63
N ARG B 39 -4.78 3.26 7.84
CA ARG B 39 -5.16 1.94 7.37
C ARG B 39 -4.27 1.47 6.23
N ILE B 40 -3.58 2.42 5.60
CA ILE B 40 -2.80 2.14 4.39
C ILE B 40 -1.84 0.97 4.58
N MET B 41 -1.09 0.97 5.67
CA MET B 41 -0.10 -0.08 5.93
C MET B 41 -0.76 -1.46 6.01
N GLU B 42 -1.88 -1.54 6.68
CA GLU B 42 -2.58 -2.80 6.86
C GLU B 42 -3.14 -3.30 5.54
N VAL B 43 -3.92 -2.45 4.90
CA VAL B 43 -4.58 -2.80 3.65
C VAL B 43 -3.56 -3.11 2.56
N ALA B 44 -2.52 -2.29 2.46
CA ALA B 44 -1.51 -2.46 1.42
C ALA B 44 -0.74 -3.77 1.59
N GLU B 45 -0.37 -4.08 2.84
CA GLU B 45 0.41 -5.28 3.09
C GLU B 45 -0.48 -6.52 2.93
N LYS B 46 -1.75 -6.36 3.25
CA LYS B 46 -2.74 -7.41 3.07
C LYS B 46 -2.88 -7.73 1.59
N THR B 47 -3.06 -6.67 0.81
CA THR B 47 -3.25 -6.78 -0.63
C THR B 47 -2.04 -7.41 -1.31
N TYR B 48 -0.85 -6.96 -0.93
CA TYR B 48 0.38 -7.50 -1.50
C TYR B 48 0.52 -8.99 -1.22
N GLU B 49 0.35 -9.37 0.05
CA GLU B 49 0.49 -10.76 0.46
C GLU B 49 -0.48 -11.65 -0.31
N ALA B 50 -1.74 -11.24 -0.34
CA ALA B 50 -2.78 -12.01 -1.01
C ALA B 50 -2.49 -12.16 -2.50
N TYR B 51 -2.06 -11.08 -3.14
CA TYR B 51 -1.78 -11.11 -4.57
C TYR B 51 -0.55 -11.94 -4.89
N ARG B 52 0.50 -11.77 -4.10
CA ARG B 52 1.73 -12.52 -4.31
C ARG B 52 1.49 -14.01 -4.12
N GLN B 53 0.90 -14.36 -2.99
CA GLN B 53 0.62 -15.75 -2.67
C GLN B 53 -0.36 -16.36 -3.65
N LEU B 54 -1.24 -15.55 -4.22
CA LEU B 54 -2.16 -16.03 -5.25
C LEU B 54 -1.38 -16.42 -6.51
N ASP B 55 -0.45 -15.56 -6.92
CA ASP B 55 0.41 -15.84 -8.07
C ASP B 55 1.30 -17.04 -7.77
N GLU B 56 1.86 -17.07 -6.56
CA GLU B 56 2.69 -18.17 -6.13
C GLU B 56 1.90 -19.47 -6.04
N PHE B 57 0.63 -19.36 -5.63
CA PHE B 57 -0.26 -20.52 -5.62
C PHE B 57 -0.46 -21.03 -7.03
N ARG B 58 -0.71 -20.10 -7.96
CA ARG B 58 -0.84 -20.44 -9.36
C ARG B 58 0.41 -21.13 -9.88
N LYS B 59 1.57 -20.56 -9.56
CA LYS B 59 2.85 -21.15 -9.93
C LYS B 59 2.97 -22.58 -9.42
N SER B 60 2.69 -22.75 -8.13
CA SER B 60 2.79 -24.04 -7.47
C SER B 60 1.82 -25.05 -8.08
N THR B 61 0.57 -24.65 -8.15
CA THR B 61 -0.48 -25.57 -8.59
C THR B 61 -0.42 -25.84 -10.09
N ALA B 62 -0.02 -24.85 -10.90
CA ALA B 62 0.02 -25.04 -12.35
C ALA B 62 1.04 -26.09 -12.75
N SER B 63 2.14 -26.14 -12.01
CA SER B 63 3.18 -27.13 -12.27
C SER B 63 2.67 -28.54 -12.01
N LEU B 64 1.78 -28.67 -11.04
CA LEU B 64 1.18 -29.95 -10.69
C LEU B 64 -0.11 -30.19 -11.47
N GLU B 65 -0.68 -29.10 -11.96
CA GLU B 65 -1.94 -29.11 -12.69
C GLU B 65 -1.72 -29.65 -14.10
N HIS B 66 -0.44 -29.71 -14.47
CA HIS B 66 -0.02 -30.25 -15.75
C HIS B 66 -0.43 -29.30 -16.88
N HIS B 67 -0.68 -28.03 -16.51
CA HIS B 67 -1.11 -26.97 -17.43
C HIS B 67 -2.53 -27.19 -17.94
N HIS B 68 -2.84 -28.42 -18.31
CA HIS B 68 -4.18 -28.79 -18.74
C HIS B 68 -4.94 -29.35 -17.56
N HIS B 69 -5.84 -28.55 -16.99
CA HIS B 69 -6.54 -28.91 -15.77
C HIS B 69 -7.59 -30.00 -16.03
N HIS B 70 -8.82 -29.57 -16.35
CA HIS B 70 -9.95 -30.48 -16.54
C HIS B 70 -11.23 -29.66 -16.72
N HIS B 71 -12.24 -30.26 -17.32
CA HIS B 71 -13.54 -29.62 -17.44
C HIS B 71 -14.62 -30.58 -16.95
N MET A 1 25.52 24.23 13.69
CA MET A 1 24.28 24.85 13.17
C MET A 1 23.55 25.63 14.24
N SER A 2 23.12 26.83 13.90
CA SER A 2 22.30 27.64 14.79
C SER A 2 20.82 27.32 14.58
N GLU A 3 20.60 26.43 13.62
CA GLU A 3 19.28 26.01 13.16
C GLU A 3 18.77 27.00 12.13
N GLY A 4 18.49 26.50 10.94
CA GLY A 4 18.21 27.38 9.82
C GLY A 4 16.82 27.19 9.26
N ALA A 5 16.15 28.30 9.01
CA ALA A 5 14.84 28.29 8.40
C ALA A 5 14.94 27.84 6.95
N GLU A 6 16.11 28.05 6.35
CA GLU A 6 16.35 27.65 4.97
C GLU A 6 16.29 26.13 4.83
N GLU A 7 16.99 25.46 5.73
CA GLU A 7 16.98 24.01 5.78
C GLU A 7 15.58 23.51 6.08
N LEU A 8 14.90 24.20 6.98
CA LEU A 8 13.54 23.87 7.36
C LEU A 8 12.62 23.97 6.14
N LYS A 9 12.74 25.08 5.41
CA LYS A 9 11.94 25.33 4.22
C LYS A 9 12.18 24.27 3.16
N ALA A 10 13.45 23.95 2.92
CA ALA A 10 13.83 22.96 1.92
C ALA A 10 13.37 21.57 2.33
N LYS A 11 13.45 21.29 3.63
CA LYS A 11 13.03 20.01 4.18
C LYS A 11 11.51 19.87 4.05
N LEU A 12 10.79 20.90 4.48
CA LEU A 12 9.34 20.92 4.38
C LEU A 12 8.90 20.88 2.92
N LYS A 13 9.64 21.59 2.08
CA LYS A 13 9.39 21.59 0.64
C LYS A 13 9.49 20.16 0.10
N LYS A 14 10.59 19.49 0.43
CA LYS A 14 10.82 18.13 0.00
C LYS A 14 9.69 17.21 0.48
N LEU A 15 9.33 17.31 1.75
CA LEU A 15 8.27 16.50 2.32
C LEU A 15 6.95 16.74 1.60
N ASN A 16 6.61 18.02 1.41
CA ASN A 16 5.38 18.40 0.74
C ASN A 16 5.36 17.83 -0.68
N ALA A 17 6.46 18.03 -1.40
CA ALA A 17 6.57 17.56 -2.78
C ALA A 17 6.54 16.04 -2.83
N GLN A 18 7.31 15.39 -1.96
CA GLN A 18 7.37 13.94 -1.92
C GLN A 18 6.01 13.34 -1.59
N ALA A 19 5.35 13.92 -0.59
CA ALA A 19 4.03 13.46 -0.18
C ALA A 19 3.03 13.59 -1.31
N THR A 20 3.15 14.67 -2.08
CA THR A 20 2.27 14.90 -3.22
C THR A 20 2.60 13.95 -4.37
N ALA A 21 3.89 13.72 -4.60
CA ALA A 21 4.33 12.84 -5.67
C ALA A 21 3.86 11.42 -5.42
N LEU A 22 4.02 10.96 -4.18
CA LEU A 22 3.60 9.62 -3.80
C LEU A 22 2.07 9.53 -3.79
N LYS A 23 1.42 10.65 -3.47
CA LYS A 23 -0.04 10.71 -3.46
C LYS A 23 -0.60 10.47 -4.87
N MET A 24 -0.07 11.20 -5.85
CA MET A 24 -0.53 11.06 -7.22
C MET A 24 -0.11 9.71 -7.81
N ASP A 25 1.00 9.18 -7.31
CA ASP A 25 1.50 7.89 -7.78
C ASP A 25 0.62 6.76 -7.24
N LEU A 26 0.22 6.89 -5.97
CA LEU A 26 -0.66 5.91 -5.36
C LEU A 26 -2.01 5.89 -6.05
N HIS A 27 -2.47 7.06 -6.47
CA HIS A 27 -3.73 7.15 -7.21
C HIS A 27 -3.58 6.47 -8.57
N ASP A 28 -2.44 6.72 -9.22
CA ASP A 28 -2.10 6.06 -10.47
C ASP A 28 -2.01 4.55 -10.29
N LEU A 29 -1.44 4.16 -9.16
CA LEU A 29 -1.34 2.74 -8.78
C LEU A 29 -2.72 2.09 -8.69
N ALA A 30 -3.65 2.78 -8.04
CA ALA A 30 -5.02 2.27 -7.90
C ALA A 30 -5.70 2.14 -9.25
N GLU A 31 -5.32 3.02 -10.17
CA GLU A 31 -5.83 2.99 -11.54
C GLU A 31 -5.12 1.90 -12.34
N ASP A 32 -3.93 1.51 -11.89
CA ASP A 32 -3.10 0.54 -12.61
C ASP A 32 -2.99 -0.76 -11.83
N LEU A 33 -4.10 -1.18 -11.23
CA LEU A 33 -4.15 -2.47 -10.54
C LEU A 33 -3.88 -3.61 -11.52
N PRO A 34 -3.65 -4.85 -11.01
CA PRO A 34 -2.78 -5.87 -11.57
C PRO A 34 -1.99 -5.50 -12.83
N THR A 35 -0.69 -5.85 -12.77
CA THR A 35 0.37 -5.34 -13.65
C THR A 35 1.12 -4.22 -12.93
N GLY A 36 0.50 -3.68 -11.88
CA GLY A 36 1.19 -2.73 -11.01
C GLY A 36 1.11 -3.15 -9.56
N TRP A 37 0.67 -4.38 -9.33
CA TRP A 37 0.42 -4.89 -7.99
C TRP A 37 1.69 -5.00 -7.13
N ASN A 38 2.84 -5.20 -7.76
CA ASN A 38 4.07 -5.32 -7.00
C ASN A 38 4.58 -3.94 -6.59
N ARG A 39 4.10 -2.92 -7.29
CA ARG A 39 4.49 -1.53 -7.00
C ARG A 39 3.81 -1.06 -5.71
N ILE A 40 2.75 -1.78 -5.33
CA ILE A 40 1.92 -1.40 -4.20
C ILE A 40 2.73 -1.23 -2.90
N MET A 41 3.54 -2.23 -2.57
CA MET A 41 4.30 -2.22 -1.32
C MET A 41 5.23 -1.04 -1.22
N GLU A 42 5.92 -0.74 -2.32
CA GLU A 42 6.88 0.36 -2.34
C GLU A 42 6.19 1.69 -2.07
N VAL A 43 5.19 1.99 -2.89
CA VAL A 43 4.45 3.23 -2.78
C VAL A 43 3.81 3.34 -1.40
N ALA A 44 3.12 2.29 -0.98
CA ALA A 44 2.42 2.29 0.30
C ALA A 44 3.35 2.58 1.47
N GLU A 45 4.52 1.94 1.46
CA GLU A 45 5.49 2.12 2.54
C GLU A 45 6.01 3.54 2.55
N LYS A 46 6.51 3.98 1.40
CA LYS A 46 7.11 5.31 1.27
C LYS A 46 6.09 6.41 1.54
N THR A 47 4.86 6.24 1.04
CA THR A 47 3.82 7.24 1.20
C THR A 47 3.41 7.39 2.66
N TYR A 48 3.17 6.26 3.32
CA TYR A 48 2.77 6.28 4.73
C TYR A 48 3.89 6.88 5.58
N GLU A 49 5.12 6.47 5.29
CA GLU A 49 6.29 6.98 5.99
C GLU A 49 6.47 8.48 5.73
N ALA A 50 6.15 8.91 4.51
CA ALA A 50 6.25 10.31 4.14
C ALA A 50 5.27 11.15 4.95
N TYR A 51 4.03 10.69 5.06
CA TYR A 51 3.02 11.38 5.83
C TYR A 51 3.40 11.44 7.30
N ARG A 52 3.95 10.34 7.82
CA ARG A 52 4.39 10.31 9.20
C ARG A 52 5.57 11.25 9.42
N GLN A 53 6.55 11.20 8.53
CA GLN A 53 7.73 12.07 8.62
C GLN A 53 7.31 13.53 8.52
N LEU A 54 6.30 13.80 7.71
CA LEU A 54 5.75 15.15 7.58
C LEU A 54 5.25 15.66 8.93
N ASP A 55 4.49 14.81 9.62
CA ASP A 55 3.98 15.15 10.96
C ASP A 55 5.13 15.21 11.96
N GLU A 56 6.01 14.22 11.90
CA GLU A 56 7.18 14.15 12.74
C GLU A 56 8.01 15.42 12.65
N PHE A 57 8.29 15.85 11.43
CA PHE A 57 9.06 17.07 11.22
C PHE A 57 8.28 18.28 11.71
N ARG A 58 6.96 18.24 11.56
CA ARG A 58 6.11 19.32 12.04
C ARG A 58 6.13 19.40 13.56
N LYS A 59 6.25 18.25 14.22
CA LYS A 59 6.39 18.21 15.66
C LYS A 59 7.74 18.76 16.07
N SER A 60 8.78 18.36 15.34
CA SER A 60 10.12 18.88 15.55
C SER A 60 10.15 20.39 15.35
N THR A 61 9.52 20.83 14.27
CA THR A 61 9.40 22.25 13.95
C THR A 61 8.63 22.98 15.04
N ALA A 62 7.61 22.33 15.59
CA ALA A 62 6.80 22.92 16.66
C ALA A 62 7.68 23.24 17.87
N SER A 63 8.65 22.36 18.13
CA SER A 63 9.58 22.56 19.24
C SER A 63 10.41 23.83 19.03
N LEU A 64 10.55 24.25 17.79
CA LEU A 64 11.31 25.46 17.46
C LEU A 64 10.37 26.65 17.26
N GLU A 65 9.25 26.39 16.62
CA GLU A 65 8.32 27.44 16.21
C GLU A 65 7.59 28.05 17.39
N HIS A 66 7.66 27.37 18.52
CA HIS A 66 7.03 27.86 19.76
C HIS A 66 7.61 29.22 20.13
N HIS A 67 8.84 29.48 19.68
CA HIS A 67 9.51 30.78 19.85
C HIS A 67 9.57 31.19 21.33
N HIS A 68 10.67 30.85 21.99
CA HIS A 68 10.84 31.20 23.39
C HIS A 68 11.28 32.66 23.50
N HIS A 69 12.50 32.93 23.07
CA HIS A 69 13.04 34.30 23.03
C HIS A 69 14.23 34.36 22.10
N HIS A 70 15.16 33.42 22.28
CA HIS A 70 16.39 33.35 21.49
C HIS A 70 17.29 34.55 21.75
N HIS A 71 17.07 35.63 21.01
CA HIS A 71 17.92 36.80 21.11
C HIS A 71 17.43 37.85 20.13
N MET B 1 1.43 -36.24 1.11
CA MET B 1 0.84 -35.00 0.54
C MET B 1 -0.19 -35.37 -0.52
N SER B 2 -1.30 -34.66 -0.54
CA SER B 2 -2.35 -34.91 -1.52
C SER B 2 -2.95 -33.61 -2.01
N GLU B 3 -3.33 -33.59 -3.28
CA GLU B 3 -4.00 -32.45 -3.85
C GLU B 3 -5.48 -32.77 -3.98
N GLY B 4 -6.27 -32.02 -3.24
CA GLY B 4 -7.70 -32.24 -3.25
C GLY B 4 -8.41 -31.14 -4.00
N ALA B 5 -9.23 -31.53 -4.96
CA ALA B 5 -9.96 -30.56 -5.77
C ALA B 5 -10.97 -29.80 -4.92
N GLU B 6 -11.31 -30.39 -3.78
CA GLU B 6 -12.24 -29.77 -2.86
C GLU B 6 -11.56 -28.60 -2.17
N GLU B 7 -10.38 -28.90 -1.59
CA GLU B 7 -9.58 -27.89 -0.91
C GLU B 7 -9.11 -26.84 -1.90
N LEU B 8 -8.79 -27.28 -3.10
CA LEU B 8 -8.33 -26.40 -4.16
C LEU B 8 -9.40 -25.38 -4.48
N LYS B 9 -10.60 -25.86 -4.73
CA LYS B 9 -11.73 -25.00 -5.08
C LYS B 9 -12.04 -24.03 -3.95
N ALA B 10 -12.11 -24.55 -2.74
CA ALA B 10 -12.41 -23.74 -1.57
C ALA B 10 -11.34 -22.69 -1.32
N LYS B 11 -10.09 -23.08 -1.52
CA LYS B 11 -8.97 -22.19 -1.26
C LYS B 11 -8.83 -21.14 -2.35
N LEU B 12 -8.97 -21.57 -3.61
CA LEU B 12 -8.88 -20.67 -4.74
C LEU B 12 -9.97 -19.61 -4.65
N LYS B 13 -11.17 -20.07 -4.33
CA LYS B 13 -12.32 -19.19 -4.18
C LYS B 13 -12.08 -18.19 -3.06
N LYS B 14 -11.45 -18.65 -1.98
CA LYS B 14 -11.19 -17.82 -0.82
C LYS B 14 -10.14 -16.75 -1.14
N LEU B 15 -9.06 -17.17 -1.80
CA LEU B 15 -7.99 -16.23 -2.18
C LEU B 15 -8.50 -15.21 -3.19
N ASN B 16 -9.29 -15.67 -4.15
CA ASN B 16 -9.85 -14.79 -5.17
C ASN B 16 -10.71 -13.71 -4.50
N ALA B 17 -11.57 -14.12 -3.59
CA ALA B 17 -12.44 -13.19 -2.88
C ALA B 17 -11.64 -12.19 -2.07
N GLN B 18 -10.63 -12.71 -1.35
CA GLN B 18 -9.78 -11.87 -0.52
C GLN B 18 -9.07 -10.81 -1.37
N ALA B 19 -8.42 -11.25 -2.44
CA ALA B 19 -7.69 -10.34 -3.32
C ALA B 19 -8.60 -9.30 -3.95
N THR B 20 -9.82 -9.72 -4.28
CA THR B 20 -10.78 -8.83 -4.90
C THR B 20 -11.34 -7.81 -3.90
N ALA B 21 -11.59 -8.26 -2.67
CA ALA B 21 -12.10 -7.38 -1.63
C ALA B 21 -11.08 -6.30 -1.28
N LEU B 22 -9.83 -6.73 -1.06
CA LEU B 22 -8.77 -5.82 -0.68
C LEU B 22 -8.41 -4.87 -1.83
N LYS B 23 -8.62 -5.30 -3.07
CA LYS B 23 -8.32 -4.46 -4.21
C LYS B 23 -9.31 -3.31 -4.29
N MET B 24 -10.54 -3.55 -3.85
CA MET B 24 -11.56 -2.50 -3.81
C MET B 24 -11.21 -1.49 -2.74
N ASP B 25 -10.79 -2.01 -1.59
CA ASP B 25 -10.39 -1.17 -0.46
C ASP B 25 -9.26 -0.25 -0.86
N LEU B 26 -8.25 -0.82 -1.51
CA LEU B 26 -7.07 -0.06 -1.93
C LEU B 26 -7.45 1.00 -2.97
N HIS B 27 -8.18 0.57 -4.00
CA HIS B 27 -8.57 1.48 -5.08
C HIS B 27 -9.37 2.66 -4.55
N ASP B 28 -10.31 2.39 -3.66
CA ASP B 28 -11.18 3.43 -3.13
C ASP B 28 -10.44 4.33 -2.16
N LEU B 29 -9.57 3.74 -1.34
CA LEU B 29 -8.79 4.49 -0.36
C LEU B 29 -7.80 5.42 -1.07
N ALA B 30 -7.25 4.94 -2.17
CA ALA B 30 -6.31 5.73 -2.97
C ALA B 30 -7.02 6.90 -3.64
N GLU B 31 -8.31 6.75 -3.88
CA GLU B 31 -9.09 7.82 -4.46
C GLU B 31 -9.55 8.79 -3.37
N ASP B 32 -9.58 8.29 -2.14
CA ASP B 32 -10.05 9.05 -0.98
C ASP B 32 -8.86 9.53 -0.16
N LEU B 33 -7.72 9.64 -0.84
CA LEU B 33 -6.43 10.06 -0.26
C LEU B 33 -6.53 11.32 0.64
N PRO B 34 -5.42 11.71 1.32
CA PRO B 34 -5.39 12.31 2.64
C PRO B 34 -6.61 12.12 3.54
N THR B 35 -7.39 11.10 3.26
CA THR B 35 -8.30 10.52 4.22
C THR B 35 -8.07 9.01 4.25
N GLY B 36 -7.99 8.44 5.44
CA GLY B 36 -7.64 7.03 5.56
C GLY B 36 -6.17 6.76 5.27
N TRP B 37 -5.38 7.83 5.17
CA TRP B 37 -3.95 7.75 4.88
C TRP B 37 -3.22 6.84 5.87
N ASN B 38 -3.72 6.76 7.09
CA ASN B 38 -3.06 5.99 8.15
C ASN B 38 -3.27 4.49 7.92
N ARG B 39 -4.26 4.17 7.11
CA ARG B 39 -4.66 2.79 6.89
C ARG B 39 -4.13 2.28 5.55
N ILE B 40 -3.37 3.13 4.87
CA ILE B 40 -2.82 2.82 3.54
C ILE B 40 -1.98 1.53 3.57
N MET B 41 -1.04 1.46 4.50
CA MET B 41 -0.11 0.34 4.57
C MET B 41 -0.84 -0.96 4.90
N GLU B 42 -1.88 -0.86 5.74
CA GLU B 42 -2.67 -2.03 6.12
C GLU B 42 -3.29 -2.69 4.90
N VAL B 43 -4.02 -1.89 4.13
CA VAL B 43 -4.67 -2.41 2.93
C VAL B 43 -3.65 -3.00 1.98
N ALA B 44 -2.62 -2.23 1.68
CA ALA B 44 -1.56 -2.65 0.75
C ALA B 44 -0.95 -3.98 1.17
N GLU B 45 -0.77 -4.14 2.48
CA GLU B 45 -0.27 -5.40 3.04
C GLU B 45 -1.08 -6.58 2.53
N LYS B 46 -2.36 -6.57 2.85
CA LYS B 46 -3.22 -7.71 2.57
C LYS B 46 -3.49 -7.84 1.07
N THR B 47 -3.55 -6.71 0.37
CA THR B 47 -3.75 -6.72 -1.07
C THR B 47 -2.57 -7.40 -1.77
N TYR B 48 -1.35 -7.00 -1.41
CA TYR B 48 -0.15 -7.56 -2.03
C TYR B 48 0.03 -9.03 -1.67
N GLU B 49 -0.08 -9.33 -0.38
CA GLU B 49 0.06 -10.71 0.10
C GLU B 49 -0.99 -11.63 -0.52
N ALA B 50 -2.18 -11.11 -0.75
CA ALA B 50 -3.23 -11.89 -1.39
C ALA B 50 -2.87 -12.17 -2.84
N TYR B 51 -2.44 -11.12 -3.55
CA TYR B 51 -2.05 -11.25 -4.95
C TYR B 51 -0.87 -12.19 -5.11
N ARG B 52 0.13 -12.03 -4.25
CA ARG B 52 1.34 -12.84 -4.34
C ARG B 52 1.01 -14.31 -4.07
N GLN B 53 0.17 -14.57 -3.08
CA GLN B 53 -0.20 -15.93 -2.72
C GLN B 53 -1.13 -16.53 -3.77
N LEU B 54 -1.98 -15.69 -4.36
CA LEU B 54 -2.93 -16.14 -5.38
C LEU B 54 -2.16 -16.67 -6.58
N ASP B 55 -1.19 -15.89 -7.07
CA ASP B 55 -0.41 -16.28 -8.24
C ASP B 55 0.48 -17.47 -7.91
N GLU B 56 1.06 -17.47 -6.72
CA GLU B 56 1.88 -18.58 -6.26
C GLU B 56 1.08 -19.89 -6.26
N PHE B 57 -0.11 -19.84 -5.66
CA PHE B 57 -0.99 -21.00 -5.62
C PHE B 57 -1.40 -21.39 -7.04
N ARG B 58 -1.65 -20.38 -7.85
CA ARG B 58 -2.00 -20.55 -9.26
C ARG B 58 -0.91 -21.29 -10.02
N LYS B 59 0.33 -20.83 -9.86
CA LYS B 59 1.46 -21.44 -10.54
C LYS B 59 1.61 -22.90 -10.13
N SER B 60 1.52 -23.13 -8.83
CA SER B 60 1.63 -24.46 -8.28
C SER B 60 0.56 -25.39 -8.84
N THR B 61 -0.71 -25.00 -8.69
CA THR B 61 -1.83 -25.87 -9.06
C THR B 61 -1.87 -26.11 -10.56
N ALA B 62 -1.56 -25.09 -11.37
CA ALA B 62 -1.63 -25.22 -12.82
C ALA B 62 -0.64 -26.26 -13.32
N SER B 63 0.51 -26.33 -12.67
CA SER B 63 1.54 -27.28 -13.05
C SER B 63 1.15 -28.71 -12.67
N LEU B 64 0.54 -28.88 -11.50
CA LEU B 64 0.11 -30.19 -11.03
C LEU B 64 -1.13 -30.65 -11.77
N GLU B 65 -2.00 -29.70 -12.10
CA GLU B 65 -3.22 -29.96 -12.85
C GLU B 65 -2.88 -30.27 -14.30
N HIS B 66 -1.67 -29.90 -14.68
CA HIS B 66 -1.13 -30.09 -16.03
C HIS B 66 -1.91 -29.23 -17.04
N HIS B 67 -2.54 -28.18 -16.51
CA HIS B 67 -3.32 -27.21 -17.31
C HIS B 67 -4.58 -27.82 -17.90
N HIS B 68 -5.71 -27.49 -17.28
CA HIS B 68 -7.03 -27.91 -17.78
C HIS B 68 -7.36 -27.23 -19.10
N HIS B 69 -8.36 -27.75 -19.78
CA HIS B 69 -8.88 -27.11 -20.98
C HIS B 69 -10.20 -26.43 -20.67
N HIS B 70 -10.88 -25.92 -21.70
CA HIS B 70 -12.13 -25.22 -21.49
C HIS B 70 -13.31 -26.18 -21.66
N HIS B 71 -14.01 -26.44 -20.57
CA HIS B 71 -15.23 -27.24 -20.64
C HIS B 71 -16.44 -26.34 -20.83
N MET A 1 19.58 31.10 17.08
CA MET A 1 20.57 30.44 16.19
C MET A 1 20.47 28.93 16.32
N SER A 2 21.34 28.21 15.60
CA SER A 2 21.29 26.75 15.54
C SER A 2 20.06 26.29 14.76
N GLU A 3 19.45 27.25 14.11
CA GLU A 3 18.24 27.07 13.37
C GLU A 3 18.44 27.60 11.96
N GLY A 4 17.58 27.20 11.05
CA GLY A 4 17.67 27.68 9.70
C GLY A 4 16.34 27.62 8.98
N ALA A 5 15.82 28.79 8.65
CA ALA A 5 14.54 28.89 7.97
C ALA A 5 14.63 28.38 6.54
N GLU A 6 15.78 28.60 5.92
CA GLU A 6 16.01 28.19 4.54
C GLU A 6 16.13 26.68 4.45
N GLU A 7 16.88 26.11 5.37
CA GLU A 7 17.06 24.66 5.46
C GLU A 7 15.75 23.98 5.82
N LEU A 8 14.96 24.66 6.65
CA LEU A 8 13.64 24.22 7.01
C LEU A 8 12.75 24.21 5.78
N LYS A 9 12.79 25.31 5.04
CA LYS A 9 12.04 25.48 3.81
C LYS A 9 12.45 24.41 2.79
N ALA A 10 13.75 24.22 2.64
CA ALA A 10 14.28 23.20 1.73
C ALA A 10 13.81 21.81 2.14
N LYS A 11 13.76 21.56 3.44
CA LYS A 11 13.29 20.28 3.96
C LYS A 11 11.80 20.10 3.64
N LEU A 12 11.02 21.10 3.99
CA LEU A 12 9.59 21.10 3.73
C LEU A 12 9.32 20.94 2.23
N LYS A 13 10.10 21.65 1.43
CA LYS A 13 10.00 21.55 -0.03
C LYS A 13 10.21 20.11 -0.49
N LYS A 14 11.30 19.51 -0.01
CA LYS A 14 11.65 18.15 -0.36
C LYS A 14 10.56 17.17 0.08
N LEU A 15 10.03 17.37 1.28
CA LEU A 15 8.99 16.50 1.83
C LEU A 15 7.70 16.61 1.03
N ASN A 16 7.31 17.85 0.73
CA ASN A 16 6.09 18.11 -0.03
C ASN A 16 6.19 17.48 -1.41
N ALA A 17 7.34 17.63 -2.05
CA ALA A 17 7.59 17.06 -3.37
C ALA A 17 7.63 15.54 -3.30
N GLN A 18 8.28 15.00 -2.27
CA GLN A 18 8.42 13.56 -2.09
C GLN A 18 7.04 12.91 -1.96
N ALA A 19 6.19 13.51 -1.12
CA ALA A 19 4.84 13.02 -0.92
C ALA A 19 4.07 13.00 -2.24
N THR A 20 4.24 14.06 -3.02
CA THR A 20 3.59 14.17 -4.31
C THR A 20 4.15 13.14 -5.30
N ALA A 21 5.45 12.90 -5.24
CA ALA A 21 6.11 11.93 -6.11
C ALA A 21 5.58 10.52 -5.84
N LEU A 22 5.48 10.16 -4.57
CA LEU A 22 4.93 8.85 -4.19
C LEU A 22 3.47 8.76 -4.59
N LYS A 23 2.75 9.87 -4.44
CA LYS A 23 1.34 9.93 -4.81
C LYS A 23 1.18 9.60 -6.30
N MET A 24 2.10 10.10 -7.12
CA MET A 24 2.07 9.85 -8.56
C MET A 24 2.23 8.37 -8.85
N ASP A 25 3.24 7.74 -8.24
CA ASP A 25 3.53 6.33 -8.48
C ASP A 25 2.39 5.47 -7.93
N LEU A 26 1.86 5.87 -6.78
CA LEU A 26 0.76 5.16 -6.15
C LEU A 26 -0.50 5.26 -7.00
N HIS A 27 -0.72 6.44 -7.58
CA HIS A 27 -1.88 6.65 -8.45
C HIS A 27 -1.77 5.76 -9.69
N ASP A 28 -0.55 5.59 -10.19
CA ASP A 28 -0.30 4.67 -11.29
C ASP A 28 -0.56 3.24 -10.83
N LEU A 29 -0.07 2.90 -9.64
CA LEU A 29 -0.21 1.55 -9.10
C LEU A 29 -1.68 1.20 -8.89
N ALA A 30 -2.52 2.20 -8.64
CA ALA A 30 -3.95 1.99 -8.49
C ALA A 30 -4.54 1.45 -9.80
N GLU A 31 -4.04 1.96 -10.92
CA GLU A 31 -4.46 1.49 -12.23
C GLU A 31 -3.66 0.25 -12.65
N ASP A 32 -2.49 0.12 -12.06
CA ASP A 32 -1.54 -0.95 -12.39
C ASP A 32 -1.73 -2.14 -11.45
N LEU A 33 -2.86 -2.15 -10.76
CA LEU A 33 -3.21 -3.23 -9.86
C LEU A 33 -3.27 -4.58 -10.60
N PRO A 34 -3.37 -5.72 -9.85
CA PRO A 34 -2.88 -7.03 -10.22
C PRO A 34 -1.88 -7.16 -11.39
N THR A 35 -1.18 -6.07 -11.72
CA THR A 35 -0.07 -6.13 -12.64
C THR A 35 1.23 -5.83 -11.91
N GLY A 36 1.23 -4.75 -11.14
CA GLY A 36 2.42 -4.35 -10.40
C GLY A 36 2.28 -4.49 -8.89
N TRP A 37 1.65 -5.57 -8.46
CA TRP A 37 1.44 -5.86 -7.04
C TRP A 37 2.75 -5.78 -6.24
N ASN A 38 3.88 -6.00 -6.90
CA ASN A 38 5.17 -5.98 -6.25
C ASN A 38 5.47 -4.59 -5.68
N ARG A 39 4.76 -3.57 -6.15
CA ARG A 39 4.98 -2.21 -5.69
C ARG A 39 4.09 -1.85 -4.51
N ILE A 40 3.07 -2.67 -4.25
CA ILE A 40 2.05 -2.33 -3.26
C ILE A 40 2.66 -1.97 -1.90
N MET A 41 3.50 -2.83 -1.37
CA MET A 41 4.04 -2.62 -0.03
C MET A 41 5.13 -1.56 -0.02
N GLU A 42 5.92 -1.50 -1.08
CA GLU A 42 7.01 -0.52 -1.18
C GLU A 42 6.45 0.89 -1.18
N VAL A 43 5.60 1.16 -2.17
CA VAL A 43 5.01 2.47 -2.34
C VAL A 43 4.20 2.87 -1.11
N ALA A 44 3.49 1.90 -0.54
CA ALA A 44 2.69 2.12 0.67
C ALA A 44 3.57 2.61 1.82
N GLU A 45 4.69 1.91 2.02
CA GLU A 45 5.63 2.27 3.07
C GLU A 45 6.15 3.70 2.87
N LYS A 46 6.62 3.97 1.67
CA LYS A 46 7.22 5.26 1.35
C LYS A 46 6.19 6.39 1.40
N THR A 47 4.98 6.13 0.92
CA THR A 47 3.91 7.11 0.97
C THR A 47 3.50 7.37 2.44
N TYR A 48 3.43 6.29 3.20
CA TYR A 48 3.13 6.38 4.63
C TYR A 48 4.16 7.27 5.32
N GLU A 49 5.43 6.95 5.11
CA GLU A 49 6.52 7.72 5.71
C GLU A 49 6.48 9.19 5.28
N ALA A 50 6.30 9.43 3.98
CA ALA A 50 6.30 10.77 3.44
C ALA A 50 5.23 11.65 4.11
N TYR A 51 4.00 11.16 4.13
CA TYR A 51 2.90 11.93 4.68
C TYR A 51 2.97 12.00 6.21
N ARG A 52 3.42 10.92 6.84
CA ARG A 52 3.60 10.91 8.29
C ARG A 52 4.68 11.91 8.69
N GLN A 53 5.83 11.81 8.05
CA GLN A 53 6.96 12.67 8.34
C GLN A 53 6.60 14.13 8.08
N LEU A 54 5.85 14.38 7.01
CA LEU A 54 5.42 15.74 6.68
C LEU A 54 4.58 16.34 7.80
N ASP A 55 3.65 15.54 8.32
CA ASP A 55 2.79 16.00 9.41
C ASP A 55 3.58 16.09 10.71
N GLU A 56 4.36 15.06 11.01
CA GLU A 56 5.19 15.05 12.21
C GLU A 56 6.19 16.20 12.21
N PHE A 57 6.72 16.50 11.04
CA PHE A 57 7.61 17.65 10.85
C PHE A 57 6.88 18.93 11.25
N ARG A 58 5.62 19.01 10.85
CA ARG A 58 4.77 20.14 11.17
C ARG A 58 4.48 20.20 12.65
N LYS A 59 4.20 19.04 13.26
CA LYS A 59 3.95 18.98 14.70
C LYS A 59 5.17 19.46 15.47
N SER A 60 6.33 18.89 15.14
CA SER A 60 7.58 19.21 15.81
C SER A 60 7.91 20.69 15.65
N THR A 61 7.75 21.18 14.43
CA THR A 61 8.04 22.58 14.13
C THR A 61 7.07 23.51 14.86
N ALA A 62 5.79 23.15 14.91
CA ALA A 62 4.77 24.00 15.52
C ALA A 62 5.08 24.29 16.98
N SER A 63 5.57 23.28 17.69
CA SER A 63 5.94 23.43 19.09
C SER A 63 7.06 24.46 19.27
N LEU A 64 8.02 24.46 18.35
CA LEU A 64 9.17 25.37 18.44
C LEU A 64 8.85 26.70 17.75
N GLU A 65 7.84 26.68 16.90
CA GLU A 65 7.44 27.85 16.12
C GLU A 65 6.74 28.87 17.00
N HIS A 66 6.35 28.41 18.18
CA HIS A 66 5.57 29.22 19.12
C HIS A 66 4.20 29.48 18.50
N HIS A 67 3.65 28.41 17.92
CA HIS A 67 2.42 28.46 17.13
C HIS A 67 1.19 28.73 17.99
N HIS A 68 1.36 28.72 19.31
CA HIS A 68 0.25 28.82 20.25
C HIS A 68 -0.58 27.55 20.20
N HIS A 69 -0.13 26.55 20.96
CA HIS A 69 -0.77 25.24 21.01
C HIS A 69 -0.52 24.46 19.71
N HIS A 70 -0.15 23.19 19.85
CA HIS A 70 0.09 22.35 18.71
C HIS A 70 -0.89 21.18 18.69
N HIS A 71 -1.76 21.17 17.70
CA HIS A 71 -2.75 20.11 17.57
C HIS A 71 -2.38 19.21 16.40
N MET B 1 1.07 -37.62 -2.02
CA MET B 1 0.05 -36.56 -1.83
C MET B 1 -1.08 -36.69 -2.83
N SER B 2 -2.28 -36.90 -2.32
CA SER B 2 -3.47 -36.95 -3.15
C SER B 2 -3.96 -35.53 -3.46
N GLU B 3 -4.52 -35.35 -4.64
CA GLU B 3 -4.96 -34.05 -5.08
C GLU B 3 -6.46 -34.05 -5.33
N GLY B 4 -7.10 -32.94 -5.03
CA GLY B 4 -8.51 -32.79 -5.27
C GLY B 4 -8.84 -31.42 -5.84
N ALA B 5 -9.48 -31.41 -6.99
CA ALA B 5 -9.81 -30.18 -7.68
C ALA B 5 -10.81 -29.35 -6.87
N GLU B 6 -11.67 -30.04 -6.14
CA GLU B 6 -12.64 -29.40 -5.28
C GLU B 6 -11.96 -28.54 -4.22
N GLU B 7 -11.06 -29.17 -3.49
CA GLU B 7 -10.30 -28.50 -2.44
C GLU B 7 -9.42 -27.41 -3.03
N LEU B 8 -8.92 -27.66 -4.22
CA LEU B 8 -8.10 -26.71 -4.94
C LEU B 8 -8.91 -25.46 -5.28
N LYS B 9 -10.11 -25.70 -5.76
CA LYS B 9 -11.02 -24.63 -6.15
C LYS B 9 -11.55 -23.89 -4.92
N ALA B 10 -11.71 -24.63 -3.83
CA ALA B 10 -12.10 -24.04 -2.56
C ALA B 10 -11.04 -23.06 -2.08
N LYS B 11 -9.78 -23.47 -2.19
CA LYS B 11 -8.66 -22.59 -1.89
C LYS B 11 -8.67 -21.36 -2.79
N LEU B 12 -8.83 -21.59 -4.09
CA LEU B 12 -8.91 -20.50 -5.06
C LEU B 12 -10.06 -19.56 -4.72
N LYS B 13 -11.19 -20.14 -4.34
CA LYS B 13 -12.37 -19.37 -3.93
C LYS B 13 -11.99 -18.42 -2.80
N LYS B 14 -11.34 -18.96 -1.78
CA LYS B 14 -10.87 -18.17 -0.65
C LYS B 14 -9.97 -17.03 -1.11
N LEU B 15 -8.97 -17.34 -1.92
CA LEU B 15 -8.02 -16.34 -2.41
C LEU B 15 -8.72 -15.25 -3.20
N ASN B 16 -9.55 -15.66 -4.15
CA ASN B 16 -10.28 -14.72 -4.99
C ASN B 16 -11.13 -13.77 -4.15
N ALA B 17 -11.94 -14.33 -3.27
CA ALA B 17 -12.85 -13.56 -2.44
C ALA B 17 -12.09 -12.66 -1.48
N GLN B 18 -11.02 -13.19 -0.90
CA GLN B 18 -10.22 -12.45 0.07
C GLN B 18 -9.56 -11.24 -0.58
N ALA B 19 -8.95 -11.43 -1.73
CA ALA B 19 -8.27 -10.36 -2.45
C ALA B 19 -9.27 -9.28 -2.88
N THR B 20 -10.45 -9.70 -3.29
CA THR B 20 -11.48 -8.77 -3.72
C THR B 20 -11.96 -7.92 -2.55
N ALA B 21 -12.08 -8.54 -1.38
CA ALA B 21 -12.53 -7.83 -0.18
C ALA B 21 -11.51 -6.77 0.25
N LEU B 22 -10.23 -7.12 0.14
CA LEU B 22 -9.16 -6.19 0.50
C LEU B 22 -9.15 -4.98 -0.42
N LYS B 23 -9.48 -5.19 -1.68
CA LYS B 23 -9.52 -4.09 -2.65
C LYS B 23 -10.60 -3.09 -2.27
N MET B 24 -11.68 -3.59 -1.67
CA MET B 24 -12.77 -2.73 -1.22
C MET B 24 -12.29 -1.79 -0.12
N ASP B 25 -11.62 -2.38 0.87
CA ASP B 25 -11.03 -1.61 1.96
C ASP B 25 -9.96 -0.65 1.45
N LEU B 26 -9.19 -1.13 0.48
CA LEU B 26 -8.16 -0.31 -0.16
C LEU B 26 -8.80 0.86 -0.91
N HIS B 27 -9.91 0.59 -1.59
CA HIS B 27 -10.66 1.63 -2.29
C HIS B 27 -11.10 2.72 -1.33
N ASP B 28 -11.63 2.31 -0.18
CA ASP B 28 -12.10 3.25 0.84
C ASP B 28 -10.96 4.16 1.31
N LEU B 29 -9.76 3.60 1.34
CA LEU B 29 -8.59 4.34 1.78
C LEU B 29 -8.01 5.20 0.65
N ALA B 30 -7.81 4.58 -0.51
CA ALA B 30 -7.19 5.26 -1.65
C ALA B 30 -8.05 6.42 -2.16
N GLU B 31 -9.35 6.26 -2.10
CA GLU B 31 -10.27 7.30 -2.55
C GLU B 31 -10.28 8.47 -1.56
N ASP B 32 -9.87 8.20 -0.32
CA ASP B 32 -9.86 9.20 0.72
C ASP B 32 -8.42 9.49 1.16
N LEU B 33 -7.49 9.24 0.24
CA LEU B 33 -6.06 9.53 0.40
C LEU B 33 -5.78 10.92 1.01
N PRO B 34 -4.50 11.26 1.28
CA PRO B 34 -4.05 12.08 2.39
C PRO B 34 -4.96 12.18 3.63
N THR B 35 -5.85 11.22 3.78
CA THR B 35 -6.49 10.96 5.06
C THR B 35 -6.35 9.46 5.35
N GLY B 36 -6.19 9.12 6.62
CA GLY B 36 -6.03 7.72 7.02
C GLY B 36 -4.74 7.09 6.52
N TRP B 37 -3.81 7.91 6.02
CA TRP B 37 -2.53 7.43 5.49
C TRP B 37 -1.75 6.61 6.52
N ASN B 38 -2.02 6.84 7.79
CA ASN B 38 -1.33 6.14 8.86
C ASN B 38 -1.67 4.65 8.84
N ARG B 39 -2.78 4.30 8.22
CA ARG B 39 -3.23 2.91 8.21
C ARG B 39 -2.98 2.25 6.85
N ILE B 40 -2.32 2.98 5.94
CA ILE B 40 -2.04 2.47 4.60
C ILE B 40 -1.29 1.14 4.64
N MET B 41 -0.27 1.07 5.48
CA MET B 41 0.57 -0.13 5.56
C MET B 41 -0.22 -1.37 5.96
N GLU B 42 -1.19 -1.19 6.85
CA GLU B 42 -2.02 -2.30 7.33
C GLU B 42 -2.81 -2.90 6.17
N VAL B 43 -3.59 -2.06 5.51
CA VAL B 43 -4.42 -2.50 4.40
C VAL B 43 -3.57 -3.06 3.27
N ALA B 44 -2.49 -2.36 2.94
CA ALA B 44 -1.61 -2.77 1.84
C ALA B 44 -0.97 -4.12 2.12
N GLU B 45 -0.67 -4.38 3.38
CA GLU B 45 -0.06 -5.64 3.78
C GLU B 45 -0.92 -6.83 3.36
N LYS B 46 -2.15 -6.87 3.84
CA LYS B 46 -3.04 -7.99 3.54
C LYS B 46 -3.35 -8.07 2.06
N THR B 47 -3.44 -6.91 1.41
CA THR B 47 -3.67 -6.87 -0.03
C THR B 47 -2.49 -7.53 -0.77
N TYR B 48 -1.28 -7.21 -0.33
CA TYR B 48 -0.07 -7.76 -0.93
C TYR B 48 0.05 -9.25 -0.65
N GLU B 49 -0.21 -9.64 0.60
CA GLU B 49 -0.14 -11.04 1.00
C GLU B 49 -1.04 -11.90 0.13
N ALA B 50 -2.29 -11.49 -0.01
CA ALA B 50 -3.29 -12.27 -0.73
C ALA B 50 -2.99 -12.33 -2.22
N TYR B 51 -2.69 -11.18 -2.82
CA TYR B 51 -2.45 -11.13 -4.26
C TYR B 51 -1.17 -11.86 -4.64
N ARG B 52 -0.17 -11.86 -3.77
CA ARG B 52 1.04 -12.63 -4.03
C ARG B 52 0.70 -14.11 -4.16
N GLN B 53 0.03 -14.63 -3.13
CA GLN B 53 -0.32 -16.04 -3.08
C GLN B 53 -1.33 -16.38 -4.17
N LEU B 54 -2.20 -15.43 -4.49
CA LEU B 54 -3.19 -15.61 -5.55
C LEU B 54 -2.48 -15.81 -6.89
N ASP B 55 -1.44 -15.01 -7.13
CA ASP B 55 -0.67 -15.15 -8.36
C ASP B 55 0.18 -16.40 -8.33
N GLU B 56 0.78 -16.71 -7.18
CA GLU B 56 1.56 -17.93 -7.02
C GLU B 56 0.68 -19.15 -7.30
N PHE B 57 -0.53 -19.12 -6.77
CA PHE B 57 -1.51 -20.16 -7.03
C PHE B 57 -1.86 -20.18 -8.52
N ARG B 58 -2.05 -18.99 -9.09
CA ARG B 58 -2.39 -18.85 -10.49
C ARG B 58 -1.31 -19.43 -11.39
N LYS B 59 -0.05 -19.10 -11.09
CA LYS B 59 1.09 -19.57 -11.87
C LYS B 59 1.14 -21.09 -11.88
N SER B 60 0.98 -21.69 -10.72
CA SER B 60 1.06 -23.13 -10.59
C SER B 60 -0.14 -23.81 -11.23
N THR B 61 -1.32 -23.27 -10.99
CA THR B 61 -2.56 -23.87 -11.47
C THR B 61 -2.68 -23.76 -13.00
N ALA B 62 -2.36 -22.58 -13.54
CA ALA B 62 -2.44 -22.35 -14.99
C ALA B 62 -1.51 -23.30 -15.74
N SER B 63 -0.39 -23.62 -15.11
CA SER B 63 0.55 -24.57 -15.70
C SER B 63 -0.06 -25.97 -15.78
N LEU B 64 -0.81 -26.33 -14.75
CA LEU B 64 -1.42 -27.65 -14.66
C LEU B 64 -2.62 -27.74 -15.61
N GLU B 65 -3.34 -26.63 -15.76
CA GLU B 65 -4.53 -26.58 -16.60
C GLU B 65 -4.19 -26.69 -18.08
N HIS B 66 -2.91 -26.75 -18.38
CA HIS B 66 -2.46 -27.01 -19.75
C HIS B 66 -2.53 -28.49 -20.08
N HIS B 67 -2.77 -29.31 -19.06
CA HIS B 67 -2.74 -30.76 -19.21
C HIS B 67 -4.10 -31.39 -18.91
N HIS B 68 -4.37 -32.51 -19.58
CA HIS B 68 -5.54 -33.35 -19.29
C HIS B 68 -6.87 -32.65 -19.54
N HIS B 69 -6.85 -31.57 -20.29
CA HIS B 69 -8.10 -30.92 -20.68
C HIS B 69 -8.84 -31.78 -21.69
N HIS B 70 -8.19 -32.05 -22.82
CA HIS B 70 -8.78 -32.87 -23.86
C HIS B 70 -7.71 -33.22 -24.89
N HIS B 71 -8.06 -34.07 -25.83
CA HIS B 71 -7.19 -34.37 -26.96
C HIS B 71 -7.45 -33.36 -28.06
N MET A 1 25.80 24.63 14.50
CA MET A 1 25.01 24.20 13.32
C MET A 1 24.05 25.31 12.93
N SER A 2 23.34 25.10 11.84
CA SER A 2 22.32 26.04 11.40
C SER A 2 20.95 25.56 11.85
N GLU A 3 20.10 26.50 12.23
CA GLU A 3 18.78 26.17 12.74
C GLU A 3 17.84 27.36 12.58
N GLY A 4 16.61 27.10 12.18
CA GLY A 4 15.65 28.15 11.98
C GLY A 4 14.70 27.86 10.85
N ALA A 5 13.92 28.86 10.46
CA ALA A 5 12.90 28.70 9.44
C ALA A 5 13.52 28.47 8.05
N GLU A 6 14.80 28.80 7.91
CA GLU A 6 15.49 28.64 6.63
C GLU A 6 15.52 27.18 6.19
N GLU A 7 16.07 26.33 7.05
CA GLU A 7 16.10 24.90 6.77
C GLU A 7 14.69 24.35 6.74
N LEU A 8 13.87 24.87 7.65
CA LEU A 8 12.48 24.47 7.77
C LEU A 8 11.74 24.63 6.44
N LYS A 9 11.95 25.77 5.80
CA LYS A 9 11.28 26.10 4.55
C LYS A 9 11.73 25.16 3.44
N ALA A 10 13.04 25.03 3.27
CA ALA A 10 13.60 24.21 2.20
C ALA A 10 13.25 22.74 2.40
N LYS A 11 13.24 22.32 3.66
CA LYS A 11 12.98 20.93 4.00
C LYS A 11 11.48 20.61 3.85
N LEU A 12 10.64 21.52 4.31
CA LEU A 12 9.20 21.36 4.17
C LEU A 12 8.80 21.39 2.70
N LYS A 13 9.44 22.28 1.95
CA LYS A 13 9.24 22.38 0.51
C LYS A 13 9.46 21.02 -0.15
N LYS A 14 10.61 20.43 0.14
CA LYS A 14 10.98 19.12 -0.39
C LYS A 14 9.93 18.07 -0.01
N LEU A 15 9.63 18.00 1.28
CA LEU A 15 8.71 17.00 1.80
C LEU A 15 7.30 17.14 1.25
N ASN A 16 6.85 18.39 1.13
CA ASN A 16 5.51 18.66 0.63
C ASN A 16 5.36 18.21 -0.82
N ALA A 17 6.37 18.50 -1.63
CA ALA A 17 6.36 18.09 -3.03
C ALA A 17 6.46 16.57 -3.14
N GLN A 18 7.27 15.98 -2.27
CA GLN A 18 7.42 14.53 -2.20
C GLN A 18 6.07 13.85 -1.97
N ALA A 19 5.38 14.27 -0.91
CA ALA A 19 4.09 13.68 -0.55
C ALA A 19 3.08 13.82 -1.68
N THR A 20 3.03 15.00 -2.28
CA THR A 20 2.09 15.30 -3.35
C THR A 20 2.30 14.37 -4.55
N ALA A 21 3.56 14.15 -4.92
CA ALA A 21 3.86 13.29 -6.06
C ALA A 21 3.54 11.84 -5.75
N LEU A 22 3.86 11.40 -4.54
CA LEU A 22 3.61 10.03 -4.12
C LEU A 22 2.12 9.72 -4.09
N LYS A 23 1.31 10.72 -3.74
CA LYS A 23 -0.14 10.55 -3.73
C LYS A 23 -0.64 10.15 -5.12
N MET A 24 -0.24 10.92 -6.13
CA MET A 24 -0.71 10.69 -7.49
C MET A 24 -0.17 9.38 -8.04
N ASP A 25 1.08 9.08 -7.72
CA ASP A 25 1.73 7.89 -8.26
C ASP A 25 1.10 6.63 -7.70
N LEU A 26 0.83 6.63 -6.39
CA LEU A 26 0.17 5.50 -5.74
C LEU A 26 -1.29 5.41 -6.20
N HIS A 27 -1.91 6.57 -6.37
CA HIS A 27 -3.28 6.66 -6.86
C HIS A 27 -3.42 5.93 -8.20
N ASP A 28 -2.58 6.30 -9.14
CA ASP A 28 -2.65 5.75 -10.49
C ASP A 28 -2.20 4.30 -10.51
N LEU A 29 -1.37 3.92 -9.54
CA LEU A 29 -0.96 2.53 -9.39
C LEU A 29 -2.18 1.67 -9.04
N ALA A 30 -3.04 2.20 -8.17
CA ALA A 30 -4.27 1.51 -7.79
C ALA A 30 -5.29 1.55 -8.93
N GLU A 31 -5.19 2.57 -9.76
CA GLU A 31 -6.03 2.68 -10.95
C GLU A 31 -5.58 1.69 -12.03
N ASP A 32 -4.31 1.31 -11.97
CA ASP A 32 -3.73 0.41 -12.95
C ASP A 32 -3.36 -0.91 -12.30
N LEU A 33 -4.34 -1.51 -11.63
CA LEU A 33 -4.15 -2.77 -10.91
C LEU A 33 -3.71 -3.91 -11.85
N PRO A 34 -3.31 -5.05 -11.24
CA PRO A 34 -2.17 -5.84 -11.65
C PRO A 34 -1.45 -5.39 -12.90
N THR A 35 -0.18 -5.13 -12.66
CA THR A 35 0.85 -4.79 -13.63
C THR A 35 2.11 -4.48 -12.84
N GLY A 36 1.95 -3.57 -11.88
CA GLY A 36 2.99 -3.28 -10.92
C GLY A 36 2.53 -3.52 -9.49
N TRP A 37 1.57 -4.43 -9.32
CA TRP A 37 1.05 -4.77 -7.99
C TRP A 37 2.15 -5.24 -7.04
N ASN A 38 3.19 -5.86 -7.58
CA ASN A 38 4.31 -6.32 -6.76
C ASN A 38 5.06 -5.12 -6.18
N ARG A 39 5.01 -4.02 -6.91
CA ARG A 39 5.69 -2.80 -6.52
C ARG A 39 4.81 -1.93 -5.64
N ILE A 40 3.57 -2.36 -5.43
CA ILE A 40 2.64 -1.68 -4.54
C ILE A 40 3.26 -1.50 -3.15
N MET A 41 3.91 -2.55 -2.66
CA MET A 41 4.56 -2.52 -1.35
C MET A 41 5.67 -1.46 -1.33
N GLU A 42 6.34 -1.31 -2.47
CA GLU A 42 7.45 -0.37 -2.57
C GLU A 42 6.94 1.06 -2.61
N VAL A 43 5.97 1.30 -3.49
CA VAL A 43 5.39 2.63 -3.66
C VAL A 43 4.67 3.07 -2.39
N ALA A 44 3.83 2.20 -1.85
CA ALA A 44 3.06 2.52 -0.65
C ALA A 44 3.98 2.80 0.53
N GLU A 45 5.09 2.10 0.57
CA GLU A 45 6.12 2.35 1.57
C GLU A 45 6.59 3.80 1.49
N LYS A 46 6.94 4.23 0.27
CA LYS A 46 7.38 5.60 0.03
C LYS A 46 6.30 6.59 0.45
N THR A 47 5.09 6.35 -0.02
CA THR A 47 3.96 7.22 0.25
C THR A 47 3.73 7.38 1.74
N TYR A 48 3.72 6.26 2.47
CA TYR A 48 3.50 6.30 3.91
C TYR A 48 4.69 6.96 4.63
N GLU A 49 5.90 6.60 4.19
CA GLU A 49 7.11 7.19 4.74
C GLU A 49 7.11 8.70 4.57
N ALA A 50 6.63 9.17 3.42
CA ALA A 50 6.53 10.60 3.16
C ALA A 50 5.66 11.28 4.21
N TYR A 51 4.45 10.77 4.40
CA TYR A 51 3.53 11.35 5.37
C TYR A 51 4.11 11.26 6.77
N ARG A 52 4.79 10.16 7.06
CA ARG A 52 5.46 9.98 8.34
C ARG A 52 6.54 11.03 8.52
N GLN A 53 7.39 11.18 7.50
CA GLN A 53 8.42 12.21 7.48
C GLN A 53 7.84 13.59 7.75
N LEU A 54 6.76 13.93 7.04
CA LEU A 54 6.09 15.21 7.26
C LEU A 54 5.62 15.35 8.70
N ASP A 55 4.94 14.32 9.19
CA ASP A 55 4.35 14.35 10.53
C ASP A 55 5.44 14.43 11.60
N GLU A 56 6.48 13.62 11.44
CA GLU A 56 7.60 13.61 12.36
C GLU A 56 8.29 14.97 12.37
N PHE A 57 8.42 15.57 11.19
CA PHE A 57 9.01 16.88 11.04
C PHE A 57 8.13 17.92 11.73
N ARG A 58 6.82 17.77 11.58
CA ARG A 58 5.85 18.66 12.21
C ARG A 58 5.90 18.54 13.73
N LYS A 59 5.99 17.30 14.23
CA LYS A 59 6.07 17.05 15.66
C LYS A 59 7.28 17.75 16.27
N SER A 60 8.44 17.56 15.64
CA SER A 60 9.68 18.08 16.18
C SER A 60 9.72 19.61 16.12
N THR A 61 9.30 20.18 15.00
CA THR A 61 9.32 21.62 14.84
C THR A 61 8.29 22.30 15.74
N ALA A 62 7.13 21.65 15.95
CA ALA A 62 6.08 22.21 16.80
C ALA A 62 6.54 22.33 18.24
N SER A 63 7.30 21.34 18.68
CA SER A 63 7.84 21.32 20.03
C SER A 63 8.93 22.39 20.18
N LEU A 64 9.68 22.61 19.10
CA LEU A 64 10.77 23.58 19.12
C LEU A 64 10.26 25.02 19.07
N GLU A 65 9.33 25.28 18.16
CA GLU A 65 8.84 26.63 17.93
C GLU A 65 8.03 27.18 19.09
N HIS A 66 7.61 26.31 19.98
CA HIS A 66 6.84 26.73 21.14
C HIS A 66 7.78 27.14 22.28
N HIS A 67 9.00 26.61 22.21
CA HIS A 67 10.10 26.98 23.11
C HIS A 67 9.79 26.63 24.57
N HIS A 68 8.77 25.82 24.80
CA HIS A 68 8.49 25.34 26.15
C HIS A 68 9.05 23.94 26.31
N HIS A 69 10.18 23.84 27.00
CA HIS A 69 10.85 22.57 27.17
C HIS A 69 11.77 22.60 28.39
N HIS A 70 11.38 21.90 29.44
CA HIS A 70 12.23 21.75 30.61
C HIS A 70 12.53 20.28 30.85
N HIS A 71 13.80 19.96 31.00
CA HIS A 71 14.21 18.60 31.24
C HIS A 71 15.57 18.60 31.94
N MET B 1 1.56 -34.88 -1.40
CA MET B 1 1.42 -33.88 -2.48
C MET B 1 0.44 -34.37 -3.53
N SER B 2 -0.75 -33.81 -3.51
CA SER B 2 -1.78 -34.16 -4.48
C SER B 2 -2.76 -32.99 -4.62
N GLU B 3 -3.69 -33.11 -5.56
CA GLU B 3 -4.62 -32.03 -5.81
C GLU B 3 -6.05 -32.55 -5.71
N GLY B 4 -6.92 -31.70 -5.24
CA GLY B 4 -8.33 -32.03 -5.14
C GLY B 4 -9.17 -30.95 -5.75
N ALA B 5 -9.86 -31.28 -6.83
CA ALA B 5 -10.59 -30.30 -7.64
C ALA B 5 -11.63 -29.53 -6.83
N GLU B 6 -12.26 -30.20 -5.88
CA GLU B 6 -13.30 -29.59 -5.07
C GLU B 6 -12.70 -28.62 -4.06
N GLU B 7 -11.72 -29.11 -3.32
CA GLU B 7 -10.99 -28.30 -2.37
C GLU B 7 -10.29 -27.14 -3.07
N LEU B 8 -9.78 -27.42 -4.25
CA LEU B 8 -9.12 -26.42 -5.09
C LEU B 8 -10.06 -25.25 -5.33
N LYS B 9 -11.27 -25.57 -5.77
CA LYS B 9 -12.24 -24.57 -6.14
C LYS B 9 -12.69 -23.77 -4.92
N ALA B 10 -12.91 -24.48 -3.82
CA ALA B 10 -13.35 -23.85 -2.58
C ALA B 10 -12.26 -22.95 -2.00
N LYS B 11 -11.01 -23.40 -2.08
CA LYS B 11 -9.89 -22.63 -1.56
C LYS B 11 -9.60 -21.44 -2.45
N LEU B 12 -9.59 -21.69 -3.76
CA LEU B 12 -9.38 -20.64 -4.75
C LEU B 12 -10.45 -19.57 -4.62
N LYS B 13 -11.70 -20.02 -4.42
CA LYS B 13 -12.83 -19.12 -4.22
C LYS B 13 -12.59 -18.20 -3.03
N LYS B 14 -12.23 -18.80 -1.91
CA LYS B 14 -11.97 -18.05 -0.68
C LYS B 14 -10.85 -17.02 -0.89
N LEU B 15 -9.76 -17.46 -1.51
CA LEU B 15 -8.62 -16.58 -1.75
C LEU B 15 -8.96 -15.50 -2.78
N ASN B 16 -9.71 -15.88 -3.81
CA ASN B 16 -10.12 -14.95 -4.84
C ASN B 16 -11.04 -13.88 -4.27
N ALA B 17 -11.99 -14.30 -3.45
CA ALA B 17 -12.90 -13.38 -2.79
C ALA B 17 -12.14 -12.42 -1.89
N GLN B 18 -11.10 -12.95 -1.23
CA GLN B 18 -10.24 -12.13 -0.40
C GLN B 18 -9.54 -11.07 -1.25
N ALA B 19 -8.81 -11.51 -2.27
CA ALA B 19 -8.06 -10.60 -3.14
C ALA B 19 -8.99 -9.58 -3.80
N THR B 20 -10.20 -10.00 -4.12
CA THR B 20 -11.20 -9.12 -4.71
C THR B 20 -11.62 -8.03 -3.73
N ALA B 21 -11.65 -8.38 -2.44
CA ALA B 21 -12.05 -7.45 -1.40
C ALA B 21 -11.00 -6.34 -1.21
N LEU B 22 -9.73 -6.72 -1.26
CA LEU B 22 -8.64 -5.76 -1.09
C LEU B 22 -8.60 -4.75 -2.23
N LYS B 23 -9.10 -5.15 -3.39
CA LYS B 23 -9.18 -4.23 -4.52
C LYS B 23 -9.99 -3.00 -4.13
N MET B 24 -11.13 -3.22 -3.47
CA MET B 24 -11.95 -2.13 -2.97
C MET B 24 -11.27 -1.43 -1.80
N ASP B 25 -10.69 -2.22 -0.91
CA ASP B 25 -10.05 -1.69 0.30
C ASP B 25 -8.96 -0.68 -0.06
N LEU B 26 -8.15 -1.03 -1.05
CA LEU B 26 -7.07 -0.16 -1.50
C LEU B 26 -7.58 0.98 -2.37
N HIS B 27 -8.43 0.65 -3.34
CA HIS B 27 -8.91 1.64 -4.29
C HIS B 27 -9.67 2.76 -3.60
N ASP B 28 -10.47 2.41 -2.60
CA ASP B 28 -11.25 3.37 -1.85
C ASP B 28 -10.33 4.35 -1.12
N LEU B 29 -9.25 3.82 -0.57
CA LEU B 29 -8.29 4.62 0.17
C LEU B 29 -7.48 5.51 -0.77
N ALA B 30 -7.17 4.99 -1.95
CA ALA B 30 -6.39 5.72 -2.94
C ALA B 30 -7.14 6.96 -3.44
N GLU B 31 -8.46 6.88 -3.47
CA GLU B 31 -9.30 7.98 -3.89
C GLU B 31 -9.40 9.04 -2.79
N ASP B 32 -9.42 8.58 -1.54
CA ASP B 32 -9.60 9.47 -0.40
C ASP B 32 -8.27 9.69 0.33
N LEU B 33 -7.19 9.55 -0.43
CA LEU B 33 -5.83 9.82 0.03
C LEU B 33 -5.70 11.11 0.86
N PRO B 34 -4.50 11.39 1.44
CA PRO B 34 -4.28 12.04 2.72
C PRO B 34 -5.42 12.03 3.75
N THR B 35 -6.37 11.12 3.60
CA THR B 35 -7.24 10.73 4.68
C THR B 35 -7.22 9.21 4.81
N GLY B 36 -7.07 8.71 6.04
CA GLY B 36 -6.91 7.29 6.24
C GLY B 36 -5.55 6.79 5.80
N TRP B 37 -4.65 7.73 5.49
CA TRP B 37 -3.31 7.42 5.01
C TRP B 37 -2.52 6.57 5.99
N ASN B 38 -2.93 6.57 7.25
CA ASN B 38 -2.28 5.75 8.27
C ASN B 38 -2.41 4.28 7.92
N ARG B 39 -3.45 3.94 7.16
CA ARG B 39 -3.74 2.56 6.83
C ARG B 39 -3.09 2.15 5.51
N ILE B 40 -2.38 3.07 4.87
CA ILE B 40 -1.77 2.79 3.56
C ILE B 40 -0.88 1.55 3.61
N MET B 41 0.01 1.48 4.59
CA MET B 41 0.93 0.35 4.70
C MET B 41 0.19 -0.93 5.05
N GLU B 42 -0.86 -0.80 5.86
CA GLU B 42 -1.69 -1.95 6.23
C GLU B 42 -2.37 -2.53 4.99
N VAL B 43 -3.04 -1.67 4.24
CA VAL B 43 -3.75 -2.08 3.04
C VAL B 43 -2.77 -2.60 1.99
N ALA B 44 -1.60 -1.95 1.89
CA ALA B 44 -0.56 -2.40 0.97
C ALA B 44 -0.12 -3.81 1.32
N GLU B 45 0.03 -4.07 2.62
CA GLU B 45 0.37 -5.39 3.12
C GLU B 45 -0.69 -6.41 2.69
N LYS B 46 -1.96 -6.08 2.88
CA LYS B 46 -3.06 -6.97 2.49
C LYS B 46 -3.02 -7.24 0.99
N THR B 47 -2.91 -6.16 0.22
CA THR B 47 -2.96 -6.22 -1.23
C THR B 47 -1.81 -7.07 -1.77
N TYR B 48 -0.60 -6.79 -1.29
CA TYR B 48 0.58 -7.54 -1.72
C TYR B 48 0.42 -9.02 -1.36
N GLU B 49 0.05 -9.26 -0.11
CA GLU B 49 -0.12 -10.62 0.39
C GLU B 49 -1.19 -11.39 -0.38
N ALA B 50 -2.34 -10.75 -0.60
CA ALA B 50 -3.46 -11.40 -1.26
C ALA B 50 -3.11 -11.83 -2.68
N TYR B 51 -2.59 -10.90 -3.47
CA TYR B 51 -2.27 -11.18 -4.85
C TYR B 51 -1.08 -12.14 -4.96
N ARG B 52 -0.10 -12.00 -4.07
CA ARG B 52 1.04 -12.89 -4.05
C ARG B 52 0.61 -14.31 -3.71
N GLN B 53 -0.15 -14.45 -2.63
CA GLN B 53 -0.65 -15.75 -2.18
C GLN B 53 -1.51 -16.38 -3.27
N LEU B 54 -2.32 -15.57 -3.94
CA LEU B 54 -3.16 -16.06 -5.02
C LEU B 54 -2.30 -16.69 -6.11
N ASP B 55 -1.27 -15.96 -6.53
CA ASP B 55 -0.36 -16.46 -7.56
C ASP B 55 0.43 -17.68 -7.06
N GLU B 56 0.84 -17.62 -5.80
CA GLU B 56 1.57 -18.73 -5.19
C GLU B 56 0.69 -19.98 -5.15
N PHE B 57 -0.57 -19.81 -4.80
CA PHE B 57 -1.53 -20.90 -4.82
C PHE B 57 -1.65 -21.46 -6.23
N ARG B 58 -1.72 -20.57 -7.21
CA ARG B 58 -1.84 -20.95 -8.60
C ARG B 58 -0.60 -21.71 -9.07
N LYS B 59 0.57 -21.28 -8.62
CA LYS B 59 1.83 -21.94 -8.96
C LYS B 59 1.87 -23.32 -8.30
N SER B 60 1.38 -23.39 -7.08
CA SER B 60 1.31 -24.64 -6.35
C SER B 60 0.39 -25.62 -7.06
N THR B 61 -0.83 -25.19 -7.32
CA THR B 61 -1.84 -26.07 -7.93
C THR B 61 -1.46 -26.46 -9.35
N ALA B 62 -0.82 -25.55 -10.10
CA ALA B 62 -0.39 -25.83 -11.47
C ALA B 62 0.60 -26.99 -11.50
N SER B 63 1.35 -27.14 -10.41
CA SER B 63 2.29 -28.24 -10.29
C SER B 63 1.57 -29.57 -10.04
N LEU B 64 0.50 -29.53 -9.27
CA LEU B 64 -0.25 -30.74 -8.92
C LEU B 64 -1.28 -31.09 -9.99
N GLU B 65 -1.80 -30.08 -10.65
CA GLU B 65 -2.73 -30.26 -11.75
C GLU B 65 -2.00 -30.76 -12.99
N HIS B 66 -0.69 -30.81 -12.90
CA HIS B 66 0.14 -31.33 -13.97
C HIS B 66 0.27 -32.84 -13.83
N HIS B 67 0.60 -33.30 -12.63
CA HIS B 67 0.69 -34.73 -12.36
C HIS B 67 -0.07 -35.08 -11.08
N HIS B 68 -1.04 -35.96 -11.20
CA HIS B 68 -1.86 -36.37 -10.07
C HIS B 68 -1.45 -37.75 -9.60
N HIS B 69 -0.86 -37.81 -8.41
CA HIS B 69 -0.40 -39.07 -7.81
C HIS B 69 0.55 -39.81 -8.75
N HIS B 70 -0.01 -40.77 -9.48
CA HIS B 70 0.72 -41.59 -10.45
C HIS B 70 -0.22 -42.67 -10.97
N HIS B 71 -1.31 -42.88 -10.24
CA HIS B 71 -2.38 -43.78 -10.64
C HIS B 71 -3.71 -43.15 -10.31
N MET A 1 17.59 30.26 17.06
CA MET A 1 19.07 30.09 17.02
C MET A 1 19.44 28.69 16.50
N SER A 2 19.17 27.67 17.32
CA SER A 2 19.50 26.30 16.97
C SER A 2 18.40 25.67 16.12
N GLU A 3 17.32 26.41 16.00
CA GLU A 3 16.23 26.03 15.12
C GLU A 3 16.12 27.04 13.98
N GLY A 4 16.50 26.58 12.80
CA GLY A 4 16.52 27.46 11.66
C GLY A 4 15.34 27.25 10.75
N ALA A 5 14.58 28.31 10.53
CA ALA A 5 13.40 28.26 9.68
C ALA A 5 13.79 28.04 8.23
N GLU A 6 15.06 28.33 7.92
CA GLU A 6 15.59 28.11 6.58
C GLU A 6 15.66 26.62 6.29
N GLU A 7 16.19 25.88 7.25
CA GLU A 7 16.33 24.43 7.16
C GLU A 7 14.95 23.79 7.16
N LEU A 8 14.08 24.35 7.97
CA LEU A 8 12.70 23.89 8.06
C LEU A 8 11.95 24.19 6.77
N LYS A 9 12.25 25.33 6.16
CA LYS A 9 11.64 25.71 4.90
C LYS A 9 12.05 24.75 3.81
N ALA A 10 13.35 24.54 3.67
CA ALA A 10 13.88 23.62 2.68
C ALA A 10 13.33 22.21 2.87
N LYS A 11 13.23 21.80 4.13
CA LYS A 11 12.67 20.50 4.48
C LYS A 11 11.21 20.40 4.04
N LEU A 12 10.41 21.37 4.48
CA LEU A 12 8.99 21.39 4.14
C LEU A 12 8.79 21.56 2.65
N LYS A 13 9.66 22.32 2.02
CA LYS A 13 9.64 22.51 0.57
C LYS A 13 9.82 21.19 -0.13
N LYS A 14 10.83 20.44 0.31
CA LYS A 14 11.14 19.13 -0.24
C LYS A 14 9.99 18.16 0.02
N LEU A 15 9.53 18.14 1.26
CA LEU A 15 8.44 17.26 1.68
C LEU A 15 7.15 17.55 0.92
N ASN A 16 6.92 18.83 0.63
CA ASN A 16 5.71 19.23 -0.10
C ASN A 16 5.68 18.58 -1.47
N ALA A 17 6.83 18.58 -2.14
CA ALA A 17 6.94 17.95 -3.45
C ALA A 17 6.81 16.44 -3.32
N GLN A 18 7.47 15.89 -2.33
CA GLN A 18 7.45 14.45 -2.06
C GLN A 18 6.01 13.96 -1.82
N ALA A 19 5.31 14.62 -0.91
CA ALA A 19 3.95 14.24 -0.56
C ALA A 19 3.00 14.35 -1.75
N THR A 20 3.26 15.33 -2.61
CA THR A 20 2.43 15.55 -3.79
C THR A 20 2.72 14.50 -4.86
N ALA A 21 4.00 14.26 -5.12
CA ALA A 21 4.41 13.30 -6.15
C ALA A 21 3.90 11.90 -5.83
N LEU A 22 4.06 11.48 -4.58
CA LEU A 22 3.60 10.17 -4.15
C LEU A 22 2.08 10.08 -4.22
N LYS A 23 1.40 11.16 -3.86
CA LYS A 23 -0.06 11.20 -3.93
C LYS A 23 -0.54 10.95 -5.36
N MET A 24 0.11 11.62 -6.31
CA MET A 24 -0.25 11.48 -7.72
C MET A 24 0.04 10.07 -8.22
N ASP A 25 1.23 9.58 -7.92
CA ASP A 25 1.66 8.27 -8.39
C ASP A 25 0.80 7.16 -7.79
N LEU A 26 0.54 7.25 -6.50
CA LEU A 26 -0.30 6.28 -5.81
C LEU A 26 -1.70 6.26 -6.40
N HIS A 27 -2.30 7.43 -6.57
CA HIS A 27 -3.64 7.54 -7.12
C HIS A 27 -3.67 6.98 -8.54
N ASP A 28 -2.67 7.34 -9.33
CA ASP A 28 -2.57 6.89 -10.71
C ASP A 28 -2.41 5.37 -10.79
N LEU A 29 -1.54 4.83 -9.94
CA LEU A 29 -1.32 3.39 -9.89
C LEU A 29 -2.58 2.66 -9.44
N ALA A 30 -3.29 3.28 -8.51
CA ALA A 30 -4.54 2.70 -7.99
C ALA A 30 -5.61 2.66 -9.08
N GLU A 31 -5.51 3.57 -10.05
CA GLU A 31 -6.42 3.59 -11.18
C GLU A 31 -6.14 2.40 -12.10
N ASP A 32 -4.86 2.04 -12.22
CA ASP A 32 -4.45 0.96 -13.10
C ASP A 32 -3.94 -0.23 -12.29
N LEU A 33 -4.85 -0.81 -11.54
CA LEU A 33 -4.58 -1.94 -10.66
C LEU A 33 -4.30 -3.24 -11.42
N PRO A 34 -3.95 -4.36 -10.71
CA PRO A 34 -3.07 -5.44 -11.13
C PRO A 34 -2.13 -5.23 -12.32
N THR A 35 -1.85 -3.98 -12.66
CA THR A 35 -0.64 -3.66 -13.37
C THR A 35 0.25 -2.87 -12.43
N GLY A 36 1.51 -3.23 -12.36
CA GLY A 36 2.42 -2.61 -11.41
C GLY A 36 2.07 -2.95 -9.96
N TRP A 37 1.11 -3.87 -9.77
CA TRP A 37 0.72 -4.32 -8.43
C TRP A 37 1.91 -4.86 -7.64
N ASN A 38 2.95 -5.28 -8.35
CA ASN A 38 4.15 -5.80 -7.74
C ASN A 38 4.96 -4.69 -7.08
N ARG A 39 4.65 -3.45 -7.44
CA ARG A 39 5.33 -2.29 -6.87
C ARG A 39 4.48 -1.67 -5.75
N ILE A 40 3.32 -2.29 -5.49
CA ILE A 40 2.40 -1.79 -4.46
C ILE A 40 3.10 -1.56 -3.12
N MET A 41 3.96 -2.50 -2.73
CA MET A 41 4.67 -2.39 -1.44
C MET A 41 5.59 -1.18 -1.42
N GLU A 42 6.32 -0.97 -2.52
CA GLU A 42 7.22 0.17 -2.65
C GLU A 42 6.46 1.47 -2.49
N VAL A 43 5.39 1.59 -3.27
CA VAL A 43 4.55 2.78 -3.23
C VAL A 43 3.97 2.99 -1.85
N ALA A 44 3.44 1.93 -1.25
CA ALA A 44 2.89 2.00 0.09
C ALA A 44 3.93 2.49 1.08
N GLU A 45 5.13 1.93 0.98
CA GLU A 45 6.25 2.34 1.82
C GLU A 45 6.56 3.81 1.65
N LYS A 46 6.92 4.20 0.43
CA LYS A 46 7.32 5.59 0.14
C LYS A 46 6.24 6.58 0.52
N THR A 47 4.99 6.27 0.17
CA THR A 47 3.88 7.16 0.46
C THR A 47 3.67 7.33 1.96
N TYR A 48 3.69 6.21 2.69
CA TYR A 48 3.54 6.24 4.14
C TYR A 48 4.70 7.00 4.76
N GLU A 49 5.92 6.68 4.32
CA GLU A 49 7.12 7.30 4.85
C GLU A 49 7.10 8.81 4.64
N ALA A 50 6.63 9.23 3.46
CA ALA A 50 6.56 10.65 3.16
C ALA A 50 5.61 11.37 4.10
N TYR A 51 4.37 10.90 4.18
CA TYR A 51 3.38 11.53 5.04
C TYR A 51 3.76 11.42 6.51
N ARG A 52 4.49 10.36 6.85
CA ARG A 52 5.00 10.21 8.21
C ARG A 52 6.08 11.25 8.48
N GLN A 53 7.01 11.38 7.56
CA GLN A 53 8.11 12.35 7.70
C GLN A 53 7.56 13.77 7.76
N LEU A 54 6.50 14.04 7.01
CA LEU A 54 5.79 15.31 7.10
C LEU A 54 5.28 15.54 8.52
N ASP A 55 4.71 14.50 9.10
CA ASP A 55 4.15 14.59 10.45
C ASP A 55 5.26 14.69 11.49
N GLU A 56 6.34 13.94 11.26
CA GLU A 56 7.54 14.03 12.09
C GLU A 56 8.06 15.46 12.10
N PHE A 57 8.02 16.11 10.94
CA PHE A 57 8.39 17.51 10.83
C PHE A 57 7.48 18.37 11.69
N ARG A 58 6.18 18.08 11.63
CA ARG A 58 5.18 18.80 12.41
C ARG A 58 5.45 18.67 13.90
N LYS A 59 5.76 17.45 14.36
CA LYS A 59 6.08 17.23 15.76
C LYS A 59 7.25 18.11 16.19
N SER A 60 8.27 18.11 15.35
CA SER A 60 9.49 18.85 15.63
C SER A 60 9.25 20.36 15.66
N THR A 61 8.69 20.88 14.59
CA THR A 61 8.50 22.33 14.44
C THR A 61 7.60 22.90 15.53
N ALA A 62 6.53 22.17 15.88
CA ALA A 62 5.58 22.66 16.87
C ALA A 62 6.23 22.78 18.24
N SER A 63 7.03 21.80 18.60
CA SER A 63 7.69 21.77 19.90
C SER A 63 8.77 22.84 20.02
N LEU A 64 9.39 23.18 18.89
CA LEU A 64 10.47 24.17 18.89
C LEU A 64 9.93 25.58 18.69
N GLU A 65 8.88 25.71 17.89
CA GLU A 65 8.31 27.01 17.58
C GLU A 65 7.39 27.46 18.71
N HIS A 66 7.13 26.52 19.62
CA HIS A 66 6.31 26.74 20.81
C HIS A 66 4.85 26.96 20.43
N HIS A 67 4.44 26.32 19.34
CA HIS A 67 3.04 26.35 18.94
C HIS A 67 2.41 25.00 19.18
N HIS A 68 1.64 24.90 20.25
CA HIS A 68 0.99 23.65 20.61
C HIS A 68 -0.24 23.43 19.73
N HIS A 69 -0.01 22.84 18.57
CA HIS A 69 -1.06 22.59 17.60
C HIS A 69 -0.99 21.15 17.13
N HIS A 70 -2.07 20.40 17.33
CA HIS A 70 -2.09 19.00 16.95
C HIS A 70 -2.22 18.87 15.44
N HIS A 71 -1.72 17.76 14.90
CA HIS A 71 -1.91 17.44 13.51
C HIS A 71 -2.69 16.14 13.41
N MET B 1 -1.95 -39.18 0.01
CA MET B 1 -2.11 -38.39 -1.24
C MET B 1 -3.55 -38.38 -1.70
N SER B 2 -4.27 -37.35 -1.32
CA SER B 2 -5.64 -37.19 -1.74
C SER B 2 -5.81 -35.87 -2.48
N GLU B 3 -6.39 -35.93 -3.67
CA GLU B 3 -6.56 -34.75 -4.48
C GLU B 3 -8.00 -34.64 -4.97
N GLY B 4 -8.65 -33.55 -4.58
CA GLY B 4 -10.01 -33.31 -5.00
C GLY B 4 -10.20 -31.84 -5.33
N ALA B 5 -11.11 -31.56 -6.26
CA ALA B 5 -11.37 -30.19 -6.70
C ALA B 5 -12.05 -29.40 -5.60
N GLU B 6 -12.62 -30.10 -4.63
CA GLU B 6 -13.37 -29.47 -3.55
C GLU B 6 -12.51 -28.51 -2.75
N GLU B 7 -11.36 -28.98 -2.25
CA GLU B 7 -10.46 -28.14 -1.50
C GLU B 7 -9.81 -27.10 -2.39
N LEU B 8 -9.58 -27.46 -3.65
CA LEU B 8 -8.99 -26.57 -4.62
C LEU B 8 -9.93 -25.40 -4.91
N LYS B 9 -11.20 -25.73 -5.10
CA LYS B 9 -12.23 -24.74 -5.36
C LYS B 9 -12.40 -23.81 -4.16
N ALA B 10 -12.60 -24.40 -2.99
CA ALA B 10 -12.81 -23.63 -1.77
C ALA B 10 -11.65 -22.68 -1.51
N LYS B 11 -10.43 -23.17 -1.75
CA LYS B 11 -9.24 -22.37 -1.52
C LYS B 11 -9.18 -21.20 -2.50
N LEU B 12 -9.31 -21.51 -3.79
CA LEU B 12 -9.25 -20.49 -4.83
C LEU B 12 -10.40 -19.50 -4.68
N LYS B 13 -11.55 -20.03 -4.30
CA LYS B 13 -12.75 -19.22 -4.09
C LYS B 13 -12.52 -18.22 -2.97
N LYS B 14 -11.98 -18.70 -1.85
CA LYS B 14 -11.69 -17.87 -0.70
C LYS B 14 -10.68 -16.78 -1.06
N LEU B 15 -9.65 -17.18 -1.79
CA LEU B 15 -8.59 -16.27 -2.20
C LEU B 15 -9.09 -15.23 -3.21
N ASN B 16 -9.89 -15.70 -4.17
CA ASN B 16 -10.43 -14.85 -5.22
C ASN B 16 -11.26 -13.72 -4.61
N ALA B 17 -12.19 -14.08 -3.74
CA ALA B 17 -13.05 -13.10 -3.08
C ALA B 17 -12.23 -12.10 -2.28
N GLN B 18 -11.23 -12.60 -1.56
CA GLN B 18 -10.37 -11.77 -0.72
C GLN B 18 -9.61 -10.75 -1.58
N ALA B 19 -8.95 -11.22 -2.63
CA ALA B 19 -8.15 -10.36 -3.50
C ALA B 19 -9.03 -9.37 -4.26
N THR B 20 -10.24 -9.78 -4.58
CA THR B 20 -11.18 -8.92 -5.28
C THR B 20 -11.61 -7.76 -4.38
N ALA B 21 -11.95 -8.09 -3.14
CA ALA B 21 -12.39 -7.08 -2.18
C ALA B 21 -11.27 -6.09 -1.86
N LEU B 22 -10.07 -6.62 -1.61
CA LEU B 22 -8.93 -5.79 -1.28
C LEU B 22 -8.57 -4.84 -2.42
N LYS B 23 -8.75 -5.31 -3.65
CA LYS B 23 -8.51 -4.48 -4.83
C LYS B 23 -9.29 -3.16 -4.75
N MET B 24 -10.60 -3.28 -4.52
CA MET B 24 -11.48 -2.12 -4.49
C MET B 24 -11.23 -1.29 -3.24
N ASP B 25 -11.02 -1.97 -2.12
CA ASP B 25 -10.85 -1.30 -0.84
C ASP B 25 -9.54 -0.52 -0.79
N LEU B 26 -8.51 -1.05 -1.43
CA LEU B 26 -7.21 -0.37 -1.51
C LEU B 26 -7.33 0.89 -2.36
N HIS B 27 -8.06 0.78 -3.47
CA HIS B 27 -8.30 1.94 -4.33
C HIS B 27 -9.08 3.00 -3.56
N ASP B 28 -10.02 2.54 -2.76
CA ASP B 28 -10.82 3.41 -1.91
C ASP B 28 -9.93 4.16 -0.92
N LEU B 29 -8.98 3.43 -0.35
CA LEU B 29 -8.06 3.98 0.65
C LEU B 29 -7.17 5.06 0.03
N ALA B 30 -6.69 4.79 -1.19
CA ALA B 30 -5.83 5.73 -1.90
C ALA B 30 -6.55 7.05 -2.15
N GLU B 31 -7.88 7.00 -2.20
CA GLU B 31 -8.68 8.19 -2.43
C GLU B 31 -8.82 9.01 -1.15
N ASP B 32 -8.63 8.37 0.00
CA ASP B 32 -8.85 9.02 1.29
C ASP B 32 -7.53 9.51 1.90
N LEU B 33 -6.56 9.74 1.03
CA LEU B 33 -5.28 10.35 1.41
C LEU B 33 -5.46 11.60 2.26
N PRO B 34 -4.35 12.11 2.83
CA PRO B 34 -4.26 12.57 4.20
C PRO B 34 -5.48 12.34 5.07
N THR B 35 -5.18 11.72 6.20
CA THR B 35 -6.14 11.32 7.25
C THR B 35 -6.54 9.86 7.05
N GLY B 36 -6.23 9.33 5.87
CA GLY B 36 -6.37 7.91 5.61
C GLY B 36 -5.10 7.34 5.01
N TRP B 37 -3.97 7.70 5.62
CA TRP B 37 -2.65 7.36 5.07
C TRP B 37 -1.96 6.26 5.88
N ASN B 38 -2.28 6.16 7.16
CA ASN B 38 -1.60 5.21 8.04
C ASN B 38 -2.05 3.78 7.73
N ARG B 39 -3.22 3.66 7.11
CA ARG B 39 -3.78 2.36 6.79
C ARG B 39 -3.18 1.81 5.49
N ILE B 40 -2.47 2.67 4.77
CA ILE B 40 -1.94 2.34 3.45
C ILE B 40 -1.02 1.12 3.48
N MET B 41 -0.02 1.15 4.36
CA MET B 41 0.95 0.07 4.42
C MET B 41 0.31 -1.23 4.87
N GLU B 42 -0.71 -1.10 5.72
CA GLU B 42 -1.40 -2.25 6.27
C GLU B 42 -2.16 -3.01 5.19
N VAL B 43 -3.06 -2.30 4.51
CA VAL B 43 -3.86 -2.91 3.45
C VAL B 43 -2.99 -3.40 2.31
N ALA B 44 -2.00 -2.60 1.93
CA ALA B 44 -1.10 -2.97 0.83
C ALA B 44 -0.36 -4.27 1.13
N GLU B 45 0.11 -4.41 2.36
CA GLU B 45 0.83 -5.60 2.77
C GLU B 45 -0.04 -6.84 2.60
N LYS B 46 -1.25 -6.77 3.13
CA LYS B 46 -2.17 -7.89 3.10
C LYS B 46 -2.62 -8.18 1.68
N THR B 47 -2.76 -7.13 0.87
CA THR B 47 -3.13 -7.28 -0.53
C THR B 47 -2.01 -7.98 -1.30
N TYR B 48 -0.76 -7.57 -1.05
CA TYR B 48 0.38 -8.19 -1.70
C TYR B 48 0.50 -9.65 -1.29
N GLU B 49 0.37 -9.92 0.02
CA GLU B 49 0.39 -11.27 0.53
C GLU B 49 -0.65 -12.13 -0.18
N ALA B 50 -1.86 -11.61 -0.29
CA ALA B 50 -2.94 -12.32 -0.96
C ALA B 50 -2.60 -12.62 -2.41
N TYR B 51 -2.24 -11.59 -3.16
CA TYR B 51 -1.92 -11.75 -4.58
C TYR B 51 -0.78 -12.72 -4.79
N ARG B 52 0.20 -12.70 -3.90
CA ARG B 52 1.32 -13.62 -3.99
C ARG B 52 0.86 -15.05 -3.73
N GLN B 53 0.08 -15.22 -2.69
CA GLN B 53 -0.48 -16.52 -2.33
C GLN B 53 -1.40 -17.05 -3.44
N LEU B 54 -2.09 -16.14 -4.12
CA LEU B 54 -2.89 -16.50 -5.28
C LEU B 54 -2.01 -17.10 -6.37
N ASP B 55 -0.93 -16.40 -6.70
CA ASP B 55 0.01 -16.87 -7.72
C ASP B 55 0.65 -18.19 -7.30
N GLU B 56 1.04 -18.27 -6.03
CA GLU B 56 1.59 -19.46 -5.47
C GLU B 56 0.62 -20.63 -5.61
N PHE B 57 -0.63 -20.40 -5.23
CA PHE B 57 -1.65 -21.42 -5.35
C PHE B 57 -1.81 -21.84 -6.81
N ARG B 58 -1.80 -20.87 -7.72
CA ARG B 58 -1.96 -21.12 -9.14
C ARG B 58 -0.86 -22.03 -9.67
N LYS B 59 0.38 -21.79 -9.24
CA LYS B 59 1.50 -22.61 -9.67
C LYS B 59 1.54 -23.94 -8.91
N SER B 60 1.18 -23.91 -7.64
CA SER B 60 1.13 -25.13 -6.85
C SER B 60 0.05 -26.07 -7.38
N THR B 61 -1.11 -25.54 -7.72
CA THR B 61 -2.20 -26.36 -8.23
C THR B 61 -1.91 -26.79 -9.66
N ALA B 62 -1.07 -26.04 -10.37
CA ALA B 62 -0.67 -26.39 -11.73
C ALA B 62 0.06 -27.73 -11.72
N SER B 63 0.77 -27.98 -10.63
CA SER B 63 1.44 -29.26 -10.43
C SER B 63 0.41 -30.39 -10.32
N LEU B 64 -0.73 -30.08 -9.70
CA LEU B 64 -1.81 -31.05 -9.58
C LEU B 64 -2.55 -31.18 -10.90
N GLU B 65 -2.69 -30.06 -11.60
CA GLU B 65 -3.32 -30.02 -12.91
C GLU B 65 -2.51 -30.80 -13.93
N HIS B 66 -1.28 -31.09 -13.56
CA HIS B 66 -0.36 -31.83 -14.41
C HIS B 66 -0.77 -33.30 -14.51
N HIS B 67 -1.55 -33.76 -13.54
CA HIS B 67 -2.10 -35.12 -13.59
C HIS B 67 -3.17 -35.19 -14.66
N HIS B 68 -3.45 -36.39 -15.16
CA HIS B 68 -4.58 -36.57 -16.07
C HIS B 68 -5.89 -36.36 -15.29
N HIS B 69 -6.37 -35.12 -15.33
CA HIS B 69 -7.49 -34.67 -14.51
C HIS B 69 -8.72 -35.56 -14.68
N HIS B 70 -9.12 -36.18 -13.58
CA HIS B 70 -10.31 -37.05 -13.50
C HIS B 70 -10.07 -38.37 -14.23
N HIS B 71 -9.98 -38.31 -15.55
CA HIS B 71 -9.83 -39.52 -16.36
C HIS B 71 -9.03 -39.20 -17.62
N MET A 1 17.82 29.92 16.99
CA MET A 1 19.27 29.57 16.92
C MET A 1 19.43 28.15 16.40
N SER A 2 19.11 27.17 17.24
CA SER A 2 19.12 25.77 16.81
C SER A 2 17.77 25.42 16.21
N GLU A 3 17.81 24.81 15.03
CA GLU A 3 16.62 24.60 14.21
C GLU A 3 16.00 25.95 13.83
N GLY A 4 16.14 26.30 12.58
CA GLY A 4 15.76 27.61 12.12
C GLY A 4 14.68 27.57 11.06
N ALA A 5 13.81 28.57 11.07
CA ALA A 5 12.69 28.66 10.15
C ALA A 5 13.14 28.73 8.69
N GLU A 6 14.35 29.21 8.47
CA GLU A 6 14.90 29.28 7.12
C GLU A 6 15.17 27.89 6.58
N GLU A 7 15.89 27.10 7.36
CA GLU A 7 16.15 25.71 7.00
C GLU A 7 14.84 24.94 6.92
N LEU A 8 13.94 25.24 7.86
CA LEU A 8 12.63 24.64 7.89
C LEU A 8 11.85 24.89 6.61
N LYS A 9 12.04 26.05 6.03
CA LYS A 9 11.36 26.41 4.78
C LYS A 9 11.87 25.54 3.64
N ALA A 10 13.19 25.42 3.54
CA ALA A 10 13.80 24.58 2.52
C ALA A 10 13.49 23.10 2.79
N LYS A 11 13.50 22.74 4.07
CA LYS A 11 13.21 21.39 4.49
C LYS A 11 11.77 21.02 4.16
N LEU A 12 10.85 21.93 4.49
CA LEU A 12 9.44 21.74 4.18
C LEU A 12 9.24 21.72 2.66
N LYS A 13 9.95 22.60 1.98
CA LYS A 13 9.92 22.64 0.51
C LYS A 13 10.24 21.27 -0.07
N LYS A 14 11.26 20.63 0.47
CA LYS A 14 11.68 19.31 0.03
C LYS A 14 10.58 18.28 0.25
N LEU A 15 10.10 18.21 1.49
CA LEU A 15 9.09 17.21 1.89
C LEU A 15 7.75 17.48 1.21
N ASN A 16 7.43 18.75 0.98
CA ASN A 16 6.18 19.11 0.32
C ASN A 16 6.14 18.52 -1.08
N ALA A 17 7.22 18.68 -1.82
CA ALA A 17 7.33 18.14 -3.17
C ALA A 17 7.33 16.61 -3.11
N GLN A 18 8.06 16.07 -2.15
CA GLN A 18 8.14 14.63 -1.96
C GLN A 18 6.76 14.02 -1.71
N ALA A 19 6.01 14.62 -0.79
CA ALA A 19 4.67 14.14 -0.48
C ALA A 19 3.75 14.24 -1.69
N THR A 20 3.88 15.34 -2.43
CA THR A 20 3.07 15.57 -3.62
C THR A 20 3.40 14.54 -4.70
N ALA A 21 4.66 14.13 -4.77
CA ALA A 21 5.09 13.11 -5.71
C ALA A 21 4.38 11.79 -5.44
N LEU A 22 4.46 11.32 -4.19
CA LEU A 22 3.82 10.07 -3.80
C LEU A 22 2.31 10.15 -3.92
N LYS A 23 1.76 11.34 -3.67
CA LYS A 23 0.33 11.56 -3.77
C LYS A 23 -0.17 11.22 -5.18
N MET A 24 0.58 11.64 -6.18
CA MET A 24 0.24 11.37 -7.57
C MET A 24 0.55 9.92 -7.93
N ASP A 25 1.74 9.48 -7.54
CA ASP A 25 2.23 8.14 -7.86
C ASP A 25 1.29 7.06 -7.34
N LEU A 26 0.88 7.21 -6.08
CA LEU A 26 0.01 6.22 -5.42
C LEU A 26 -1.38 6.19 -6.04
N HIS A 27 -1.98 7.37 -6.21
CA HIS A 27 -3.37 7.45 -6.68
C HIS A 27 -3.49 6.88 -8.10
N ASP A 28 -2.48 7.13 -8.94
CA ASP A 28 -2.50 6.66 -10.32
C ASP A 28 -2.33 5.14 -10.37
N LEU A 29 -1.57 4.62 -9.43
CA LEU A 29 -1.33 3.17 -9.35
C LEU A 29 -2.57 2.46 -8.81
N ALA A 30 -3.24 3.10 -7.86
CA ALA A 30 -4.46 2.54 -7.28
C ALA A 30 -5.63 2.62 -8.25
N GLU A 31 -5.57 3.61 -9.15
CA GLU A 31 -6.58 3.77 -10.17
C GLU A 31 -6.52 2.63 -11.18
N ASP A 32 -5.32 2.31 -11.62
CA ASP A 32 -5.12 1.23 -12.57
C ASP A 32 -4.37 0.08 -11.91
N LEU A 33 -5.13 -0.76 -11.22
CA LEU A 33 -4.58 -1.90 -10.50
C LEU A 33 -4.40 -3.09 -11.41
N PRO A 34 -3.77 -4.17 -10.89
CA PRO A 34 -2.75 -4.94 -11.56
C PRO A 34 -2.38 -4.47 -12.96
N THR A 35 -1.10 -4.17 -13.06
CA THR A 35 -0.39 -3.71 -14.24
C THR A 35 1.00 -3.29 -13.78
N GLY A 36 1.03 -2.65 -12.60
CA GLY A 36 2.26 -2.37 -11.89
C GLY A 36 2.15 -2.77 -10.43
N TRP A 37 1.37 -3.81 -10.18
CA TRP A 37 1.07 -4.29 -8.83
C TRP A 37 2.32 -4.75 -8.08
N ASN A 38 3.36 -5.15 -8.81
CA ASN A 38 4.59 -5.60 -8.17
C ASN A 38 5.27 -4.43 -7.45
N ARG A 39 4.95 -3.22 -7.88
CA ARG A 39 5.53 -2.01 -7.31
C ARG A 39 4.59 -1.42 -6.24
N ILE A 40 3.48 -2.09 -5.98
CA ILE A 40 2.43 -1.56 -5.12
C ILE A 40 2.93 -1.32 -3.68
N MET A 41 3.75 -2.23 -3.17
CA MET A 41 4.22 -2.14 -1.79
C MET A 41 5.21 -1.00 -1.64
N GLU A 42 6.08 -0.83 -2.64
CA GLU A 42 7.08 0.23 -2.61
C GLU A 42 6.42 1.58 -2.47
N VAL A 43 5.48 1.85 -3.36
CA VAL A 43 4.75 3.10 -3.36
C VAL A 43 4.03 3.31 -2.03
N ALA A 44 3.37 2.26 -1.54
CA ALA A 44 2.67 2.32 -0.27
C ALA A 44 3.62 2.62 0.88
N GLU A 45 4.75 1.92 0.91
CA GLU A 45 5.78 2.11 1.91
C GLU A 45 6.30 3.54 1.89
N LYS A 46 6.68 4.03 0.71
CA LYS A 46 7.19 5.38 0.56
C LYS A 46 6.14 6.42 0.93
N THR A 47 4.92 6.24 0.45
CA THR A 47 3.84 7.17 0.73
C THR A 47 3.56 7.26 2.22
N TYR A 48 3.50 6.09 2.88
CA TYR A 48 3.27 6.04 4.32
C TYR A 48 4.40 6.76 5.05
N GLU A 49 5.64 6.38 4.73
CA GLU A 49 6.81 6.95 5.37
C GLU A 49 6.97 8.43 5.08
N ALA A 50 6.57 8.86 3.90
CA ALA A 50 6.62 10.27 3.55
C ALA A 50 5.63 11.07 4.38
N TYR A 51 4.38 10.61 4.40
CA TYR A 51 3.33 11.30 5.13
C TYR A 51 3.60 11.26 6.63
N ARG A 52 4.14 10.14 7.11
CA ARG A 52 4.46 10.00 8.52
C ARG A 52 5.61 10.95 8.88
N GLN A 53 6.58 11.08 7.97
CA GLN A 53 7.74 11.93 8.21
C GLN A 53 7.35 13.40 8.15
N LEU A 54 6.38 13.73 7.30
CA LEU A 54 5.83 15.07 7.26
C LEU A 54 5.25 15.45 8.62
N ASP A 55 4.42 14.56 9.16
CA ASP A 55 3.79 14.78 10.45
C ASP A 55 4.84 14.84 11.56
N GLU A 56 5.82 13.93 11.48
CA GLU A 56 6.94 13.92 12.42
C GLU A 56 7.64 15.27 12.43
N PHE A 57 8.04 15.73 11.25
CA PHE A 57 8.71 17.02 11.10
C PHE A 57 7.85 18.12 11.70
N ARG A 58 6.57 18.08 11.42
CA ARG A 58 5.64 19.10 11.89
C ARG A 58 5.49 19.04 13.41
N LYS A 59 5.37 17.85 13.96
CA LYS A 59 5.12 17.68 15.38
C LYS A 59 6.38 17.98 16.21
N SER A 60 7.52 17.52 15.73
CA SER A 60 8.78 17.74 16.43
C SER A 60 9.13 19.23 16.46
N THR A 61 8.86 19.91 15.35
CA THR A 61 9.23 21.31 15.23
C THR A 61 8.12 22.21 15.80
N ALA A 62 6.91 21.66 15.93
CA ALA A 62 5.79 22.42 16.51
C ALA A 62 6.11 22.86 17.92
N SER A 63 6.69 21.94 18.69
CA SER A 63 7.12 22.25 20.05
C SER A 63 8.27 23.25 20.06
N LEU A 64 9.05 23.27 18.98
CA LEU A 64 10.16 24.21 18.86
C LEU A 64 9.61 25.59 18.54
N GLU A 65 8.65 25.64 17.62
CA GLU A 65 7.97 26.85 17.27
C GLU A 65 7.08 27.34 18.40
N HIS A 66 6.84 26.45 19.35
CA HIS A 66 5.93 26.68 20.46
C HIS A 66 4.52 26.92 19.93
N HIS A 67 4.20 26.25 18.84
CA HIS A 67 2.89 26.34 18.22
C HIS A 67 2.00 25.18 18.66
N HIS A 68 0.71 25.43 18.69
CA HIS A 68 -0.25 24.36 18.95
C HIS A 68 -0.81 23.86 17.64
N HIS A 69 -1.30 22.62 17.64
CA HIS A 69 -1.90 22.05 16.45
C HIS A 69 -3.42 22.16 16.51
N HIS A 70 -3.97 22.95 15.62
CA HIS A 70 -5.40 23.24 15.59
C HIS A 70 -5.97 22.88 14.22
N HIS A 71 -6.75 21.81 14.19
CA HIS A 71 -7.33 21.34 12.94
C HIS A 71 -8.83 21.60 12.94
N MET B 1 -3.18 -31.44 5.26
CA MET B 1 -3.80 -32.66 5.83
C MET B 1 -4.76 -33.30 4.83
N SER B 2 -5.67 -32.50 4.28
CA SER B 2 -6.61 -33.00 3.29
C SER B 2 -6.28 -32.41 1.92
N GLU B 3 -6.71 -33.09 0.87
CA GLU B 3 -6.43 -32.66 -0.48
C GLU B 3 -7.49 -33.15 -1.45
N GLY B 4 -8.26 -32.23 -1.99
CA GLY B 4 -9.32 -32.56 -2.91
C GLY B 4 -9.84 -31.34 -3.62
N ALA B 5 -10.66 -31.55 -4.65
CA ALA B 5 -11.13 -30.46 -5.48
C ALA B 5 -12.01 -29.48 -4.70
N GLU B 6 -12.66 -29.98 -3.65
CA GLU B 6 -13.53 -29.15 -2.84
C GLU B 6 -12.73 -28.16 -2.01
N GLU B 7 -11.77 -28.69 -1.26
CA GLU B 7 -10.86 -27.86 -0.47
C GLU B 7 -10.12 -26.87 -1.36
N LEU B 8 -9.72 -27.35 -2.53
CA LEU B 8 -9.05 -26.52 -3.52
C LEU B 8 -9.93 -25.35 -3.93
N LYS B 9 -11.19 -25.65 -4.26
CA LYS B 9 -12.12 -24.62 -4.69
C LYS B 9 -12.43 -23.67 -3.54
N ALA B 10 -12.64 -24.23 -2.36
CA ALA B 10 -12.92 -23.44 -1.17
C ALA B 10 -11.79 -22.44 -0.90
N LYS B 11 -10.56 -22.91 -1.02
CA LYS B 11 -9.40 -22.04 -0.84
C LYS B 11 -9.35 -20.99 -1.95
N LEU B 12 -9.49 -21.45 -3.18
CA LEU B 12 -9.49 -20.56 -4.35
C LEU B 12 -10.56 -19.50 -4.22
N LYS B 13 -11.75 -19.91 -3.78
CA LYS B 13 -12.87 -19.00 -3.60
C LYS B 13 -12.55 -17.96 -2.54
N LYS B 14 -12.05 -18.44 -1.41
CA LYS B 14 -11.67 -17.58 -0.30
C LYS B 14 -10.61 -16.57 -0.73
N LEU B 15 -9.61 -17.04 -1.45
CA LEU B 15 -8.50 -16.21 -1.87
C LEU B 15 -8.93 -15.24 -2.96
N ASN B 16 -9.80 -15.72 -3.86
CA ASN B 16 -10.36 -14.87 -4.92
C ASN B 16 -11.11 -13.69 -4.32
N ALA B 17 -12.02 -13.98 -3.39
CA ALA B 17 -12.81 -12.96 -2.74
C ALA B 17 -11.93 -12.00 -1.96
N GLN B 18 -10.88 -12.54 -1.35
CA GLN B 18 -9.95 -11.74 -0.56
C GLN B 18 -9.13 -10.81 -1.45
N ALA B 19 -8.55 -11.37 -2.51
CA ALA B 19 -7.73 -10.60 -3.45
C ALA B 19 -8.53 -9.46 -4.06
N THR B 20 -9.75 -9.76 -4.47
CA THR B 20 -10.63 -8.77 -5.08
C THR B 20 -11.05 -7.71 -4.06
N ALA B 21 -11.24 -8.12 -2.82
CA ALA B 21 -11.71 -7.21 -1.77
C ALA B 21 -10.68 -6.14 -1.46
N LEU B 22 -9.43 -6.55 -1.31
CA LEU B 22 -8.35 -5.61 -0.99
C LEU B 22 -7.99 -4.76 -2.21
N LYS B 23 -8.21 -5.31 -3.39
CA LYS B 23 -7.96 -4.58 -4.62
C LYS B 23 -8.82 -3.32 -4.67
N MET B 24 -10.11 -3.46 -4.40
CA MET B 24 -11.01 -2.32 -4.38
C MET B 24 -10.82 -1.52 -3.09
N ASP B 25 -10.38 -2.21 -2.05
CA ASP B 25 -10.19 -1.58 -0.73
C ASP B 25 -9.14 -0.48 -0.81
N LEU B 26 -8.00 -0.80 -1.44
CA LEU B 26 -6.93 0.17 -1.60
C LEU B 26 -7.40 1.35 -2.45
N HIS B 27 -8.16 1.04 -3.48
CA HIS B 27 -8.68 2.05 -4.39
C HIS B 27 -9.55 3.06 -3.62
N ASP B 28 -10.34 2.55 -2.69
CA ASP B 28 -11.20 3.38 -1.86
C ASP B 28 -10.38 4.23 -0.89
N LEU B 29 -9.37 3.62 -0.26
CA LEU B 29 -8.54 4.33 0.70
C LEU B 29 -7.69 5.39 0.02
N ALA B 30 -7.24 5.08 -1.20
CA ALA B 30 -6.44 6.02 -1.97
C ALA B 30 -7.28 7.19 -2.47
N GLU B 31 -8.57 6.94 -2.63
CA GLU B 31 -9.51 7.99 -3.04
C GLU B 31 -9.73 8.96 -1.88
N ASP B 32 -9.63 8.43 -0.68
CA ASP B 32 -9.82 9.20 0.55
C ASP B 32 -8.49 9.58 1.19
N LEU B 33 -7.45 9.70 0.35
CA LEU B 33 -6.09 10.05 0.83
C LEU B 33 -6.07 11.14 1.89
N PRO B 34 -4.90 11.33 2.54
CA PRO B 34 -4.75 11.45 3.97
C PRO B 34 -6.06 11.37 4.77
N THR B 35 -6.03 10.39 5.65
CA THR B 35 -7.09 10.05 6.60
C THR B 35 -6.60 8.85 7.40
N GLY B 36 -6.49 7.73 6.70
CA GLY B 36 -5.95 6.52 7.28
C GLY B 36 -4.73 6.03 6.52
N TRP B 37 -3.89 6.97 6.08
CA TRP B 37 -2.68 6.67 5.31
C TRP B 37 -1.77 5.68 6.05
N ASN B 38 -1.92 5.60 7.37
CA ASN B 38 -1.16 4.66 8.17
C ASN B 38 -1.39 3.23 7.70
N ARG B 39 -2.59 2.98 7.18
CA ARG B 39 -2.97 1.64 6.78
C ARG B 39 -2.78 1.42 5.28
N ILE B 40 -2.22 2.42 4.60
CA ILE B 40 -1.97 2.32 3.17
C ILE B 40 -1.11 1.11 2.83
N MET B 41 0.00 0.96 3.54
CA MET B 41 0.93 -0.14 3.28
C MET B 41 0.31 -1.48 3.67
N GLU B 42 -0.62 -1.43 4.61
CA GLU B 42 -1.32 -2.64 5.06
C GLU B 42 -2.12 -3.22 3.91
N VAL B 43 -2.96 -2.38 3.32
CA VAL B 43 -3.81 -2.80 2.22
C VAL B 43 -2.96 -3.28 1.05
N ALA B 44 -1.91 -2.52 0.72
CA ALA B 44 -1.01 -2.87 -0.38
C ALA B 44 -0.37 -4.23 -0.15
N GLU B 45 0.07 -4.47 1.09
CA GLU B 45 0.66 -5.75 1.46
C GLU B 45 -0.34 -6.88 1.24
N LYS B 46 -1.53 -6.72 1.81
CA LYS B 46 -2.57 -7.72 1.71
C LYS B 46 -2.94 -8.00 0.25
N THR B 47 -3.03 -6.94 -0.55
CA THR B 47 -3.38 -7.06 -1.95
C THR B 47 -2.30 -7.81 -2.73
N TYR B 48 -1.05 -7.35 -2.61
CA TYR B 48 0.07 -7.96 -3.30
C TYR B 48 0.22 -9.43 -2.90
N GLU B 49 0.11 -9.69 -1.61
CA GLU B 49 0.28 -11.04 -1.09
C GLU B 49 -0.88 -11.94 -1.55
N ALA B 50 -2.09 -11.41 -1.54
CA ALA B 50 -3.25 -12.17 -1.97
C ALA B 50 -3.12 -12.60 -3.43
N TYR B 51 -2.66 -11.69 -4.28
CA TYR B 51 -2.48 -12.00 -5.69
C TYR B 51 -1.25 -12.87 -5.93
N ARG B 52 -0.24 -12.73 -5.07
CA ARG B 52 0.96 -13.54 -5.20
C ARG B 52 0.64 -14.98 -4.76
N GLN B 53 -0.15 -15.12 -3.70
CA GLN B 53 -0.55 -16.42 -3.20
C GLN B 53 -1.52 -17.08 -4.17
N LEU B 54 -2.30 -16.25 -4.85
CA LEU B 54 -3.21 -16.73 -5.89
C LEU B 54 -2.42 -17.46 -6.97
N ASP B 55 -1.29 -16.90 -7.35
CA ASP B 55 -0.41 -17.54 -8.33
C ASP B 55 0.26 -18.78 -7.73
N GLU B 56 0.66 -18.67 -6.47
CA GLU B 56 1.24 -19.81 -5.74
C GLU B 56 0.30 -21.01 -5.78
N PHE B 57 -0.97 -20.76 -5.49
CA PHE B 57 -1.98 -21.81 -5.51
C PHE B 57 -2.09 -22.41 -6.91
N ARG B 58 -2.05 -21.56 -7.91
CA ARG B 58 -2.16 -21.98 -9.30
C ARG B 58 -0.97 -22.84 -9.72
N LYS B 59 0.22 -22.43 -9.29
CA LYS B 59 1.43 -23.18 -9.62
C LYS B 59 1.48 -24.50 -8.86
N SER B 60 1.09 -24.45 -7.59
CA SER B 60 1.11 -25.64 -6.74
C SER B 60 0.21 -26.74 -7.31
N THR B 61 -1.03 -26.40 -7.61
CA THR B 61 -1.98 -27.37 -8.10
C THR B 61 -1.55 -27.92 -9.46
N ALA B 62 -0.94 -27.07 -10.27
CA ALA B 62 -0.45 -27.48 -11.58
C ALA B 62 0.70 -28.46 -11.43
N SER B 63 1.59 -28.19 -10.48
CA SER B 63 2.75 -29.04 -10.25
C SER B 63 2.32 -30.44 -9.79
N LEU B 64 1.20 -30.52 -9.11
CA LEU B 64 0.69 -31.79 -8.62
C LEU B 64 -0.07 -32.55 -9.70
N GLU B 65 -1.00 -31.86 -10.34
CA GLU B 65 -1.90 -32.48 -11.30
C GLU B 65 -1.23 -32.79 -12.63
N HIS B 66 -0.08 -32.18 -12.85
CA HIS B 66 0.67 -32.37 -14.07
C HIS B 66 1.70 -33.49 -13.91
N HIS B 67 1.62 -34.19 -12.78
CA HIS B 67 2.49 -35.32 -12.52
C HIS B 67 1.67 -36.48 -11.95
N HIS B 68 2.00 -37.71 -12.38
CA HIS B 68 1.33 -38.91 -11.91
C HIS B 68 -0.13 -38.97 -12.35
N HIS B 69 -0.82 -40.01 -11.92
CA HIS B 69 -2.26 -40.14 -12.06
C HIS B 69 -2.77 -41.05 -10.97
N HIS B 70 -3.61 -40.52 -10.09
CA HIS B 70 -4.04 -41.27 -8.91
C HIS B 70 -4.99 -42.39 -9.31
N HIS B 71 -4.85 -43.52 -8.65
CA HIS B 71 -5.77 -44.62 -8.82
C HIS B 71 -6.54 -44.83 -7.53
N MET A 1 17.82 25.17 21.03
CA MET A 1 18.25 25.48 19.64
C MET A 1 17.08 25.32 18.69
N SER A 2 17.26 25.73 17.45
CA SER A 2 16.19 25.67 16.47
C SER A 2 16.77 25.47 15.06
N GLU A 3 15.94 25.65 14.05
CA GLU A 3 16.35 25.47 12.67
C GLU A 3 15.79 26.64 11.87
N GLY A 4 16.54 27.08 10.88
CA GLY A 4 16.16 28.24 10.08
C GLY A 4 14.81 28.09 9.43
N ALA A 5 13.99 29.14 9.54
CA ALA A 5 12.64 29.13 8.98
C ALA A 5 12.67 29.02 7.46
N GLU A 6 13.71 29.55 6.84
CA GLU A 6 13.88 29.43 5.40
C GLU A 6 14.25 28.01 5.05
N GLU A 7 15.15 27.45 5.85
CA GLU A 7 15.53 26.07 5.75
C GLU A 7 14.33 25.16 5.98
N LEU A 8 13.46 25.55 6.91
CA LEU A 8 12.21 24.86 7.14
C LEU A 8 11.32 24.91 5.92
N LYS A 9 11.31 26.05 5.24
CA LYS A 9 10.56 26.19 3.99
C LYS A 9 11.09 25.24 2.94
N ALA A 10 12.40 25.25 2.75
CA ALA A 10 13.05 24.37 1.79
C ALA A 10 12.86 22.91 2.18
N LYS A 11 12.84 22.67 3.47
CA LYS A 11 12.67 21.33 4.02
C LYS A 11 11.23 20.85 3.82
N LEU A 12 10.28 21.71 4.16
CA LEU A 12 8.87 21.40 4.00
C LEU A 12 8.53 21.24 2.53
N LYS A 13 9.12 22.09 1.69
CA LYS A 13 8.90 22.00 0.25
C LYS A 13 9.37 20.65 -0.28
N LYS A 14 10.56 20.24 0.15
CA LYS A 14 11.12 18.97 -0.23
C LYS A 14 10.19 17.83 0.17
N LEU A 15 9.74 17.85 1.42
CA LEU A 15 8.84 16.83 1.93
C LEU A 15 7.49 16.88 1.22
N ASN A 16 6.98 18.09 1.03
CA ASN A 16 5.70 18.31 0.35
C ASN A 16 5.73 17.75 -1.07
N ALA A 17 6.79 18.09 -1.81
CA ALA A 17 6.94 17.63 -3.18
C ALA A 17 7.01 16.11 -3.24
N GLN A 18 7.83 15.53 -2.37
CA GLN A 18 8.01 14.08 -2.33
C GLN A 18 6.70 13.39 -1.94
N ALA A 19 6.04 13.92 -0.93
CA ALA A 19 4.77 13.37 -0.47
C ALA A 19 3.72 13.42 -1.56
N THR A 20 3.66 14.55 -2.28
CA THR A 20 2.70 14.70 -3.35
C THR A 20 3.01 13.75 -4.51
N ALA A 21 4.29 13.62 -4.85
CA ALA A 21 4.72 12.71 -5.91
C ALA A 21 4.33 11.28 -5.58
N LEU A 22 4.60 10.88 -4.33
CA LEU A 22 4.27 9.54 -3.88
C LEU A 22 2.76 9.35 -3.79
N LYS A 23 2.06 10.39 -3.33
CA LYS A 23 0.60 10.37 -3.27
C LYS A 23 0.01 10.08 -4.65
N MET A 24 0.46 10.83 -5.65
CA MET A 24 -0.02 10.65 -7.01
C MET A 24 0.41 9.31 -7.57
N ASP A 25 1.64 8.89 -7.25
CA ASP A 25 2.17 7.63 -7.72
C ASP A 25 1.37 6.45 -7.15
N LEU A 26 1.09 6.51 -5.86
CA LEU A 26 0.30 5.47 -5.19
C LEU A 26 -1.14 5.46 -5.68
N HIS A 27 -1.72 6.65 -5.83
CA HIS A 27 -3.09 6.78 -6.29
C HIS A 27 -3.24 6.20 -7.69
N ASP A 28 -2.22 6.41 -8.52
CA ASP A 28 -2.21 5.87 -9.87
C ASP A 28 -1.93 4.37 -9.84
N LEU A 29 -1.06 3.95 -8.92
CA LEU A 29 -0.69 2.54 -8.78
C LEU A 29 -1.90 1.71 -8.36
N ALA A 30 -2.82 2.32 -7.64
CA ALA A 30 -4.06 1.67 -7.24
C ALA A 30 -4.91 1.33 -8.47
N GLU A 31 -4.73 2.11 -9.52
CA GLU A 31 -5.39 1.87 -10.79
C GLU A 31 -4.61 0.85 -11.61
N ASP A 32 -3.33 0.72 -11.30
CA ASP A 32 -2.45 -0.19 -12.02
C ASP A 32 -2.35 -1.52 -11.28
N LEU A 33 -3.44 -1.87 -10.62
CA LEU A 33 -3.56 -3.13 -9.90
C LEU A 33 -3.33 -4.32 -10.83
N PRO A 34 -3.17 -5.55 -10.26
CA PRO A 34 -2.41 -6.68 -10.79
C PRO A 34 -1.45 -6.45 -11.98
N THR A 35 -1.05 -5.21 -12.20
CA THR A 35 -0.03 -4.90 -13.18
C THR A 35 1.28 -4.51 -12.48
N GLY A 36 1.20 -3.45 -11.69
CA GLY A 36 2.37 -3.00 -10.94
C GLY A 36 2.25 -3.29 -9.44
N TRP A 37 1.51 -4.33 -9.11
CA TRP A 37 1.27 -4.69 -7.71
C TRP A 37 2.57 -5.08 -7.00
N ASN A 38 3.56 -5.47 -7.79
CA ASN A 38 4.82 -5.89 -7.26
C ASN A 38 5.58 -4.74 -6.61
N ARG A 39 5.23 -3.50 -6.98
CA ARG A 39 5.91 -2.34 -6.42
C ARG A 39 5.03 -1.64 -5.38
N ILE A 40 3.88 -2.25 -5.07
CA ILE A 40 2.96 -1.69 -4.08
C ILE A 40 3.65 -1.49 -2.74
N MET A 41 4.40 -2.50 -2.29
CA MET A 41 5.08 -2.46 -1.00
C MET A 41 6.02 -1.26 -0.92
N GLU A 42 6.80 -1.05 -1.97
CA GLU A 42 7.77 0.04 -2.00
C GLU A 42 7.06 1.38 -1.89
N VAL A 43 6.13 1.62 -2.80
CA VAL A 43 5.41 2.88 -2.86
C VAL A 43 4.67 3.14 -1.55
N ALA A 44 4.00 2.12 -1.04
CA ALA A 44 3.24 2.24 0.21
C ALA A 44 4.13 2.67 1.37
N GLU A 45 5.26 2.00 1.53
CA GLU A 45 6.18 2.31 2.62
C GLU A 45 6.63 3.76 2.52
N LYS A 46 7.12 4.13 1.35
CA LYS A 46 7.63 5.48 1.12
C LYS A 46 6.55 6.54 1.37
N THR A 47 5.38 6.31 0.83
CA THR A 47 4.27 7.26 0.97
C THR A 47 3.89 7.45 2.43
N TYR A 48 3.81 6.34 3.17
CA TYR A 48 3.49 6.41 4.60
C TYR A 48 4.59 7.14 5.36
N GLU A 49 5.84 6.79 5.05
CA GLU A 49 6.98 7.42 5.69
C GLU A 49 7.02 8.92 5.42
N ALA A 50 6.61 9.32 4.22
CA ALA A 50 6.53 10.73 3.87
C ALA A 50 5.48 11.44 4.73
N TYR A 51 4.30 10.84 4.88
CA TYR A 51 3.28 11.40 5.74
C TYR A 51 3.77 11.47 7.17
N ARG A 52 4.44 10.41 7.61
CA ARG A 52 5.06 10.35 8.92
C ARG A 52 6.03 11.51 9.12
N GLN A 53 6.98 11.63 8.20
CA GLN A 53 8.00 12.67 8.25
C GLN A 53 7.38 14.05 8.14
N LEU A 54 6.27 14.15 7.43
CA LEU A 54 5.56 15.42 7.29
C LEU A 54 4.93 15.80 8.63
N ASP A 55 4.32 14.81 9.29
CA ASP A 55 3.72 15.01 10.61
C ASP A 55 4.80 15.23 11.65
N GLU A 56 5.93 14.55 11.50
CA GLU A 56 7.06 14.75 12.38
C GLU A 56 7.74 16.09 12.12
N PHE A 57 7.55 16.62 10.91
CA PHE A 57 7.99 17.98 10.61
C PHE A 57 7.07 18.96 11.34
N ARG A 58 5.78 18.65 11.36
CA ARG A 58 4.82 19.38 12.16
C ARG A 58 5.26 19.37 13.61
N LYS A 59 5.63 18.18 14.08
CA LYS A 59 6.11 17.98 15.45
C LYS A 59 7.38 18.79 15.71
N SER A 60 8.25 18.85 14.71
CA SER A 60 9.51 19.58 14.82
C SER A 60 9.27 21.09 14.96
N THR A 61 8.34 21.61 14.19
CA THR A 61 8.09 23.04 14.16
C THR A 61 7.11 23.49 15.24
N ALA A 62 6.11 22.66 15.54
CA ALA A 62 5.06 23.03 16.49
C ALA A 62 5.60 23.15 17.91
N SER A 63 6.70 22.45 18.18
CA SER A 63 7.33 22.52 19.49
C SER A 63 8.14 23.81 19.62
N LEU A 64 8.50 24.39 18.49
CA LEU A 64 9.25 25.63 18.47
C LEU A 64 8.31 26.83 18.35
N GLU A 65 7.27 26.69 17.54
CA GLU A 65 6.31 27.75 17.33
C GLU A 65 5.33 27.88 18.49
N HIS A 66 5.28 26.84 19.31
CA HIS A 66 4.39 26.81 20.45
C HIS A 66 5.12 26.36 21.70
N HIS A 67 5.15 25.04 21.92
CA HIS A 67 5.76 24.45 23.11
C HIS A 67 5.56 22.94 23.07
N HIS A 68 4.30 22.53 23.15
CA HIS A 68 3.93 21.11 23.09
C HIS A 68 2.51 21.00 22.52
N HIS A 69 2.24 19.93 21.79
CA HIS A 69 0.91 19.77 21.19
C HIS A 69 0.05 18.84 22.03
N HIS A 70 -1.23 19.15 22.11
CA HIS A 70 -2.19 18.25 22.72
C HIS A 70 -2.91 17.52 21.60
N HIS A 71 -3.72 18.28 20.87
CA HIS A 71 -4.39 17.79 19.67
C HIS A 71 -4.70 18.96 18.75
N MET B 1 1.23 -35.34 -2.11
CA MET B 1 0.45 -34.10 -2.28
C MET B 1 -0.88 -34.40 -2.94
N SER B 2 -1.93 -34.42 -2.15
CA SER B 2 -3.26 -34.69 -2.65
C SER B 2 -4.26 -33.70 -2.05
N GLU B 3 -5.08 -33.12 -2.90
CA GLU B 3 -6.11 -32.19 -2.48
C GLU B 3 -7.25 -32.19 -3.49
N GLY B 4 -8.47 -32.27 -3.01
CA GLY B 4 -9.61 -32.33 -3.89
C GLY B 4 -9.85 -31.03 -4.62
N ALA B 5 -10.30 -31.15 -5.85
CA ALA B 5 -10.59 -29.99 -6.69
C ALA B 5 -11.75 -29.18 -6.10
N GLU B 6 -12.51 -29.81 -5.24
CA GLU B 6 -13.63 -29.16 -4.57
C GLU B 6 -13.13 -28.15 -3.56
N GLU B 7 -12.22 -28.60 -2.70
CA GLU B 7 -11.56 -27.70 -1.76
C GLU B 7 -10.77 -26.64 -2.49
N LEU B 8 -10.12 -27.05 -3.59
CA LEU B 8 -9.38 -26.15 -4.44
C LEU B 8 -10.29 -25.01 -4.91
N LYS B 9 -11.46 -25.39 -5.39
CA LYS B 9 -12.47 -24.44 -5.86
C LYS B 9 -12.92 -23.51 -4.74
N ALA B 10 -13.31 -24.11 -3.62
CA ALA B 10 -13.79 -23.34 -2.47
C ALA B 10 -12.71 -22.37 -1.97
N LYS B 11 -11.47 -22.83 -1.98
CA LYS B 11 -10.35 -22.00 -1.53
C LYS B 11 -10.04 -20.93 -2.54
N LEU B 12 -9.99 -21.31 -3.82
CA LEU B 12 -9.77 -20.35 -4.89
C LEU B 12 -10.81 -19.24 -4.83
N LYS B 13 -12.07 -19.64 -4.62
CA LYS B 13 -13.15 -18.68 -4.42
C LYS B 13 -12.86 -17.77 -3.24
N LYS B 14 -12.46 -18.38 -2.13
CA LYS B 14 -12.10 -17.67 -0.90
C LYS B 14 -10.95 -16.68 -1.16
N LEU B 15 -9.92 -17.17 -1.83
CA LEU B 15 -8.74 -16.36 -2.13
C LEU B 15 -9.10 -15.22 -3.07
N ASN B 16 -9.91 -15.52 -4.08
CA ASN B 16 -10.36 -14.53 -5.04
C ASN B 16 -11.15 -13.43 -4.33
N ALA B 17 -12.04 -13.84 -3.43
CA ALA B 17 -12.82 -12.90 -2.65
C ALA B 17 -11.92 -12.02 -1.78
N GLN B 18 -10.92 -12.64 -1.15
CA GLN B 18 -9.97 -11.93 -0.32
C GLN B 18 -9.17 -10.93 -1.15
N ALA B 19 -8.68 -11.37 -2.29
CA ALA B 19 -7.92 -10.51 -3.19
C ALA B 19 -8.78 -9.35 -3.68
N THR B 20 -10.08 -9.59 -3.80
CA THR B 20 -11.01 -8.57 -4.24
C THR B 20 -11.28 -7.56 -3.11
N ALA B 21 -11.32 -8.06 -1.87
CA ALA B 21 -11.53 -7.21 -0.70
C ALA B 21 -10.43 -6.15 -0.59
N LEU B 22 -9.18 -6.60 -0.64
CA LEU B 22 -8.05 -5.68 -0.61
C LEU B 22 -8.05 -4.76 -1.83
N LYS B 23 -8.41 -5.34 -2.98
CA LYS B 23 -8.50 -4.59 -4.22
C LYS B 23 -9.49 -3.42 -4.09
N MET B 24 -10.61 -3.69 -3.44
CA MET B 24 -11.64 -2.67 -3.25
C MET B 24 -11.18 -1.59 -2.28
N ASP B 25 -10.73 -2.03 -1.10
CA ASP B 25 -10.39 -1.10 -0.02
C ASP B 25 -9.20 -0.22 -0.41
N LEU B 26 -8.28 -0.76 -1.19
CA LEU B 26 -7.10 -0.02 -1.64
C LEU B 26 -7.52 1.19 -2.47
N HIS B 27 -8.57 1.04 -3.25
CA HIS B 27 -9.07 2.14 -4.09
C HIS B 27 -9.61 3.27 -3.22
N ASP B 28 -10.39 2.91 -2.20
CA ASP B 28 -10.93 3.90 -1.27
C ASP B 28 -9.79 4.62 -0.55
N LEU B 29 -8.81 3.84 -0.13
CA LEU B 29 -7.68 4.37 0.63
C LEU B 29 -6.87 5.36 -0.19
N ALA B 30 -6.61 5.01 -1.45
CA ALA B 30 -5.78 5.83 -2.33
C ALA B 30 -6.48 7.15 -2.70
N GLU B 31 -7.79 7.13 -2.76
CA GLU B 31 -8.55 8.31 -3.11
C GLU B 31 -8.83 9.18 -1.88
N ASP B 32 -9.03 8.54 -0.74
CA ASP B 32 -9.37 9.25 0.49
C ASP B 32 -8.13 9.41 1.37
N LEU B 33 -6.97 9.44 0.71
CA LEU B 33 -5.66 9.67 1.34
C LEU B 33 -5.67 10.82 2.39
N PRO B 34 -4.52 11.03 3.10
CA PRO B 34 -4.44 11.47 4.48
C PRO B 34 -5.66 11.22 5.39
N THR B 35 -6.52 10.29 5.01
CA THR B 35 -7.43 9.68 5.94
C THR B 35 -7.25 8.16 5.87
N GLY B 36 -7.19 7.53 7.03
CA GLY B 36 -6.96 6.08 7.10
C GLY B 36 -5.58 5.66 6.64
N TRP B 37 -4.65 6.62 6.54
CA TRP B 37 -3.29 6.35 6.08
C TRP B 37 -2.57 5.30 6.94
N ASN B 38 -3.06 5.08 8.16
CA ASN B 38 -2.47 4.09 9.03
C ASN B 38 -2.63 2.68 8.45
N ARG B 39 -3.61 2.53 7.56
CA ARG B 39 -3.91 1.24 6.97
C ARG B 39 -3.16 1.02 5.66
N ILE B 40 -2.41 2.02 5.21
CA ILE B 40 -1.66 1.91 3.96
C ILE B 40 -0.71 0.72 4.00
N MET B 41 0.04 0.60 5.08
CA MET B 41 1.02 -0.48 5.22
C MET B 41 0.33 -1.83 5.36
N GLU B 42 -0.79 -1.84 6.08
CA GLU B 42 -1.54 -3.07 6.31
C GLU B 42 -2.10 -3.61 5.00
N VAL B 43 -2.84 -2.76 4.30
CA VAL B 43 -3.48 -3.13 3.04
C VAL B 43 -2.42 -3.56 2.01
N ALA B 44 -1.38 -2.74 1.89
CA ALA B 44 -0.31 -3.02 0.93
C ALA B 44 0.32 -4.39 1.16
N GLU B 45 0.60 -4.70 2.43
CA GLU B 45 1.20 -5.97 2.79
C GLU B 45 0.31 -7.14 2.34
N LYS B 46 -0.95 -7.11 2.76
CA LYS B 46 -1.88 -8.19 2.45
C LYS B 46 -2.17 -8.27 0.94
N THR B 47 -2.26 -7.11 0.30
CA THR B 47 -2.50 -7.06 -1.14
C THR B 47 -1.34 -7.70 -1.90
N TYR B 48 -0.13 -7.32 -1.51
CA TYR B 48 1.09 -7.86 -2.12
C TYR B 48 1.16 -9.37 -1.92
N GLU B 49 0.95 -9.80 -0.69
CA GLU B 49 0.98 -11.22 -0.33
C GLU B 49 -0.09 -12.01 -1.06
N ALA B 50 -1.30 -11.45 -1.14
CA ALA B 50 -2.43 -12.12 -1.76
C ALA B 50 -2.12 -12.53 -3.19
N TYR B 51 -1.65 -11.59 -3.99
CA TYR B 51 -1.40 -11.86 -5.39
C TYR B 51 -0.25 -12.85 -5.58
N ARG B 52 0.69 -12.85 -4.64
CA ARG B 52 1.77 -13.82 -4.66
C ARG B 52 1.20 -15.21 -4.53
N GLN B 53 0.49 -15.40 -3.45
CA GLN B 53 -0.15 -16.68 -3.13
C GLN B 53 -1.17 -17.07 -4.20
N LEU B 54 -1.89 -16.09 -4.74
CA LEU B 54 -2.86 -16.35 -5.81
C LEU B 54 -2.16 -16.95 -7.02
N ASP B 55 -1.03 -16.37 -7.41
CA ASP B 55 -0.26 -16.87 -8.55
C ASP B 55 0.32 -18.24 -8.24
N GLU B 56 0.83 -18.39 -7.02
CA GLU B 56 1.41 -19.65 -6.57
C GLU B 56 0.33 -20.73 -6.44
N PHE B 57 -0.86 -20.33 -6.05
CA PHE B 57 -1.99 -21.25 -5.97
C PHE B 57 -2.42 -21.65 -7.39
N ARG B 58 -2.31 -20.70 -8.31
CA ARG B 58 -2.59 -20.97 -9.71
C ARG B 58 -1.59 -21.95 -10.29
N LYS B 59 -0.33 -21.83 -9.86
CA LYS B 59 0.69 -22.80 -10.24
C LYS B 59 0.30 -24.19 -9.77
N SER B 60 -0.15 -24.27 -8.52
CA SER B 60 -0.62 -25.52 -7.96
C SER B 60 -1.85 -26.02 -8.74
N THR B 61 -2.76 -25.11 -9.01
CA THR B 61 -3.98 -25.43 -9.77
C THR B 61 -3.65 -25.99 -11.15
N ALA B 62 -2.66 -25.38 -11.81
CA ALA B 62 -2.22 -25.82 -13.12
C ALA B 62 -1.65 -27.22 -13.05
N SER B 63 -1.03 -27.54 -11.92
CA SER B 63 -0.49 -28.88 -11.69
C SER B 63 -1.62 -29.87 -11.47
N LEU B 64 -2.63 -29.45 -10.71
CA LEU B 64 -3.80 -30.29 -10.47
C LEU B 64 -4.56 -30.54 -11.76
N GLU B 65 -4.68 -29.49 -12.57
CA GLU B 65 -5.33 -29.60 -13.86
C GLU B 65 -4.47 -30.37 -14.86
N HIS B 66 -3.26 -30.70 -14.46
CA HIS B 66 -2.33 -31.43 -15.31
C HIS B 66 -2.37 -32.92 -14.99
N HIS B 67 -2.96 -33.27 -13.86
CA HIS B 67 -3.07 -34.67 -13.48
C HIS B 67 -4.22 -35.31 -14.26
N HIS B 68 -4.04 -36.55 -14.68
CA HIS B 68 -5.09 -37.25 -15.40
C HIS B 68 -6.13 -37.75 -14.44
N HIS B 69 -7.39 -37.67 -14.84
CA HIS B 69 -8.49 -37.95 -13.94
C HIS B 69 -8.77 -39.45 -13.87
N HIS B 70 -8.04 -40.12 -13.00
CA HIS B 70 -8.30 -41.52 -12.72
C HIS B 70 -9.42 -41.61 -11.68
N HIS B 71 -9.29 -40.80 -10.65
CA HIS B 71 -10.29 -40.72 -9.57
C HIS B 71 -9.92 -39.60 -8.62
N MET A 1 19.02 24.12 20.92
CA MET A 1 18.64 23.71 19.56
C MET A 1 17.37 24.41 19.13
N SER A 2 17.48 25.22 18.08
CA SER A 2 16.34 25.91 17.52
C SER A 2 16.29 25.70 16.02
N GLU A 3 15.11 25.87 15.44
CA GLU A 3 14.92 25.64 14.03
C GLU A 3 14.77 26.96 13.29
N GLY A 4 15.51 27.08 12.20
CA GLY A 4 15.41 28.24 11.36
C GLY A 4 14.29 28.08 10.36
N ALA A 5 13.53 29.15 10.16
CA ALA A 5 12.37 29.13 9.27
C ALA A 5 12.80 28.87 7.83
N GLU A 6 14.03 29.26 7.53
CA GLU A 6 14.60 29.06 6.20
C GLU A 6 14.89 27.60 5.97
N GLU A 7 15.54 26.97 6.93
CA GLU A 7 15.80 25.54 6.89
C GLU A 7 14.49 24.77 6.86
N LEU A 8 13.53 25.26 7.64
CA LEU A 8 12.19 24.71 7.66
C LEU A 8 11.59 24.76 6.26
N LYS A 9 11.65 25.93 5.66
CA LYS A 9 11.12 26.16 4.33
C LYS A 9 11.77 25.26 3.29
N ALA A 10 13.09 25.24 3.27
CA ALA A 10 13.82 24.43 2.30
C ALA A 10 13.52 22.95 2.47
N LYS A 11 13.41 22.51 3.72
CA LYS A 11 13.14 21.11 4.00
C LYS A 11 11.69 20.76 3.69
N LEU A 12 10.78 21.58 4.20
CA LEU A 12 9.34 21.33 4.01
C LEU A 12 8.99 21.35 2.53
N LYS A 13 9.60 22.27 1.79
CA LYS A 13 9.37 22.37 0.35
C LYS A 13 9.77 21.07 -0.34
N LYS A 14 10.90 20.52 0.07
CA LYS A 14 11.43 19.28 -0.50
C LYS A 14 10.56 18.10 -0.10
N LEU A 15 10.18 18.04 1.18
CA LEU A 15 9.34 16.96 1.71
C LEU A 15 7.96 17.02 1.08
N ASN A 16 7.43 18.23 0.97
CA ASN A 16 6.09 18.45 0.42
C ASN A 16 6.02 17.95 -1.03
N ALA A 17 7.06 18.25 -1.80
CA ALA A 17 7.13 17.82 -3.19
C ALA A 17 7.20 16.30 -3.28
N GLN A 18 7.98 15.70 -2.38
CA GLN A 18 8.12 14.25 -2.33
C GLN A 18 6.78 13.59 -2.03
N ALA A 19 6.09 14.10 -1.01
CA ALA A 19 4.79 13.57 -0.62
C ALA A 19 3.78 13.65 -1.76
N THR A 20 3.79 14.77 -2.47
CA THR A 20 2.91 14.98 -3.60
C THR A 20 3.19 13.96 -4.70
N ALA A 21 4.47 13.68 -4.92
CA ALA A 21 4.87 12.71 -5.94
C ALA A 21 4.38 11.31 -5.58
N LEU A 22 4.53 10.93 -4.31
CA LEU A 22 4.12 9.61 -3.84
C LEU A 22 2.60 9.46 -3.85
N LYS A 23 1.90 10.58 -3.57
CA LYS A 23 0.44 10.58 -3.60
C LYS A 23 -0.05 10.15 -4.99
N MET A 24 0.55 10.75 -6.01
CA MET A 24 0.19 10.44 -7.40
C MET A 24 0.75 9.09 -7.81
N ASP A 25 1.94 8.77 -7.31
CA ASP A 25 2.60 7.49 -7.60
C ASP A 25 1.73 6.32 -7.14
N LEU A 26 1.29 6.39 -5.88
CA LEU A 26 0.45 5.36 -5.30
C LEU A 26 -0.91 5.31 -5.99
N HIS A 27 -1.49 6.48 -6.23
CA HIS A 27 -2.81 6.56 -6.82
C HIS A 27 -2.81 5.96 -8.22
N ASP A 28 -1.70 6.12 -8.93
CA ASP A 28 -1.53 5.57 -10.26
C ASP A 28 -1.61 4.05 -10.24
N LEU A 29 -0.85 3.44 -9.35
CA LEU A 29 -0.77 1.99 -9.27
C LEU A 29 -2.02 1.39 -8.62
N ALA A 30 -2.56 2.09 -7.63
CA ALA A 30 -3.74 1.64 -6.90
C ALA A 30 -4.99 1.72 -7.78
N GLU A 31 -4.96 2.61 -8.76
CA GLU A 31 -6.10 2.80 -9.65
C GLU A 31 -6.29 1.60 -10.57
N ASP A 32 -5.17 1.03 -11.02
CA ASP A 32 -5.22 -0.15 -11.88
C ASP A 32 -4.49 -1.31 -11.23
N LEU A 33 -5.25 -2.07 -10.47
CA LEU A 33 -4.74 -3.16 -9.66
C LEU A 33 -4.18 -4.33 -10.45
N PRO A 34 -3.69 -5.37 -9.76
CA PRO A 34 -2.41 -5.95 -9.98
C PRO A 34 -1.46 -5.09 -10.79
N THR A 35 -1.51 -5.16 -12.09
CA THR A 35 -0.45 -4.60 -12.95
C THR A 35 0.95 -4.76 -12.32
N GLY A 36 1.36 -3.80 -11.51
CA GLY A 36 2.64 -3.86 -10.82
C GLY A 36 2.47 -4.06 -9.33
N TRP A 37 1.55 -4.94 -8.97
CA TRP A 37 1.23 -5.28 -7.58
C TRP A 37 2.47 -5.65 -6.77
N ASN A 38 3.49 -6.15 -7.44
CA ASN A 38 4.72 -6.55 -6.78
C ASN A 38 5.43 -5.33 -6.17
N ARG A 39 5.10 -4.15 -6.67
CA ARG A 39 5.74 -2.93 -6.19
C ARG A 39 4.84 -2.19 -5.21
N ILE A 40 3.64 -2.71 -4.96
CA ILE A 40 2.67 -2.07 -4.07
C ILE A 40 3.29 -1.76 -2.71
N MET A 41 4.03 -2.72 -2.16
CA MET A 41 4.66 -2.58 -0.86
C MET A 41 5.58 -1.36 -0.81
N GLU A 42 6.41 -1.22 -1.83
CA GLU A 42 7.37 -0.12 -1.88
C GLU A 42 6.64 1.21 -1.92
N VAL A 43 5.74 1.34 -2.90
CA VAL A 43 4.99 2.58 -3.10
C VAL A 43 4.25 2.99 -1.83
N ALA A 44 3.53 2.05 -1.23
CA ALA A 44 2.75 2.33 -0.02
C ALA A 44 3.65 2.75 1.14
N GLU A 45 4.74 2.01 1.32
CA GLU A 45 5.68 2.30 2.40
C GLU A 45 6.28 3.69 2.23
N LYS A 46 6.74 3.99 1.03
CA LYS A 46 7.34 5.29 0.73
C LYS A 46 6.34 6.42 0.99
N THR A 47 5.11 6.23 0.55
CA THR A 47 4.06 7.22 0.71
C THR A 47 3.79 7.49 2.19
N TYR A 48 3.64 6.41 2.97
CA TYR A 48 3.40 6.52 4.40
C TYR A 48 4.58 7.22 5.08
N GLU A 49 5.79 6.77 4.77
CA GLU A 49 7.00 7.32 5.37
C GLU A 49 7.11 8.82 5.13
N ALA A 50 7.02 9.23 3.86
CA ALA A 50 7.16 10.63 3.50
C ALA A 50 6.08 11.48 4.15
N TYR A 51 4.85 10.97 4.18
CA TYR A 51 3.76 11.71 4.78
C TYR A 51 3.89 11.77 6.30
N ARG A 52 4.34 10.69 6.92
CA ARG A 52 4.56 10.69 8.36
C ARG A 52 5.71 11.62 8.70
N GLN A 53 6.82 11.47 7.99
CA GLN A 53 7.99 12.34 8.19
C GLN A 53 7.62 13.81 8.04
N LEU A 54 6.75 14.11 7.08
CA LEU A 54 6.28 15.47 6.87
C LEU A 54 5.53 15.95 8.11
N ASP A 55 4.63 15.10 8.61
CA ASP A 55 3.85 15.42 9.82
C ASP A 55 4.78 15.54 11.03
N GLU A 56 5.74 14.62 11.12
CA GLU A 56 6.73 14.62 12.18
C GLU A 56 7.50 15.93 12.19
N PHE A 57 7.97 16.35 11.03
CA PHE A 57 8.70 17.59 10.91
C PHE A 57 7.81 18.77 11.29
N ARG A 58 6.55 18.70 10.87
CA ARG A 58 5.59 19.74 11.18
C ARG A 58 5.37 19.88 12.68
N LYS A 59 5.20 18.74 13.36
CA LYS A 59 4.94 18.76 14.79
C LYS A 59 6.19 19.18 15.56
N SER A 60 7.33 18.65 15.15
CA SER A 60 8.59 18.95 15.80
C SER A 60 8.95 20.43 15.62
N THR A 61 8.94 20.90 14.39
CA THR A 61 9.37 22.26 14.09
C THR A 61 8.42 23.29 14.72
N ALA A 62 7.14 22.93 14.87
CA ALA A 62 6.17 23.82 15.48
C ALA A 62 6.53 24.06 16.95
N SER A 63 6.97 23.00 17.62
CA SER A 63 7.40 23.11 19.01
C SER A 63 8.70 23.92 19.10
N LEU A 64 9.57 23.76 18.11
CA LEU A 64 10.84 24.49 18.06
C LEU A 64 10.60 25.97 17.76
N GLU A 65 9.55 26.25 16.99
CA GLU A 65 9.13 27.64 16.73
C GLU A 65 8.39 28.17 17.95
N HIS A 66 8.25 27.29 18.94
CA HIS A 66 7.68 27.61 20.24
C HIS A 66 6.20 27.94 20.13
N HIS A 67 5.51 27.27 19.22
CA HIS A 67 4.07 27.48 19.06
C HIS A 67 3.30 26.59 20.00
N HIS A 68 3.55 26.76 21.29
CA HIS A 68 2.82 26.07 22.33
C HIS A 68 1.50 26.80 22.58
N HIS A 69 0.56 26.60 21.66
CA HIS A 69 -0.70 27.34 21.69
C HIS A 69 -1.81 26.55 21.01
N HIS A 70 -2.98 26.55 21.63
CA HIS A 70 -4.18 26.03 21.02
C HIS A 70 -5.32 27.02 21.26
N HIS A 71 -6.36 26.97 20.45
CA HIS A 71 -7.49 27.87 20.62
C HIS A 71 -8.66 27.12 21.21
N MET B 1 -3.48 -37.60 -0.18
CA MET B 1 -3.43 -36.18 -0.61
C MET B 1 -4.42 -35.94 -1.75
N SER B 2 -3.97 -36.15 -2.99
CA SER B 2 -4.75 -35.85 -4.19
C SER B 2 -5.04 -34.36 -4.31
N GLU B 3 -5.11 -33.87 -5.54
CA GLU B 3 -5.48 -32.49 -5.78
C GLU B 3 -6.83 -32.46 -6.46
N GLY B 4 -7.80 -31.89 -5.77
CA GLY B 4 -9.18 -31.93 -6.22
C GLY B 4 -9.76 -30.57 -6.46
N ALA B 5 -10.41 -30.41 -7.60
CA ALA B 5 -10.94 -29.12 -8.04
C ALA B 5 -12.02 -28.59 -7.08
N GLU B 6 -12.59 -29.46 -6.26
CA GLU B 6 -13.65 -29.06 -5.34
C GLU B 6 -13.08 -28.27 -4.18
N GLU B 7 -12.12 -28.85 -3.48
CA GLU B 7 -11.46 -28.17 -2.38
C GLU B 7 -10.64 -27.01 -2.91
N LEU B 8 -10.09 -27.19 -4.11
CA LEU B 8 -9.37 -26.14 -4.79
C LEU B 8 -10.30 -24.97 -5.07
N LYS B 9 -11.54 -25.27 -5.42
CA LYS B 9 -12.55 -24.25 -5.67
C LYS B 9 -12.80 -23.45 -4.41
N ALA B 10 -13.03 -24.15 -3.30
CA ALA B 10 -13.26 -23.50 -2.01
C ALA B 10 -12.05 -22.68 -1.58
N LYS B 11 -10.87 -23.23 -1.82
CA LYS B 11 -9.63 -22.56 -1.47
C LYS B 11 -9.42 -21.32 -2.33
N LEU B 12 -9.54 -21.50 -3.64
CA LEU B 12 -9.38 -20.40 -4.58
C LEU B 12 -10.45 -19.35 -4.38
N LYS B 13 -11.67 -19.79 -4.08
CA LYS B 13 -12.78 -18.88 -3.85
C LYS B 13 -12.50 -17.99 -2.66
N LYS B 14 -11.96 -18.57 -1.61
CA LYS B 14 -11.64 -17.82 -0.40
C LYS B 14 -10.54 -16.79 -0.69
N LEU B 15 -9.53 -17.20 -1.46
CA LEU B 15 -8.45 -16.30 -1.85
C LEU B 15 -8.97 -15.24 -2.81
N ASN B 16 -9.83 -15.66 -3.73
CA ASN B 16 -10.45 -14.78 -4.70
C ASN B 16 -11.25 -13.69 -4.01
N ALA B 17 -12.09 -14.09 -3.06
CA ALA B 17 -12.89 -13.15 -2.29
C ALA B 17 -12.01 -12.18 -1.51
N GLN B 18 -10.95 -12.71 -0.91
CA GLN B 18 -9.98 -11.88 -0.18
C GLN B 18 -9.37 -10.84 -1.11
N ALA B 19 -8.86 -11.31 -2.25
CA ALA B 19 -8.22 -10.44 -3.23
C ALA B 19 -9.19 -9.38 -3.76
N THR B 20 -10.47 -9.72 -3.81
CA THR B 20 -11.49 -8.80 -4.27
C THR B 20 -11.79 -7.74 -3.21
N ALA B 21 -11.85 -8.18 -1.95
CA ALA B 21 -12.11 -7.26 -0.85
C ALA B 21 -10.99 -6.24 -0.74
N LEU B 22 -9.75 -6.71 -0.83
CA LEU B 22 -8.58 -5.84 -0.80
C LEU B 22 -8.53 -4.95 -2.03
N LYS B 23 -8.98 -5.48 -3.17
CA LYS B 23 -9.00 -4.72 -4.41
C LYS B 23 -9.88 -3.48 -4.27
N MET B 24 -11.02 -3.65 -3.62
CA MET B 24 -11.93 -2.55 -3.35
C MET B 24 -11.35 -1.63 -2.29
N ASP B 25 -10.77 -2.22 -1.27
CA ASP B 25 -10.29 -1.49 -0.10
C ASP B 25 -9.12 -0.59 -0.45
N LEU B 26 -8.15 -1.15 -1.17
CA LEU B 26 -6.94 -0.41 -1.52
C LEU B 26 -7.26 0.82 -2.37
N HIS B 27 -8.07 0.64 -3.41
CA HIS B 27 -8.39 1.74 -4.31
C HIS B 27 -9.28 2.77 -3.63
N ASP B 28 -10.16 2.33 -2.74
CA ASP B 28 -11.01 3.25 -2.00
C ASP B 28 -10.18 4.05 -1.01
N LEU B 29 -9.20 3.38 -0.41
CA LEU B 29 -8.28 4.02 0.54
C LEU B 29 -7.35 4.99 -0.20
N ALA B 30 -7.09 4.70 -1.46
CA ALA B 30 -6.30 5.59 -2.31
C ALA B 30 -7.01 6.94 -2.50
N GLU B 31 -8.33 6.89 -2.50
CA GLU B 31 -9.14 8.09 -2.58
C GLU B 31 -9.24 8.73 -1.18
N ASP B 32 -9.26 7.88 -0.16
CA ASP B 32 -9.38 8.33 1.23
C ASP B 32 -7.99 8.59 1.82
N LEU B 33 -7.02 8.80 0.94
CA LEU B 33 -5.65 9.06 1.32
C LEU B 33 -5.52 10.28 2.25
N PRO B 34 -4.33 10.49 2.86
CA PRO B 34 -4.09 11.16 4.13
C PRO B 34 -5.29 11.43 5.06
N THR B 35 -6.37 10.71 4.89
CA THR B 35 -7.44 10.67 5.86
C THR B 35 -7.35 9.37 6.64
N GLY B 36 -7.34 8.26 5.91
CA GLY B 36 -7.13 6.96 6.52
C GLY B 36 -5.74 6.43 6.23
N TRP B 37 -4.76 7.33 6.19
CA TRP B 37 -3.36 6.98 5.89
C TRP B 37 -2.79 6.01 6.93
N ASN B 38 -3.42 5.92 8.09
CA ASN B 38 -2.99 4.98 9.14
C ASN B 38 -3.23 3.54 8.69
N ARG B 39 -4.06 3.37 7.67
CA ARG B 39 -4.47 2.06 7.20
C ARG B 39 -3.64 1.60 5.99
N ILE B 40 -2.89 2.54 5.40
CA ILE B 40 -2.22 2.32 4.10
C ILE B 40 -1.36 1.05 4.07
N MET B 41 -0.45 0.93 5.02
CA MET B 41 0.55 -0.13 4.96
C MET B 41 -0.09 -1.50 5.17
N GLU B 42 -1.04 -1.58 6.09
CA GLU B 42 -1.67 -2.84 6.42
C GLU B 42 -2.48 -3.37 5.23
N VAL B 43 -3.24 -2.48 4.62
CA VAL B 43 -4.03 -2.85 3.44
C VAL B 43 -3.10 -3.29 2.30
N ALA B 44 -2.11 -2.46 2.00
CA ALA B 44 -1.18 -2.75 0.92
C ALA B 44 -0.47 -4.09 1.13
N GLU B 45 -0.09 -4.35 2.38
CA GLU B 45 0.57 -5.60 2.73
C GLU B 45 -0.33 -6.79 2.44
N LYS B 46 -1.53 -6.80 3.02
CA LYS B 46 -2.47 -7.90 2.83
C LYS B 46 -2.84 -8.05 1.34
N THR B 47 -2.93 -6.93 0.65
CA THR B 47 -3.22 -6.94 -0.78
C THR B 47 -2.10 -7.66 -1.54
N TYR B 48 -0.86 -7.32 -1.21
CA TYR B 48 0.30 -7.92 -1.86
C TYR B 48 0.39 -9.41 -1.54
N GLU B 49 0.19 -9.73 -0.26
CA GLU B 49 0.24 -11.11 0.20
C GLU B 49 -0.75 -11.99 -0.54
N ALA B 50 -1.99 -11.50 -0.64
CA ALA B 50 -3.06 -12.25 -1.27
C ALA B 50 -2.76 -12.54 -2.73
N TYR B 51 -2.33 -11.51 -3.47
CA TYR B 51 -2.06 -11.67 -4.89
C TYR B 51 -0.88 -12.61 -5.14
N ARG B 52 0.14 -12.53 -4.30
CA ARG B 52 1.28 -13.43 -4.43
C ARG B 52 0.85 -14.88 -4.26
N GLN B 53 0.22 -15.15 -3.12
CA GLN B 53 -0.19 -16.50 -2.78
C GLN B 53 -1.18 -17.07 -3.80
N LEU B 54 -2.04 -16.19 -4.30
CA LEU B 54 -3.03 -16.57 -5.30
C LEU B 54 -2.32 -17.09 -6.55
N ASP B 55 -1.28 -16.37 -6.97
CA ASP B 55 -0.51 -16.76 -8.16
C ASP B 55 0.38 -17.95 -7.86
N GLU B 56 0.84 -18.07 -6.61
CA GLU B 56 1.63 -19.22 -6.18
C GLU B 56 0.82 -20.50 -6.31
N PHE B 57 -0.38 -20.51 -5.75
CA PHE B 57 -1.28 -21.64 -5.85
C PHE B 57 -1.65 -21.87 -7.31
N ARG B 58 -1.83 -20.76 -8.03
CA ARG B 58 -2.10 -20.77 -9.46
C ARG B 58 -1.00 -21.53 -10.21
N LYS B 59 0.25 -21.21 -9.94
CA LYS B 59 1.40 -21.88 -10.56
C LYS B 59 1.44 -23.35 -10.17
N SER B 60 1.18 -23.62 -8.89
CA SER B 60 1.22 -24.99 -8.39
C SER B 60 0.19 -25.86 -9.09
N THR B 61 -1.03 -25.34 -9.18
CA THR B 61 -2.13 -26.11 -9.77
C THR B 61 -2.08 -26.07 -11.29
N ALA B 62 -1.41 -25.07 -11.86
CA ALA B 62 -1.29 -24.94 -13.31
C ALA B 62 -0.65 -26.17 -13.92
N SER B 63 0.38 -26.68 -13.23
CA SER B 63 1.06 -27.89 -13.65
C SER B 63 0.09 -29.07 -13.69
N LEU B 64 -0.90 -29.06 -12.81
CA LEU B 64 -1.88 -30.14 -12.73
C LEU B 64 -3.02 -29.91 -13.72
N GLU B 65 -3.44 -28.66 -13.84
CA GLU B 65 -4.54 -28.28 -14.73
C GLU B 65 -4.15 -28.50 -16.18
N HIS B 66 -2.85 -28.62 -16.40
CA HIS B 66 -2.30 -28.87 -17.73
C HIS B 66 -2.70 -30.27 -18.21
N HIS B 67 -3.08 -31.14 -17.29
CA HIS B 67 -3.53 -32.49 -17.64
C HIS B 67 -4.99 -32.45 -18.05
N HIS B 68 -5.87 -32.17 -17.09
CA HIS B 68 -7.29 -32.08 -17.35
C HIS B 68 -7.94 -31.13 -16.37
N HIS B 69 -8.94 -30.39 -16.83
CA HIS B 69 -9.62 -29.40 -16.01
C HIS B 69 -11.12 -29.42 -16.27
N HIS B 70 -11.88 -29.61 -15.21
CA HIS B 70 -13.33 -29.73 -15.29
C HIS B 70 -14.00 -28.46 -14.79
N HIS B 71 -14.80 -27.85 -15.66
CA HIS B 71 -15.57 -26.67 -15.28
C HIS B 71 -16.86 -27.07 -14.57
N MET A 1 20.12 21.84 20.23
CA MET A 1 19.95 21.72 18.77
C MET A 1 18.97 22.77 18.27
N SER A 2 19.26 23.34 17.11
CA SER A 2 18.44 24.39 16.54
C SER A 2 17.99 24.01 15.14
N GLU A 3 16.93 24.65 14.67
CA GLU A 3 16.42 24.40 13.33
C GLU A 3 16.39 25.69 12.53
N GLY A 4 17.09 25.70 11.41
CA GLY A 4 17.14 26.86 10.56
C GLY A 4 16.01 26.88 9.57
N ALA A 5 15.20 27.94 9.61
CA ALA A 5 14.01 28.08 8.77
C ALA A 5 14.33 27.92 7.29
N GLU A 6 15.55 28.28 6.90
CA GLU A 6 15.97 28.15 5.52
C GLU A 6 15.97 26.68 5.09
N GLU A 7 16.62 25.84 5.89
CA GLU A 7 16.64 24.41 5.65
C GLU A 7 15.24 23.85 5.76
N LEU A 8 14.54 24.32 6.77
CA LEU A 8 13.21 23.85 7.09
C LEU A 8 12.24 24.10 5.93
N LYS A 9 12.25 25.31 5.39
CA LYS A 9 11.33 25.69 4.33
C LYS A 9 11.61 24.92 3.06
N ALA A 10 12.87 24.79 2.72
CA ALA A 10 13.26 24.05 1.54
C ALA A 10 12.95 22.57 1.71
N LYS A 11 13.29 22.04 2.88
CA LYS A 11 13.13 20.61 3.15
C LYS A 11 11.66 20.25 3.29
N LEU A 12 10.88 21.13 3.92
CA LEU A 12 9.43 20.92 4.01
C LEU A 12 8.85 20.83 2.62
N LYS A 13 9.26 21.75 1.74
CA LYS A 13 8.86 21.68 0.34
C LYS A 13 9.31 20.35 -0.28
N LYS A 14 10.56 19.99 -0.01
CA LYS A 14 11.14 18.75 -0.53
C LYS A 14 10.33 17.53 -0.11
N LEU A 15 10.06 17.42 1.19
CA LEU A 15 9.23 16.32 1.71
C LEU A 15 7.82 16.40 1.15
N ASN A 16 7.30 17.62 1.05
CA ASN A 16 5.96 17.86 0.50
C ASN A 16 5.89 17.33 -0.94
N ALA A 17 6.90 17.64 -1.73
CA ALA A 17 6.96 17.19 -3.11
C ALA A 17 7.06 15.67 -3.18
N GLN A 18 7.85 15.09 -2.28
CA GLN A 18 8.02 13.64 -2.20
C GLN A 18 6.69 12.98 -1.89
N ALA A 19 5.99 13.50 -0.89
CA ALA A 19 4.69 12.97 -0.50
C ALA A 19 3.67 13.10 -1.64
N THR A 20 3.72 14.22 -2.35
CA THR A 20 2.81 14.46 -3.46
C THR A 20 3.07 13.45 -4.59
N ALA A 21 4.33 13.13 -4.84
CA ALA A 21 4.70 12.17 -5.87
C ALA A 21 4.11 10.80 -5.58
N LEU A 22 4.19 10.38 -4.33
CA LEU A 22 3.62 9.10 -3.91
C LEU A 22 2.10 9.17 -3.89
N LYS A 23 1.56 10.31 -3.48
CA LYS A 23 0.12 10.54 -3.41
C LYS A 23 -0.55 10.27 -4.75
N MET A 24 0.01 10.84 -5.81
CA MET A 24 -0.57 10.67 -7.15
C MET A 24 -0.26 9.28 -7.70
N ASP A 25 0.87 8.71 -7.31
CA ASP A 25 1.28 7.39 -7.78
C ASP A 25 0.37 6.32 -7.19
N LEU A 26 0.11 6.45 -5.88
CA LEU A 26 -0.71 5.48 -5.16
C LEU A 26 -2.10 5.36 -5.78
N HIS A 27 -2.69 6.50 -6.14
CA HIS A 27 -4.02 6.49 -6.74
C HIS A 27 -4.00 5.76 -8.08
N ASP A 28 -2.92 5.97 -8.84
CA ASP A 28 -2.79 5.33 -10.15
C ASP A 28 -2.48 3.85 -9.99
N LEU A 29 -1.72 3.52 -8.96
CA LEU A 29 -1.37 2.13 -8.67
C LEU A 29 -2.63 1.36 -8.25
N ALA A 30 -3.48 2.03 -7.47
CA ALA A 30 -4.74 1.43 -7.04
C ALA A 30 -5.68 1.22 -8.23
N GLU A 31 -5.54 2.07 -9.25
CA GLU A 31 -6.31 1.93 -10.46
C GLU A 31 -5.73 0.84 -11.35
N ASP A 32 -4.40 0.81 -11.45
CA ASP A 32 -3.71 -0.14 -12.32
C ASP A 32 -3.41 -1.43 -11.56
N LEU A 33 -4.28 -1.74 -10.61
CA LEU A 33 -4.24 -2.98 -9.83
C LEU A 33 -4.20 -4.25 -10.71
N PRO A 34 -4.10 -5.46 -10.10
CA PRO A 34 -3.40 -6.62 -10.62
C PRO A 34 -2.29 -6.41 -11.65
N THR A 35 -1.75 -5.20 -11.70
CA THR A 35 -0.43 -4.98 -12.27
C THR A 35 0.37 -4.12 -11.31
N GLY A 36 1.67 -4.33 -11.29
CA GLY A 36 2.55 -3.57 -10.39
C GLY A 36 2.33 -3.88 -8.92
N TRP A 37 1.62 -4.97 -8.62
CA TRP A 37 1.35 -5.38 -7.24
C TRP A 37 2.64 -5.53 -6.44
N ASN A 38 3.74 -5.86 -7.10
CA ASN A 38 5.02 -6.04 -6.42
C ASN A 38 5.53 -4.71 -5.87
N ARG A 39 5.13 -3.61 -6.53
CA ARG A 39 5.63 -2.29 -6.15
C ARG A 39 4.79 -1.69 -5.04
N ILE A 40 3.66 -2.34 -4.74
CA ILE A 40 2.72 -1.86 -3.73
C ILE A 40 3.41 -1.63 -2.38
N MET A 41 4.31 -2.53 -2.00
CA MET A 41 4.99 -2.44 -0.70
C MET A 41 5.85 -1.20 -0.62
N GLU A 42 6.70 -1.00 -1.62
CA GLU A 42 7.61 0.13 -1.67
C GLU A 42 6.83 1.44 -1.67
N VAL A 43 5.82 1.49 -2.51
CA VAL A 43 4.96 2.67 -2.61
C VAL A 43 4.27 2.93 -1.27
N ALA A 44 3.60 1.91 -0.74
CA ALA A 44 2.84 2.03 0.50
C ALA A 44 3.69 2.55 1.65
N GLU A 45 4.88 1.99 1.81
CA GLU A 45 5.77 2.40 2.89
C GLU A 45 6.14 3.88 2.75
N LYS A 46 6.70 4.24 1.61
CA LYS A 46 7.14 5.61 1.38
C LYS A 46 5.97 6.59 1.41
N THR A 47 4.82 6.18 0.89
CA THR A 47 3.63 7.01 0.91
C THR A 47 3.24 7.35 2.35
N TYR A 48 3.21 6.35 3.21
CA TYR A 48 2.84 6.56 4.60
C TYR A 48 3.96 7.28 5.36
N GLU A 49 5.18 6.79 5.21
CA GLU A 49 6.31 7.31 5.95
C GLU A 49 6.60 8.77 5.64
N ALA A 50 6.48 9.15 4.38
CA ALA A 50 6.74 10.54 3.98
C ALA A 50 5.73 11.48 4.62
N TYR A 51 4.46 11.14 4.49
CA TYR A 51 3.39 11.97 5.03
C TYR A 51 3.48 12.01 6.55
N ARG A 52 3.97 10.91 7.13
CA ARG A 52 4.20 10.84 8.57
C ARG A 52 5.38 11.71 8.97
N GLN A 53 6.47 11.62 8.22
CA GLN A 53 7.66 12.42 8.50
C GLN A 53 7.35 13.91 8.36
N LEU A 54 6.41 14.25 7.48
CA LEU A 54 5.91 15.61 7.37
C LEU A 54 5.44 16.11 8.74
N ASP A 55 4.66 15.27 9.42
CA ASP A 55 4.11 15.62 10.73
C ASP A 55 5.19 15.57 11.80
N GLU A 56 6.13 14.64 11.65
CA GLU A 56 7.29 14.56 12.55
C GLU A 56 8.14 15.83 12.43
N PHE A 57 8.32 16.29 11.21
CA PHE A 57 9.00 17.54 10.95
C PHE A 57 8.26 18.69 11.64
N ARG A 58 6.94 18.70 11.52
CA ARG A 58 6.12 19.70 12.14
C ARG A 58 6.23 19.60 13.67
N LYS A 59 6.36 18.38 14.17
CA LYS A 59 6.56 18.16 15.60
C LYS A 59 7.81 18.87 16.10
N SER A 60 8.89 18.72 15.35
CA SER A 60 10.15 19.35 15.69
C SER A 60 10.04 20.88 15.56
N THR A 61 9.74 21.32 14.34
CA THR A 61 9.73 22.74 14.00
C THR A 61 8.76 23.55 14.86
N ALA A 62 7.54 23.05 15.05
CA ALA A 62 6.52 23.80 15.78
C ALA A 62 6.95 24.05 17.23
N SER A 63 7.58 23.06 17.84
CA SER A 63 8.02 23.18 19.21
C SER A 63 9.29 24.03 19.31
N LEU A 64 10.10 24.00 18.25
CA LEU A 64 11.30 24.81 18.18
C LEU A 64 10.91 26.27 17.93
N GLU A 65 9.80 26.43 17.22
CA GLU A 65 9.23 27.76 16.95
C GLU A 65 8.56 28.30 18.21
N HIS A 66 8.45 27.41 19.19
CA HIS A 66 7.88 27.72 20.50
C HIS A 66 6.36 27.89 20.39
N HIS A 67 5.76 27.15 19.46
CA HIS A 67 4.32 27.16 19.22
C HIS A 67 3.90 28.48 18.58
N HIS A 68 3.32 28.38 17.39
CA HIS A 68 3.06 29.54 16.53
C HIS A 68 2.20 30.60 17.24
N HIS A 69 0.97 30.23 17.57
CA HIS A 69 0.03 31.20 18.14
C HIS A 69 -1.10 30.48 18.86
N HIS A 70 -1.54 31.03 19.98
CA HIS A 70 -2.72 30.52 20.68
C HIS A 70 -3.61 31.69 21.07
N HIS A 71 -2.98 32.77 21.53
CA HIS A 71 -3.68 33.99 21.90
C HIS A 71 -2.63 35.04 22.25
N MET B 1 -7.23 -36.31 5.96
CA MET B 1 -5.93 -35.93 5.39
C MET B 1 -5.90 -36.24 3.90
N SER B 2 -6.11 -35.22 3.10
CA SER B 2 -6.18 -35.35 1.67
C SER B 2 -6.09 -33.99 1.01
N GLU B 3 -5.67 -33.97 -0.25
CA GLU B 3 -5.53 -32.74 -0.99
C GLU B 3 -6.00 -32.96 -2.43
N GLY B 4 -6.85 -32.05 -2.89
CA GLY B 4 -7.43 -32.19 -4.21
C GLY B 4 -7.85 -30.86 -4.78
N ALA B 5 -7.97 -30.80 -6.11
CA ALA B 5 -8.31 -29.57 -6.80
C ALA B 5 -9.64 -28.99 -6.35
N GLU B 6 -10.49 -29.83 -5.77
CA GLU B 6 -11.78 -29.38 -5.25
C GLU B 6 -11.59 -28.42 -4.09
N GLU B 7 -10.85 -28.88 -3.09
CA GLU B 7 -10.55 -28.08 -1.91
C GLU B 7 -9.63 -26.93 -2.28
N LEU B 8 -8.77 -27.18 -3.25
CA LEU B 8 -7.89 -26.17 -3.76
C LEU B 8 -8.68 -25.08 -4.47
N LYS B 9 -9.70 -25.48 -5.21
CA LYS B 9 -10.56 -24.55 -5.92
C LYS B 9 -11.40 -23.73 -4.95
N ALA B 10 -11.81 -24.35 -3.86
CA ALA B 10 -12.53 -23.64 -2.81
C ALA B 10 -11.62 -22.61 -2.17
N LYS B 11 -10.38 -23.01 -1.91
CA LYS B 11 -9.36 -22.10 -1.39
C LYS B 11 -9.11 -20.96 -2.38
N LEU B 12 -8.90 -21.33 -3.63
CA LEU B 12 -8.65 -20.36 -4.70
C LEU B 12 -9.80 -19.37 -4.83
N LYS B 13 -11.03 -19.87 -4.74
CA LYS B 13 -12.21 -19.02 -4.86
C LYS B 13 -12.24 -18.02 -3.71
N LYS B 14 -11.95 -18.51 -2.51
CA LYS B 14 -11.90 -17.67 -1.33
C LYS B 14 -10.85 -16.57 -1.51
N LEU B 15 -9.70 -16.96 -2.06
CA LEU B 15 -8.62 -16.02 -2.32
C LEU B 15 -9.02 -15.00 -3.38
N ASN B 16 -9.69 -15.48 -4.42
CA ASN B 16 -10.16 -14.64 -5.51
C ASN B 16 -11.13 -13.59 -4.97
N ALA B 17 -12.07 -14.04 -4.15
CA ALA B 17 -13.04 -13.14 -3.52
C ALA B 17 -12.33 -12.11 -2.65
N GLN B 18 -11.37 -12.60 -1.85
CA GLN B 18 -10.59 -11.74 -0.98
C GLN B 18 -9.80 -10.70 -1.78
N ALA B 19 -9.16 -11.14 -2.86
CA ALA B 19 -8.40 -10.25 -3.72
C ALA B 19 -9.30 -9.18 -4.33
N THR B 20 -10.49 -9.59 -4.76
CA THR B 20 -11.46 -8.68 -5.32
C THR B 20 -11.88 -7.64 -4.28
N ALA B 21 -12.06 -8.09 -3.05
CA ALA B 21 -12.43 -7.21 -1.95
C ALA B 21 -11.33 -6.20 -1.68
N LEU B 22 -10.10 -6.69 -1.56
CA LEU B 22 -8.96 -5.82 -1.30
C LEU B 22 -8.72 -4.86 -2.46
N LYS B 23 -9.06 -5.28 -3.68
CA LYS B 23 -8.91 -4.42 -4.84
C LYS B 23 -9.77 -3.16 -4.69
N MET B 24 -11.05 -3.34 -4.40
CA MET B 24 -11.95 -2.20 -4.23
C MET B 24 -11.66 -1.48 -2.91
N ASP B 25 -11.18 -2.24 -1.92
CA ASP B 25 -10.85 -1.68 -0.62
C ASP B 25 -9.68 -0.69 -0.75
N LEU B 26 -8.60 -1.14 -1.38
CA LEU B 26 -7.43 -0.30 -1.60
C LEU B 26 -7.77 0.83 -2.58
N HIS B 27 -8.55 0.51 -3.61
CA HIS B 27 -9.00 1.50 -4.58
C HIS B 27 -9.67 2.68 -3.90
N ASP B 28 -10.67 2.39 -3.08
CA ASP B 28 -11.43 3.43 -2.41
C ASP B 28 -10.65 4.07 -1.29
N LEU B 29 -9.70 3.33 -0.71
CA LEU B 29 -8.80 3.90 0.29
C LEU B 29 -7.96 5.02 -0.31
N ALA B 30 -7.38 4.75 -1.47
CA ALA B 30 -6.58 5.74 -2.19
C ALA B 30 -7.48 6.83 -2.77
N GLU B 31 -8.73 6.49 -3.02
CA GLU B 31 -9.70 7.43 -3.53
C GLU B 31 -10.17 8.37 -2.43
N ASP B 32 -10.10 7.89 -1.19
CA ASP B 32 -10.59 8.64 -0.03
C ASP B 32 -9.42 9.27 0.74
N LEU B 33 -8.34 9.55 0.00
CA LEU B 33 -7.13 10.18 0.56
C LEU B 33 -7.43 11.32 1.54
N PRO B 34 -6.39 11.77 2.27
CA PRO B 34 -6.41 12.00 3.69
C PRO B 34 -7.74 11.75 4.37
N THR B 35 -7.65 10.85 5.34
CA THR B 35 -8.74 10.35 6.17
C THR B 35 -8.33 8.98 6.71
N GLY B 36 -7.93 8.10 5.78
CA GLY B 36 -7.48 6.78 6.15
C GLY B 36 -6.07 6.48 5.63
N TRP B 37 -5.28 7.54 5.49
CA TRP B 37 -3.90 7.44 5.01
C TRP B 37 -3.09 6.53 5.96
N ASN B 38 -3.48 6.52 7.22
CA ASN B 38 -2.82 5.72 8.25
C ASN B 38 -2.95 4.22 7.95
N ARG B 39 -4.01 3.83 7.27
CA ARG B 39 -4.31 2.42 7.05
C ARG B 39 -3.73 1.94 5.71
N ILE B 40 -3.04 2.84 5.01
CA ILE B 40 -2.50 2.54 3.69
C ILE B 40 -1.53 1.35 3.75
N MET B 41 -0.61 1.36 4.71
CA MET B 41 0.39 0.31 4.83
C MET B 41 -0.26 -1.04 5.10
N GLU B 42 -1.23 -1.05 6.01
CA GLU B 42 -1.94 -2.27 6.38
C GLU B 42 -2.63 -2.89 5.16
N VAL B 43 -3.51 -2.11 4.55
CA VAL B 43 -4.27 -2.58 3.40
C VAL B 43 -3.33 -3.06 2.30
N ALA B 44 -2.26 -2.32 2.06
CA ALA B 44 -1.27 -2.69 1.07
C ALA B 44 -0.60 -4.03 1.43
N GLU B 45 -0.21 -4.16 2.69
CA GLU B 45 0.39 -5.39 3.18
C GLU B 45 -0.57 -6.56 3.03
N LYS B 46 -1.82 -6.35 3.41
CA LYS B 46 -2.86 -7.36 3.28
C LYS B 46 -3.09 -7.75 1.82
N THR B 47 -3.08 -6.74 0.96
CA THR B 47 -3.25 -6.97 -0.47
C THR B 47 -2.07 -7.76 -1.04
N TYR B 48 -0.85 -7.33 -0.72
CA TYR B 48 0.35 -8.00 -1.20
C TYR B 48 0.39 -9.45 -0.72
N GLU B 49 0.09 -9.64 0.56
CA GLU B 49 0.06 -10.97 1.16
C GLU B 49 -0.92 -11.88 0.43
N ALA B 50 -2.09 -11.36 0.13
CA ALA B 50 -3.11 -12.11 -0.59
C ALA B 50 -2.66 -12.47 -2.00
N TYR B 51 -2.02 -11.51 -2.67
CA TYR B 51 -1.57 -11.71 -4.04
C TYR B 51 -0.35 -12.64 -4.10
N ARG B 52 0.48 -12.60 -3.07
CA ARG B 52 1.60 -13.54 -2.95
C ARG B 52 1.07 -14.96 -2.95
N GLN B 53 0.12 -15.23 -2.07
CA GLN B 53 -0.50 -16.55 -1.98
C GLN B 53 -1.29 -16.84 -3.26
N LEU B 54 -1.94 -15.81 -3.79
CA LEU B 54 -2.74 -15.95 -5.00
C LEU B 54 -1.90 -16.43 -6.17
N ASP B 55 -0.78 -15.75 -6.42
CA ASP B 55 0.05 -16.06 -7.59
C ASP B 55 0.79 -17.38 -7.39
N GLU B 56 1.19 -17.64 -6.15
CA GLU B 56 1.79 -18.93 -5.80
C GLU B 56 0.82 -20.07 -6.07
N PHE B 57 -0.41 -19.89 -5.62
CA PHE B 57 -1.46 -20.86 -5.87
C PHE B 57 -1.77 -20.91 -7.36
N ARG B 58 -1.74 -19.74 -7.98
CA ARG B 58 -1.97 -19.58 -9.42
C ARG B 58 -0.98 -20.40 -10.23
N LYS B 59 0.30 -20.35 -9.85
CA LYS B 59 1.32 -21.16 -10.50
C LYS B 59 1.04 -22.63 -10.31
N SER B 60 0.75 -23.00 -9.08
CA SER B 60 0.49 -24.39 -8.72
C SER B 60 -0.73 -24.94 -9.46
N THR B 61 -1.87 -24.28 -9.29
CA THR B 61 -3.15 -24.79 -9.79
C THR B 61 -3.17 -24.92 -11.32
N ALA B 62 -2.53 -23.99 -12.02
CA ALA B 62 -2.56 -24.00 -13.47
C ALA B 62 -1.76 -25.16 -14.02
N SER B 63 -0.61 -25.42 -13.43
CA SER B 63 0.24 -26.50 -13.89
C SER B 63 -0.33 -27.84 -13.46
N LEU B 64 -0.88 -27.88 -12.25
CA LEU B 64 -1.40 -29.11 -11.67
C LEU B 64 -2.66 -29.57 -12.43
N GLU B 65 -3.46 -28.62 -12.87
CA GLU B 65 -4.70 -28.95 -13.57
C GLU B 65 -4.46 -29.19 -15.06
N HIS B 66 -3.19 -29.20 -15.45
CA HIS B 66 -2.79 -29.53 -16.82
C HIS B 66 -3.11 -28.36 -17.78
N HIS B 67 -3.32 -27.19 -17.18
CA HIS B 67 -3.59 -25.96 -17.94
C HIS B 67 -4.86 -26.07 -18.79
N HIS B 68 -5.99 -25.78 -18.17
CA HIS B 68 -7.27 -25.83 -18.88
C HIS B 68 -7.65 -24.45 -19.40
N HIS B 69 -8.77 -24.38 -20.11
CA HIS B 69 -9.20 -23.15 -20.75
C HIS B 69 -9.67 -22.08 -19.76
N HIS B 70 -9.94 -20.91 -20.30
CA HIS B 70 -10.33 -19.74 -19.52
C HIS B 70 -11.85 -19.61 -19.53
N HIS B 71 -12.40 -18.96 -18.50
CA HIS B 71 -13.84 -18.71 -18.44
C HIS B 71 -14.20 -17.53 -19.33
N MET A 1 22.17 30.12 17.37
CA MET A 1 21.23 29.60 16.36
C MET A 1 20.93 28.13 16.61
N SER A 2 19.79 27.86 17.20
CA SER A 2 19.34 26.51 17.44
C SER A 2 18.08 26.22 16.63
N GLU A 3 17.59 27.27 16.02
CA GLU A 3 16.38 27.23 15.23
C GLU A 3 16.54 28.03 13.94
N GLY A 4 16.03 27.50 12.85
CA GLY A 4 15.94 28.23 11.62
C GLY A 4 14.68 27.87 10.87
N ALA A 5 13.77 28.83 10.78
CA ALA A 5 12.47 28.59 10.18
C ALA A 5 12.58 28.37 8.68
N GLU A 6 13.49 29.09 8.05
CA GLU A 6 13.68 28.99 6.61
C GLU A 6 14.09 27.59 6.19
N GLU A 7 15.13 27.07 6.83
CA GLU A 7 15.60 25.73 6.56
C GLU A 7 14.53 24.71 6.90
N LEU A 8 13.81 24.98 7.99
CA LEU A 8 12.71 24.13 8.44
C LEU A 8 11.63 24.08 7.37
N LYS A 9 11.24 25.26 6.90
CA LYS A 9 10.22 25.40 5.88
C LYS A 9 10.64 24.70 4.59
N ALA A 10 11.86 24.94 4.17
CA ALA A 10 12.39 24.33 2.95
C ALA A 10 12.41 22.82 3.07
N LYS A 11 12.80 22.32 4.25
CA LYS A 11 12.84 20.89 4.51
C LYS A 11 11.43 20.30 4.48
N LEU A 12 10.53 20.89 5.25
CA LEU A 12 9.15 20.43 5.31
C LEU A 12 8.50 20.52 3.93
N LYS A 13 8.81 21.59 3.21
CA LYS A 13 8.28 21.79 1.86
C LYS A 13 8.70 20.64 0.95
N LYS A 14 9.98 20.31 1.00
CA LYS A 14 10.53 19.24 0.16
C LYS A 14 9.87 17.92 0.49
N LEU A 15 9.73 17.63 1.78
CA LEU A 15 9.07 16.42 2.24
C LEU A 15 7.59 16.42 1.82
N ASN A 16 6.95 17.57 2.01
CA ASN A 16 5.54 17.74 1.68
C ASN A 16 5.31 17.55 0.19
N ALA A 17 6.13 18.21 -0.63
CA ALA A 17 6.01 18.13 -2.07
C ALA A 17 6.22 16.70 -2.57
N GLN A 18 7.23 16.04 -2.02
CA GLN A 18 7.53 14.66 -2.41
C GLN A 18 6.36 13.75 -2.05
N ALA A 19 5.83 13.92 -0.84
CA ALA A 19 4.70 13.13 -0.39
C ALA A 19 3.47 13.37 -1.26
N THR A 20 3.22 14.63 -1.59
CA THR A 20 2.09 15.00 -2.44
C THR A 20 2.26 14.42 -3.85
N ALA A 21 3.50 14.32 -4.31
CA ALA A 21 3.79 13.72 -5.60
C ALA A 21 3.48 12.22 -5.58
N LEU A 22 3.90 11.55 -4.53
CA LEU A 22 3.63 10.12 -4.36
C LEU A 22 2.11 9.86 -4.28
N LYS A 23 1.38 10.84 -3.77
CA LYS A 23 -0.08 10.75 -3.69
C LYS A 23 -0.69 10.46 -5.06
N MET A 24 -0.33 11.27 -6.05
CA MET A 24 -0.90 11.12 -7.38
C MET A 24 -0.29 9.90 -8.10
N ASP A 25 0.97 9.59 -7.80
CA ASP A 25 1.63 8.44 -8.40
C ASP A 25 1.01 7.14 -7.89
N LEU A 26 0.74 7.06 -6.60
CA LEU A 26 0.09 5.89 -6.02
C LEU A 26 -1.30 5.74 -6.61
N HIS A 27 -1.98 6.86 -6.79
CA HIS A 27 -3.30 6.87 -7.39
C HIS A 27 -3.28 6.26 -8.79
N ASP A 28 -2.30 6.67 -9.59
CA ASP A 28 -2.17 6.17 -10.96
C ASP A 28 -1.77 4.70 -10.97
N LEU A 29 -0.95 4.31 -10.01
CA LEU A 29 -0.54 2.91 -9.89
C LEU A 29 -1.73 2.02 -9.58
N ALA A 30 -2.51 2.42 -8.58
CA ALA A 30 -3.70 1.67 -8.19
C ALA A 30 -4.74 1.68 -9.30
N GLU A 31 -4.68 2.69 -10.14
CA GLU A 31 -5.60 2.80 -11.26
C GLU A 31 -5.27 1.76 -12.33
N ASP A 32 -3.99 1.37 -12.40
CA ASP A 32 -3.53 0.43 -13.41
C ASP A 32 -3.47 -0.99 -12.83
N LEU A 33 -4.30 -1.23 -11.80
CA LEU A 33 -4.40 -2.53 -11.13
C LEU A 33 -4.51 -3.73 -12.10
N PRO A 34 -4.48 -4.99 -11.59
CA PRO A 34 -3.83 -6.14 -12.17
C PRO A 34 -2.71 -5.89 -13.19
N THR A 35 -2.15 -4.68 -13.19
CA THR A 35 -0.88 -4.42 -13.83
C THR A 35 -0.06 -3.52 -12.90
N GLY A 36 1.26 -3.64 -12.99
CA GLY A 36 2.13 -2.86 -12.12
C GLY A 36 1.93 -3.17 -10.64
N TRP A 37 1.23 -4.27 -10.38
CA TRP A 37 0.95 -4.71 -9.01
C TRP A 37 2.28 -4.94 -8.26
N ASN A 38 3.30 -5.35 -9.00
CA ASN A 38 4.63 -5.54 -8.45
C ASN A 38 5.19 -4.24 -7.85
N ARG A 39 4.79 -3.11 -8.43
CA ARG A 39 5.30 -1.80 -8.00
C ARG A 39 4.56 -1.27 -6.79
N ILE A 40 3.47 -1.94 -6.40
CA ILE A 40 2.64 -1.50 -5.28
C ILE A 40 3.47 -1.29 -4.01
N MET A 41 4.29 -2.29 -3.67
CA MET A 41 5.05 -2.25 -2.43
C MET A 41 6.05 -1.10 -2.42
N GLU A 42 6.52 -0.70 -3.59
CA GLU A 42 7.50 0.36 -3.67
C GLU A 42 6.85 1.71 -3.46
N VAL A 43 5.91 2.04 -4.33
CA VAL A 43 5.23 3.32 -4.28
C VAL A 43 4.52 3.53 -2.95
N ALA A 44 3.87 2.48 -2.45
CA ALA A 44 3.12 2.58 -1.20
C ALA A 44 4.05 2.86 -0.02
N GLU A 45 5.20 2.18 0.01
CA GLU A 45 6.15 2.34 1.10
C GLU A 45 6.68 3.77 1.15
N LYS A 46 7.07 4.28 0.00
CA LYS A 46 7.60 5.65 -0.11
C LYS A 46 6.54 6.67 0.29
N THR A 47 5.31 6.45 -0.15
CA THR A 47 4.20 7.33 0.20
C THR A 47 3.97 7.36 1.70
N TYR A 48 3.98 6.17 2.31
CA TYR A 48 3.77 6.06 3.75
C TYR A 48 4.91 6.74 4.51
N GLU A 49 6.15 6.38 4.17
CA GLU A 49 7.32 6.92 4.82
C GLU A 49 7.37 8.45 4.72
N ALA A 50 7.02 8.98 3.57
CA ALA A 50 7.05 10.42 3.35
C ALA A 50 6.05 11.13 4.26
N TYR A 51 4.80 10.65 4.28
CA TYR A 51 3.79 11.25 5.12
C TYR A 51 4.07 10.99 6.60
N ARG A 52 4.62 9.81 6.88
CA ARG A 52 5.02 9.45 8.24
C ARG A 52 6.07 10.44 8.76
N GLN A 53 7.14 10.59 8.00
CA GLN A 53 8.22 11.51 8.34
C GLN A 53 7.74 12.96 8.30
N LEU A 54 6.78 13.23 7.42
CA LEU A 54 6.19 14.56 7.31
C LEU A 54 5.51 14.94 8.61
N ASP A 55 4.65 14.05 9.12
CA ASP A 55 3.92 14.33 10.35
C ASP A 55 4.85 14.33 11.56
N GLU A 56 5.86 13.49 11.53
CA GLU A 56 6.84 13.47 12.60
C GLU A 56 7.68 14.75 12.59
N PHE A 57 7.84 15.33 11.41
CA PHE A 57 8.53 16.60 11.29
C PHE A 57 7.61 17.74 11.73
N ARG A 58 6.34 17.65 11.36
CA ARG A 58 5.38 18.66 11.71
C ARG A 58 5.05 18.61 13.21
N LYS A 59 5.08 17.41 13.79
CA LYS A 59 4.89 17.25 15.23
C LYS A 59 5.96 18.02 15.99
N SER A 60 7.19 17.92 15.52
CA SER A 60 8.31 18.60 16.14
C SER A 60 8.12 20.11 16.11
N THR A 61 7.83 20.66 14.94
CA THR A 61 7.69 22.10 14.80
C THR A 61 6.43 22.62 15.51
N ALA A 62 5.39 21.80 15.56
CA ALA A 62 4.16 22.19 16.25
C ALA A 62 4.40 22.26 17.76
N SER A 63 5.24 21.36 18.25
CA SER A 63 5.59 21.32 19.66
C SER A 63 6.37 22.58 20.06
N LEU A 64 7.32 22.97 19.22
CA LEU A 64 8.11 24.18 19.46
C LEU A 64 7.28 25.44 19.23
N GLU A 65 6.29 25.33 18.36
CA GLU A 65 5.36 26.42 18.08
C GLU A 65 4.34 26.52 19.21
N HIS A 66 4.33 25.49 20.05
CA HIS A 66 3.44 25.40 21.20
C HIS A 66 1.99 25.38 20.74
N HIS A 67 1.75 24.82 19.57
CA HIS A 67 0.40 24.72 19.02
C HIS A 67 0.04 23.28 18.77
N HIS A 68 -1.04 22.84 19.41
CA HIS A 68 -1.54 21.46 19.27
C HIS A 68 -0.48 20.44 19.67
N HIS A 69 0.31 20.78 20.69
CA HIS A 69 1.32 19.86 21.21
C HIS A 69 0.65 18.59 21.72
N HIS A 70 -0.55 18.75 22.22
CA HIS A 70 -1.37 17.63 22.64
C HIS A 70 -2.71 17.69 21.92
N HIS A 71 -3.11 16.57 21.34
CA HIS A 71 -4.37 16.51 20.62
C HIS A 71 -5.33 15.58 21.35
N MET B 1 0.40 -32.94 3.97
CA MET B 1 0.15 -33.98 2.96
C MET B 1 -1.35 -34.24 2.79
N SER B 2 -2.17 -33.44 3.47
CA SER B 2 -3.61 -33.58 3.38
C SER B 2 -4.09 -33.01 2.05
N GLU B 3 -4.88 -33.79 1.34
CA GLU B 3 -5.33 -33.40 0.01
C GLU B 3 -6.85 -33.40 -0.06
N GLY B 4 -7.40 -32.29 -0.49
CA GLY B 4 -8.83 -32.15 -0.66
C GLY B 4 -9.18 -31.04 -1.61
N ALA B 5 -9.79 -31.40 -2.73
CA ALA B 5 -10.10 -30.46 -3.81
C ALA B 5 -11.15 -29.45 -3.39
N GLU B 6 -12.04 -29.85 -2.48
CA GLU B 6 -13.06 -28.95 -1.99
C GLU B 6 -12.44 -27.82 -1.20
N GLU B 7 -11.49 -28.18 -0.36
CA GLU B 7 -10.76 -27.20 0.44
C GLU B 7 -9.88 -26.35 -0.47
N LEU B 8 -9.32 -26.99 -1.47
CA LEU B 8 -8.50 -26.32 -2.46
C LEU B 8 -9.32 -25.25 -3.18
N LYS B 9 -10.51 -25.63 -3.63
CA LYS B 9 -11.42 -24.69 -4.27
C LYS B 9 -11.80 -23.56 -3.32
N ALA B 10 -12.19 -23.93 -2.11
CA ALA B 10 -12.57 -22.97 -1.10
C ALA B 10 -11.42 -22.03 -0.77
N LYS B 11 -10.20 -22.55 -0.85
CA LYS B 11 -9.00 -21.77 -0.59
C LYS B 11 -8.82 -20.72 -1.68
N LEU B 12 -8.83 -21.14 -2.93
CA LEU B 12 -8.70 -20.23 -4.06
C LEU B 12 -9.87 -19.25 -4.06
N LYS B 13 -11.06 -19.77 -3.77
CA LYS B 13 -12.26 -18.95 -3.69
C LYS B 13 -12.11 -17.86 -2.63
N LYS B 14 -11.66 -18.26 -1.46
CA LYS B 14 -11.50 -17.35 -0.33
C LYS B 14 -10.43 -16.29 -0.63
N LEU B 15 -9.35 -16.72 -1.27
CA LEU B 15 -8.28 -15.80 -1.66
C LEU B 15 -8.78 -14.81 -2.71
N ASN B 16 -9.56 -15.31 -3.66
CA ASN B 16 -10.12 -14.48 -4.72
C ASN B 16 -10.96 -13.36 -4.12
N ALA B 17 -11.85 -13.74 -3.20
CA ALA B 17 -12.71 -12.78 -2.52
C ALA B 17 -11.89 -11.76 -1.74
N GLN B 18 -10.91 -12.24 -0.99
CA GLN B 18 -10.07 -11.38 -0.18
C GLN B 18 -9.30 -10.38 -1.03
N ALA B 19 -8.68 -10.88 -2.10
CA ALA B 19 -7.91 -10.03 -3.00
C ALA B 19 -8.77 -8.95 -3.63
N THR B 20 -10.01 -9.30 -3.94
CA THR B 20 -10.95 -8.34 -4.54
C THR B 20 -11.33 -7.24 -3.55
N ALA B 21 -11.51 -7.62 -2.28
CA ALA B 21 -11.86 -6.67 -1.24
C ALA B 21 -10.74 -5.66 -1.02
N LEU B 22 -9.51 -6.15 -0.96
CA LEU B 22 -8.35 -5.28 -0.76
C LEU B 22 -8.06 -4.46 -2.02
N LYS B 23 -8.29 -5.08 -3.18
CA LYS B 23 -8.08 -4.42 -4.47
C LYS B 23 -8.83 -3.09 -4.54
N MET B 24 -10.13 -3.11 -4.26
CA MET B 24 -10.95 -1.91 -4.35
C MET B 24 -10.59 -0.91 -3.24
N ASP B 25 -10.18 -1.42 -2.09
CA ASP B 25 -9.86 -0.57 -0.95
C ASP B 25 -8.59 0.23 -1.24
N LEU B 26 -7.59 -0.44 -1.79
CA LEU B 26 -6.32 0.20 -2.13
C LEU B 26 -6.52 1.26 -3.21
N HIS B 27 -7.37 0.94 -4.19
CA HIS B 27 -7.67 1.88 -5.27
C HIS B 27 -8.30 3.15 -4.71
N ASP B 28 -9.17 2.99 -3.72
CA ASP B 28 -9.84 4.12 -3.10
C ASP B 28 -8.86 4.90 -2.23
N LEU B 29 -8.13 4.18 -1.38
CA LEU B 29 -7.18 4.77 -0.44
C LEU B 29 -6.11 5.58 -1.15
N ALA B 30 -5.71 5.13 -2.34
CA ALA B 30 -4.69 5.82 -3.13
C ALA B 30 -5.13 7.25 -3.46
N GLU B 31 -6.40 7.43 -3.75
CA GLU B 31 -6.92 8.76 -4.05
C GLU B 31 -7.31 9.47 -2.76
N ASP B 32 -7.82 8.70 -1.81
CA ASP B 32 -8.32 9.23 -0.55
C ASP B 32 -7.19 9.40 0.47
N LEU B 33 -5.97 9.55 -0.05
CA LEU B 33 -4.78 9.78 0.77
C LEU B 33 -4.97 10.90 1.79
N PRO B 34 -4.01 11.04 2.73
CA PRO B 34 -4.25 11.23 4.13
C PRO B 34 -5.71 11.31 4.53
N THR B 35 -6.02 10.38 5.41
CA THR B 35 -7.34 10.14 6.01
C THR B 35 -7.21 8.80 6.71
N GLY B 36 -6.73 7.81 5.96
CA GLY B 36 -6.38 6.52 6.52
C GLY B 36 -5.00 6.06 6.05
N TRP B 37 -4.08 7.03 5.91
CA TRP B 37 -2.74 6.76 5.40
C TRP B 37 -1.93 5.84 6.33
N ASN B 38 -2.33 5.76 7.59
CA ASN B 38 -1.68 4.87 8.55
C ASN B 38 -1.91 3.41 8.17
N ARG B 39 -2.93 3.20 7.34
CA ARG B 39 -3.37 1.87 6.94
C ARG B 39 -2.77 1.46 5.59
N ILE B 40 -2.05 2.38 4.96
CA ILE B 40 -1.50 2.16 3.62
C ILE B 40 -0.65 0.88 3.53
N MET B 41 0.31 0.74 4.43
CA MET B 41 1.27 -0.36 4.35
C MET B 41 0.59 -1.70 4.60
N GLU B 42 -0.29 -1.74 5.58
CA GLU B 42 -1.01 -2.98 5.89
C GLU B 42 -1.82 -3.42 4.69
N VAL B 43 -2.53 -2.48 4.09
CA VAL B 43 -3.29 -2.77 2.88
C VAL B 43 -2.35 -3.30 1.79
N ALA B 44 -1.28 -2.56 1.53
CA ALA B 44 -0.30 -2.96 0.52
C ALA B 44 0.22 -4.36 0.79
N GLU B 45 0.64 -4.61 2.02
CA GLU B 45 1.17 -5.90 2.42
C GLU B 45 0.16 -7.02 2.20
N LYS B 46 -1.06 -6.84 2.71
CA LYS B 46 -2.08 -7.87 2.63
C LYS B 46 -2.55 -8.08 1.19
N THR B 47 -2.75 -6.98 0.47
CA THR B 47 -3.21 -7.05 -0.92
C THR B 47 -2.16 -7.74 -1.80
N TYR B 48 -0.91 -7.34 -1.63
CA TYR B 48 0.19 -7.89 -2.41
C TYR B 48 0.37 -9.38 -2.09
N GLU B 49 0.34 -9.71 -0.81
CA GLU B 49 0.56 -11.07 -0.33
C GLU B 49 -0.53 -12.02 -0.80
N ALA B 50 -1.78 -11.62 -0.59
CA ALA B 50 -2.91 -12.45 -0.96
C ALA B 50 -2.90 -12.78 -2.45
N TYR B 51 -2.57 -11.79 -3.26
CA TYR B 51 -2.54 -11.98 -4.70
C TYR B 51 -1.40 -12.91 -5.11
N ARG B 52 -0.30 -12.85 -4.36
CA ARG B 52 0.84 -13.72 -4.60
C ARG B 52 0.45 -15.18 -4.39
N GLN B 53 -0.05 -15.45 -3.19
CA GLN B 53 -0.48 -16.79 -2.81
C GLN B 53 -1.59 -17.29 -3.74
N LEU B 54 -2.45 -16.37 -4.17
CA LEU B 54 -3.51 -16.69 -5.13
C LEU B 54 -2.89 -17.16 -6.44
N ASP B 55 -1.94 -16.39 -6.95
CA ASP B 55 -1.24 -16.73 -8.19
C ASP B 55 -0.46 -18.03 -8.04
N GLU B 56 0.21 -18.17 -6.90
CA GLU B 56 0.96 -19.39 -6.58
C GLU B 56 0.03 -20.59 -6.54
N PHE B 57 -1.13 -20.41 -5.92
CA PHE B 57 -2.12 -21.48 -5.85
C PHE B 57 -2.67 -21.77 -7.25
N ARG B 58 -2.83 -20.72 -8.05
CA ARG B 58 -3.32 -20.87 -9.41
C ARG B 58 -2.35 -21.68 -10.26
N LYS B 59 -1.05 -21.49 -10.05
CA LYS B 59 -0.05 -22.33 -10.71
C LYS B 59 -0.15 -23.76 -10.19
N SER B 60 -0.28 -23.89 -8.87
CA SER B 60 -0.37 -25.20 -8.23
C SER B 60 -1.58 -25.99 -8.72
N THR B 61 -2.75 -25.38 -8.63
CA THR B 61 -3.99 -26.07 -8.97
C THR B 61 -4.06 -26.41 -10.46
N ALA B 62 -3.46 -25.56 -11.30
CA ALA B 62 -3.45 -25.79 -12.74
C ALA B 62 -2.60 -27.01 -13.09
N SER B 63 -1.56 -27.22 -12.30
CA SER B 63 -0.68 -28.37 -12.49
C SER B 63 -1.40 -29.67 -12.13
N LEU B 64 -2.33 -29.59 -11.18
CA LEU B 64 -3.09 -30.76 -10.76
C LEU B 64 -4.28 -30.99 -11.69
N GLU B 65 -4.96 -29.91 -12.04
CA GLU B 65 -6.14 -29.97 -12.89
C GLU B 65 -5.80 -30.47 -14.29
N HIS B 66 -4.52 -30.41 -14.60
CA HIS B 66 -4.02 -30.79 -15.91
C HIS B 66 -4.12 -32.30 -16.13
N HIS B 67 -4.34 -33.04 -15.05
CA HIS B 67 -4.49 -34.48 -15.16
C HIS B 67 -5.73 -34.98 -14.40
N HIS B 68 -6.87 -34.94 -15.08
CA HIS B 68 -8.08 -35.54 -14.54
C HIS B 68 -8.02 -37.06 -14.76
N HIS B 69 -7.56 -37.78 -13.76
CA HIS B 69 -7.37 -39.21 -13.88
C HIS B 69 -8.47 -39.94 -13.14
N HIS B 70 -9.19 -40.80 -13.85
CA HIS B 70 -10.34 -41.48 -13.27
C HIS B 70 -9.93 -42.83 -12.72
N HIS B 71 -10.20 -43.05 -11.44
CA HIS B 71 -9.84 -44.29 -10.77
C HIS B 71 -10.94 -44.72 -9.82
#